data_2KCO
#
_entry.id   2KCO
#
_entity_poly.entity_id   1
_entity_poly.type   'polypeptide(L)'
_entity_poly.pdbx_seq_one_letter_code
;MGFYQGPDNRKITGGLKGKHRDKRKYEIGNPPTFTTLSAEDIRIKDRTLGGNFKVRLKYTTTANVLDPATNTAKKVKILE
ILETPANKELARRGIIIRGAKIRTEAGLAVVTSRPGQDGVINAVLLKNESQRS
;
_entity_poly.pdbx_strand_id   A
#
# COMPACT_ATOMS: atom_id res chain seq x y z
N MET A 1 -0.83 121.76 53.57
CA MET A 1 -0.55 122.78 52.54
C MET A 1 0.78 123.46 52.85
N GLY A 2 1.86 122.90 52.29
CA GLY A 2 3.21 123.44 52.46
C GLY A 2 4.26 122.49 51.91
N PHE A 3 4.50 121.39 52.63
CA PHE A 3 5.51 120.37 52.27
C PHE A 3 5.17 119.02 52.91
N TYR A 4 5.39 117.94 52.15
CA TYR A 4 5.22 116.56 52.64
C TYR A 4 6.04 115.61 51.76
N GLN A 5 6.71 114.64 52.41
CA GLN A 5 7.58 113.68 51.71
C GLN A 5 6.71 112.63 50.97
N GLY A 6 7.03 112.41 49.69
CA GLY A 6 6.28 111.47 48.84
C GLY A 6 6.65 110.01 49.12
N PRO A 7 5.86 109.02 48.57
CA PRO A 7 6.02 107.59 48.87
C PRO A 7 7.37 107.02 48.35
N ASP A 8 8.36 106.95 49.24
CA ASP A 8 9.69 106.40 48.94
C ASP A 8 9.59 104.87 48.82
N ASN A 9 10.02 104.32 47.68
CA ASN A 9 10.02 102.87 47.42
C ASN A 9 11.45 102.41 47.10
N ARG A 10 11.88 101.34 47.78
CA ARG A 10 13.20 100.71 47.59
C ARG A 10 13.03 99.29 47.04
N LYS A 11 14.08 98.76 46.39
CA LYS A 11 14.08 97.42 45.79
C LYS A 11 14.60 96.42 46.82
N ILE A 12 13.69 95.68 47.50
CA ILE A 12 14.05 94.63 48.45
C ILE A 12 14.47 93.37 47.66
N THR A 13 15.77 93.28 47.34
CA THR A 13 16.37 92.14 46.64
C THR A 13 16.98 91.17 47.67
N GLY A 14 16.20 90.13 48.05
CA GLY A 14 16.63 89.14 49.05
C GLY A 14 16.57 87.72 48.50
N GLY A 15 16.79 87.57 47.19
CA GLY A 15 16.77 86.27 46.50
C GLY A 15 18.14 85.60 46.46
N LEU A 16 18.89 85.71 47.58
CA LEU A 16 20.23 85.11 47.73
C LEU A 16 20.06 83.65 48.17
N LYS A 17 19.72 82.80 47.19
CA LYS A 17 19.46 81.37 47.39
C LYS A 17 20.06 80.61 46.19
N GLY A 18 21.05 79.76 46.48
CA GLY A 18 21.66 78.90 45.47
C GLY A 18 21.03 77.52 45.47
N LYS A 19 21.03 76.87 44.29
CA LYS A 19 20.56 75.47 44.14
C LYS A 19 21.70 74.50 44.47
N HIS A 20 21.43 73.18 44.38
CA HIS A 20 22.45 72.14 44.66
C HIS A 20 22.86 71.45 43.35
N ARG A 21 24.04 70.80 43.35
CA ARG A 21 24.50 69.97 42.22
C ARG A 21 24.02 68.52 42.46
N ASP A 22 23.47 67.90 41.41
CA ASP A 22 22.85 66.57 41.48
C ASP A 22 23.84 65.46 41.10
N LYS A 23 23.76 64.33 41.85
CA LYS A 23 24.62 63.14 41.67
C LYS A 23 23.73 61.91 41.35
N ARG A 24 24.32 60.69 41.43
CA ARG A 24 23.58 59.43 41.25
C ARG A 24 22.76 59.11 42.53
N LYS A 25 21.58 58.47 42.36
CA LYS A 25 20.67 58.17 43.49
C LYS A 25 20.79 56.68 43.86
N TYR A 26 20.16 55.80 43.07
CA TYR A 26 20.08 54.34 43.36
C TYR A 26 19.60 53.56 42.11
N GLU A 27 20.07 54.00 40.93
CA GLU A 27 19.62 53.47 39.61
C GLU A 27 19.86 51.94 39.49
N ILE A 28 18.97 51.27 38.72
CA ILE A 28 19.01 49.82 38.53
C ILE A 28 20.29 49.46 37.72
N GLY A 29 21.17 48.65 38.33
CA GLY A 29 22.43 48.28 37.73
C GLY A 29 22.30 47.10 36.77
N ASN A 30 22.73 45.92 37.23
CA ASN A 30 22.80 44.69 36.40
C ASN A 30 21.42 44.00 36.33
N PRO A 31 21.01 43.47 35.13
CA PRO A 31 19.79 42.64 34.99
C PRO A 31 20.06 41.18 35.47
N PRO A 32 19.00 40.39 35.85
CA PRO A 32 19.18 38.99 36.30
C PRO A 32 19.45 38.02 35.12
N THR A 33 20.01 36.86 35.44
CA THR A 33 20.24 35.77 34.47
C THR A 33 18.89 35.18 34.01
N PHE A 34 18.94 34.42 32.90
CA PHE A 34 17.73 33.88 32.25
C PHE A 34 17.57 32.38 32.56
N THR A 35 16.37 31.84 32.23
CA THR A 35 16.08 30.40 32.30
C THR A 35 16.74 29.67 31.13
N THR A 36 16.88 28.33 31.24
CA THR A 36 17.48 27.50 30.19
C THR A 36 16.42 27.15 29.09
N LEU A 37 15.80 25.96 29.17
CA LEU A 37 14.85 25.45 28.15
C LEU A 37 14.14 24.18 28.65
N SER A 38 13.34 23.56 27.75
CA SER A 38 12.67 22.28 28.00
C SER A 38 12.72 21.39 26.73
N ALA A 39 13.66 21.71 25.82
CA ALA A 39 13.81 21.04 24.50
C ALA A 39 14.09 19.53 24.66
N GLU A 40 15.09 19.22 25.51
CA GLU A 40 15.50 17.82 25.83
C GLU A 40 14.38 17.03 26.53
N ASP A 41 13.53 17.73 27.28
CA ASP A 41 12.36 17.14 27.98
C ASP A 41 11.31 16.69 26.95
N ILE A 42 11.05 17.55 25.97
CA ILE A 42 10.15 17.23 24.84
C ILE A 42 10.78 16.08 24.00
N ARG A 43 12.13 16.09 23.91
CA ARG A 43 12.91 15.03 23.23
C ARG A 43 12.88 13.70 24.00
N ILE A 44 12.57 13.73 25.30
CA ILE A 44 12.45 12.50 26.11
C ILE A 44 11.09 11.83 25.85
N LYS A 45 10.04 12.66 25.64
CA LYS A 45 8.72 12.18 25.18
C LYS A 45 8.85 11.66 23.72
N ASP A 46 9.74 12.32 22.96
CA ASP A 46 10.04 11.99 21.55
C ASP A 46 10.85 10.68 21.44
N ARG A 47 11.74 10.41 22.43
CA ARG A 47 12.62 9.21 22.40
C ARG A 47 11.82 7.94 22.73
N THR A 48 10.83 8.07 23.65
CA THR A 48 10.03 6.93 24.16
C THR A 48 8.80 6.63 23.25
N LEU A 49 8.79 7.18 22.01
CA LEU A 49 7.73 6.93 21.02
C LEU A 49 7.54 5.42 20.73
N GLY A 50 6.31 5.02 20.42
CA GLY A 50 5.97 3.61 20.21
C GLY A 50 6.44 3.07 18.86
N GLY A 51 6.38 1.73 18.68
CA GLY A 51 6.74 1.09 17.42
C GLY A 51 5.64 1.18 16.37
N ASN A 52 5.54 0.17 15.51
CA ASN A 52 4.51 0.10 14.45
C ASN A 52 3.73 -1.23 14.56
N PHE A 53 2.43 -1.18 14.22
CA PHE A 53 1.53 -2.35 14.23
C PHE A 53 1.96 -3.38 13.16
N LYS A 54 1.74 -4.68 13.44
CA LYS A 54 2.21 -5.79 12.58
C LYS A 54 1.13 -6.20 11.56
N VAL A 55 1.49 -7.16 10.68
CA VAL A 55 0.59 -7.66 9.61
C VAL A 55 -0.30 -8.80 10.13
N ARG A 56 -1.40 -9.07 9.41
CA ARG A 56 -2.36 -10.17 9.71
C ARG A 56 -2.34 -11.21 8.58
N LEU A 57 -2.68 -12.46 8.91
CA LEU A 57 -2.89 -13.53 7.93
C LEU A 57 -4.24 -13.32 7.22
N LYS A 58 -4.28 -13.61 5.91
CA LYS A 58 -5.49 -13.42 5.07
C LYS A 58 -6.05 -14.78 4.62
N TYR A 59 -7.30 -14.77 4.11
CA TYR A 59 -7.99 -15.97 3.61
C TYR A 59 -7.51 -16.27 2.18
N THR A 60 -6.68 -17.31 2.02
CA THR A 60 -6.23 -17.78 0.71
C THR A 60 -7.34 -18.60 0.03
N THR A 61 -7.45 -18.46 -1.31
CA THR A 61 -8.46 -19.17 -2.12
C THR A 61 -8.21 -20.69 -2.06
N THR A 62 -9.18 -21.42 -1.47
CA THR A 62 -9.06 -22.84 -1.15
C THR A 62 -10.20 -23.61 -1.82
N ALA A 63 -9.94 -24.90 -2.00
CA ALA A 63 -10.95 -25.88 -2.41
C ALA A 63 -11.03 -26.94 -1.30
N ASN A 64 -12.25 -27.26 -0.85
CA ASN A 64 -12.43 -28.21 0.26
C ASN A 64 -12.58 -29.61 -0.33
N VAL A 65 -11.43 -30.24 -0.57
CA VAL A 65 -11.38 -31.60 -1.12
C VAL A 65 -11.64 -32.48 0.10
N LEU A 66 -12.84 -33.10 0.02
CA LEU A 66 -13.10 -34.43 0.57
C LEU A 66 -12.27 -35.40 -0.29
N ASP A 67 -11.41 -36.18 0.39
CA ASP A 67 -10.63 -37.27 -0.23
C ASP A 67 -11.43 -38.55 0.02
N PRO A 68 -12.10 -39.15 -1.02
CA PRO A 68 -12.98 -40.35 -0.84
C PRO A 68 -12.25 -41.60 -0.27
N ALA A 69 -10.91 -41.69 -0.45
CA ALA A 69 -10.12 -42.84 0.04
C ALA A 69 -9.93 -42.77 1.56
N THR A 70 -9.55 -41.58 2.05
CA THR A 70 -9.31 -41.34 3.48
C THR A 70 -10.61 -40.87 4.18
N ASN A 71 -11.62 -40.52 3.35
CA ASN A 71 -12.96 -40.04 3.78
C ASN A 71 -12.87 -38.78 4.67
N THR A 72 -11.90 -37.89 4.35
CA THR A 72 -11.61 -36.69 5.16
C THR A 72 -11.53 -35.42 4.28
N ALA A 73 -12.26 -34.36 4.68
CA ALA A 73 -12.31 -33.08 3.93
C ALA A 73 -11.12 -32.20 4.35
N LYS A 74 -10.53 -31.48 3.38
CA LYS A 74 -9.28 -30.74 3.57
C LYS A 74 -9.34 -29.40 2.86
N LYS A 75 -8.63 -28.41 3.35
CA LYS A 75 -8.48 -27.12 2.69
C LYS A 75 -7.05 -27.02 2.14
N VAL A 76 -7.00 -27.12 0.80
CA VAL A 76 -5.77 -27.00 0.00
C VAL A 76 -5.96 -25.87 -1.00
N LYS A 77 -4.86 -25.22 -1.37
CA LYS A 77 -4.86 -24.01 -2.21
C LYS A 77 -5.26 -24.40 -3.65
N ILE A 78 -5.96 -23.48 -4.35
CA ILE A 78 -6.48 -23.72 -5.70
C ILE A 78 -5.39 -23.39 -6.72
N LEU A 79 -5.08 -24.35 -7.59
CA LEU A 79 -4.19 -24.12 -8.73
C LEU A 79 -5.08 -23.56 -9.84
N GLU A 80 -5.85 -24.39 -10.59
CA GLU A 80 -6.73 -23.88 -11.67
C GLU A 80 -7.79 -24.89 -12.11
N ILE A 81 -8.83 -24.39 -12.80
CA ILE A 81 -9.83 -25.25 -13.48
C ILE A 81 -9.27 -25.71 -14.85
N LEU A 82 -9.49 -27.00 -15.19
CA LEU A 82 -8.93 -27.63 -16.40
C LEU A 82 -10.06 -27.84 -17.43
N GLU A 83 -11.11 -28.54 -16.98
CA GLU A 83 -12.29 -28.82 -17.79
C GLU A 83 -13.21 -27.58 -17.73
N THR A 84 -13.29 -26.86 -18.86
CA THR A 84 -13.94 -25.54 -18.95
C THR A 84 -15.47 -25.64 -18.72
N PRO A 85 -16.01 -25.01 -17.63
CA PRO A 85 -17.47 -24.85 -17.45
C PRO A 85 -18.04 -23.74 -18.36
N ALA A 86 -19.38 -23.69 -18.48
CA ALA A 86 -20.09 -22.61 -19.22
C ALA A 86 -19.75 -21.23 -18.62
N ASN A 87 -19.57 -21.21 -17.27
CA ASN A 87 -19.13 -20.02 -16.52
C ASN A 87 -17.63 -20.14 -16.16
N LYS A 88 -16.81 -20.50 -17.17
CA LYS A 88 -15.32 -20.50 -17.08
C LYS A 88 -14.78 -19.13 -16.68
N GLU A 89 -15.26 -18.02 -17.29
CA GLU A 89 -14.72 -16.66 -17.01
C GLU A 89 -14.99 -16.21 -15.55
N LEU A 90 -16.00 -16.84 -14.93
CA LEU A 90 -16.31 -16.67 -13.50
C LEU A 90 -15.44 -17.60 -12.63
N ALA A 91 -15.26 -18.86 -13.10
CA ALA A 91 -14.36 -19.86 -12.48
C ALA A 91 -12.88 -19.40 -12.42
N ARG A 92 -12.52 -18.43 -13.30
CA ARG A 92 -11.20 -17.75 -13.25
C ARG A 92 -11.06 -16.97 -11.93
N ARG A 93 -12.15 -16.24 -11.59
CA ARG A 93 -12.26 -15.50 -10.32
C ARG A 93 -12.40 -16.47 -9.14
N GLY A 94 -12.87 -17.70 -9.44
CA GLY A 94 -13.05 -18.76 -8.44
C GLY A 94 -14.51 -19.12 -8.22
N ILE A 95 -15.43 -18.50 -8.99
CA ILE A 95 -16.85 -18.88 -8.98
C ILE A 95 -17.07 -20.06 -9.96
N ILE A 96 -16.79 -21.26 -9.45
CA ILE A 96 -16.81 -22.51 -10.23
C ILE A 96 -18.19 -23.18 -10.05
N ILE A 97 -18.72 -23.79 -11.12
CA ILE A 97 -20.03 -24.48 -11.09
C ILE A 97 -19.80 -25.99 -10.88
N ARG A 98 -20.76 -26.63 -10.18
CA ARG A 98 -20.68 -28.06 -9.80
C ARG A 98 -20.50 -28.94 -11.05
N GLY A 99 -19.41 -29.72 -11.10
CA GLY A 99 -19.13 -30.66 -12.19
C GLY A 99 -17.86 -30.31 -12.98
N ALA A 100 -17.30 -29.11 -12.72
CA ALA A 100 -16.08 -28.64 -13.41
C ALA A 100 -14.82 -29.15 -12.70
N LYS A 101 -13.83 -29.61 -13.48
CA LYS A 101 -12.57 -30.15 -12.92
C LYS A 101 -11.63 -29.00 -12.51
N ILE A 102 -10.94 -29.22 -11.40
CA ILE A 102 -10.04 -28.27 -10.74
C ILE A 102 -8.80 -29.04 -10.28
N ARG A 103 -7.66 -28.35 -10.16
CA ARG A 103 -6.43 -28.94 -9.62
C ARG A 103 -6.14 -28.24 -8.30
N THR A 104 -5.88 -29.05 -7.28
CA THR A 104 -5.55 -28.60 -5.93
C THR A 104 -4.15 -29.12 -5.56
N GLU A 105 -3.67 -28.77 -4.36
CA GLU A 105 -2.39 -29.29 -3.83
C GLU A 105 -2.50 -30.80 -3.50
N ALA A 106 -3.74 -31.31 -3.36
CA ALA A 106 -4.01 -32.75 -3.20
C ALA A 106 -3.76 -33.48 -4.53
N GLY A 107 -4.70 -33.29 -5.49
CA GLY A 107 -4.60 -33.88 -6.82
C GLY A 107 -5.56 -33.19 -7.79
N LEU A 108 -6.00 -33.93 -8.84
CA LEU A 108 -7.16 -33.51 -9.65
C LEU A 108 -8.43 -33.80 -8.81
N ALA A 109 -9.25 -32.77 -8.62
CA ALA A 109 -10.56 -32.89 -7.95
C ALA A 109 -11.65 -32.29 -8.86
N VAL A 110 -12.89 -32.75 -8.67
CA VAL A 110 -14.09 -32.18 -9.33
C VAL A 110 -14.91 -31.41 -8.28
N VAL A 111 -15.20 -30.12 -8.56
CA VAL A 111 -16.00 -29.30 -7.63
C VAL A 111 -17.43 -29.87 -7.51
N THR A 112 -17.80 -30.24 -6.28
CA THR A 112 -19.07 -30.90 -5.99
C THR A 112 -19.99 -30.03 -5.11
N SER A 113 -19.60 -28.76 -4.90
CA SER A 113 -20.42 -27.74 -4.20
C SER A 113 -20.17 -26.33 -4.77
N ARG A 114 -20.99 -25.38 -4.28
CA ARG A 114 -20.85 -23.93 -4.57
C ARG A 114 -19.72 -23.31 -3.69
N PRO A 115 -19.12 -22.11 -4.09
CA PRO A 115 -18.12 -21.38 -3.27
C PRO A 115 -18.62 -21.05 -1.83
N GLY A 116 -17.82 -21.45 -0.84
CA GLY A 116 -18.08 -21.18 0.59
C GLY A 116 -17.84 -19.73 0.99
N GLN A 117 -18.18 -19.39 2.26
CA GLN A 117 -18.03 -18.01 2.81
C GLN A 117 -16.54 -17.56 2.86
N ASP A 118 -15.62 -18.54 2.95
CA ASP A 118 -14.16 -18.30 2.87
C ASP A 118 -13.70 -18.08 1.41
N GLY A 119 -14.59 -18.37 0.46
CA GLY A 119 -14.23 -18.57 -0.94
C GLY A 119 -13.64 -19.95 -1.16
N VAL A 120 -14.18 -20.94 -0.40
CA VAL A 120 -13.70 -22.33 -0.41
C VAL A 120 -14.71 -23.24 -1.15
N ILE A 121 -14.35 -23.66 -2.37
CA ILE A 121 -15.24 -24.45 -3.25
C ILE A 121 -14.99 -25.95 -2.98
N ASN A 122 -15.97 -26.66 -2.38
CA ASN A 122 -15.81 -28.09 -2.04
C ASN A 122 -15.64 -28.93 -3.31
N ALA A 123 -14.66 -29.83 -3.28
CA ALA A 123 -14.31 -30.71 -4.39
C ALA A 123 -14.13 -32.15 -3.90
N VAL A 124 -14.17 -33.13 -4.82
CA VAL A 124 -13.87 -34.54 -4.53
C VAL A 124 -12.79 -35.05 -5.50
N LEU A 125 -11.74 -35.71 -4.96
CA LEU A 125 -10.73 -36.37 -5.80
C LEU A 125 -11.37 -37.55 -6.54
N LEU A 126 -11.14 -37.63 -7.85
CA LEU A 126 -11.65 -38.74 -8.69
C LEU A 126 -10.73 -39.97 -8.54
N LYS A 127 -9.62 -39.78 -7.78
CA LYS A 127 -8.61 -40.82 -7.46
C LYS A 127 -7.83 -41.27 -8.70
N ASN A 128 -7.87 -40.43 -9.75
CA ASN A 128 -7.15 -40.62 -11.02
C ASN A 128 -7.30 -39.34 -11.86
N GLU A 129 -6.49 -39.24 -12.93
CA GLU A 129 -6.62 -38.18 -13.93
C GLU A 129 -7.78 -38.51 -14.91
N SER A 130 -8.91 -37.80 -14.76
CA SER A 130 -10.10 -37.99 -15.61
C SER A 130 -9.77 -37.57 -17.06
N GLN A 131 -9.83 -38.54 -17.99
CA GLN A 131 -9.50 -38.34 -19.40
C GLN A 131 -10.46 -37.32 -20.05
N ARG A 132 -9.92 -36.17 -20.46
CA ARG A 132 -10.70 -35.14 -21.16
C ARG A 132 -10.61 -35.41 -22.67
N SER A 133 -11.59 -36.18 -23.17
CA SER A 133 -11.80 -36.44 -24.60
C SER A 133 -13.32 -36.42 -24.87
N MET A 1 141.29 25.06 26.05
CA MET A 1 140.33 25.34 27.14
C MET A 1 139.00 24.63 26.86
N GLY A 2 138.38 24.06 27.91
CA GLY A 2 137.13 23.32 27.79
C GLY A 2 136.37 23.21 29.11
N PHE A 3 135.04 23.28 29.02
CA PHE A 3 134.11 23.16 30.17
C PHE A 3 132.81 22.49 29.68
N TYR A 4 132.20 21.65 30.53
CA TYR A 4 131.00 20.86 30.17
C TYR A 4 129.94 20.99 31.28
N GLN A 5 128.77 21.56 30.94
CA GLN A 5 127.62 21.60 31.85
C GLN A 5 127.03 20.19 32.00
N GLY A 6 127.15 19.60 33.20
CA GLY A 6 126.67 18.25 33.49
C GLY A 6 125.14 18.15 33.49
N PRO A 7 124.57 16.92 33.29
CA PRO A 7 123.11 16.72 33.15
C PRO A 7 122.33 17.13 34.43
N ASP A 8 121.18 17.78 34.23
CA ASP A 8 120.31 18.29 35.32
C ASP A 8 119.06 17.41 35.46
N ASN A 9 118.12 17.85 36.32
CA ASN A 9 116.81 17.19 36.47
C ASN A 9 115.91 17.54 35.27
N ARG A 10 116.05 16.76 34.18
CA ARG A 10 115.27 16.95 32.94
C ARG A 10 113.81 16.51 33.16
N LYS A 11 112.87 17.35 32.69
CA LYS A 11 111.45 17.29 33.07
C LYS A 11 110.72 16.13 32.37
N ILE A 12 110.40 15.08 33.16
CA ILE A 12 109.60 13.93 32.70
C ILE A 12 108.08 14.22 32.83
N THR A 13 107.27 13.42 32.14
CA THR A 13 105.80 13.55 32.14
C THR A 13 105.15 12.23 31.67
N GLY A 14 103.81 12.16 31.77
CA GLY A 14 103.03 10.99 31.35
C GLY A 14 101.54 11.31 31.30
N GLY A 15 100.92 11.13 30.12
CA GLY A 15 99.50 11.41 29.94
C GLY A 15 98.59 10.42 30.66
N LEU A 16 97.40 10.89 31.09
CA LEU A 16 96.43 10.09 31.84
C LEU A 16 95.03 10.67 31.59
N LYS A 17 94.51 10.37 30.40
CA LYS A 17 93.17 10.79 29.96
C LYS A 17 92.10 9.88 30.58
N GLY A 18 90.93 10.46 30.90
CA GLY A 18 89.81 9.72 31.50
C GLY A 18 88.96 8.99 30.46
N LYS A 19 87.64 8.99 30.67
CA LYS A 19 86.67 8.31 29.78
C LYS A 19 85.32 9.05 29.81
N HIS A 20 84.43 8.71 28.86
CA HIS A 20 83.04 9.19 28.87
C HIS A 20 82.26 8.36 29.90
N ARG A 21 81.61 9.04 30.87
CA ARG A 21 80.86 8.37 31.95
C ARG A 21 79.56 7.76 31.38
N ASP A 22 79.64 6.49 30.96
CA ASP A 22 78.48 5.72 30.49
C ASP A 22 78.02 4.76 31.59
N LYS A 23 76.69 4.61 31.70
CA LYS A 23 76.02 3.75 32.67
C LYS A 23 74.75 3.16 32.02
N ARG A 24 74.19 2.12 32.64
CA ARG A 24 72.96 1.46 32.14
C ARG A 24 71.92 1.42 33.25
N LYS A 25 70.83 2.18 33.05
CA LYS A 25 69.66 2.22 33.93
C LYS A 25 68.58 1.23 33.44
N TYR A 26 67.42 1.18 34.13
CA TYR A 26 66.26 0.38 33.67
C TYR A 26 65.59 1.11 32.50
N GLU A 27 65.34 0.40 31.41
CA GLU A 27 64.72 0.98 30.21
C GLU A 27 63.22 1.23 30.46
N ILE A 28 62.74 2.40 30.00
CA ILE A 28 61.32 2.79 30.11
C ILE A 28 60.46 1.86 29.22
N GLY A 29 59.34 1.37 29.77
CA GLY A 29 58.42 0.51 29.04
C GLY A 29 57.03 1.11 28.98
N ASN A 30 56.83 2.04 28.02
CA ASN A 30 55.54 2.76 27.83
C ASN A 30 54.44 1.78 27.32
N PRO A 31 53.10 2.13 27.48
CA PRO A 31 52.00 1.37 26.82
C PRO A 31 52.21 1.25 25.29
N PRO A 32 52.61 0.04 24.77
CA PRO A 32 52.97 -0.16 23.36
C PRO A 32 51.74 -0.33 22.43
N THR A 33 50.56 -0.50 23.05
CA THR A 33 49.29 -0.70 22.34
C THR A 33 48.13 -0.24 23.23
N PHE A 34 46.98 0.09 22.60
CA PHE A 34 45.79 0.64 23.28
C PHE A 34 44.53 -0.11 22.82
N THR A 35 43.46 -0.06 23.62
CA THR A 35 42.19 -0.79 23.37
C THR A 35 41.08 0.17 22.89
N THR A 36 40.04 -0.39 22.25
CA THR A 36 38.84 0.33 21.82
C THR A 36 37.72 0.18 22.88
N LEU A 37 36.59 0.88 22.67
CA LEU A 37 35.40 0.81 23.56
C LEU A 37 34.53 -0.43 23.25
N SER A 38 33.60 -0.76 24.17
CA SER A 38 32.71 -1.95 24.06
C SER A 38 31.23 -1.55 23.86
N ALA A 39 30.95 -0.23 23.73
CA ALA A 39 29.59 0.28 23.50
C ALA A 39 28.99 -0.25 22.18
N GLU A 40 29.86 -0.36 21.15
CA GLU A 40 29.47 -0.87 19.81
C GLU A 40 29.00 -2.34 19.85
N ASP A 41 29.51 -3.11 20.83
CA ASP A 41 29.11 -4.52 21.04
C ASP A 41 27.66 -4.59 21.55
N ILE A 42 27.27 -3.60 22.37
CA ILE A 42 25.89 -3.48 22.87
C ILE A 42 24.95 -3.04 21.73
N ARG A 43 25.45 -2.13 20.89
CA ARG A 43 24.68 -1.57 19.75
C ARG A 43 24.46 -2.61 18.64
N ILE A 44 25.42 -3.56 18.47
CA ILE A 44 25.29 -4.64 17.44
C ILE A 44 24.31 -5.72 17.95
N LYS A 45 24.34 -5.96 19.28
CA LYS A 45 23.35 -6.83 19.95
C LYS A 45 21.93 -6.21 19.83
N ASP A 46 21.89 -4.87 19.72
CA ASP A 46 20.64 -4.10 19.63
C ASP A 46 20.21 -3.87 18.16
N ARG A 47 21.13 -4.03 17.17
CA ARG A 47 20.71 -4.03 15.73
C ARG A 47 19.84 -5.29 15.51
N THR A 48 20.23 -6.34 16.23
CA THR A 48 19.56 -7.63 16.25
C THR A 48 18.15 -7.52 16.88
N LEU A 49 18.00 -6.60 17.86
CA LEU A 49 16.74 -6.37 18.57
C LEU A 49 15.68 -5.78 17.60
N GLY A 50 14.71 -6.63 17.19
CA GLY A 50 13.61 -6.22 16.31
C GLY A 50 12.36 -5.85 17.11
N GLY A 51 11.17 -5.94 16.48
CA GLY A 51 9.92 -5.64 17.18
C GLY A 51 8.67 -5.66 16.29
N ASN A 52 8.83 -5.55 14.96
CA ASN A 52 7.69 -5.42 14.03
C ASN A 52 7.05 -6.81 13.76
N PHE A 53 5.71 -6.88 13.87
CA PHE A 53 4.94 -8.10 13.59
C PHE A 53 4.81 -8.33 12.07
N LYS A 54 4.57 -9.59 11.67
CA LYS A 54 4.38 -9.98 10.25
C LYS A 54 2.93 -9.66 9.83
N VAL A 55 2.72 -9.29 8.54
CA VAL A 55 1.38 -9.00 7.99
C VAL A 55 0.48 -10.27 8.06
N ARG A 56 -0.82 -10.04 8.31
CA ARG A 56 -1.80 -11.13 8.46
C ARG A 56 -2.14 -11.73 7.09
N LEU A 57 -2.27 -13.06 7.03
CA LEU A 57 -2.71 -13.77 5.83
C LEU A 57 -4.22 -13.57 5.62
N LYS A 58 -4.59 -12.90 4.51
CA LYS A 58 -6.00 -12.79 4.07
C LYS A 58 -6.45 -14.11 3.41
N TYR A 59 -7.75 -14.22 3.12
CA TYR A 59 -8.32 -15.44 2.54
C TYR A 59 -8.09 -15.48 1.02
N THR A 60 -7.05 -16.24 0.61
CA THR A 60 -6.85 -16.63 -0.79
C THR A 60 -7.96 -17.64 -1.18
N THR A 61 -8.35 -17.67 -2.47
CA THR A 61 -9.32 -18.65 -2.99
C THR A 61 -8.79 -20.07 -2.74
N THR A 62 -9.60 -20.90 -2.05
CA THR A 62 -9.21 -22.25 -1.63
C THR A 62 -10.27 -23.24 -2.16
N ALA A 63 -9.91 -24.51 -2.22
CA ALA A 63 -10.81 -25.60 -2.57
C ALA A 63 -10.86 -26.57 -1.40
N ASN A 64 -12.01 -27.21 -1.17
CA ASN A 64 -12.19 -28.11 -0.03
C ASN A 64 -12.59 -29.48 -0.54
N VAL A 65 -11.59 -30.32 -0.83
CA VAL A 65 -11.83 -31.67 -1.32
C VAL A 65 -12.15 -32.42 -0.03
N LEU A 66 -13.25 -33.16 -0.13
CA LEU A 66 -13.42 -34.41 0.59
C LEU A 66 -12.39 -35.37 -0.07
N ASP A 67 -11.51 -35.90 0.77
CA ASP A 67 -10.51 -36.90 0.39
C ASP A 67 -11.10 -38.28 0.71
N PRO A 68 -11.66 -39.02 -0.31
CA PRO A 68 -12.36 -40.32 -0.11
C PRO A 68 -11.48 -41.43 0.51
N ALA A 69 -10.14 -41.26 0.44
CA ALA A 69 -9.18 -42.23 1.02
C ALA A 69 -9.27 -42.21 2.57
N THR A 70 -9.43 -41.01 3.15
CA THR A 70 -9.59 -40.82 4.61
C THR A 70 -11.05 -40.54 5.01
N ASN A 71 -11.91 -40.26 4.00
CA ASN A 71 -13.34 -39.91 4.18
C ASN A 71 -13.50 -38.64 5.06
N THR A 72 -12.54 -37.70 4.91
CA THR A 72 -12.51 -36.42 5.68
C THR A 72 -12.16 -35.26 4.74
N ALA A 73 -12.43 -34.02 5.16
CA ALA A 73 -12.26 -32.83 4.29
C ALA A 73 -10.81 -32.37 4.31
N LYS A 74 -10.40 -31.68 3.25
CA LYS A 74 -9.03 -31.30 2.99
C LYS A 74 -9.06 -29.97 2.23
N LYS A 75 -8.59 -28.91 2.87
CA LYS A 75 -8.73 -27.57 2.33
C LYS A 75 -7.36 -27.13 1.78
N VAL A 76 -7.27 -27.20 0.44
CA VAL A 76 -6.05 -27.01 -0.36
C VAL A 76 -6.34 -26.02 -1.50
N LYS A 77 -5.31 -25.28 -1.89
CA LYS A 77 -5.41 -24.18 -2.87
C LYS A 77 -5.63 -24.72 -4.30
N ILE A 78 -6.18 -23.87 -5.21
CA ILE A 78 -6.44 -24.27 -6.62
C ILE A 78 -5.20 -23.92 -7.46
N LEU A 79 -4.82 -24.83 -8.37
CA LEU A 79 -3.87 -24.56 -9.46
C LEU A 79 -4.70 -24.16 -10.70
N GLU A 80 -5.44 -25.11 -11.30
CA GLU A 80 -6.06 -24.87 -12.64
C GLU A 80 -7.24 -25.78 -12.92
N ILE A 81 -8.20 -25.28 -13.72
CA ILE A 81 -9.35 -26.07 -14.18
C ILE A 81 -9.05 -26.67 -15.56
N LEU A 82 -9.50 -27.91 -15.78
CA LEU A 82 -9.29 -28.66 -17.03
C LEU A 82 -10.50 -28.45 -17.93
N GLU A 83 -11.68 -28.84 -17.43
CA GLU A 83 -12.96 -28.58 -18.06
C GLU A 83 -13.42 -27.16 -17.68
N THR A 84 -13.52 -26.27 -18.68
CA THR A 84 -13.87 -24.86 -18.47
C THR A 84 -15.34 -24.72 -18.02
N PRO A 85 -15.60 -24.12 -16.81
CA PRO A 85 -16.96 -23.68 -16.43
C PRO A 85 -17.56 -22.69 -17.45
N ALA A 86 -18.88 -22.83 -17.70
CA ALA A 86 -19.63 -21.93 -18.61
C ALA A 86 -19.58 -20.48 -18.09
N ASN A 87 -19.57 -20.36 -16.76
CA ASN A 87 -19.34 -19.10 -16.03
C ASN A 87 -17.83 -18.88 -15.78
N LYS A 88 -17.05 -18.74 -16.88
CA LYS A 88 -15.60 -18.39 -16.80
C LYS A 88 -15.40 -17.07 -16.02
N GLU A 89 -16.41 -16.16 -16.09
CA GLU A 89 -16.45 -14.89 -15.32
C GLU A 89 -16.23 -15.10 -13.81
N LEU A 90 -16.69 -16.26 -13.29
CA LEU A 90 -16.48 -16.64 -11.88
C LEU A 90 -15.22 -17.53 -11.74
N ALA A 91 -15.06 -18.49 -12.67
CA ALA A 91 -13.91 -19.42 -12.71
C ALA A 91 -12.54 -18.71 -12.72
N ARG A 92 -12.51 -17.45 -13.22
CA ARG A 92 -11.31 -16.60 -13.23
C ARG A 92 -10.86 -16.23 -11.81
N ARG A 93 -11.85 -16.08 -10.90
CA ARG A 93 -11.63 -15.79 -9.47
C ARG A 93 -11.35 -17.09 -8.70
N GLY A 94 -11.49 -18.23 -9.39
CA GLY A 94 -11.38 -19.57 -8.79
C GLY A 94 -12.73 -20.12 -8.35
N ILE A 95 -13.81 -19.34 -8.59
CA ILE A 95 -15.18 -19.70 -8.19
C ILE A 95 -15.80 -20.63 -9.27
N ILE A 96 -15.78 -21.94 -9.00
CA ILE A 96 -16.08 -22.99 -9.98
C ILE A 96 -17.49 -23.59 -9.73
N ILE A 97 -18.20 -23.94 -10.83
CA ILE A 97 -19.56 -24.49 -10.77
C ILE A 97 -19.52 -26.04 -10.91
N ARG A 98 -20.46 -26.73 -10.24
CA ARG A 98 -20.50 -28.21 -10.07
C ARG A 98 -20.39 -28.97 -11.41
N GLY A 99 -19.45 -29.94 -11.46
CA GLY A 99 -19.22 -30.79 -12.64
C GLY A 99 -17.89 -30.52 -13.30
N ALA A 100 -17.33 -29.32 -13.08
CA ALA A 100 -16.12 -28.85 -13.77
C ALA A 100 -14.85 -29.33 -13.04
N LYS A 101 -13.91 -29.89 -13.82
CA LYS A 101 -12.71 -30.56 -13.28
C LYS A 101 -11.67 -29.51 -12.85
N ILE A 102 -11.09 -29.74 -11.68
CA ILE A 102 -10.17 -28.81 -10.99
C ILE A 102 -8.89 -29.58 -10.57
N ARG A 103 -7.76 -28.87 -10.50
CA ARG A 103 -6.50 -29.38 -9.92
C ARG A 103 -6.22 -28.57 -8.66
N THR A 104 -5.92 -29.26 -7.56
CA THR A 104 -5.63 -28.66 -6.26
C THR A 104 -4.20 -29.00 -5.83
N GLU A 105 -3.76 -28.45 -4.68
CA GLU A 105 -2.46 -28.79 -4.05
C GLU A 105 -2.43 -30.29 -3.62
N ALA A 106 -3.62 -30.91 -3.52
CA ALA A 106 -3.78 -32.34 -3.22
C ALA A 106 -3.64 -33.19 -4.50
N GLY A 107 -4.63 -33.08 -5.40
CA GLY A 107 -4.62 -33.81 -6.67
C GLY A 107 -5.63 -33.27 -7.67
N LEU A 108 -5.98 -34.11 -8.67
CA LEU A 108 -7.14 -33.87 -9.54
C LEU A 108 -8.41 -34.14 -8.72
N ALA A 109 -9.34 -33.19 -8.74
CA ALA A 109 -10.67 -33.32 -8.15
C ALA A 109 -11.73 -32.84 -9.16
N VAL A 110 -13.00 -33.14 -8.84
CA VAL A 110 -14.16 -32.55 -9.50
C VAL A 110 -14.97 -31.76 -8.45
N VAL A 111 -15.37 -30.52 -8.76
CA VAL A 111 -16.19 -29.72 -7.82
C VAL A 111 -17.61 -30.33 -7.71
N THR A 112 -17.98 -30.70 -6.47
CA THR A 112 -19.19 -31.49 -6.18
C THR A 112 -20.21 -30.71 -5.33
N SER A 113 -19.88 -29.45 -5.02
CA SER A 113 -20.76 -28.55 -4.24
C SER A 113 -20.48 -27.09 -4.62
N ARG A 114 -21.29 -26.17 -4.07
CA ARG A 114 -21.19 -24.74 -4.34
C ARG A 114 -19.95 -24.14 -3.61
N PRO A 115 -19.28 -23.11 -4.20
CA PRO A 115 -18.28 -22.29 -3.48
C PRO A 115 -18.87 -21.64 -2.22
N GLY A 116 -18.31 -22.03 -1.04
CA GLY A 116 -18.71 -21.43 0.24
C GLY A 116 -18.44 -19.92 0.31
N GLN A 117 -19.02 -19.25 1.34
CA GLN A 117 -18.95 -17.77 1.49
C GLN A 117 -17.51 -17.27 1.69
N ASP A 118 -16.63 -18.16 2.20
CA ASP A 118 -15.19 -17.88 2.41
C ASP A 118 -14.40 -17.86 1.10
N GLY A 119 -15.05 -18.26 -0.01
CA GLY A 119 -14.40 -18.44 -1.31
C GLY A 119 -13.69 -19.77 -1.42
N VAL A 120 -14.29 -20.80 -0.78
CA VAL A 120 -13.72 -22.16 -0.71
C VAL A 120 -14.68 -23.15 -1.40
N ILE A 121 -14.24 -23.68 -2.56
CA ILE A 121 -15.09 -24.47 -3.47
C ILE A 121 -14.95 -25.96 -3.14
N ASN A 122 -16.04 -26.57 -2.61
CA ASN A 122 -16.04 -27.96 -2.15
C ASN A 122 -16.03 -28.95 -3.35
N ALA A 123 -15.05 -29.89 -3.32
CA ALA A 123 -14.78 -30.84 -4.42
C ALA A 123 -14.55 -32.28 -3.88
N VAL A 124 -14.41 -33.27 -4.79
CA VAL A 124 -14.01 -34.66 -4.44
C VAL A 124 -12.80 -35.08 -5.27
N LEU A 125 -11.72 -35.56 -4.58
CA LEU A 125 -10.53 -36.11 -5.24
C LEU A 125 -10.87 -37.45 -5.93
N LEU A 126 -10.54 -37.55 -7.22
CA LEU A 126 -10.70 -38.79 -8.01
C LEU A 126 -9.35 -39.15 -8.66
N LYS A 127 -8.30 -39.16 -7.82
CA LYS A 127 -6.91 -39.38 -8.23
C LYS A 127 -6.68 -40.84 -8.68
N ASN A 128 -6.93 -41.09 -9.98
CA ASN A 128 -6.70 -42.40 -10.63
C ASN A 128 -6.78 -42.22 -12.15
N GLU A 129 -6.24 -43.22 -12.88
CA GLU A 129 -6.39 -43.30 -14.33
C GLU A 129 -7.82 -43.73 -14.68
N SER A 130 -8.56 -42.85 -15.37
CA SER A 130 -9.91 -43.13 -15.85
C SER A 130 -9.84 -44.12 -17.04
N GLN A 131 -9.83 -45.43 -16.72
CA GLN A 131 -9.70 -46.52 -17.71
C GLN A 131 -11.04 -46.68 -18.46
N ARG A 132 -11.08 -46.14 -19.68
CA ARG A 132 -12.29 -46.06 -20.51
C ARG A 132 -12.66 -47.42 -21.12
N SER A 133 -11.65 -48.12 -21.66
CA SER A 133 -11.84 -49.43 -22.30
C SER A 133 -10.73 -50.41 -21.83
N MET A 1 37.07 125.03 -29.38
CA MET A 1 36.52 124.99 -28.01
C MET A 1 37.04 123.75 -27.26
N GLY A 2 36.98 123.80 -25.92
CA GLY A 2 37.42 122.70 -25.06
C GLY A 2 36.51 121.48 -25.18
N PHE A 3 37.07 120.35 -25.62
CA PHE A 3 36.34 119.07 -25.75
C PHE A 3 36.09 118.47 -24.35
N TYR A 4 34.85 118.64 -23.85
CA TYR A 4 34.40 118.06 -22.57
C TYR A 4 34.42 116.53 -22.68
N GLN A 5 35.25 115.87 -21.84
CA GLN A 5 35.55 114.43 -21.92
C GLN A 5 34.29 113.58 -21.62
N GLY A 6 33.59 113.94 -20.53
CA GLY A 6 32.38 113.23 -20.12
C GLY A 6 32.18 113.29 -18.59
N PRO A 7 30.96 112.95 -18.08
CA PRO A 7 30.66 112.94 -16.63
C PRO A 7 31.40 111.81 -15.89
N ASP A 8 32.44 112.19 -15.13
CA ASP A 8 33.25 111.25 -14.32
C ASP A 8 32.40 110.57 -13.21
N ASN A 9 32.44 109.24 -13.18
CA ASN A 9 31.65 108.41 -12.26
C ASN A 9 32.40 108.25 -10.92
N ARG A 10 31.65 108.34 -9.80
CA ARG A 10 32.24 108.23 -8.44
C ARG A 10 32.42 106.76 -8.05
N LYS A 11 33.57 106.47 -7.41
CA LYS A 11 33.97 105.12 -7.01
C LYS A 11 33.29 104.75 -5.68
N ILE A 12 32.94 103.47 -5.54
CA ILE A 12 32.24 102.94 -4.35
C ILE A 12 32.67 101.47 -4.11
N THR A 13 32.43 100.95 -2.89
CA THR A 13 32.70 99.54 -2.56
C THR A 13 31.92 98.58 -3.49
N GLY A 14 32.50 97.40 -3.77
CA GLY A 14 31.89 96.38 -4.63
C GLY A 14 30.59 95.82 -4.07
N GLY A 15 30.47 95.84 -2.73
CA GLY A 15 29.27 95.41 -2.03
C GLY A 15 29.58 94.41 -0.93
N LEU A 16 29.04 93.18 -1.09
CA LEU A 16 29.11 92.12 -0.08
C LEU A 16 28.70 90.80 -0.73
N LYS A 17 29.01 89.68 -0.05
CA LYS A 17 28.74 88.33 -0.55
C LYS A 17 28.80 87.34 0.62
N GLY A 18 27.66 86.71 0.92
CA GLY A 18 27.53 85.72 2.01
C GLY A 18 26.70 84.53 1.58
N LYS A 19 27.21 83.32 1.88
CA LYS A 19 26.55 82.05 1.51
C LYS A 19 25.54 81.60 2.60
N HIS A 20 24.72 80.59 2.24
CA HIS A 20 23.74 79.97 3.15
C HIS A 20 24.46 79.18 4.28
N ARG A 21 23.72 78.85 5.33
CA ARG A 21 24.20 78.00 6.45
C ARG A 21 23.59 76.59 6.31
N ASP A 22 23.97 75.68 7.22
CA ASP A 22 23.46 74.29 7.24
C ASP A 22 22.87 73.95 8.62
N LYS A 23 22.02 72.90 8.64
CA LYS A 23 21.39 72.37 9.87
C LYS A 23 22.25 71.21 10.42
N ARG A 24 21.69 70.47 11.40
CA ARG A 24 22.31 69.23 11.93
C ARG A 24 21.94 68.02 11.04
N LYS A 25 22.74 66.94 11.14
CA LYS A 25 22.48 65.68 10.42
C LYS A 25 21.33 64.91 11.10
N TYR A 26 20.59 64.12 10.30
CA TYR A 26 19.44 63.32 10.77
C TYR A 26 19.90 61.93 11.26
N GLU A 27 19.01 61.19 11.93
CA GLU A 27 19.35 59.88 12.54
C GLU A 27 18.16 58.90 12.45
N ILE A 28 18.48 57.60 12.54
CA ILE A 28 17.49 56.50 12.51
C ILE A 28 16.83 56.36 13.90
N GLY A 29 15.53 56.02 13.93
CA GLY A 29 14.82 55.73 15.17
C GLY A 29 15.09 54.32 15.68
N ASN A 30 14.14 53.40 15.43
CA ASN A 30 14.21 51.99 15.89
C ASN A 30 13.79 51.04 14.74
N PRO A 31 14.35 49.77 14.67
CA PRO A 31 14.00 48.80 13.59
C PRO A 31 12.50 48.40 13.60
N PRO A 32 11.89 48.06 12.39
CA PRO A 32 10.45 47.65 12.26
C PRO A 32 10.15 46.28 12.93
N THR A 33 8.96 45.69 12.60
CA THR A 33 8.50 44.40 13.13
C THR A 33 9.57 43.28 12.94
N PHE A 34 9.81 42.51 14.01
CA PHE A 34 10.86 41.47 14.06
C PHE A 34 10.51 40.24 13.18
N THR A 35 11.49 39.32 13.04
CA THR A 35 11.30 38.05 12.36
C THR A 35 10.87 36.96 13.37
N THR A 36 9.77 36.26 13.07
CA THR A 36 9.23 35.20 13.94
C THR A 36 10.00 33.87 13.74
N LEU A 37 9.93 32.98 14.74
CA LEU A 37 10.63 31.66 14.72
C LEU A 37 10.09 30.72 13.61
N SER A 38 10.88 29.70 13.24
CA SER A 38 10.60 28.80 12.10
C SER A 38 9.77 27.55 12.52
N ALA A 39 9.14 27.60 13.70
CA ALA A 39 8.37 26.47 14.25
C ALA A 39 7.03 26.23 13.51
N GLU A 40 6.50 27.27 12.84
CA GLU A 40 5.27 27.16 12.03
C GLU A 40 5.58 26.61 10.62
N ASP A 41 6.86 26.67 10.21
CA ASP A 41 7.36 25.97 9.01
C ASP A 41 7.43 24.45 9.29
N ILE A 42 7.69 24.12 10.56
CA ILE A 42 7.69 22.72 11.04
C ILE A 42 6.23 22.22 11.14
N ARG A 43 5.33 23.12 11.54
CA ARG A 43 3.88 22.85 11.66
C ARG A 43 3.25 22.52 10.28
N ILE A 44 3.69 23.25 9.24
CA ILE A 44 3.18 23.07 7.86
C ILE A 44 3.79 21.80 7.22
N LYS A 45 5.04 21.48 7.62
CA LYS A 45 5.69 20.20 7.29
C LYS A 45 4.89 19.03 7.89
N ASP A 46 4.32 19.25 9.08
CA ASP A 46 3.49 18.26 9.79
C ASP A 46 2.14 18.04 9.06
N ARG A 47 1.53 19.12 8.50
CA ARG A 47 0.22 19.00 7.82
C ARG A 47 0.33 18.10 6.57
N THR A 48 1.45 18.24 5.83
CA THR A 48 1.68 17.52 4.56
C THR A 48 2.30 16.13 4.79
N LEU A 49 2.96 15.95 5.95
CA LEU A 49 3.60 14.68 6.34
C LEU A 49 2.81 14.05 7.51
N GLY A 50 1.86 13.17 7.17
CA GLY A 50 1.05 12.44 8.16
C GLY A 50 1.64 11.06 8.45
N GLY A 51 0.89 9.99 8.11
CA GLY A 51 1.34 8.61 8.29
C GLY A 51 0.66 7.68 7.29
N ASN A 52 1.47 7.01 6.45
CA ASN A 52 0.95 6.11 5.40
C ASN A 52 0.61 4.73 6.02
N PHE A 53 -0.64 4.28 5.77
CA PHE A 53 -1.17 3.01 6.32
C PHE A 53 -0.72 1.81 5.47
N LYS A 54 -0.71 0.62 6.10
CA LYS A 54 -0.20 -0.61 5.49
C LYS A 54 -1.33 -1.36 4.78
N VAL A 55 -1.19 -1.59 3.46
CA VAL A 55 -2.18 -2.35 2.67
C VAL A 55 -2.11 -3.85 3.05
N ARG A 56 -3.28 -4.46 3.28
CA ARG A 56 -3.41 -5.90 3.62
C ARG A 56 -4.05 -6.65 2.43
N LEU A 57 -3.29 -7.61 1.87
CA LEU A 57 -3.66 -8.35 0.66
C LEU A 57 -4.75 -9.42 0.96
N LYS A 58 -5.72 -9.56 0.02
CA LYS A 58 -6.75 -10.59 0.05
C LYS A 58 -6.16 -11.94 -0.39
N TYR A 59 -6.45 -12.99 0.37
CA TYR A 59 -5.93 -14.35 0.14
C TYR A 59 -6.74 -15.03 -0.98
N THR A 60 -6.04 -15.78 -1.84
CA THR A 60 -6.62 -16.41 -3.04
C THR A 60 -7.59 -17.54 -2.68
N THR A 61 -8.48 -17.84 -3.64
CA THR A 61 -9.50 -18.91 -3.54
C THR A 61 -8.92 -20.29 -3.13
N THR A 62 -9.73 -21.05 -2.38
CA THR A 62 -9.32 -22.34 -1.78
C THR A 62 -10.40 -23.40 -2.09
N ALA A 63 -10.00 -24.67 -2.20
CA ALA A 63 -10.91 -25.80 -2.39
C ALA A 63 -10.81 -26.75 -1.19
N ASN A 64 -11.96 -27.22 -0.70
CA ASN A 64 -12.02 -28.13 0.44
C ASN A 64 -12.43 -29.51 -0.06
N VAL A 65 -11.43 -30.37 -0.31
CA VAL A 65 -11.65 -31.74 -0.79
C VAL A 65 -12.04 -32.51 0.48
N LEU A 66 -13.06 -33.36 0.26
CA LEU A 66 -13.28 -34.65 0.93
C LEU A 66 -12.48 -35.69 0.09
N ASP A 67 -11.73 -36.54 0.80
CA ASP A 67 -10.95 -37.63 0.22
C ASP A 67 -11.85 -38.87 0.03
N PRO A 68 -11.99 -39.40 -1.22
CA PRO A 68 -12.71 -40.69 -1.47
C PRO A 68 -11.91 -41.91 -0.94
N ALA A 69 -10.64 -41.70 -0.54
CA ALA A 69 -9.76 -42.73 0.02
C ALA A 69 -9.91 -42.80 1.55
N THR A 70 -9.42 -41.75 2.26
CA THR A 70 -9.34 -41.74 3.74
C THR A 70 -10.60 -41.15 4.39
N ASN A 71 -11.48 -40.54 3.56
CA ASN A 71 -12.80 -39.99 3.98
C ASN A 71 -12.63 -38.81 4.97
N THR A 72 -11.53 -38.05 4.77
CA THR A 72 -11.18 -36.87 5.58
C THR A 72 -11.32 -35.60 4.73
N ALA A 73 -11.45 -34.43 5.35
CA ALA A 73 -11.45 -33.15 4.63
C ALA A 73 -10.00 -32.66 4.45
N LYS A 74 -9.80 -31.79 3.46
CA LYS A 74 -8.47 -31.36 3.00
C LYS A 74 -8.63 -29.99 2.33
N LYS A 75 -8.30 -28.94 3.05
CA LYS A 75 -8.49 -27.57 2.58
C LYS A 75 -7.14 -27.09 2.01
N VAL A 76 -7.09 -27.10 0.67
CA VAL A 76 -5.89 -26.88 -0.16
C VAL A 76 -6.18 -25.78 -1.18
N LYS A 77 -5.14 -25.06 -1.57
CA LYS A 77 -5.25 -23.91 -2.49
C LYS A 77 -5.62 -24.39 -3.91
N ILE A 78 -6.28 -23.52 -4.69
CA ILE A 78 -6.72 -23.86 -6.05
C ILE A 78 -5.61 -23.53 -7.03
N LEU A 79 -5.29 -24.48 -7.90
CA LEU A 79 -4.38 -24.27 -9.03
C LEU A 79 -5.23 -23.78 -10.21
N GLU A 80 -5.98 -24.68 -10.88
CA GLU A 80 -6.64 -24.34 -12.16
C GLU A 80 -7.81 -25.28 -12.51
N ILE A 81 -8.80 -24.76 -13.25
CA ILE A 81 -9.90 -25.59 -13.79
C ILE A 81 -9.50 -26.17 -15.16
N LEU A 82 -9.91 -27.43 -15.40
CA LEU A 82 -9.55 -28.18 -16.62
C LEU A 82 -10.77 -28.21 -17.54
N GLU A 83 -11.89 -28.71 -17.00
CA GLU A 83 -13.20 -28.61 -17.68
C GLU A 83 -13.70 -27.17 -17.51
N THR A 84 -13.48 -26.36 -18.55
CA THR A 84 -13.85 -24.95 -18.58
C THR A 84 -15.39 -24.81 -18.64
N PRO A 85 -16.04 -24.23 -17.58
CA PRO A 85 -17.51 -24.02 -17.56
C PRO A 85 -17.94 -22.84 -18.45
N ALA A 86 -19.27 -22.74 -18.67
CA ALA A 86 -19.90 -21.59 -19.35
C ALA A 86 -19.59 -20.28 -18.58
N ASN A 87 -19.42 -20.42 -17.24
CA ASN A 87 -18.91 -19.35 -16.37
C ASN A 87 -17.38 -19.52 -16.18
N LYS A 88 -16.64 -19.59 -17.31
CA LYS A 88 -15.15 -19.71 -17.32
C LYS A 88 -14.54 -18.56 -16.48
N GLU A 89 -15.03 -17.33 -16.70
CA GLU A 89 -14.40 -16.10 -16.18
C GLU A 89 -14.49 -16.00 -14.65
N LEU A 90 -15.56 -16.60 -14.11
CA LEU A 90 -15.77 -16.73 -12.65
C LEU A 90 -14.83 -17.81 -12.08
N ALA A 91 -14.80 -18.98 -12.74
CA ALA A 91 -13.90 -20.11 -12.37
C ALA A 91 -12.40 -19.74 -12.38
N ARG A 92 -12.02 -18.69 -13.16
CA ARG A 92 -10.63 -18.14 -13.15
C ARG A 92 -10.36 -17.41 -11.83
N ARG A 93 -11.39 -16.69 -11.33
CA ARG A 93 -11.38 -16.06 -9.99
C ARG A 93 -11.45 -17.14 -8.89
N GLY A 94 -11.90 -18.34 -9.29
CA GLY A 94 -12.07 -19.48 -8.39
C GLY A 94 -13.51 -19.70 -7.97
N ILE A 95 -14.44 -18.91 -8.54
CA ILE A 95 -15.88 -19.13 -8.36
C ILE A 95 -16.32 -20.18 -9.40
N ILE A 96 -16.22 -21.46 -8.98
CA ILE A 96 -16.36 -22.61 -9.89
C ILE A 96 -17.77 -23.21 -9.74
N ILE A 97 -18.36 -23.67 -10.84
CA ILE A 97 -19.72 -24.22 -10.84
C ILE A 97 -19.65 -25.74 -10.63
N ARG A 98 -20.60 -26.28 -9.85
CA ARG A 98 -20.62 -27.70 -9.44
C ARG A 98 -20.62 -28.63 -10.67
N GLY A 99 -19.67 -29.58 -10.68
CA GLY A 99 -19.49 -30.54 -11.79
C GLY A 99 -18.23 -30.27 -12.61
N ALA A 100 -17.64 -29.07 -12.43
CA ALA A 100 -16.44 -28.65 -13.20
C ALA A 100 -15.16 -29.16 -12.51
N LYS A 101 -14.20 -29.62 -13.34
CA LYS A 101 -12.96 -30.24 -12.86
C LYS A 101 -11.94 -29.17 -12.48
N ILE A 102 -11.27 -29.40 -11.35
CA ILE A 102 -10.33 -28.46 -10.72
C ILE A 102 -9.07 -29.24 -10.31
N ARG A 103 -7.93 -28.55 -10.23
CA ARG A 103 -6.69 -29.10 -9.68
C ARG A 103 -6.42 -28.36 -8.38
N THR A 104 -6.15 -29.12 -7.32
CA THR A 104 -5.76 -28.59 -6.01
C THR A 104 -4.29 -28.95 -5.78
N GLU A 105 -3.69 -28.42 -4.69
CA GLU A 105 -2.29 -28.77 -4.29
C GLU A 105 -2.14 -30.29 -4.06
N ALA A 106 -3.25 -30.95 -3.71
CA ALA A 106 -3.30 -32.40 -3.46
C ALA A 106 -3.32 -33.21 -4.76
N GLY A 107 -4.41 -33.04 -5.54
CA GLY A 107 -4.63 -33.81 -6.77
C GLY A 107 -5.68 -33.16 -7.66
N LEU A 108 -6.00 -33.82 -8.79
CA LEU A 108 -7.21 -33.51 -9.57
C LEU A 108 -8.43 -33.86 -8.69
N ALA A 109 -9.36 -32.92 -8.59
CA ALA A 109 -10.64 -33.09 -7.90
C ALA A 109 -11.76 -32.51 -8.79
N VAL A 110 -13.01 -32.84 -8.46
CA VAL A 110 -14.22 -32.24 -9.04
C VAL A 110 -15.00 -31.49 -7.94
N VAL A 111 -15.43 -30.26 -8.21
CA VAL A 111 -16.21 -29.47 -7.23
C VAL A 111 -17.63 -30.10 -7.04
N THR A 112 -17.81 -30.73 -5.87
CA THR A 112 -19.02 -31.48 -5.53
C THR A 112 -20.08 -30.62 -4.82
N SER A 113 -19.74 -29.34 -4.60
CA SER A 113 -20.65 -28.34 -4.01
C SER A 113 -20.49 -27.00 -4.74
N ARG A 114 -21.34 -26.04 -4.38
CA ARG A 114 -21.28 -24.67 -4.90
C ARG A 114 -20.20 -23.84 -4.16
N PRO A 115 -19.68 -22.72 -4.79
CA PRO A 115 -18.67 -21.84 -4.16
C PRO A 115 -19.28 -21.03 -2.98
N GLY A 116 -18.72 -21.24 -1.77
CA GLY A 116 -19.19 -20.56 -0.56
C GLY A 116 -18.75 -19.09 -0.49
N GLN A 117 -19.26 -18.37 0.52
CA GLN A 117 -18.99 -16.93 0.72
C GLN A 117 -17.55 -16.68 1.24
N ASP A 118 -16.92 -17.75 1.76
CA ASP A 118 -15.50 -17.74 2.17
C ASP A 118 -14.56 -17.70 0.95
N GLY A 119 -15.10 -18.11 -0.22
CA GLY A 119 -14.29 -18.34 -1.42
C GLY A 119 -13.74 -19.76 -1.45
N VAL A 120 -14.35 -20.66 -0.66
CA VAL A 120 -13.94 -22.07 -0.54
C VAL A 120 -15.03 -22.97 -1.15
N ILE A 121 -14.62 -23.93 -2.02
CA ILE A 121 -15.54 -24.80 -2.77
C ILE A 121 -15.24 -26.28 -2.41
N ASN A 122 -16.25 -27.03 -1.92
CA ASN A 122 -16.08 -28.46 -1.55
C ASN A 122 -15.86 -29.31 -2.82
N ALA A 123 -14.85 -30.19 -2.78
CA ALA A 123 -14.47 -31.05 -3.93
C ALA A 123 -14.30 -32.53 -3.49
N VAL A 124 -14.21 -33.46 -4.46
CA VAL A 124 -13.78 -34.87 -4.23
C VAL A 124 -12.63 -35.21 -5.20
N LEU A 125 -11.53 -35.82 -4.69
CA LEU A 125 -10.38 -36.21 -5.52
C LEU A 125 -10.81 -37.24 -6.57
N LEU A 126 -10.53 -36.92 -7.84
CA LEU A 126 -10.70 -37.83 -8.99
C LEU A 126 -9.48 -38.77 -9.13
N LYS A 127 -8.63 -38.80 -8.09
CA LYS A 127 -7.53 -39.75 -7.97
C LYS A 127 -8.09 -41.19 -7.79
N ASN A 128 -8.37 -41.83 -8.93
CA ASN A 128 -8.86 -43.22 -8.98
C ASN A 128 -8.50 -43.82 -10.35
N GLU A 129 -8.37 -45.13 -10.39
CA GLU A 129 -8.15 -45.87 -11.63
C GLU A 129 -9.46 -45.97 -12.43
N SER A 130 -9.55 -45.17 -13.51
CA SER A 130 -10.71 -45.10 -14.42
C SER A 130 -10.94 -46.46 -15.11
N GLN A 131 -9.84 -47.21 -15.34
CA GLN A 131 -9.88 -48.56 -15.92
C GLN A 131 -9.72 -49.61 -14.79
N ARG A 132 -10.80 -50.38 -14.54
CA ARG A 132 -10.80 -51.48 -13.55
C ARG A 132 -12.05 -52.36 -13.75
N SER A 133 -11.86 -53.49 -14.45
CA SER A 133 -12.90 -54.51 -14.69
C SER A 133 -12.21 -55.88 -14.88
N MET A 1 32.56 -27.02 26.44
CA MET A 1 33.30 -25.76 26.70
C MET A 1 34.40 -25.55 25.65
N GLY A 2 34.79 -24.29 25.44
CA GLY A 2 35.84 -23.92 24.48
C GLY A 2 35.93 -22.41 24.29
N PHE A 3 36.90 -21.95 23.48
CA PHE A 3 37.11 -20.52 23.20
C PHE A 3 36.20 -20.07 22.04
N TYR A 4 35.38 -19.03 22.30
CA TYR A 4 34.44 -18.44 21.32
C TYR A 4 34.20 -16.96 21.65
N GLN A 5 33.34 -16.30 20.85
CA GLN A 5 32.97 -14.89 21.04
C GLN A 5 31.63 -14.60 20.33
N GLY A 6 30.85 -13.65 20.88
CA GLY A 6 29.59 -13.21 20.30
C GLY A 6 29.77 -12.12 19.23
N PRO A 7 28.86 -11.10 19.15
CA PRO A 7 28.97 -10.00 18.15
C PRO A 7 30.23 -9.13 18.37
N ASP A 8 31.28 -9.38 17.57
CA ASP A 8 32.56 -8.64 17.66
C ASP A 8 32.35 -7.15 17.32
N ASN A 9 32.74 -6.27 18.26
CA ASN A 9 32.56 -4.82 18.13
C ASN A 9 33.93 -4.13 18.31
N ARG A 10 34.28 -3.27 17.35
CA ARG A 10 35.58 -2.56 17.31
C ARG A 10 35.33 -1.04 17.29
N LYS A 11 36.12 -0.30 18.09
CA LYS A 11 36.06 1.18 18.15
C LYS A 11 36.59 1.79 16.84
N ILE A 12 36.11 3.00 16.50
CA ILE A 12 36.53 3.75 15.29
C ILE A 12 37.18 5.10 15.69
N THR A 13 37.74 5.80 14.70
CA THR A 13 38.35 7.13 14.89
C THR A 13 37.84 8.09 13.79
N GLY A 14 37.18 9.18 14.21
CA GLY A 14 36.63 10.18 13.28
C GLY A 14 37.11 11.58 13.60
N GLY A 15 38.21 12.00 12.93
CA GLY A 15 38.73 13.37 13.04
C GLY A 15 37.78 14.39 12.42
N LEU A 16 37.90 15.66 12.83
CA LEU A 16 37.00 16.74 12.38
C LEU A 16 37.83 17.97 11.95
N LYS A 17 37.82 18.24 10.64
CA LYS A 17 38.52 19.37 10.02
C LYS A 17 37.73 19.81 8.79
N GLY A 18 37.43 21.12 8.70
CA GLY A 18 36.71 21.69 7.56
C GLY A 18 37.60 21.87 6.34
N LYS A 19 37.12 22.65 5.36
CA LYS A 19 37.87 22.94 4.13
C LYS A 19 37.67 24.42 3.73
N HIS A 20 38.35 24.85 2.66
CA HIS A 20 38.26 26.23 2.14
C HIS A 20 37.86 26.22 0.67
N ARG A 21 37.30 27.33 0.19
CA ARG A 21 36.97 27.55 -1.23
C ARG A 21 38.06 28.41 -1.90
N ASP A 22 37.86 28.78 -3.17
CA ASP A 22 38.81 29.59 -3.95
C ASP A 22 38.08 30.73 -4.66
N LYS A 23 38.86 31.76 -5.07
CA LYS A 23 38.37 32.89 -5.86
C LYS A 23 38.11 32.40 -7.31
N ARG A 24 36.94 31.76 -7.49
CA ARG A 24 36.52 31.17 -8.77
C ARG A 24 36.27 32.27 -9.83
N LYS A 25 36.78 32.04 -11.05
CA LYS A 25 36.68 33.00 -12.17
C LYS A 25 35.37 32.80 -12.94
N TYR A 26 34.50 33.82 -12.88
CA TYR A 26 33.22 33.84 -13.62
C TYR A 26 32.88 35.30 -13.99
N GLU A 27 31.68 35.49 -14.58
CA GLU A 27 31.21 36.82 -15.03
C GLU A 27 30.94 37.73 -13.80
N ILE A 28 31.69 38.85 -13.74
CA ILE A 28 31.67 39.80 -12.61
C ILE A 28 30.28 40.47 -12.46
N GLY A 29 29.61 40.16 -11.35
CA GLY A 29 28.30 40.70 -11.01
C GLY A 29 27.67 39.90 -9.86
N ASN A 30 26.39 39.53 -10.02
CA ASN A 30 25.71 38.64 -9.04
C ASN A 30 25.96 37.16 -9.43
N PRO A 31 26.34 36.27 -8.46
CA PRO A 31 26.52 34.83 -8.74
C PRO A 31 25.14 34.10 -8.85
N PRO A 32 24.81 33.50 -10.04
CA PRO A 32 23.47 32.86 -10.28
C PRO A 32 23.26 31.61 -9.40
N THR A 33 22.49 31.80 -8.32
CA THR A 33 22.22 30.74 -7.33
C THR A 33 20.73 30.32 -7.41
N PHE A 34 20.47 29.29 -8.23
CA PHE A 34 19.12 28.75 -8.45
C PHE A 34 18.75 27.78 -7.30
N THR A 35 17.55 27.95 -6.72
CA THR A 35 17.06 27.08 -5.64
C THR A 35 16.50 25.77 -6.24
N THR A 36 16.91 24.63 -5.67
CA THR A 36 16.47 23.29 -6.14
C THR A 36 15.21 22.83 -5.39
N LEU A 37 15.37 22.45 -4.09
CA LEU A 37 14.26 21.92 -3.27
C LEU A 37 14.56 22.03 -1.76
N SER A 38 13.52 21.73 -0.95
CA SER A 38 13.63 21.49 0.50
C SER A 38 13.05 20.09 0.82
N ALA A 39 12.96 19.25 -0.24
CA ALA A 39 12.38 17.89 -0.17
C ALA A 39 13.24 16.96 0.70
N GLU A 40 14.55 17.28 0.87
CA GLU A 40 15.47 16.52 1.73
C GLU A 40 15.00 16.52 3.21
N ASP A 41 14.40 17.65 3.64
CA ASP A 41 13.80 17.79 4.99
C ASP A 41 12.58 16.88 5.12
N ILE A 42 11.83 16.74 4.03
CA ILE A 42 10.65 15.85 3.95
C ILE A 42 11.12 14.37 3.86
N ARG A 43 12.35 14.16 3.34
CA ARG A 43 12.95 12.82 3.20
C ARG A 43 13.60 12.33 4.51
N ILE A 44 13.92 13.26 5.43
CA ILE A 44 14.34 12.88 6.80
C ILE A 44 13.08 12.59 7.65
N LYS A 45 12.00 13.32 7.30
CA LYS A 45 10.64 13.04 7.81
C LYS A 45 10.14 11.69 7.25
N ASP A 46 10.70 11.29 6.08
CA ASP A 46 10.39 10.02 5.42
C ASP A 46 11.27 8.88 5.99
N ARG A 47 12.49 9.19 6.52
CA ARG A 47 13.36 8.14 7.13
C ARG A 47 12.71 7.62 8.43
N THR A 48 12.10 8.55 9.19
CA THR A 48 11.42 8.23 10.46
C THR A 48 9.99 7.68 10.20
N LEU A 49 9.50 7.78 8.94
CA LEU A 49 8.24 7.15 8.51
C LEU A 49 8.43 5.62 8.39
N GLY A 50 9.36 5.21 7.51
CA GLY A 50 9.67 3.79 7.27
C GLY A 50 8.69 3.12 6.30
N GLY A 51 8.02 3.94 5.46
CA GLY A 51 7.10 3.47 4.44
C GLY A 51 5.80 2.91 5.03
N ASN A 52 5.26 1.88 4.38
CA ASN A 52 4.05 1.17 4.85
C ASN A 52 4.50 -0.12 5.59
N PHE A 53 3.88 -0.37 6.76
CA PHE A 53 4.20 -1.52 7.64
C PHE A 53 3.07 -2.57 7.58
N LYS A 54 3.48 -3.85 7.45
CA LYS A 54 2.61 -5.03 7.58
C LYS A 54 1.47 -5.05 6.54
N VAL A 55 1.63 -5.85 5.48
CA VAL A 55 0.62 -5.99 4.40
C VAL A 55 -0.64 -6.70 4.92
N ARG A 56 -1.83 -6.20 4.54
CA ARG A 56 -3.12 -6.82 4.88
C ARG A 56 -3.53 -7.77 3.74
N LEU A 57 -4.27 -8.85 4.10
CA LEU A 57 -4.73 -9.88 3.15
C LEU A 57 -5.87 -9.30 2.27
N LYS A 58 -5.83 -9.58 0.95
CA LYS A 58 -6.80 -9.03 -0.02
C LYS A 58 -7.97 -10.01 -0.23
N TYR A 59 -7.67 -11.23 -0.74
CA TYR A 59 -8.69 -12.24 -1.10
C TYR A 59 -8.09 -13.66 -1.06
N THR A 60 -8.96 -14.68 -0.88
CA THR A 60 -8.54 -16.11 -0.88
C THR A 60 -9.19 -16.88 -2.05
N THR A 61 -8.41 -17.79 -2.65
CA THR A 61 -8.85 -18.66 -3.76
C THR A 61 -8.52 -20.11 -3.37
N THR A 62 -9.49 -20.78 -2.69
CA THR A 62 -9.27 -22.09 -2.05
C THR A 62 -10.44 -23.05 -2.35
N ALA A 63 -10.11 -24.34 -2.43
CA ALA A 63 -11.07 -25.44 -2.59
C ALA A 63 -11.03 -26.34 -1.35
N ASN A 64 -12.06 -27.17 -1.16
CA ASN A 64 -12.13 -28.08 0.01
C ASN A 64 -12.48 -29.50 -0.45
N VAL A 65 -11.45 -30.30 -0.73
CA VAL A 65 -11.60 -31.69 -1.20
C VAL A 65 -11.86 -32.48 0.08
N LEU A 66 -12.95 -33.24 -0.02
CA LEU A 66 -13.09 -34.54 0.65
C LEU A 66 -12.24 -35.51 -0.19
N ASP A 67 -11.37 -36.28 0.49
CA ASP A 67 -10.55 -37.33 -0.11
C ASP A 67 -11.22 -38.69 0.16
N PRO A 68 -11.86 -39.34 -0.87
CA PRO A 68 -12.55 -40.65 -0.69
C PRO A 68 -11.60 -41.83 -0.30
N ALA A 69 -10.28 -41.62 -0.41
CA ALA A 69 -9.27 -42.65 -0.06
C ALA A 69 -9.17 -42.84 1.47
N THR A 70 -9.05 -41.72 2.20
CA THR A 70 -8.96 -41.73 3.68
C THR A 70 -10.27 -41.23 4.34
N ASN A 71 -11.21 -40.75 3.50
CA ASN A 71 -12.51 -40.15 3.90
C ASN A 71 -12.32 -38.98 4.89
N THR A 72 -11.48 -38.00 4.48
CA THR A 72 -11.17 -36.79 5.28
C THR A 72 -11.20 -35.54 4.38
N ALA A 73 -11.82 -34.44 4.86
CA ALA A 73 -11.89 -33.17 4.11
C ALA A 73 -10.59 -32.37 4.32
N LYS A 74 -10.21 -31.57 3.31
CA LYS A 74 -8.91 -30.97 3.18
C LYS A 74 -9.07 -29.66 2.41
N LYS A 75 -8.72 -28.54 3.02
CA LYS A 75 -8.92 -27.23 2.41
C LYS A 75 -7.56 -26.75 1.86
N VAL A 76 -7.43 -26.83 0.53
CA VAL A 76 -6.18 -26.60 -0.22
C VAL A 76 -6.45 -25.64 -1.38
N LYS A 77 -5.38 -24.96 -1.84
CA LYS A 77 -5.47 -23.86 -2.80
C LYS A 77 -5.97 -24.35 -4.19
N ILE A 78 -6.64 -23.45 -4.93
CA ILE A 78 -7.11 -23.72 -6.30
C ILE A 78 -5.98 -23.41 -7.27
N LEU A 79 -5.65 -24.39 -8.11
CA LEU A 79 -4.70 -24.19 -9.22
C LEU A 79 -5.52 -23.94 -10.49
N GLU A 80 -6.01 -25.00 -11.16
CA GLU A 80 -6.54 -24.84 -12.54
C GLU A 80 -7.73 -25.77 -12.86
N ILE A 81 -8.68 -25.26 -13.66
CA ILE A 81 -9.86 -26.03 -14.10
C ILE A 81 -9.55 -26.71 -15.46
N LEU A 82 -9.84 -28.02 -15.53
CA LEU A 82 -9.66 -28.83 -16.75
C LEU A 82 -10.95 -28.72 -17.58
N GLU A 83 -12.08 -28.92 -16.88
CA GLU A 83 -13.43 -28.69 -17.43
C GLU A 83 -13.73 -27.18 -17.30
N THR A 84 -13.74 -26.47 -18.42
CA THR A 84 -14.05 -25.02 -18.44
C THR A 84 -15.58 -24.81 -18.40
N PRO A 85 -16.15 -24.24 -17.29
CA PRO A 85 -17.60 -24.00 -17.16
C PRO A 85 -18.08 -22.83 -18.04
N ALA A 86 -19.41 -22.74 -18.20
CA ALA A 86 -20.06 -21.65 -18.95
C ALA A 86 -19.79 -20.29 -18.28
N ASN A 87 -19.58 -20.31 -16.94
CA ASN A 87 -19.10 -19.16 -16.16
C ASN A 87 -17.56 -19.25 -15.95
N LYS A 88 -16.83 -19.48 -17.08
CA LYS A 88 -15.34 -19.57 -17.10
C LYS A 88 -14.72 -18.34 -16.41
N GLU A 89 -15.28 -17.14 -16.68
CA GLU A 89 -14.72 -15.85 -16.18
C GLU A 89 -14.71 -15.75 -14.64
N LEU A 90 -15.67 -16.47 -14.02
CA LEU A 90 -15.74 -16.66 -12.57
C LEU A 90 -14.67 -17.70 -12.13
N ALA A 91 -14.66 -18.87 -12.80
CA ALA A 91 -13.70 -19.97 -12.51
C ALA A 91 -12.21 -19.58 -12.62
N ARG A 92 -11.91 -18.50 -13.36
CA ARG A 92 -10.54 -17.93 -13.46
C ARG A 92 -10.15 -17.26 -12.13
N ARG A 93 -11.13 -16.58 -11.50
CA ARG A 93 -11.01 -16.03 -10.12
C ARG A 93 -10.95 -17.18 -9.09
N GLY A 94 -11.39 -18.38 -9.51
CA GLY A 94 -11.50 -19.55 -8.64
C GLY A 94 -12.95 -19.85 -8.26
N ILE A 95 -13.89 -19.01 -8.70
CA ILE A 95 -15.33 -19.18 -8.43
C ILE A 95 -15.92 -20.22 -9.43
N ILE A 96 -15.76 -21.50 -9.08
CA ILE A 96 -16.07 -22.64 -9.97
C ILE A 96 -17.47 -23.20 -9.64
N ILE A 97 -18.20 -23.63 -10.69
CA ILE A 97 -19.55 -24.20 -10.54
C ILE A 97 -19.47 -25.74 -10.50
N ARG A 98 -20.38 -26.37 -9.71
CA ARG A 98 -20.41 -27.83 -9.51
C ARG A 98 -20.51 -28.61 -10.84
N GLY A 99 -19.62 -29.61 -11.00
CA GLY A 99 -19.55 -30.47 -12.21
C GLY A 99 -18.28 -30.25 -13.01
N ALA A 100 -17.48 -29.25 -12.61
CA ALA A 100 -16.24 -28.89 -13.31
C ALA A 100 -15.00 -29.43 -12.56
N LYS A 101 -14.05 -30.02 -13.31
CA LYS A 101 -12.82 -30.58 -12.74
C LYS A 101 -11.83 -29.45 -12.41
N ILE A 102 -11.12 -29.64 -11.31
CA ILE A 102 -10.17 -28.70 -10.74
C ILE A 102 -8.90 -29.47 -10.35
N ARG A 103 -7.78 -28.76 -10.23
CA ARG A 103 -6.53 -29.30 -9.68
C ARG A 103 -6.20 -28.50 -8.43
N THR A 104 -5.89 -29.20 -7.33
CA THR A 104 -5.57 -28.59 -6.04
C THR A 104 -4.15 -29.00 -5.59
N GLU A 105 -3.73 -28.50 -4.41
CA GLU A 105 -2.47 -28.93 -3.75
C GLU A 105 -2.50 -30.44 -3.41
N ALA A 106 -3.71 -30.98 -3.20
CA ALA A 106 -3.93 -32.40 -2.92
C ALA A 106 -3.76 -33.23 -4.20
N GLY A 107 -4.73 -33.12 -5.12
CA GLY A 107 -4.71 -33.88 -6.38
C GLY A 107 -5.68 -33.32 -7.40
N LEU A 108 -6.05 -34.15 -8.40
CA LEU A 108 -7.19 -33.89 -9.29
C LEU A 108 -8.47 -34.08 -8.44
N ALA A 109 -9.38 -33.11 -8.51
CA ALA A 109 -10.72 -33.20 -7.91
C ALA A 109 -11.78 -32.71 -8.90
N VAL A 110 -13.05 -33.03 -8.61
CA VAL A 110 -14.22 -32.43 -9.23
C VAL A 110 -14.96 -31.59 -8.18
N VAL A 111 -15.29 -30.32 -8.47
CA VAL A 111 -16.06 -29.50 -7.52
C VAL A 111 -17.50 -30.05 -7.40
N THR A 112 -17.85 -30.48 -6.17
CA THR A 112 -19.12 -31.17 -5.86
C THR A 112 -20.07 -30.26 -5.06
N SER A 113 -19.77 -28.96 -5.02
CA SER A 113 -20.61 -27.92 -4.43
C SER A 113 -20.33 -26.58 -5.12
N ARG A 114 -21.17 -25.57 -4.81
CA ARG A 114 -20.95 -24.18 -5.27
C ARG A 114 -19.92 -23.47 -4.35
N PRO A 115 -19.39 -22.26 -4.74
CA PRO A 115 -18.56 -21.42 -3.85
C PRO A 115 -19.29 -21.08 -2.52
N GLY A 116 -18.73 -21.54 -1.40
CA GLY A 116 -19.19 -21.17 -0.06
C GLY A 116 -18.81 -19.74 0.32
N GLN A 117 -19.42 -19.21 1.41
CA GLN A 117 -19.16 -17.83 1.89
C GLN A 117 -17.72 -17.66 2.41
N ASP A 118 -17.06 -18.79 2.76
CA ASP A 118 -15.64 -18.79 3.19
C ASP A 118 -14.67 -18.55 2.00
N GLY A 119 -15.25 -18.41 0.78
CA GLY A 119 -14.47 -18.22 -0.46
C GLY A 119 -13.87 -19.52 -0.94
N VAL A 120 -14.54 -20.62 -0.56
CA VAL A 120 -14.02 -21.98 -0.72
C VAL A 120 -15.05 -22.88 -1.42
N ILE A 121 -14.62 -23.51 -2.52
CA ILE A 121 -15.48 -24.35 -3.36
C ILE A 121 -15.19 -25.84 -3.02
N ASN A 122 -16.15 -26.52 -2.38
CA ASN A 122 -16.01 -27.93 -1.98
C ASN A 122 -15.90 -28.86 -3.22
N ALA A 123 -14.94 -29.81 -3.16
CA ALA A 123 -14.65 -30.77 -4.22
C ALA A 123 -14.49 -32.20 -3.66
N VAL A 124 -14.44 -33.21 -4.56
CA VAL A 124 -14.06 -34.60 -4.22
C VAL A 124 -12.89 -35.05 -5.11
N LEU A 125 -11.80 -35.54 -4.48
CA LEU A 125 -10.60 -36.03 -5.20
C LEU A 125 -10.92 -37.28 -6.02
N LEU A 126 -10.49 -37.28 -7.30
CA LEU A 126 -10.59 -38.42 -8.20
C LEU A 126 -9.34 -38.49 -9.12
N LYS A 127 -8.34 -39.28 -8.72
CA LYS A 127 -7.23 -39.65 -9.61
C LYS A 127 -7.75 -40.63 -10.66
N ASN A 128 -8.30 -40.06 -11.73
CA ASN A 128 -8.77 -40.79 -12.92
C ASN A 128 -7.92 -40.34 -14.12
N GLU A 129 -7.93 -41.13 -15.20
CA GLU A 129 -7.24 -40.77 -16.44
C GLU A 129 -8.10 -39.72 -17.19
N SER A 130 -7.90 -38.45 -16.80
CA SER A 130 -8.64 -37.30 -17.36
C SER A 130 -8.16 -36.99 -18.78
N GLN A 131 -9.07 -36.42 -19.60
CA GLN A 131 -8.75 -35.93 -20.94
C GLN A 131 -7.83 -34.71 -20.82
N ARG A 132 -6.63 -34.81 -21.41
CA ARG A 132 -5.64 -33.74 -21.43
C ARG A 132 -4.80 -33.89 -22.72
N SER A 133 -5.24 -33.19 -23.76
CA SER A 133 -4.55 -33.12 -25.06
C SER A 133 -4.72 -31.68 -25.60
N MET A 1 3.53 143.39 -14.74
CA MET A 1 4.63 143.19 -13.78
C MET A 1 4.12 143.37 -12.34
N GLY A 2 4.58 142.50 -11.41
CA GLY A 2 4.27 142.63 -9.97
C GLY A 2 2.91 142.05 -9.58
N PHE A 3 2.25 141.35 -10.52
CA PHE A 3 0.91 140.75 -10.31
C PHE A 3 0.94 139.32 -10.87
N TYR A 4 1.16 138.34 -9.97
CA TYR A 4 1.40 136.92 -10.32
C TYR A 4 0.16 136.22 -10.92
N GLN A 5 -1.03 136.85 -10.76
CA GLN A 5 -2.30 136.46 -11.44
C GLN A 5 -3.00 135.23 -10.79
N GLY A 6 -2.27 134.40 -10.05
CA GLY A 6 -2.81 133.19 -9.42
C GLY A 6 -2.45 133.11 -7.93
N PRO A 7 -3.18 133.85 -7.04
CA PRO A 7 -2.86 133.89 -5.58
C PRO A 7 -3.44 132.69 -4.80
N ASP A 8 -4.30 131.89 -5.45
CA ASP A 8 -5.00 130.74 -4.85
C ASP A 8 -4.54 129.44 -5.50
N ASN A 9 -4.48 128.37 -4.68
CA ASN A 9 -4.15 127.00 -5.11
C ASN A 9 -4.86 126.02 -4.17
N ARG A 10 -5.41 124.93 -4.74
CA ARG A 10 -6.21 123.95 -3.96
C ARG A 10 -5.33 122.76 -3.52
N LYS A 11 -5.48 122.37 -2.24
CA LYS A 11 -4.89 121.16 -1.67
C LYS A 11 -5.86 119.97 -1.89
N ILE A 12 -5.32 118.74 -1.89
CA ILE A 12 -6.12 117.53 -2.13
C ILE A 12 -5.52 116.34 -1.35
N THR A 13 -6.35 115.75 -0.46
CA THR A 13 -5.99 114.55 0.31
C THR A 13 -7.24 113.68 0.48
N GLY A 14 -7.18 112.42 0.00
CA GLY A 14 -8.26 111.46 0.17
C GLY A 14 -8.27 110.84 1.57
N GLY A 15 -9.42 110.23 1.93
CA GLY A 15 -9.55 109.52 3.22
C GLY A 15 -8.96 108.12 3.17
N LEU A 16 -9.53 107.19 3.94
CA LEU A 16 -9.08 105.79 4.01
C LEU A 16 -10.19 104.93 4.62
N LYS A 17 -10.13 103.63 4.33
CA LYS A 17 -11.14 102.65 4.79
C LYS A 17 -10.59 101.25 4.55
N GLY A 18 -10.72 100.38 5.57
CA GLY A 18 -10.31 98.98 5.48
C GLY A 18 -11.36 98.06 6.07
N LYS A 19 -11.75 97.02 5.31
CA LYS A 19 -12.78 96.06 5.72
C LYS A 19 -12.17 94.94 6.59
N HIS A 20 -12.48 94.94 7.89
CA HIS A 20 -12.00 93.91 8.84
C HIS A 20 -13.01 92.74 8.87
N ARG A 21 -12.51 91.51 8.67
CA ARG A 21 -13.31 90.28 8.70
C ARG A 21 -12.55 89.19 9.47
N ASP A 22 -13.29 88.35 10.22
CA ASP A 22 -12.71 87.25 11.01
C ASP A 22 -13.44 85.93 10.69
N LYS A 23 -12.66 84.92 10.27
CA LYS A 23 -13.15 83.57 9.99
C LYS A 23 -12.96 82.67 11.23
N ARG A 24 -13.85 81.69 11.42
CA ARG A 24 -13.72 80.67 12.49
C ARG A 24 -13.11 79.37 11.93
N LYS A 25 -12.67 78.49 12.85
CA LYS A 25 -12.01 77.20 12.49
C LYS A 25 -12.89 76.03 12.97
N TYR A 26 -12.68 74.84 12.38
CA TYR A 26 -13.37 73.59 12.79
C TYR A 26 -12.33 72.52 13.20
N GLU A 27 -12.81 71.39 13.75
CA GLU A 27 -11.96 70.28 14.20
C GLU A 27 -12.39 68.97 13.50
N ILE A 28 -11.38 68.15 13.11
CA ILE A 28 -11.58 66.80 12.56
C ILE A 28 -10.72 65.82 13.40
N GLY A 29 -11.39 65.00 14.23
CA GLY A 29 -10.69 64.07 15.13
C GLY A 29 -11.48 62.79 15.33
N ASN A 30 -12.05 62.27 14.23
CA ASN A 30 -12.84 61.04 14.22
C ASN A 30 -11.90 59.82 14.03
N PRO A 31 -11.98 58.78 14.93
CA PRO A 31 -11.22 57.52 14.74
C PRO A 31 -11.96 56.49 13.83
N PRO A 32 -11.44 56.20 12.59
CA PRO A 32 -12.02 55.16 11.69
C PRO A 32 -12.00 53.76 12.35
N THR A 33 -13.16 53.33 12.84
CA THR A 33 -13.32 52.06 13.58
C THR A 33 -13.44 50.89 12.59
N PHE A 34 -12.27 50.32 12.23
CA PHE A 34 -12.18 49.18 11.31
C PHE A 34 -12.71 47.90 11.99
N THR A 35 -13.41 47.06 11.22
CA THR A 35 -13.84 45.73 11.69
C THR A 35 -12.71 44.72 11.42
N THR A 36 -12.49 43.79 12.36
CA THR A 36 -11.40 42.81 12.29
C THR A 36 -11.70 41.74 11.22
N LEU A 37 -12.33 40.59 11.59
CA LEU A 37 -12.67 39.49 10.65
C LEU A 37 -13.44 38.35 11.37
N SER A 38 -14.19 37.58 10.58
CA SER A 38 -14.84 36.33 11.02
C SER A 38 -14.44 35.17 10.06
N ALA A 39 -13.46 35.45 9.17
CA ALA A 39 -13.03 34.51 8.12
C ALA A 39 -12.37 33.25 8.70
N GLU A 40 -11.43 33.42 9.66
CA GLU A 40 -10.71 32.30 10.30
C GLU A 40 -11.63 31.52 11.27
N ASP A 41 -12.76 32.14 11.67
CA ASP A 41 -13.80 31.44 12.46
C ASP A 41 -14.52 30.42 11.58
N ILE A 42 -14.72 30.79 10.30
CA ILE A 42 -15.26 29.88 9.28
C ILE A 42 -14.20 28.80 8.91
N ARG A 43 -12.91 29.21 8.91
CA ARG A 43 -11.78 28.31 8.61
C ARG A 43 -11.48 27.36 9.79
N ILE A 44 -11.91 27.70 11.01
CA ILE A 44 -11.74 26.80 12.18
C ILE A 44 -12.84 25.71 12.14
N LYS A 45 -14.04 26.10 11.65
CA LYS A 45 -15.14 25.16 11.33
C LYS A 45 -14.72 24.21 10.18
N ASP A 46 -13.86 24.74 9.28
CA ASP A 46 -13.30 24.01 8.13
C ASP A 46 -12.28 22.93 8.58
N ARG A 47 -11.32 23.32 9.43
CA ARG A 47 -10.19 22.43 9.81
C ARG A 47 -10.63 21.27 10.71
N THR A 48 -11.74 21.46 11.45
CA THR A 48 -12.25 20.43 12.40
C THR A 48 -12.92 19.24 11.68
N LEU A 49 -13.03 19.28 10.32
CA LEU A 49 -13.36 18.07 9.52
C LEU A 49 -12.14 17.14 9.43
N GLY A 50 -12.40 15.85 9.18
CA GLY A 50 -11.35 14.82 9.07
C GLY A 50 -11.64 13.82 7.98
N GLY A 51 -11.10 12.59 8.13
CA GLY A 51 -11.30 11.53 7.13
C GLY A 51 -10.70 10.20 7.60
N ASN A 52 -11.46 9.11 7.45
CA ASN A 52 -10.98 7.74 7.77
C ASN A 52 -10.25 7.12 6.58
N PHE A 53 -9.30 6.21 6.88
CA PHE A 53 -8.51 5.48 5.86
C PHE A 53 -9.28 4.23 5.38
N LYS A 54 -8.82 3.67 4.24
CA LYS A 54 -9.47 2.53 3.56
C LYS A 54 -9.17 1.19 4.28
N VAL A 55 -9.96 0.16 3.93
CA VAL A 55 -9.79 -1.21 4.46
C VAL A 55 -9.43 -2.18 3.31
N ARG A 56 -8.40 -3.01 3.52
CA ARG A 56 -7.94 -4.02 2.56
C ARG A 56 -7.87 -5.41 3.23
N LEU A 57 -8.39 -6.44 2.54
CA LEU A 57 -8.36 -7.85 3.00
C LEU A 57 -8.59 -8.81 1.82
N LYS A 58 -7.69 -9.78 1.66
CA LYS A 58 -7.78 -10.83 0.64
C LYS A 58 -8.46 -12.09 1.23
N TYR A 59 -9.75 -12.27 0.94
CA TYR A 59 -10.46 -13.53 1.22
C TYR A 59 -9.97 -14.59 0.20
N THR A 60 -9.07 -15.48 0.64
CA THR A 60 -8.36 -16.41 -0.25
C THR A 60 -9.31 -17.49 -0.79
N THR A 61 -9.42 -17.59 -2.13
CA THR A 61 -10.29 -18.56 -2.80
C THR A 61 -9.60 -19.96 -2.80
N THR A 62 -10.25 -20.91 -2.16
CA THR A 62 -9.68 -22.23 -1.82
C THR A 62 -10.72 -23.31 -2.21
N ALA A 63 -10.29 -24.57 -2.30
CA ALA A 63 -11.19 -25.71 -2.56
C ALA A 63 -11.11 -26.70 -1.40
N ASN A 64 -12.27 -27.16 -0.89
CA ASN A 64 -12.31 -28.08 0.25
C ASN A 64 -12.55 -29.50 -0.29
N VAL A 65 -11.48 -30.26 -0.44
CA VAL A 65 -11.55 -31.65 -0.91
C VAL A 65 -11.93 -32.38 0.38
N LEU A 66 -12.97 -33.22 0.20
CA LEU A 66 -13.10 -34.50 0.89
C LEU A 66 -12.19 -35.45 0.10
N ASP A 67 -11.21 -36.03 0.81
CA ASP A 67 -10.20 -36.93 0.23
C ASP A 67 -10.65 -38.38 0.48
N PRO A 68 -11.25 -39.09 -0.54
CA PRO A 68 -11.80 -40.46 -0.36
C PRO A 68 -10.74 -41.54 -0.03
N ALA A 69 -9.47 -41.28 -0.39
CA ALA A 69 -8.35 -42.21 -0.16
C ALA A 69 -8.07 -42.39 1.34
N THR A 70 -8.11 -41.26 2.07
CA THR A 70 -7.86 -41.21 3.52
C THR A 70 -9.16 -40.96 4.31
N ASN A 71 -10.27 -40.71 3.56
CA ASN A 71 -11.63 -40.43 4.09
C ASN A 71 -11.69 -39.09 4.88
N THR A 72 -10.67 -38.23 4.71
CA THR A 72 -10.52 -36.99 5.51
C THR A 72 -10.57 -35.74 4.61
N ALA A 73 -11.39 -34.74 4.98
CA ALA A 73 -11.54 -33.51 4.19
C ALA A 73 -10.47 -32.47 4.53
N LYS A 74 -9.73 -32.00 3.50
CA LYS A 74 -8.74 -30.93 3.63
C LYS A 74 -9.18 -29.73 2.77
N LYS A 75 -8.75 -28.56 3.15
CA LYS A 75 -8.96 -27.33 2.38
C LYS A 75 -7.61 -26.87 1.82
N VAL A 76 -7.47 -27.00 0.49
CA VAL A 76 -6.22 -26.79 -0.26
C VAL A 76 -6.48 -25.83 -1.42
N LYS A 77 -5.43 -25.07 -1.74
CA LYS A 77 -5.46 -23.95 -2.68
C LYS A 77 -5.79 -24.44 -4.12
N ILE A 78 -6.44 -23.56 -4.90
CA ILE A 78 -6.90 -23.89 -6.26
C ILE A 78 -5.75 -23.66 -7.24
N LEU A 79 -5.38 -24.71 -7.98
CA LEU A 79 -4.38 -24.61 -9.05
C LEU A 79 -5.14 -24.22 -10.33
N GLU A 80 -5.89 -25.15 -10.96
CA GLU A 80 -6.52 -24.85 -12.28
C GLU A 80 -7.71 -25.76 -12.61
N ILE A 81 -8.64 -25.26 -13.45
CA ILE A 81 -9.75 -26.08 -13.96
C ILE A 81 -9.30 -26.84 -15.23
N LEU A 82 -9.72 -28.10 -15.34
CA LEU A 82 -9.43 -28.96 -16.50
C LEU A 82 -10.59 -28.85 -17.49
N GLU A 83 -11.81 -29.07 -16.98
CA GLU A 83 -13.04 -28.79 -17.73
C GLU A 83 -13.39 -27.31 -17.56
N THR A 84 -13.31 -26.53 -18.66
CA THR A 84 -13.64 -25.10 -18.64
C THR A 84 -15.17 -24.89 -18.61
N PRO A 85 -15.72 -24.22 -17.55
CA PRO A 85 -17.16 -23.89 -17.47
C PRO A 85 -17.56 -22.71 -18.39
N ALA A 86 -18.88 -22.56 -18.60
CA ALA A 86 -19.47 -21.44 -19.35
C ALA A 86 -19.24 -20.11 -18.59
N ASN A 87 -19.24 -20.17 -17.24
CA ASN A 87 -18.83 -19.04 -16.39
C ASN A 87 -17.32 -19.16 -16.06
N LYS A 88 -16.49 -19.19 -17.14
CA LYS A 88 -15.01 -19.30 -17.04
C LYS A 88 -14.45 -18.13 -16.22
N GLU A 89 -15.01 -16.92 -16.42
CA GLU A 89 -14.48 -15.68 -15.81
C GLU A 89 -14.56 -15.70 -14.27
N LEU A 90 -15.55 -16.43 -13.75
CA LEU A 90 -15.70 -16.70 -12.31
C LEU A 90 -14.67 -17.76 -11.87
N ALA A 91 -14.57 -18.87 -12.63
CA ALA A 91 -13.55 -19.92 -12.40
C ALA A 91 -12.09 -19.38 -12.48
N ARG A 92 -11.91 -18.20 -13.12
CA ARG A 92 -10.61 -17.47 -13.17
C ARG A 92 -10.34 -16.77 -11.83
N ARG A 93 -11.43 -16.36 -11.14
CA ARG A 93 -11.37 -15.89 -9.75
C ARG A 93 -11.29 -17.09 -8.78
N GLY A 94 -11.48 -18.31 -9.33
CA GLY A 94 -11.51 -19.56 -8.57
C GLY A 94 -12.93 -19.96 -8.15
N ILE A 95 -13.92 -19.11 -8.46
CA ILE A 95 -15.34 -19.33 -8.15
C ILE A 95 -15.95 -20.27 -9.23
N ILE A 96 -15.79 -21.59 -9.02
CA ILE A 96 -16.11 -22.63 -10.02
C ILE A 96 -17.55 -23.16 -9.82
N ILE A 97 -18.19 -23.60 -10.92
CA ILE A 97 -19.57 -24.12 -10.91
C ILE A 97 -19.54 -25.67 -10.84
N ARG A 98 -20.55 -26.26 -10.16
CA ARG A 98 -20.61 -27.69 -9.86
C ARG A 98 -20.61 -28.54 -11.18
N GLY A 99 -19.72 -29.53 -11.23
CA GLY A 99 -19.61 -30.44 -12.38
C GLY A 99 -18.39 -30.17 -13.24
N ALA A 100 -17.59 -29.14 -12.88
CA ALA A 100 -16.35 -28.79 -13.59
C ALA A 100 -15.14 -29.35 -12.84
N LYS A 101 -14.18 -29.95 -13.58
CA LYS A 101 -12.98 -30.56 -12.97
C LYS A 101 -11.99 -29.47 -12.56
N ILE A 102 -11.37 -29.67 -11.41
CA ILE A 102 -10.39 -28.76 -10.80
C ILE A 102 -9.16 -29.58 -10.39
N ARG A 103 -8.01 -28.92 -10.26
CA ARG A 103 -6.81 -29.50 -9.67
C ARG A 103 -6.51 -28.69 -8.41
N THR A 104 -6.31 -29.40 -7.31
CA THR A 104 -6.00 -28.81 -6.00
C THR A 104 -4.57 -29.25 -5.60
N GLU A 105 -4.10 -28.80 -4.43
CA GLU A 105 -2.79 -29.27 -3.89
C GLU A 105 -2.85 -30.75 -3.45
N ALA A 106 -4.09 -31.29 -3.33
CA ALA A 106 -4.34 -32.72 -3.03
C ALA A 106 -4.18 -33.55 -4.31
N GLY A 107 -5.13 -33.37 -5.26
CA GLY A 107 -5.12 -34.09 -6.54
C GLY A 107 -6.06 -33.48 -7.56
N LEU A 108 -6.39 -34.25 -8.61
CA LEU A 108 -7.54 -33.94 -9.51
C LEU A 108 -8.82 -34.22 -8.70
N ALA A 109 -9.72 -33.23 -8.66
CA ALA A 109 -11.02 -33.34 -8.01
C ALA A 109 -12.11 -32.74 -8.93
N VAL A 110 -13.38 -33.00 -8.59
CA VAL A 110 -14.54 -32.30 -9.18
C VAL A 110 -15.16 -31.41 -8.09
N VAL A 111 -15.46 -30.15 -8.43
CA VAL A 111 -16.23 -29.28 -7.52
C VAL A 111 -17.68 -29.83 -7.43
N THR A 112 -18.03 -30.33 -6.24
CA THR A 112 -19.27 -31.08 -6.00
C THR A 112 -20.22 -30.29 -5.06
N SER A 113 -19.90 -29.00 -4.84
CA SER A 113 -20.74 -28.08 -4.05
C SER A 113 -20.74 -26.68 -4.66
N ARG A 114 -21.59 -25.80 -4.11
CA ARG A 114 -21.67 -24.38 -4.50
C ARG A 114 -20.55 -23.56 -3.79
N PRO A 115 -20.01 -22.47 -4.45
CA PRO A 115 -19.06 -21.53 -3.81
C PRO A 115 -19.61 -20.94 -2.48
N GLY A 116 -18.92 -21.26 -1.38
CA GLY A 116 -19.21 -20.68 -0.07
C GLY A 116 -18.81 -19.22 0.02
N GLN A 117 -19.35 -18.50 1.02
CA GLN A 117 -19.13 -17.04 1.19
C GLN A 117 -17.67 -16.74 1.61
N ASP A 118 -17.00 -17.75 2.20
CA ASP A 118 -15.58 -17.68 2.62
C ASP A 118 -14.62 -17.77 1.39
N GLY A 119 -15.20 -18.13 0.23
CA GLY A 119 -14.46 -18.26 -1.03
C GLY A 119 -14.04 -19.68 -1.31
N VAL A 120 -14.70 -20.65 -0.66
CA VAL A 120 -14.31 -22.06 -0.70
C VAL A 120 -15.37 -22.91 -1.42
N ILE A 121 -14.94 -23.61 -2.48
CA ILE A 121 -15.81 -24.50 -3.28
C ILE A 121 -15.39 -25.96 -2.98
N ASN A 122 -16.28 -26.71 -2.30
CA ASN A 122 -16.01 -28.11 -1.87
C ASN A 122 -15.90 -29.05 -3.09
N ALA A 123 -14.91 -29.98 -3.04
CA ALA A 123 -14.56 -30.90 -4.14
C ALA A 123 -14.38 -32.35 -3.63
N VAL A 124 -14.42 -33.33 -4.57
CA VAL A 124 -14.13 -34.77 -4.30
C VAL A 124 -13.07 -35.27 -5.28
N LEU A 125 -12.02 -35.97 -4.78
CA LEU A 125 -10.99 -36.57 -5.66
C LEU A 125 -11.60 -37.71 -6.49
N LEU A 126 -11.64 -37.55 -7.81
CA LEU A 126 -11.99 -38.61 -8.75
C LEU A 126 -10.77 -38.93 -9.65
N LYS A 127 -9.57 -38.63 -9.12
CA LYS A 127 -8.30 -38.90 -9.82
C LYS A 127 -8.05 -40.42 -9.85
N ASN A 128 -8.50 -41.05 -10.96
CA ASN A 128 -8.32 -42.49 -11.18
C ASN A 128 -6.85 -42.79 -11.51
N GLU A 129 -6.04 -42.87 -10.46
CA GLU A 129 -4.58 -43.07 -10.58
C GLU A 129 -4.24 -44.57 -10.66
N SER A 130 -4.44 -45.15 -11.85
CA SER A 130 -4.06 -46.53 -12.15
C SER A 130 -2.53 -46.64 -12.26
N GLN A 131 -1.94 -47.61 -11.53
CA GLN A 131 -0.47 -47.81 -11.48
C GLN A 131 0.01 -48.36 -12.85
N ARG A 132 0.26 -47.44 -13.78
CA ARG A 132 0.68 -47.75 -15.16
C ARG A 132 1.36 -46.48 -15.73
N SER A 133 2.64 -46.31 -15.37
CA SER A 133 3.45 -45.16 -15.77
C SER A 133 4.94 -45.56 -15.62
N MET A 1 10.38 124.54 14.99
CA MET A 1 9.08 123.84 14.88
C MET A 1 9.28 122.31 14.87
N GLY A 2 10.31 121.86 14.14
CA GLY A 2 10.63 120.44 14.03
C GLY A 2 11.79 120.18 13.08
N PHE A 3 11.94 118.92 12.65
CA PHE A 3 12.97 118.51 11.67
C PHE A 3 12.27 117.97 10.41
N TYR A 4 12.74 118.40 9.22
CA TYR A 4 12.16 118.00 7.92
C TYR A 4 13.23 117.30 7.09
N GLN A 5 13.08 115.97 6.95
CA GLN A 5 14.03 115.10 6.26
C GLN A 5 13.33 113.84 5.73
N GLY A 6 13.94 113.19 4.73
CA GLY A 6 13.43 111.96 4.13
C GLY A 6 14.54 110.92 3.99
N PRO A 7 14.30 109.61 4.32
CA PRO A 7 15.34 108.55 4.26
C PRO A 7 15.84 108.32 2.81
N ASP A 8 17.17 108.28 2.64
CA ASP A 8 17.83 108.06 1.33
C ASP A 8 17.66 106.60 0.88
N ASN A 9 17.57 106.38 -0.44
CA ASN A 9 17.43 105.03 -1.02
C ASN A 9 18.81 104.39 -1.24
N ARG A 10 18.89 103.06 -1.03
CA ARG A 10 20.10 102.26 -1.28
C ARG A 10 19.86 101.32 -2.48
N LYS A 11 20.95 100.88 -3.12
CA LYS A 11 20.89 100.09 -4.37
C LYS A 11 20.24 98.71 -4.12
N ILE A 12 19.15 98.43 -4.85
CA ILE A 12 18.38 97.19 -4.71
C ILE A 12 19.06 96.04 -5.48
N THR A 13 19.30 94.92 -4.77
CA THR A 13 19.87 93.69 -5.35
C THR A 13 19.11 92.48 -4.80
N GLY A 14 18.26 91.87 -5.65
CA GLY A 14 17.53 90.65 -5.29
C GLY A 14 18.35 89.38 -5.52
N GLY A 15 17.69 88.23 -5.35
CA GLY A 15 18.35 86.93 -5.53
C GLY A 15 18.56 86.56 -7.01
N LEU A 16 19.59 85.73 -7.27
CA LEU A 16 19.90 85.21 -8.61
C LEU A 16 19.76 83.65 -8.57
N LYS A 17 18.78 83.20 -7.76
CA LYS A 17 18.42 81.77 -7.65
C LYS A 17 17.73 81.31 -8.96
N GLY A 18 18.23 80.21 -9.54
CA GLY A 18 17.66 79.64 -10.76
C GLY A 18 16.49 78.70 -10.45
N LYS A 19 16.81 77.41 -10.32
CA LYS A 19 15.80 76.34 -10.16
C LYS A 19 16.45 75.12 -9.46
N HIS A 20 15.72 73.99 -9.40
CA HIS A 20 16.31 72.71 -8.94
C HIS A 20 17.07 72.08 -10.13
N ARG A 21 18.37 71.77 -9.94
CA ARG A 21 19.25 71.34 -11.05
C ARG A 21 18.99 69.87 -11.43
N ASP A 22 19.40 68.95 -10.54
CA ASP A 22 19.60 67.53 -10.86
C ASP A 22 18.46 66.64 -10.33
N LYS A 23 18.37 65.44 -10.93
CA LYS A 23 17.56 64.31 -10.45
C LYS A 23 18.54 63.16 -10.08
N ARG A 24 17.99 61.97 -9.82
CA ARG A 24 18.79 60.72 -9.82
C ARG A 24 18.64 60.09 -11.23
N LYS A 25 19.66 60.37 -12.08
CA LYS A 25 19.58 60.22 -13.56
C LYS A 25 19.35 58.77 -14.00
N TYR A 26 19.90 57.82 -13.23
CA TYR A 26 19.77 56.39 -13.51
C TYR A 26 19.75 55.58 -12.20
N GLU A 27 18.86 56.01 -11.27
CA GLU A 27 18.61 55.30 -10.01
C GLU A 27 18.03 53.89 -10.29
N ILE A 28 18.70 52.84 -9.77
CA ILE A 28 18.23 51.46 -9.89
C ILE A 28 18.06 50.88 -8.46
N GLY A 29 16.81 50.94 -7.97
CA GLY A 29 16.43 50.37 -6.67
C GLY A 29 15.09 49.67 -6.76
N ASN A 30 14.93 48.88 -7.83
CA ASN A 30 13.68 48.21 -8.19
C ASN A 30 13.53 46.92 -7.36
N PRO A 31 12.35 46.67 -6.70
CA PRO A 31 12.13 45.41 -5.93
C PRO A 31 11.88 44.22 -6.89
N PRO A 32 12.80 43.20 -6.96
CA PRO A 32 12.67 42.06 -7.89
C PRO A 32 11.54 41.10 -7.44
N THR A 33 11.13 40.18 -8.34
CA THR A 33 10.19 39.11 -7.98
C THR A 33 10.88 38.17 -6.98
N PHE A 34 10.61 38.42 -5.68
CA PHE A 34 11.16 37.61 -4.59
C PHE A 34 10.62 36.18 -4.69
N THR A 35 11.53 35.22 -4.91
CA THR A 35 11.18 33.80 -5.05
C THR A 35 10.80 33.22 -3.68
N THR A 36 9.99 32.14 -3.72
CA THR A 36 9.66 31.39 -2.52
C THR A 36 10.94 30.73 -1.96
N LEU A 37 11.15 30.87 -0.65
CA LEU A 37 12.28 30.23 0.05
C LEU A 37 12.11 28.69 0.07
N SER A 38 12.99 27.98 0.78
CA SER A 38 13.13 26.52 0.66
C SER A 38 12.07 25.72 1.48
N ALA A 39 10.94 26.36 1.88
CA ALA A 39 9.89 25.72 2.72
C ALA A 39 9.34 24.43 2.09
N GLU A 40 8.81 24.57 0.87
CA GLU A 40 8.17 23.47 0.13
C GLU A 40 9.21 22.40 -0.30
N ASP A 41 10.47 22.83 -0.49
CA ASP A 41 11.60 21.93 -0.81
C ASP A 41 11.99 21.07 0.42
N ILE A 42 11.90 21.67 1.61
CA ILE A 42 12.14 20.97 2.88
C ILE A 42 10.98 20.01 3.18
N ARG A 43 9.74 20.45 2.88
CA ARG A 43 8.51 19.66 3.13
C ARG A 43 8.38 18.45 2.18
N ILE A 44 9.04 18.50 1.00
CA ILE A 44 9.07 17.34 0.09
C ILE A 44 10.11 16.32 0.58
N LYS A 45 11.26 16.81 1.11
CA LYS A 45 12.25 15.92 1.77
C LYS A 45 11.90 15.67 3.27
N ASP A 46 10.75 16.21 3.71
CA ASP A 46 10.14 15.92 5.04
C ASP A 46 8.98 14.92 4.86
N ARG A 47 8.50 14.85 3.60
CA ARG A 47 7.57 13.80 3.15
C ARG A 47 8.29 12.43 3.15
N THR A 48 9.49 12.40 2.50
CA THR A 48 10.16 11.14 2.11
C THR A 48 10.53 10.24 3.31
N LEU A 49 10.93 10.83 4.46
CA LEU A 49 11.29 10.05 5.67
C LEU A 49 10.02 9.71 6.46
N GLY A 50 10.04 8.58 7.18
CA GLY A 50 8.85 8.06 7.86
C GLY A 50 7.95 7.30 6.89
N GLY A 51 8.24 6.00 6.72
CA GLY A 51 7.51 5.15 5.79
C GLY A 51 6.08 4.85 6.20
N ASN A 52 5.20 4.67 5.21
CA ASN A 52 3.77 4.34 5.42
C ASN A 52 3.61 2.82 5.64
N PHE A 53 2.67 2.45 6.52
CA PHE A 53 2.38 1.04 6.84
C PHE A 53 1.64 0.38 5.66
N LYS A 54 2.09 -0.83 5.26
CA LYS A 54 1.60 -1.53 4.04
C LYS A 54 0.18 -2.11 4.22
N VAL A 55 -0.41 -2.49 3.07
CA VAL A 55 -1.79 -3.02 2.99
C VAL A 55 -1.81 -4.53 3.29
N ARG A 56 -2.81 -4.98 4.08
CA ARG A 56 -3.05 -6.41 4.37
C ARG A 56 -3.90 -7.01 3.24
N LEU A 57 -3.62 -8.28 2.89
CA LEU A 57 -4.39 -9.04 1.90
C LEU A 57 -5.64 -9.68 2.56
N LYS A 58 -6.61 -10.07 1.74
CA LYS A 58 -7.88 -10.66 2.22
C LYS A 58 -7.73 -12.18 2.36
N TYR A 59 -7.60 -12.87 1.21
CA TYR A 59 -7.50 -14.35 1.14
C TYR A 59 -7.21 -14.79 -0.31
N THR A 60 -6.80 -16.05 -0.48
CA THR A 60 -6.68 -16.71 -1.80
C THR A 60 -7.90 -17.63 -2.02
N THR A 61 -8.25 -17.90 -3.28
CA THR A 61 -9.31 -18.86 -3.62
C THR A 61 -8.79 -20.28 -3.32
N THR A 62 -9.60 -21.06 -2.58
CA THR A 62 -9.21 -22.37 -2.04
C THR A 62 -10.29 -23.39 -2.43
N ALA A 63 -9.91 -24.68 -2.49
CA ALA A 63 -10.84 -25.79 -2.75
C ALA A 63 -10.70 -26.83 -1.63
N ASN A 64 -11.84 -27.28 -1.09
CA ASN A 64 -11.86 -28.21 0.05
C ASN A 64 -12.26 -29.59 -0.45
N VAL A 65 -11.26 -30.44 -0.72
CA VAL A 65 -11.50 -31.82 -1.17
C VAL A 65 -11.82 -32.56 0.12
N LEU A 66 -13.02 -33.18 0.09
CA LEU A 66 -13.28 -34.44 0.78
C LEU A 66 -12.45 -35.45 -0.04
N ASP A 67 -11.57 -36.16 0.67
CA ASP A 67 -10.69 -37.19 0.11
C ASP A 67 -11.38 -38.55 0.32
N PRO A 68 -12.01 -39.14 -0.75
CA PRO A 68 -12.77 -40.43 -0.65
C PRO A 68 -11.90 -41.65 -0.22
N ALA A 69 -10.56 -41.51 -0.29
CA ALA A 69 -9.61 -42.56 0.12
C ALA A 69 -9.71 -42.84 1.63
N THR A 70 -9.69 -41.77 2.46
CA THR A 70 -9.78 -41.88 3.93
C THR A 70 -11.09 -41.26 4.46
N ASN A 71 -11.90 -40.69 3.52
CA ASN A 71 -13.18 -40.01 3.81
C ASN A 71 -13.00 -38.87 4.85
N THR A 72 -11.98 -38.03 4.60
CA THR A 72 -11.65 -36.85 5.45
C THR A 72 -11.39 -35.62 4.56
N ALA A 73 -11.78 -34.43 5.03
CA ALA A 73 -11.71 -33.20 4.23
C ALA A 73 -10.32 -32.56 4.33
N LYS A 74 -9.93 -31.83 3.29
CA LYS A 74 -8.60 -31.29 3.11
C LYS A 74 -8.76 -29.96 2.36
N LYS A 75 -8.41 -28.86 2.99
CA LYS A 75 -8.61 -27.53 2.40
C LYS A 75 -7.24 -27.09 1.84
N VAL A 76 -7.15 -27.16 0.50
CA VAL A 76 -5.92 -26.97 -0.28
C VAL A 76 -6.16 -25.89 -1.32
N LYS A 77 -5.09 -25.15 -1.64
CA LYS A 77 -5.15 -23.99 -2.55
C LYS A 77 -5.44 -24.44 -4.00
N ILE A 78 -6.07 -23.54 -4.79
CA ILE A 78 -6.45 -23.84 -6.18
C ILE A 78 -5.26 -23.55 -7.11
N LEU A 79 -4.95 -24.53 -7.95
CA LEU A 79 -4.01 -24.38 -9.08
C LEU A 79 -4.85 -23.87 -10.27
N GLU A 80 -5.66 -24.74 -10.92
CA GLU A 80 -6.38 -24.33 -12.17
C GLU A 80 -7.56 -25.25 -12.51
N ILE A 81 -8.58 -24.69 -13.18
CA ILE A 81 -9.75 -25.46 -13.65
C ILE A 81 -9.44 -26.02 -15.06
N LEU A 82 -9.49 -27.36 -15.18
CA LEU A 82 -9.13 -28.09 -16.41
C LEU A 82 -10.30 -28.08 -17.38
N GLU A 83 -11.41 -28.76 -16.99
CA GLU A 83 -12.65 -28.71 -17.75
C GLU A 83 -13.31 -27.36 -17.47
N THR A 84 -13.19 -26.45 -18.46
CA THR A 84 -13.64 -25.08 -18.34
C THR A 84 -15.17 -25.00 -18.53
N PRO A 85 -15.94 -24.57 -17.48
CA PRO A 85 -17.41 -24.43 -17.57
C PRO A 85 -17.80 -23.28 -18.53
N ALA A 86 -19.07 -23.23 -18.94
CA ALA A 86 -19.63 -22.09 -19.72
C ALA A 86 -19.39 -20.76 -18.98
N ASN A 87 -19.38 -20.85 -17.64
CA ASN A 87 -19.04 -19.75 -16.72
C ASN A 87 -17.55 -19.85 -16.27
N LYS A 88 -16.63 -20.16 -17.22
CA LYS A 88 -15.15 -20.16 -16.96
C LYS A 88 -14.72 -18.77 -16.46
N GLU A 89 -15.40 -17.71 -17.00
CA GLU A 89 -15.17 -16.31 -16.59
C GLU A 89 -15.24 -16.12 -15.07
N LEU A 90 -16.16 -16.88 -14.45
CA LEU A 90 -16.40 -16.88 -13.01
C LEU A 90 -15.41 -17.84 -12.30
N ALA A 91 -15.26 -19.06 -12.83
CA ALA A 91 -14.32 -20.09 -12.31
C ALA A 91 -12.87 -19.59 -12.10
N ARG A 92 -12.44 -18.64 -12.96
CA ARG A 92 -11.09 -18.02 -12.85
C ARG A 92 -11.03 -16.97 -11.74
N ARG A 93 -12.18 -16.33 -11.43
CA ARG A 93 -12.35 -15.49 -10.23
C ARG A 93 -12.33 -16.38 -8.96
N GLY A 94 -12.63 -17.68 -9.16
CA GLY A 94 -12.76 -18.66 -8.08
C GLY A 94 -14.20 -19.10 -7.88
N ILE A 95 -15.14 -18.52 -8.65
CA ILE A 95 -16.57 -18.86 -8.60
C ILE A 95 -16.86 -20.05 -9.55
N ILE A 96 -16.61 -21.28 -9.07
CA ILE A 96 -16.66 -22.51 -9.90
C ILE A 96 -18.02 -23.22 -9.71
N ILE A 97 -18.56 -23.79 -10.80
CA ILE A 97 -19.89 -24.45 -10.81
C ILE A 97 -19.70 -25.98 -10.61
N ARG A 98 -20.59 -26.59 -9.81
CA ARG A 98 -20.57 -28.03 -9.49
C ARG A 98 -20.51 -28.91 -10.78
N GLY A 99 -19.39 -29.65 -10.94
CA GLY A 99 -19.19 -30.55 -12.10
C GLY A 99 -17.99 -30.17 -12.96
N ALA A 100 -17.37 -29.00 -12.67
CA ALA A 100 -16.20 -28.52 -13.41
C ALA A 100 -14.91 -29.03 -12.74
N LYS A 101 -13.98 -29.57 -13.55
CA LYS A 101 -12.75 -30.20 -13.04
C LYS A 101 -11.73 -29.12 -12.69
N ILE A 102 -11.00 -29.37 -11.61
CA ILE A 102 -10.08 -28.43 -10.97
C ILE A 102 -8.86 -29.22 -10.45
N ARG A 103 -7.71 -28.56 -10.34
CA ARG A 103 -6.50 -29.14 -9.73
C ARG A 103 -6.23 -28.40 -8.44
N THR A 104 -6.01 -29.15 -7.37
CA THR A 104 -5.68 -28.64 -6.04
C THR A 104 -4.25 -29.08 -5.70
N GLU A 105 -3.75 -28.69 -4.52
CA GLU A 105 -2.42 -29.14 -4.04
C GLU A 105 -2.44 -30.62 -3.60
N ALA A 106 -3.65 -31.17 -3.40
CA ALA A 106 -3.83 -32.60 -3.06
C ALA A 106 -3.73 -33.45 -4.34
N GLY A 107 -4.71 -33.26 -5.25
CA GLY A 107 -4.74 -33.98 -6.54
C GLY A 107 -5.68 -33.32 -7.53
N LEU A 108 -6.06 -34.07 -8.59
CA LEU A 108 -7.19 -33.70 -9.46
C LEU A 108 -8.49 -33.89 -8.64
N ALA A 109 -9.31 -32.85 -8.60
CA ALA A 109 -10.64 -32.88 -7.97
C ALA A 109 -11.71 -32.32 -8.91
N VAL A 110 -12.97 -32.69 -8.64
CA VAL A 110 -14.16 -32.12 -9.29
C VAL A 110 -15.00 -31.41 -8.21
N VAL A 111 -15.30 -30.11 -8.42
CA VAL A 111 -16.10 -29.34 -7.45
C VAL A 111 -17.53 -29.94 -7.34
N THR A 112 -17.89 -30.36 -6.12
CA THR A 112 -19.17 -31.04 -5.84
C THR A 112 -20.08 -30.20 -4.94
N SER A 113 -19.74 -28.90 -4.81
CA SER A 113 -20.58 -27.89 -4.16
C SER A 113 -20.43 -26.53 -4.88
N ARG A 114 -21.24 -25.54 -4.45
CA ARG A 114 -21.11 -24.14 -4.91
C ARG A 114 -19.93 -23.46 -4.14
N PRO A 115 -19.39 -22.30 -4.64
CA PRO A 115 -18.40 -21.49 -3.88
C PRO A 115 -18.91 -21.06 -2.48
N GLY A 116 -18.19 -21.50 -1.45
CA GLY A 116 -18.52 -21.17 -0.06
C GLY A 116 -18.19 -19.73 0.31
N GLN A 117 -18.77 -19.25 1.42
CA GLN A 117 -18.70 -17.84 1.86
C GLN A 117 -17.32 -17.47 2.43
N ASP A 118 -16.50 -18.48 2.80
CA ASP A 118 -15.09 -18.26 3.19
C ASP A 118 -14.18 -17.99 1.98
N GLY A 119 -14.69 -18.27 0.76
CA GLY A 119 -13.87 -18.24 -0.47
C GLY A 119 -13.22 -19.58 -0.74
N VAL A 120 -13.97 -20.66 -0.45
CA VAL A 120 -13.51 -22.04 -0.61
C VAL A 120 -14.64 -22.90 -1.23
N ILE A 121 -14.31 -23.65 -2.30
CA ILE A 121 -15.29 -24.47 -3.05
C ILE A 121 -15.02 -25.95 -2.74
N ASN A 122 -16.00 -26.64 -2.12
CA ASN A 122 -15.87 -28.08 -1.79
C ASN A 122 -15.81 -28.94 -3.08
N ALA A 123 -14.80 -29.84 -3.11
CA ALA A 123 -14.51 -30.71 -4.26
C ALA A 123 -14.32 -32.18 -3.80
N VAL A 124 -14.28 -33.13 -4.75
CA VAL A 124 -13.93 -34.54 -4.50
C VAL A 124 -12.76 -34.95 -5.39
N LEU A 125 -11.69 -35.50 -4.79
CA LEU A 125 -10.55 -36.06 -5.53
C LEU A 125 -11.01 -37.28 -6.35
N LEU A 126 -10.76 -37.27 -7.68
CA LEU A 126 -11.09 -38.43 -8.57
C LEU A 126 -10.01 -39.53 -8.45
N LYS A 127 -9.12 -39.39 -7.44
CA LYS A 127 -8.19 -40.44 -7.02
C LYS A 127 -8.99 -41.67 -6.52
N ASN A 128 -9.29 -42.58 -7.46
CA ASN A 128 -10.10 -43.78 -7.21
C ASN A 128 -9.21 -44.93 -6.78
N GLU A 129 -9.73 -45.83 -5.92
CA GLU A 129 -9.05 -47.08 -5.58
C GLU A 129 -9.15 -48.06 -6.77
N SER A 130 -8.24 -47.90 -7.73
CA SER A 130 -8.22 -48.67 -8.99
C SER A 130 -7.18 -49.81 -8.92
N GLN A 131 -6.94 -50.33 -7.71
CA GLN A 131 -6.08 -51.50 -7.48
C GLN A 131 -6.71 -52.74 -8.15
N ARG A 132 -8.05 -52.85 -8.04
CA ARG A 132 -8.83 -53.83 -8.79
C ARG A 132 -9.23 -53.25 -10.16
N SER A 133 -8.26 -53.25 -11.09
CA SER A 133 -8.46 -52.77 -12.47
C SER A 133 -9.27 -53.81 -13.29
N MET A 1 75.09 -32.30 -58.55
CA MET A 1 76.42 -32.60 -57.96
C MET A 1 76.44 -32.18 -56.48
N GLY A 2 76.32 -30.87 -56.24
CA GLY A 2 76.29 -30.31 -54.87
C GLY A 2 74.90 -30.33 -54.26
N PHE A 3 74.82 -29.94 -52.98
CA PHE A 3 73.54 -29.86 -52.23
C PHE A 3 73.45 -28.51 -51.50
N TYR A 4 72.21 -28.06 -51.24
CA TYR A 4 71.93 -26.85 -50.45
C TYR A 4 71.83 -27.22 -48.95
N GLN A 5 72.99 -27.16 -48.26
CA GLN A 5 73.11 -27.44 -46.83
C GLN A 5 72.81 -26.14 -46.05
N GLY A 6 71.78 -26.19 -45.20
CA GLY A 6 71.36 -25.04 -44.42
C GLY A 6 69.92 -25.23 -43.94
N PRO A 7 69.59 -24.89 -42.65
CA PRO A 7 68.21 -25.01 -42.10
C PRO A 7 67.14 -24.35 -43.02
N ASP A 8 66.33 -25.20 -43.67
CA ASP A 8 65.37 -24.80 -44.71
C ASP A 8 64.00 -25.45 -44.43
N ASN A 9 63.11 -24.68 -43.78
CA ASN A 9 61.68 -25.04 -43.52
C ASN A 9 61.50 -26.26 -42.59
N ARG A 10 62.60 -26.78 -42.01
CA ARG A 10 62.55 -27.93 -41.09
C ARG A 10 62.18 -27.43 -39.68
N LYS A 11 61.01 -27.86 -39.17
CA LYS A 11 60.45 -27.40 -37.89
C LYS A 11 60.52 -28.51 -36.84
N ILE A 12 60.64 -28.10 -35.57
CA ILE A 12 60.69 -29.01 -34.42
C ILE A 12 59.27 -29.49 -34.04
N THR A 13 59.15 -30.73 -33.54
CA THR A 13 57.88 -31.31 -33.08
C THR A 13 58.08 -31.99 -31.71
N GLY A 14 57.25 -31.59 -30.72
CA GLY A 14 57.34 -32.10 -29.36
C GLY A 14 56.33 -31.44 -28.45
N GLY A 15 56.74 -31.06 -27.23
CA GLY A 15 55.87 -30.40 -26.25
C GLY A 15 55.87 -28.88 -26.38
N LEU A 16 55.52 -28.37 -27.58
CA LEU A 16 55.35 -26.93 -27.84
C LEU A 16 53.99 -26.46 -27.28
N LYS A 17 53.02 -27.38 -27.31
CA LYS A 17 51.71 -27.20 -26.67
C LYS A 17 51.79 -27.78 -25.24
N GLY A 18 51.58 -26.92 -24.22
CA GLY A 18 51.74 -27.32 -22.82
C GLY A 18 50.42 -27.50 -22.08
N LYS A 19 49.48 -28.20 -22.73
CA LYS A 19 48.15 -28.47 -22.15
C LYS A 19 48.23 -29.68 -21.19
N HIS A 20 48.16 -29.39 -19.87
CA HIS A 20 48.25 -30.41 -18.82
C HIS A 20 46.87 -30.62 -18.17
N ARG A 21 46.54 -31.90 -17.95
CA ARG A 21 45.31 -32.34 -17.24
C ARG A 21 45.41 -32.00 -15.73
N ASP A 22 44.27 -31.61 -15.15
CA ASP A 22 44.14 -31.43 -13.69
C ASP A 22 44.27 -32.78 -13.00
N LYS A 23 45.09 -32.85 -11.94
CA LYS A 23 45.41 -34.09 -11.23
C LYS A 23 44.73 -34.11 -9.85
N ARG A 24 44.57 -35.33 -9.29
CA ARG A 24 43.93 -35.54 -7.97
C ARG A 24 44.91 -35.29 -6.81
N LYS A 25 46.18 -34.96 -7.15
CA LYS A 25 47.22 -34.65 -6.18
C LYS A 25 46.87 -33.38 -5.39
N TYR A 26 46.61 -33.54 -4.10
CA TYR A 26 46.33 -32.43 -3.17
C TYR A 26 47.66 -31.80 -2.71
N GLU A 27 48.31 -31.09 -3.64
CA GLU A 27 49.66 -30.53 -3.45
C GLU A 27 49.63 -29.33 -2.49
N ILE A 28 50.03 -29.57 -1.24
CA ILE A 28 49.99 -28.57 -0.17
C ILE A 28 51.25 -27.69 -0.25
N GLY A 29 51.15 -26.61 -1.04
CA GLY A 29 52.21 -25.62 -1.17
C GLY A 29 52.09 -24.51 -0.12
N ASN A 30 50.88 -24.36 0.44
CA ASN A 30 50.58 -23.38 1.50
C ASN A 30 51.12 -23.89 2.86
N PRO A 31 51.91 -23.05 3.60
CA PRO A 31 52.42 -23.41 4.95
C PRO A 31 51.28 -23.37 6.01
N PRO A 32 51.45 -24.04 7.20
CA PRO A 32 50.42 -24.04 8.28
C PRO A 32 50.27 -22.63 8.93
N THR A 33 49.45 -21.80 8.28
CA THR A 33 49.19 -20.41 8.69
C THR A 33 47.92 -20.34 9.57
N PHE A 34 47.84 -19.30 10.41
CA PHE A 34 46.73 -19.10 11.36
C PHE A 34 45.42 -18.80 10.61
N THR A 35 44.65 -19.86 10.37
CA THR A 35 43.34 -19.77 9.73
C THR A 35 42.26 -19.79 10.83
N THR A 36 41.51 -18.69 10.93
CA THR A 36 40.43 -18.54 11.93
C THR A 36 39.05 -18.85 11.31
N LEU A 37 38.01 -18.87 12.17
CA LEU A 37 36.63 -19.22 11.78
C LEU A 37 36.04 -18.09 10.92
N SER A 38 36.14 -18.26 9.60
CA SER A 38 35.62 -17.30 8.61
C SER A 38 34.31 -17.80 7.98
N ALA A 39 33.69 -18.83 8.61
CA ALA A 39 32.36 -19.33 8.22
C ALA A 39 31.25 -18.33 8.60
N GLU A 40 31.56 -17.42 9.56
CA GLU A 40 30.68 -16.29 9.95
C GLU A 40 30.40 -15.36 8.76
N ASP A 41 31.43 -15.22 7.90
CA ASP A 41 31.38 -14.40 6.67
C ASP A 41 30.41 -15.01 5.66
N ILE A 42 30.38 -16.35 5.61
CA ILE A 42 29.41 -17.08 4.78
C ILE A 42 27.99 -16.90 5.36
N ARG A 43 27.90 -16.96 6.71
CA ARG A 43 26.64 -16.82 7.45
C ARG A 43 26.06 -15.39 7.35
N ILE A 44 26.91 -14.38 7.13
CA ILE A 44 26.46 -12.97 7.01
C ILE A 44 25.94 -12.70 5.58
N LYS A 45 26.60 -13.33 4.59
CA LYS A 45 26.13 -13.33 3.20
C LYS A 45 24.91 -14.28 3.05
N ASP A 46 24.70 -15.14 4.06
CA ASP A 46 23.53 -16.02 4.17
C ASP A 46 22.36 -15.29 4.87
N ARG A 47 22.67 -14.38 5.84
CA ARG A 47 21.60 -13.66 6.60
C ARG A 47 20.85 -12.67 5.69
N THR A 48 21.59 -12.06 4.73
CA THR A 48 20.98 -11.11 3.76
C THR A 48 20.21 -11.88 2.66
N LEU A 49 20.62 -13.13 2.39
CA LEU A 49 20.03 -13.96 1.33
C LEU A 49 18.69 -14.55 1.78
N GLY A 50 18.71 -15.26 2.92
CA GLY A 50 17.52 -15.94 3.47
C GLY A 50 16.69 -15.05 4.39
N GLY A 51 17.29 -13.92 4.84
CA GLY A 51 16.59 -12.94 5.68
C GLY A 51 15.59 -12.13 4.87
N ASN A 52 14.41 -12.74 4.66
CA ASN A 52 13.31 -12.16 3.88
C ASN A 52 12.39 -11.32 4.76
N PHE A 53 11.54 -10.51 4.12
CA PHE A 53 10.52 -9.72 4.81
C PHE A 53 9.23 -10.56 4.93
N LYS A 54 8.85 -10.90 6.17
CA LYS A 54 7.64 -11.67 6.47
C LYS A 54 6.42 -10.77 6.22
N VAL A 55 5.71 -11.03 5.12
CA VAL A 55 4.51 -10.27 4.73
C VAL A 55 3.25 -10.94 5.31
N ARG A 56 2.25 -10.11 5.64
CA ARG A 56 0.91 -10.58 6.01
C ARG A 56 0.07 -10.56 4.72
N LEU A 57 -0.13 -11.74 4.13
CA LEU A 57 -0.93 -11.91 2.91
C LEU A 57 -2.40 -12.21 3.24
N LYS A 58 -3.27 -12.11 2.23
CA LYS A 58 -4.68 -12.51 2.33
C LYS A 58 -4.80 -14.05 2.29
N TYR A 59 -5.83 -14.58 2.97
CA TYR A 59 -6.22 -15.99 2.84
C TYR A 59 -6.73 -16.20 1.40
N THR A 60 -5.86 -16.77 0.54
CA THR A 60 -6.15 -17.00 -0.89
C THR A 60 -7.32 -17.98 -1.10
N THR A 61 -7.93 -17.91 -2.29
CA THR A 61 -9.06 -18.75 -2.67
C THR A 61 -8.67 -20.25 -2.60
N THR A 62 -9.50 -21.03 -1.90
CA THR A 62 -9.17 -22.39 -1.50
C THR A 62 -10.28 -23.35 -1.97
N ALA A 63 -9.91 -24.60 -2.23
CA ALA A 63 -10.84 -25.67 -2.57
C ALA A 63 -10.83 -26.69 -1.43
N ASN A 64 -12.02 -27.04 -0.96
CA ASN A 64 -12.18 -27.97 0.17
C ASN A 64 -12.54 -29.33 -0.39
N VAL A 65 -11.55 -30.19 -0.61
CA VAL A 65 -11.84 -31.54 -1.07
C VAL A 65 -12.23 -32.25 0.23
N LEU A 66 -13.23 -33.09 0.04
CA LEU A 66 -13.39 -34.34 0.75
C LEU A 66 -12.58 -35.30 -0.11
N ASP A 67 -11.65 -36.04 0.52
CA ASP A 67 -10.87 -37.07 -0.15
C ASP A 67 -11.50 -38.42 0.22
N PRO A 68 -12.29 -39.06 -0.69
CA PRO A 68 -13.00 -40.34 -0.41
C PRO A 68 -12.03 -41.53 -0.23
N ALA A 69 -10.75 -41.35 -0.64
CA ALA A 69 -9.70 -42.36 -0.46
C ALA A 69 -9.38 -42.54 1.03
N THR A 70 -9.30 -41.41 1.77
CA THR A 70 -9.10 -41.40 3.24
C THR A 70 -10.43 -41.16 3.99
N ASN A 71 -11.50 -40.79 3.22
CA ASN A 71 -12.85 -40.46 3.74
C ASN A 71 -12.83 -39.16 4.62
N THR A 72 -11.78 -38.34 4.46
CA THR A 72 -11.56 -37.13 5.29
C THR A 72 -11.31 -35.90 4.41
N ALA A 73 -11.81 -34.73 4.84
CA ALA A 73 -11.76 -33.49 4.05
C ALA A 73 -10.44 -32.75 4.27
N LYS A 74 -9.85 -32.28 3.18
CA LYS A 74 -8.61 -31.53 3.14
C LYS A 74 -8.88 -30.18 2.44
N LYS A 75 -8.47 -29.07 3.04
CA LYS A 75 -8.66 -27.74 2.43
C LYS A 75 -7.30 -27.26 1.90
N VAL A 76 -7.18 -27.22 0.57
CA VAL A 76 -5.92 -26.96 -0.15
C VAL A 76 -6.12 -25.91 -1.25
N LYS A 77 -5.02 -25.22 -1.62
CA LYS A 77 -5.04 -24.07 -2.52
C LYS A 77 -5.44 -24.50 -3.94
N ILE A 78 -6.05 -23.56 -4.69
CA ILE A 78 -6.51 -23.82 -6.06
C ILE A 78 -5.35 -23.58 -7.04
N LEU A 79 -5.13 -24.54 -7.94
CA LEU A 79 -4.22 -24.37 -9.09
C LEU A 79 -5.08 -23.92 -10.29
N GLU A 80 -5.76 -24.85 -11.01
CA GLU A 80 -6.52 -24.45 -12.22
C GLU A 80 -7.60 -25.47 -12.62
N ILE A 81 -8.56 -24.99 -13.44
CA ILE A 81 -9.68 -25.79 -13.95
C ILE A 81 -9.34 -26.37 -15.34
N LEU A 82 -9.44 -27.71 -15.46
CA LEU A 82 -9.07 -28.46 -16.66
C LEU A 82 -10.24 -28.46 -17.65
N GLU A 83 -11.38 -29.04 -17.21
CA GLU A 83 -12.65 -28.93 -17.91
C GLU A 83 -13.21 -27.52 -17.66
N THR A 84 -13.31 -26.74 -18.74
CA THR A 84 -13.68 -25.32 -18.68
C THR A 84 -15.18 -25.15 -18.31
N PRO A 85 -15.50 -24.54 -17.11
CA PRO A 85 -16.89 -24.19 -16.70
C PRO A 85 -17.63 -23.33 -17.75
N ALA A 86 -18.96 -23.47 -17.79
CA ALA A 86 -19.85 -22.62 -18.62
C ALA A 86 -19.65 -21.14 -18.26
N ASN A 87 -19.52 -20.89 -16.95
CA ASN A 87 -19.17 -19.58 -16.38
C ASN A 87 -17.65 -19.54 -16.06
N LYS A 88 -16.82 -19.77 -17.10
CA LYS A 88 -15.34 -19.70 -16.99
C LYS A 88 -14.91 -18.31 -16.48
N GLU A 89 -15.60 -17.24 -16.91
CA GLU A 89 -15.30 -15.86 -16.50
C GLU A 89 -15.37 -15.66 -14.97
N LEU A 90 -16.12 -16.54 -14.30
CA LEU A 90 -16.22 -16.56 -12.84
C LEU A 90 -15.25 -17.58 -12.21
N ALA A 91 -15.07 -18.74 -12.87
CA ALA A 91 -14.09 -19.79 -12.47
C ALA A 91 -12.65 -19.27 -12.27
N ARG A 92 -12.29 -18.21 -13.03
CA ARG A 92 -10.97 -17.55 -12.93
C ARG A 92 -10.81 -16.83 -11.57
N ARG A 93 -11.95 -16.42 -10.99
CA ARG A 93 -12.03 -15.85 -9.63
C ARG A 93 -12.06 -16.98 -8.58
N GLY A 94 -12.67 -18.11 -8.99
CA GLY A 94 -12.84 -19.28 -8.14
C GLY A 94 -14.26 -19.82 -8.14
N ILE A 95 -15.21 -19.06 -8.75
CA ILE A 95 -16.63 -19.47 -8.81
C ILE A 95 -16.80 -20.51 -9.93
N ILE A 96 -16.51 -21.76 -9.59
CA ILE A 96 -16.52 -22.90 -10.54
C ILE A 96 -17.87 -23.63 -10.42
N ILE A 97 -18.41 -24.10 -11.56
CA ILE A 97 -19.78 -24.67 -11.63
C ILE A 97 -19.73 -26.19 -11.45
N ARG A 98 -20.77 -26.75 -10.77
CA ARG A 98 -20.84 -28.17 -10.37
C ARG A 98 -20.57 -29.14 -11.56
N GLY A 99 -19.55 -30.00 -11.39
CA GLY A 99 -19.19 -31.01 -12.39
C GLY A 99 -17.88 -30.70 -13.11
N ALA A 100 -17.35 -29.47 -12.92
CA ALA A 100 -16.13 -29.01 -13.63
C ALA A 100 -14.87 -29.40 -12.86
N LYS A 101 -13.86 -29.88 -13.60
CA LYS A 101 -12.62 -30.41 -13.01
C LYS A 101 -11.66 -29.26 -12.64
N ILE A 102 -11.09 -29.38 -11.46
CA ILE A 102 -10.15 -28.43 -10.84
C ILE A 102 -8.92 -29.23 -10.36
N ARG A 103 -7.77 -28.57 -10.19
CA ARG A 103 -6.59 -29.18 -9.57
C ARG A 103 -6.28 -28.41 -8.29
N THR A 104 -5.95 -29.16 -7.23
CA THR A 104 -5.58 -28.60 -5.93
C THR A 104 -4.12 -29.00 -5.59
N GLU A 105 -3.64 -28.62 -4.39
CA GLU A 105 -2.32 -29.05 -3.86
C GLU A 105 -2.30 -30.59 -3.63
N ALA A 106 -3.49 -31.18 -3.38
CA ALA A 106 -3.65 -32.62 -3.14
C ALA A 106 -3.60 -33.41 -4.45
N GLY A 107 -4.61 -33.23 -5.30
CA GLY A 107 -4.72 -33.93 -6.58
C GLY A 107 -5.72 -33.26 -7.51
N LEU A 108 -6.14 -34.01 -8.55
CA LEU A 108 -7.30 -33.65 -9.37
C LEU A 108 -8.56 -33.81 -8.51
N ALA A 109 -9.38 -32.76 -8.46
CA ALA A 109 -10.70 -32.77 -7.80
C ALA A 109 -11.77 -32.28 -8.79
N VAL A 110 -13.02 -32.66 -8.54
CA VAL A 110 -14.20 -32.15 -9.25
C VAL A 110 -15.08 -31.35 -8.27
N VAL A 111 -15.40 -30.09 -8.60
CA VAL A 111 -16.24 -29.24 -7.74
C VAL A 111 -17.67 -29.83 -7.64
N THR A 112 -18.08 -30.17 -6.42
CA THR A 112 -19.34 -30.87 -6.15
C THR A 112 -20.27 -30.05 -5.25
N SER A 113 -19.85 -28.81 -4.90
CA SER A 113 -20.64 -27.89 -4.07
C SER A 113 -20.32 -26.44 -4.48
N ARG A 114 -21.10 -25.49 -3.93
CA ARG A 114 -20.99 -24.06 -4.23
C ARG A 114 -19.88 -23.38 -3.40
N PRO A 115 -19.25 -22.28 -3.93
CA PRO A 115 -18.24 -21.50 -3.19
C PRO A 115 -18.82 -20.87 -1.90
N GLY A 116 -18.41 -21.40 -0.73
CA GLY A 116 -18.68 -20.76 0.55
C GLY A 116 -18.12 -19.34 0.61
N GLN A 117 -18.73 -18.47 1.45
CA GLN A 117 -18.42 -17.01 1.51
C GLN A 117 -16.93 -16.73 1.83
N ASP A 118 -16.25 -17.73 2.43
CA ASP A 118 -14.80 -17.68 2.70
C ASP A 118 -13.93 -17.89 1.43
N GLY A 119 -14.59 -17.98 0.25
CA GLY A 119 -13.91 -18.28 -1.01
C GLY A 119 -13.44 -19.73 -1.05
N VAL A 120 -14.27 -20.63 -0.53
CA VAL A 120 -13.94 -22.05 -0.35
C VAL A 120 -14.92 -22.96 -1.11
N ILE A 121 -14.44 -23.58 -2.20
CA ILE A 121 -15.26 -24.39 -3.12
C ILE A 121 -15.06 -25.88 -2.80
N ASN A 122 -16.09 -26.52 -2.23
CA ASN A 122 -15.99 -27.94 -1.83
C ASN A 122 -16.01 -28.85 -3.07
N ALA A 123 -15.03 -29.77 -3.14
CA ALA A 123 -14.77 -30.66 -4.29
C ALA A 123 -14.56 -32.13 -3.82
N VAL A 124 -14.50 -33.09 -4.77
CA VAL A 124 -14.14 -34.49 -4.48
C VAL A 124 -12.87 -34.84 -5.26
N LEU A 125 -11.81 -35.28 -4.54
CA LEU A 125 -10.60 -35.81 -5.19
C LEU A 125 -10.94 -37.10 -5.96
N LEU A 126 -10.52 -37.16 -7.23
CA LEU A 126 -10.64 -38.38 -8.05
C LEU A 126 -9.48 -39.35 -7.75
N LYS A 127 -8.78 -39.11 -6.63
CA LYS A 127 -7.73 -39.97 -6.05
C LYS A 127 -8.36 -41.20 -5.33
N ASN A 128 -9.69 -41.37 -5.46
CA ASN A 128 -10.40 -42.63 -5.08
C ASN A 128 -10.23 -43.71 -6.18
N GLU A 129 -9.83 -43.25 -7.38
CA GLU A 129 -9.50 -44.13 -8.52
C GLU A 129 -8.30 -45.03 -8.15
N SER A 130 -8.36 -46.30 -8.58
CA SER A 130 -7.29 -47.29 -8.37
C SER A 130 -6.01 -46.86 -9.14
N GLN A 131 -5.18 -46.05 -8.46
CA GLN A 131 -3.93 -45.52 -9.01
C GLN A 131 -2.87 -46.62 -9.01
N ARG A 132 -2.61 -47.16 -10.21
CA ARG A 132 -1.56 -48.16 -10.43
C ARG A 132 -0.25 -47.39 -10.68
N SER A 133 0.45 -47.03 -9.59
CA SER A 133 1.74 -46.35 -9.64
C SER A 133 2.85 -47.37 -10.02
N MET A 1 -40.98 85.41 -59.28
CA MET A 1 -40.23 85.64 -58.03
C MET A 1 -40.28 84.38 -57.15
N GLY A 2 -39.09 83.83 -56.83
CA GLY A 2 -38.95 82.62 -56.01
C GLY A 2 -38.03 82.83 -54.82
N PHE A 3 -37.79 84.10 -54.44
CA PHE A 3 -36.97 84.44 -53.27
C PHE A 3 -37.82 84.30 -51.99
N TYR A 4 -37.48 83.31 -51.15
CA TYR A 4 -38.20 82.99 -49.90
C TYR A 4 -37.18 82.63 -48.80
N GLN A 5 -37.43 83.11 -47.58
CA GLN A 5 -36.55 82.89 -46.43
C GLN A 5 -37.30 82.14 -45.30
N GLY A 6 -36.62 81.16 -44.69
CA GLY A 6 -37.11 80.47 -43.49
C GLY A 6 -36.56 81.12 -42.22
N PRO A 7 -36.65 80.44 -41.04
CA PRO A 7 -36.06 80.96 -39.78
C PRO A 7 -34.52 80.75 -39.75
N ASP A 8 -33.83 81.53 -38.89
CA ASP A 8 -32.38 81.42 -38.69
C ASP A 8 -32.05 80.13 -37.89
N ASN A 9 -31.11 79.31 -38.41
CA ASN A 9 -30.75 78.02 -37.79
C ASN A 9 -29.99 78.26 -36.47
N ARG A 10 -30.37 77.57 -35.39
CA ARG A 10 -29.85 77.80 -34.03
C ARG A 10 -29.30 76.49 -33.47
N LYS A 11 -27.97 76.45 -33.20
CA LYS A 11 -27.30 75.26 -32.64
C LYS A 11 -27.60 75.13 -31.12
N ILE A 12 -27.74 73.86 -30.67
CA ILE A 12 -28.04 73.53 -29.27
C ILE A 12 -26.73 73.46 -28.46
N THR A 13 -26.56 74.40 -27.51
CA THR A 13 -25.41 74.41 -26.60
C THR A 13 -25.70 73.46 -25.42
N GLY A 14 -24.86 72.43 -25.27
CA GLY A 14 -25.02 71.42 -24.22
C GLY A 14 -24.36 71.82 -22.90
N GLY A 15 -23.65 70.87 -22.28
CA GLY A 15 -22.93 71.10 -21.03
C GLY A 15 -21.47 70.72 -21.16
N LEU A 16 -20.75 70.75 -20.02
CA LEU A 16 -19.32 70.41 -19.97
C LEU A 16 -18.93 70.24 -18.50
N LYS A 17 -18.12 69.21 -18.23
CA LYS A 17 -17.71 68.85 -16.86
C LYS A 17 -16.28 68.28 -16.92
N GLY A 18 -15.35 68.97 -16.22
CA GLY A 18 -13.98 68.48 -16.07
C GLY A 18 -13.91 67.27 -15.13
N LYS A 19 -12.88 66.42 -15.32
CA LYS A 19 -12.75 65.15 -14.60
C LYS A 19 -12.25 65.36 -13.15
N HIS A 20 -12.37 64.29 -12.33
CA HIS A 20 -11.99 64.32 -10.91
C HIS A 20 -10.45 64.38 -10.73
N ARG A 21 -10.02 65.25 -9.82
CA ARG A 21 -8.59 65.47 -9.49
C ARG A 21 -8.14 64.41 -8.48
N ASP A 22 -7.81 63.21 -9.01
CA ASP A 22 -7.39 62.02 -8.23
C ASP A 22 -8.55 61.45 -7.39
N LYS A 23 -8.73 60.13 -7.47
CA LYS A 23 -9.73 59.39 -6.69
C LYS A 23 -9.11 58.84 -5.40
N ARG A 24 -9.98 58.55 -4.41
CA ARG A 24 -9.56 57.95 -3.12
C ARG A 24 -9.13 56.48 -3.33
N LYS A 25 -8.23 56.01 -2.45
CA LYS A 25 -7.68 54.65 -2.51
C LYS A 25 -8.61 53.71 -1.72
N TYR A 26 -9.19 52.73 -2.41
CA TYR A 26 -10.18 51.80 -1.83
C TYR A 26 -9.52 50.81 -0.85
N GLU A 27 -10.29 50.41 0.18
CA GLU A 27 -9.82 49.49 1.24
C GLU A 27 -9.61 48.07 0.69
N ILE A 28 -8.66 47.34 1.29
CA ILE A 28 -8.32 45.97 0.88
C ILE A 28 -9.44 45.00 1.33
N GLY A 29 -10.45 44.85 0.46
CA GLY A 29 -11.58 43.94 0.70
C GLY A 29 -11.36 42.57 0.10
N ASN A 30 -10.26 42.40 -0.65
CA ASN A 30 -9.84 41.11 -1.20
C ASN A 30 -9.00 40.35 -0.17
N PRO A 31 -9.49 39.18 0.36
CA PRO A 31 -8.78 38.42 1.40
C PRO A 31 -7.65 37.53 0.80
N PRO A 32 -6.36 37.73 1.21
CA PRO A 32 -5.22 36.90 0.74
C PRO A 32 -5.24 35.48 1.36
N THR A 33 -5.16 34.44 0.49
CA THR A 33 -5.14 33.03 0.93
C THR A 33 -3.74 32.63 1.45
N PHE A 34 -3.70 31.62 2.33
CA PHE A 34 -2.43 31.12 2.93
C PHE A 34 -1.57 30.40 1.87
N THR A 35 -0.24 30.48 2.06
CA THR A 35 0.75 29.93 1.11
C THR A 35 0.85 28.39 1.19
N THR A 36 1.34 27.78 0.10
CA THR A 36 1.51 26.33 -0.04
C THR A 36 2.78 25.85 0.70
N LEU A 37 2.68 24.72 1.43
CA LEU A 37 3.80 24.14 2.20
C LEU A 37 3.98 22.63 1.86
N SER A 38 4.96 22.00 2.53
CA SER A 38 5.29 20.57 2.33
C SER A 38 5.33 19.82 3.67
N ALA A 39 4.38 20.20 4.57
CA ALA A 39 4.19 19.53 5.88
C ALA A 39 3.71 18.07 5.68
N GLU A 40 3.11 17.80 4.51
CA GLU A 40 2.65 16.47 4.09
C GLU A 40 3.87 15.51 3.92
N ASP A 41 4.99 16.08 3.44
CA ASP A 41 6.26 15.35 3.28
C ASP A 41 6.89 15.02 4.65
N ILE A 42 6.61 15.87 5.65
CA ILE A 42 7.08 15.65 7.03
C ILE A 42 6.23 14.54 7.71
N ARG A 43 4.92 14.53 7.40
CA ARG A 43 3.97 13.54 7.93
C ARG A 43 4.18 12.15 7.29
N ILE A 44 4.62 12.12 6.03
CA ILE A 44 4.89 10.85 5.32
C ILE A 44 6.25 10.28 5.82
N LYS A 45 7.17 11.21 6.16
CA LYS A 45 8.46 10.88 6.81
C LYS A 45 8.22 10.37 8.24
N ASP A 46 7.10 10.78 8.84
CA ASP A 46 6.66 10.30 10.17
C ASP A 46 5.92 8.94 10.04
N ARG A 47 5.15 8.75 8.93
CA ARG A 47 4.28 7.57 8.75
C ARG A 47 5.11 6.27 8.64
N THR A 48 6.28 6.37 7.97
CA THR A 48 7.17 5.23 7.71
C THR A 48 7.71 4.61 9.02
N LEU A 49 7.66 5.39 10.13
CA LEU A 49 7.94 4.89 11.49
C LEU A 49 6.73 4.07 11.98
N GLY A 50 6.71 2.78 11.60
CA GLY A 50 5.61 1.87 11.91
C GLY A 50 5.58 0.73 10.90
N GLY A 51 6.57 -0.17 11.03
CA GLY A 51 6.84 -1.23 10.04
C GLY A 51 5.68 -2.20 9.80
N ASN A 52 4.90 -2.48 10.84
CA ASN A 52 3.77 -3.43 10.78
C ASN A 52 2.46 -2.75 11.22
N PHE A 53 1.47 -2.78 10.31
CA PHE A 53 0.07 -2.41 10.61
C PHE A 53 -0.80 -3.67 10.62
N LYS A 54 -1.90 -3.66 11.39
CA LYS A 54 -2.83 -4.80 11.47
C LYS A 54 -3.70 -4.91 10.19
N VAL A 55 -3.17 -5.64 9.19
CA VAL A 55 -3.87 -5.88 7.91
C VAL A 55 -4.80 -7.10 8.03
N ARG A 56 -6.08 -6.91 7.67
CA ARG A 56 -7.09 -7.98 7.68
C ARG A 56 -6.97 -8.81 6.39
N LEU A 57 -6.97 -10.14 6.55
CA LEU A 57 -6.91 -11.10 5.42
C LEU A 57 -8.28 -11.18 4.73
N LYS A 58 -8.25 -11.46 3.42
CA LYS A 58 -9.47 -11.61 2.59
C LYS A 58 -9.79 -13.09 2.36
N TYR A 59 -10.97 -13.37 1.77
CA TYR A 59 -11.41 -14.75 1.48
C TYR A 59 -10.49 -15.38 0.43
N THR A 60 -9.52 -16.18 0.90
CA THR A 60 -8.54 -16.86 0.04
C THR A 60 -9.23 -17.90 -0.85
N THR A 61 -8.91 -17.87 -2.15
CA THR A 61 -9.45 -18.81 -3.14
C THR A 61 -8.90 -20.23 -2.87
N THR A 62 -9.69 -21.01 -2.13
CA THR A 62 -9.31 -22.32 -1.60
C THR A 62 -10.44 -23.32 -1.89
N ALA A 63 -10.08 -24.60 -2.02
CA ALA A 63 -11.02 -25.70 -2.26
C ALA A 63 -10.99 -26.68 -1.08
N ASN A 64 -12.17 -27.10 -0.59
CA ASN A 64 -12.26 -28.09 0.50
C ASN A 64 -12.62 -29.44 -0.10
N VAL A 65 -11.59 -30.23 -0.40
CA VAL A 65 -11.77 -31.59 -0.94
C VAL A 65 -12.08 -32.39 0.33
N LEU A 66 -13.00 -33.34 0.07
CA LEU A 66 -13.17 -34.60 0.79
C LEU A 66 -12.42 -35.64 -0.08
N ASP A 67 -11.64 -36.51 0.58
CA ASP A 67 -10.87 -37.59 -0.10
C ASP A 67 -11.75 -38.86 -0.14
N PRO A 68 -12.17 -39.35 -1.36
CA PRO A 68 -12.84 -40.68 -1.51
C PRO A 68 -11.94 -41.87 -1.06
N ALA A 69 -10.61 -41.65 -1.01
CA ALA A 69 -9.63 -42.68 -0.59
C ALA A 69 -9.62 -42.88 0.94
N THR A 70 -9.48 -41.75 1.68
CA THR A 70 -9.27 -41.77 3.15
C THR A 70 -10.54 -41.39 3.92
N ASN A 71 -11.58 -40.90 3.19
CA ASN A 71 -12.90 -40.47 3.76
C ASN A 71 -12.73 -39.27 4.75
N THR A 72 -11.65 -38.49 4.53
CA THR A 72 -11.29 -37.32 5.37
C THR A 72 -11.02 -36.11 4.47
N ALA A 73 -11.49 -34.93 4.88
CA ALA A 73 -11.42 -33.71 4.05
C ALA A 73 -10.10 -32.96 4.23
N LYS A 74 -9.58 -32.36 3.14
CA LYS A 74 -8.47 -31.40 3.19
C LYS A 74 -8.97 -30.05 2.62
N LYS A 75 -8.43 -28.97 3.11
CA LYS A 75 -8.68 -27.63 2.56
C LYS A 75 -7.37 -27.08 2.00
N VAL A 76 -7.28 -27.10 0.66
CA VAL A 76 -6.05 -26.85 -0.12
C VAL A 76 -6.33 -25.80 -1.19
N LYS A 77 -5.28 -25.04 -1.52
CA LYS A 77 -5.36 -23.88 -2.42
C LYS A 77 -5.74 -24.32 -3.86
N ILE A 78 -6.40 -23.41 -4.61
CA ILE A 78 -6.89 -23.70 -5.97
C ILE A 78 -5.79 -23.31 -6.98
N LEU A 79 -5.51 -24.22 -7.92
CA LEU A 79 -4.63 -23.95 -9.07
C LEU A 79 -5.55 -23.64 -10.28
N GLU A 80 -6.02 -24.66 -11.02
CA GLU A 80 -6.62 -24.43 -12.35
C GLU A 80 -7.80 -25.38 -12.65
N ILE A 81 -8.76 -24.90 -13.45
CA ILE A 81 -9.88 -25.72 -13.94
C ILE A 81 -9.44 -26.44 -15.24
N LEU A 82 -9.45 -27.79 -15.20
CA LEU A 82 -9.10 -28.62 -16.38
C LEU A 82 -10.26 -28.58 -17.39
N GLU A 83 -11.41 -29.15 -16.99
CA GLU A 83 -12.66 -29.04 -17.75
C GLU A 83 -13.32 -27.71 -17.35
N THR A 84 -13.26 -26.74 -18.27
CA THR A 84 -13.73 -25.38 -18.03
C THR A 84 -15.28 -25.34 -18.08
N PRO A 85 -15.96 -24.86 -16.98
CA PRO A 85 -17.44 -24.72 -16.94
C PRO A 85 -17.93 -23.57 -17.84
N ALA A 86 -19.26 -23.55 -18.06
CA ALA A 86 -19.96 -22.48 -18.81
C ALA A 86 -19.57 -21.08 -18.30
N ASN A 87 -19.44 -20.97 -16.98
CA ASN A 87 -18.97 -19.75 -16.29
C ASN A 87 -17.42 -19.68 -16.27
N LYS A 88 -16.80 -19.59 -17.48
CA LYS A 88 -15.33 -19.46 -17.63
C LYS A 88 -14.81 -18.25 -16.79
N GLU A 89 -15.47 -17.08 -16.90
CA GLU A 89 -14.96 -15.82 -16.34
C GLU A 89 -14.90 -15.83 -14.80
N LEU A 90 -15.74 -16.70 -14.20
CA LEU A 90 -15.80 -16.88 -12.75
C LEU A 90 -14.80 -17.94 -12.29
N ALA A 91 -14.83 -19.12 -12.96
CA ALA A 91 -13.89 -20.24 -12.70
C ALA A 91 -12.42 -19.84 -12.82
N ARG A 92 -12.15 -18.82 -13.66
CA ARG A 92 -10.79 -18.27 -13.89
C ARG A 92 -10.28 -17.54 -12.62
N ARG A 93 -11.23 -17.02 -11.83
CA ARG A 93 -10.98 -16.39 -10.52
C ARG A 93 -10.88 -17.49 -9.45
N GLY A 94 -11.57 -18.62 -9.70
CA GLY A 94 -11.67 -19.74 -8.76
C GLY A 94 -13.10 -19.96 -8.25
N ILE A 95 -14.05 -19.17 -8.79
CA ILE A 95 -15.48 -19.29 -8.51
C ILE A 95 -16.11 -20.29 -9.51
N ILE A 96 -16.01 -21.58 -9.17
CA ILE A 96 -16.29 -22.70 -10.09
C ILE A 96 -17.70 -23.28 -9.80
N ILE A 97 -18.39 -23.80 -10.84
CA ILE A 97 -19.77 -24.32 -10.69
C ILE A 97 -19.70 -25.85 -10.46
N ARG A 98 -20.62 -26.36 -9.60
CA ARG A 98 -20.69 -27.78 -9.21
C ARG A 98 -20.75 -28.70 -10.45
N GLY A 99 -19.74 -29.58 -10.59
CA GLY A 99 -19.66 -30.56 -11.68
C GLY A 99 -18.46 -30.34 -12.58
N ALA A 100 -17.73 -29.22 -12.37
CA ALA A 100 -16.55 -28.86 -13.18
C ALA A 100 -15.26 -29.29 -12.49
N LYS A 101 -14.25 -29.61 -13.31
CA LYS A 101 -12.99 -30.20 -12.83
C LYS A 101 -12.01 -29.10 -12.41
N ILE A 102 -11.34 -29.34 -11.29
CA ILE A 102 -10.42 -28.40 -10.63
C ILE A 102 -9.12 -29.16 -10.29
N ARG A 103 -8.02 -28.44 -10.16
CA ARG A 103 -6.73 -29.01 -9.74
C ARG A 103 -6.31 -28.29 -8.46
N THR A 104 -6.04 -29.06 -7.41
CA THR A 104 -5.68 -28.52 -6.09
C THR A 104 -4.21 -28.85 -5.79
N GLU A 105 -3.74 -28.45 -4.58
CA GLU A 105 -2.36 -28.71 -4.11
C GLU A 105 -2.01 -30.22 -4.15
N ALA A 106 -2.99 -31.06 -3.76
CA ALA A 106 -2.80 -32.51 -3.64
C ALA A 106 -2.87 -33.19 -5.03
N GLY A 107 -4.09 -33.23 -5.61
CA GLY A 107 -4.33 -33.93 -6.88
C GLY A 107 -5.41 -33.24 -7.70
N LEU A 108 -5.93 -34.02 -8.67
CA LEU A 108 -7.16 -33.66 -9.41
C LEU A 108 -8.36 -33.84 -8.48
N ALA A 109 -9.30 -32.90 -8.55
CA ALA A 109 -10.62 -33.01 -7.91
C ALA A 109 -11.71 -32.47 -8.85
N VAL A 110 -12.97 -32.81 -8.55
CA VAL A 110 -14.17 -32.21 -9.15
C VAL A 110 -14.89 -31.39 -8.07
N VAL A 111 -15.23 -30.12 -8.35
CA VAL A 111 -16.01 -29.31 -7.38
C VAL A 111 -17.44 -29.88 -7.25
N THR A 112 -17.80 -30.25 -6.01
CA THR A 112 -19.06 -30.92 -5.69
C THR A 112 -19.96 -30.04 -4.82
N SER A 113 -19.63 -28.74 -4.75
CA SER A 113 -20.48 -27.70 -4.15
C SER A 113 -20.09 -26.32 -4.74
N ARG A 114 -20.96 -25.32 -4.53
CA ARG A 114 -20.79 -23.96 -5.06
C ARG A 114 -20.00 -23.09 -4.05
N PRO A 115 -19.04 -22.20 -4.51
CA PRO A 115 -18.25 -21.26 -3.66
C PRO A 115 -19.11 -20.54 -2.60
N GLY A 116 -18.84 -20.87 -1.32
CA GLY A 116 -19.47 -20.20 -0.19
C GLY A 116 -19.03 -18.75 -0.05
N GLN A 117 -19.69 -18.00 0.84
CA GLN A 117 -19.34 -16.59 1.14
C GLN A 117 -17.96 -16.54 1.85
N ASP A 118 -17.59 -17.67 2.47
CA ASP A 118 -16.29 -17.90 3.12
C ASP A 118 -15.14 -18.02 2.09
N GLY A 119 -15.48 -18.15 0.78
CA GLY A 119 -14.49 -18.13 -0.30
C GLY A 119 -13.90 -19.49 -0.63
N VAL A 120 -14.39 -20.56 0.02
CA VAL A 120 -13.93 -21.93 -0.19
C VAL A 120 -14.99 -22.73 -1.00
N ILE A 121 -14.49 -23.57 -1.92
CA ILE A 121 -15.31 -24.36 -2.85
C ILE A 121 -15.11 -25.87 -2.53
N ASN A 122 -16.15 -26.56 -1.99
CA ASN A 122 -16.04 -28.00 -1.65
C ASN A 122 -15.89 -28.87 -2.91
N ALA A 123 -14.90 -29.78 -2.90
CA ALA A 123 -14.58 -30.69 -4.01
C ALA A 123 -14.45 -32.16 -3.53
N VAL A 124 -14.38 -33.11 -4.49
CA VAL A 124 -14.03 -34.55 -4.24
C VAL A 124 -12.88 -34.94 -5.18
N LEU A 125 -11.81 -35.60 -4.65
CA LEU A 125 -10.64 -36.01 -5.47
C LEU A 125 -11.06 -37.00 -6.59
N LEU A 126 -10.54 -36.75 -7.82
CA LEU A 126 -10.70 -37.64 -8.97
C LEU A 126 -9.52 -38.63 -9.06
N LYS A 127 -9.15 -39.18 -7.90
CA LYS A 127 -8.04 -40.13 -7.75
C LYS A 127 -8.34 -41.08 -6.57
N ASN A 128 -8.83 -42.28 -6.89
CA ASN A 128 -9.09 -43.36 -5.91
C ASN A 128 -8.43 -44.64 -6.43
N GLU A 129 -8.12 -45.57 -5.50
CA GLU A 129 -7.28 -46.77 -5.78
C GLU A 129 -5.89 -46.33 -6.28
N SER A 130 -5.23 -45.51 -5.46
CA SER A 130 -3.92 -44.92 -5.75
C SER A 130 -2.83 -46.00 -5.61
N GLN A 131 -2.42 -46.55 -6.75
CA GLN A 131 -1.46 -47.67 -6.85
C GLN A 131 -0.03 -47.13 -7.06
N ARG A 132 0.89 -48.00 -7.48
CA ARG A 132 2.29 -47.63 -7.77
C ARG A 132 2.35 -46.82 -9.09
N SER A 133 2.10 -45.50 -8.98
CA SER A 133 2.13 -44.56 -10.10
C SER A 133 3.59 -44.09 -10.35
N MET A 1 23.25 142.01 39.83
CA MET A 1 24.18 140.88 39.54
C MET A 1 23.49 139.85 38.63
N GLY A 2 24.31 139.05 37.91
CA GLY A 2 23.82 138.06 36.94
C GLY A 2 24.25 136.65 37.31
N PHE A 3 24.73 135.88 36.30
CA PHE A 3 25.20 134.48 36.45
C PHE A 3 24.08 133.52 36.90
N TYR A 4 22.81 133.93 36.68
CA TYR A 4 21.62 133.11 36.99
C TYR A 4 21.29 132.21 35.78
N GLN A 5 21.50 130.90 35.94
CA GLN A 5 21.14 129.89 34.92
C GLN A 5 19.64 129.58 35.00
N GLY A 6 19.00 129.38 33.83
CA GLY A 6 17.59 128.98 33.76
C GLY A 6 17.36 127.55 34.27
N PRO A 7 16.17 127.26 34.91
CA PRO A 7 15.86 125.91 35.45
C PRO A 7 15.64 124.87 34.32
N ASP A 8 16.20 123.66 34.54
CA ASP A 8 16.08 122.52 33.59
C ASP A 8 14.64 121.97 33.54
N ASN A 9 14.29 121.34 32.42
CA ASN A 9 12.97 120.71 32.21
C ASN A 9 13.03 119.26 32.74
N ARG A 10 12.04 118.91 33.59
CA ARG A 10 11.91 117.54 34.13
C ARG A 10 10.86 116.80 33.30
N LYS A 11 11.27 115.73 32.61
CA LYS A 11 10.39 114.94 31.72
C LYS A 11 9.80 113.74 32.48
N ILE A 12 8.51 113.47 32.24
CA ILE A 12 7.80 112.30 32.77
C ILE A 12 8.18 111.05 31.94
N THR A 13 8.58 109.97 32.63
CA THR A 13 9.02 108.72 31.98
C THR A 13 8.55 107.48 32.79
N GLY A 14 8.53 106.31 32.14
CA GLY A 14 8.11 105.06 32.78
C GLY A 14 8.56 103.83 32.02
N GLY A 15 8.45 102.66 32.66
CA GLY A 15 8.82 101.38 32.05
C GLY A 15 7.63 100.66 31.41
N LEU A 16 7.74 99.33 31.28
CA LEU A 16 6.71 98.47 30.65
C LEU A 16 7.14 97.01 30.85
N LYS A 17 6.78 96.45 32.01
CA LYS A 17 7.15 95.09 32.40
C LYS A 17 6.28 94.06 31.64
N GLY A 18 6.96 93.17 30.88
CA GLY A 18 6.30 92.08 30.15
C GLY A 18 6.23 90.80 30.99
N LYS A 19 5.00 90.28 31.18
CA LYS A 19 4.75 89.04 31.96
C LYS A 19 4.28 87.91 31.01
N HIS A 20 4.49 86.66 31.44
CA HIS A 20 4.00 85.46 30.73
C HIS A 20 3.36 84.50 31.74
N ARG A 21 2.33 83.79 31.29
CA ARG A 21 1.75 82.67 32.05
C ARG A 21 2.32 81.35 31.52
N ASP A 22 2.56 80.39 32.42
CA ASP A 22 3.11 79.07 32.07
C ASP A 22 1.97 78.09 31.65
N LYS A 23 2.26 76.78 31.58
CA LYS A 23 1.29 75.77 31.09
C LYS A 23 1.44 74.45 31.87
N ARG A 24 0.37 73.64 31.83
CA ARG A 24 0.31 72.31 32.47
C ARG A 24 0.99 71.26 31.57
N LYS A 25 1.83 70.40 32.19
CA LYS A 25 2.51 69.28 31.49
C LYS A 25 1.60 68.05 31.39
N TYR A 26 2.05 67.06 30.60
CA TYR A 26 1.32 65.80 30.39
C TYR A 26 1.35 64.89 31.64
N GLU A 27 0.56 63.81 31.59
CA GLU A 27 0.57 62.72 32.58
C GLU A 27 0.88 61.39 31.87
N ILE A 28 1.28 60.37 32.64
CA ILE A 28 1.69 59.05 32.11
C ILE A 28 0.71 57.96 32.60
N GLY A 29 0.28 57.08 31.68
CA GLY A 29 -0.60 55.94 31.99
C GLY A 29 0.18 54.66 32.29
N ASN A 30 -0.48 53.50 32.14
CA ASN A 30 0.08 52.17 32.47
C ASN A 30 -0.24 51.15 31.35
N PRO A 31 0.73 50.24 31.00
CA PRO A 31 0.53 49.17 29.97
C PRO A 31 -0.25 47.94 30.52
N PRO A 32 -0.80 47.04 29.64
CA PRO A 32 -1.49 45.80 30.08
C PRO A 32 -0.51 44.79 30.69
N THR A 33 -1.00 44.02 31.69
CA THR A 33 -0.15 43.12 32.50
C THR A 33 -0.51 41.63 32.26
N PHE A 34 -1.73 41.22 32.68
CA PHE A 34 -2.14 39.80 32.72
C PHE A 34 -2.42 39.27 31.31
N THR A 35 -1.66 38.24 30.91
CA THR A 35 -1.81 37.53 29.64
C THR A 35 -1.50 36.05 29.86
N THR A 36 -2.56 35.21 29.88
CA THR A 36 -2.45 33.76 30.04
C THR A 36 -2.00 33.08 28.72
N LEU A 37 -1.87 31.75 28.75
CA LEU A 37 -1.54 30.93 27.56
C LEU A 37 -2.46 29.70 27.50
N SER A 38 -2.55 29.09 26.31
CA SER A 38 -3.39 27.89 26.10
C SER A 38 -2.51 26.74 25.58
N ALA A 39 -1.24 26.70 26.02
CA ALA A 39 -0.27 25.67 25.59
C ALA A 39 -0.77 24.25 25.92
N GLU A 40 -1.16 24.04 27.19
CA GLU A 40 -1.74 22.75 27.66
C GLU A 40 -3.01 22.36 26.89
N ASP A 41 -3.80 23.38 26.52
CA ASP A 41 -5.05 23.20 25.75
C ASP A 41 -4.74 22.68 24.33
N ILE A 42 -3.69 23.24 23.72
CA ILE A 42 -3.16 22.81 22.42
C ILE A 42 -2.59 21.37 22.53
N ARG A 43 -1.98 21.05 23.70
CA ARG A 43 -1.34 19.73 23.94
C ARG A 43 -2.41 18.65 24.15
N ILE A 44 -3.61 19.08 24.56
CA ILE A 44 -4.75 18.20 24.81
C ILE A 44 -5.48 17.90 23.50
N LYS A 45 -5.64 18.93 22.66
CA LYS A 45 -6.17 18.76 21.30
C LYS A 45 -5.18 17.91 20.46
N ASP A 46 -3.89 17.96 20.87
CA ASP A 46 -2.81 17.17 20.26
C ASP A 46 -2.81 15.71 20.79
N ARG A 47 -3.01 15.54 22.12
CA ARG A 47 -2.83 14.22 22.80
C ARG A 47 -3.87 13.19 22.33
N THR A 48 -5.10 13.67 22.07
CA THR A 48 -6.26 12.82 21.75
C THR A 48 -6.17 12.12 20.36
N LEU A 49 -5.18 12.50 19.54
CA LEU A 49 -4.88 11.78 18.26
C LEU A 49 -4.22 10.42 18.55
N GLY A 50 -4.28 9.51 17.57
CA GLY A 50 -3.71 8.16 17.68
C GLY A 50 -3.22 7.66 16.34
N GLY A 51 -4.16 7.29 15.46
CA GLY A 51 -3.81 6.78 14.12
C GLY A 51 -4.93 5.92 13.52
N ASN A 52 -4.87 5.71 12.20
CA ASN A 52 -5.84 4.90 11.45
C ASN A 52 -5.48 3.40 11.59
N PHE A 53 -6.51 2.56 11.81
CA PHE A 53 -6.34 1.11 11.97
C PHE A 53 -6.39 0.43 10.59
N LYS A 54 -5.34 -0.34 10.24
CA LYS A 54 -5.26 -1.03 8.93
C LYS A 54 -6.31 -2.17 8.86
N VAL A 55 -6.89 -2.36 7.65
CA VAL A 55 -8.00 -3.32 7.43
C VAL A 55 -7.48 -4.79 7.43
N ARG A 56 -8.44 -5.73 7.46
CA ARG A 56 -8.14 -7.18 7.45
C ARG A 56 -7.80 -7.68 6.04
N LEU A 57 -6.99 -8.75 5.98
CA LEU A 57 -6.63 -9.44 4.72
C LEU A 57 -7.84 -10.19 4.12
N LYS A 58 -7.74 -10.56 2.84
CA LYS A 58 -8.77 -11.34 2.13
C LYS A 58 -8.55 -12.85 2.39
N TYR A 59 -9.55 -13.66 2.01
CA TYR A 59 -9.49 -15.14 2.17
C TYR A 59 -8.86 -15.76 0.91
N THR A 60 -8.00 -16.76 1.09
CA THR A 60 -7.41 -17.53 -0.01
C THR A 60 -8.49 -18.39 -0.70
N THR A 61 -8.61 -18.25 -2.03
CA THR A 61 -9.55 -19.05 -2.83
C THR A 61 -9.13 -20.54 -2.78
N THR A 62 -10.00 -21.36 -2.17
CA THR A 62 -9.72 -22.75 -1.86
C THR A 62 -10.77 -23.65 -2.48
N ALA A 63 -10.36 -24.87 -2.78
CA ALA A 63 -11.25 -25.97 -3.07
C ALA A 63 -11.07 -27.01 -1.96
N ASN A 64 -12.16 -27.38 -1.29
CA ASN A 64 -12.10 -28.27 -0.12
C ASN A 64 -12.34 -29.70 -0.58
N VAL A 65 -11.25 -30.44 -0.80
CA VAL A 65 -11.34 -31.85 -1.20
C VAL A 65 -11.59 -32.58 0.13
N LEU A 66 -12.77 -33.23 0.12
CA LEU A 66 -13.00 -34.50 0.80
C LEU A 66 -12.24 -35.52 -0.06
N ASP A 67 -11.38 -36.33 0.59
CA ASP A 67 -10.66 -37.42 -0.05
C ASP A 67 -11.43 -38.73 0.26
N PRO A 68 -12.06 -39.38 -0.77
CA PRO A 68 -12.81 -40.66 -0.58
C PRO A 68 -11.96 -41.82 0.02
N ALA A 69 -10.63 -41.70 -0.06
CA ALA A 69 -9.70 -42.71 0.47
C ALA A 69 -9.58 -42.63 2.02
N THR A 70 -9.13 -41.47 2.53
CA THR A 70 -8.88 -41.27 3.98
C THR A 70 -10.11 -40.67 4.71
N ASN A 71 -11.14 -40.29 3.92
CA ASN A 71 -12.42 -39.74 4.41
C ASN A 71 -12.23 -38.48 5.29
N THR A 72 -11.39 -37.55 4.79
CA THR A 72 -11.07 -36.29 5.49
C THR A 72 -11.19 -35.11 4.52
N ALA A 73 -11.66 -33.95 5.03
CA ALA A 73 -11.77 -32.70 4.23
C ALA A 73 -10.44 -31.95 4.30
N LYS A 74 -10.07 -31.24 3.22
CA LYS A 74 -8.79 -30.56 3.10
C LYS A 74 -9.01 -29.28 2.29
N LYS A 75 -8.69 -28.11 2.86
CA LYS A 75 -8.78 -26.84 2.14
C LYS A 75 -7.40 -26.55 1.55
N VAL A 76 -7.34 -26.69 0.21
CA VAL A 76 -6.14 -26.52 -0.60
C VAL A 76 -6.41 -25.44 -1.64
N LYS A 77 -5.34 -24.74 -2.03
CA LYS A 77 -5.41 -23.62 -2.99
C LYS A 77 -5.75 -24.16 -4.40
N ILE A 78 -6.36 -23.29 -5.22
CA ILE A 78 -6.84 -23.66 -6.56
C ILE A 78 -5.75 -23.36 -7.59
N LEU A 79 -5.40 -24.38 -8.39
CA LEU A 79 -4.42 -24.27 -9.48
C LEU A 79 -5.21 -24.08 -10.80
N GLU A 80 -5.69 -25.17 -11.41
CA GLU A 80 -6.14 -25.12 -12.83
C GLU A 80 -7.41 -25.96 -13.09
N ILE A 81 -8.37 -25.39 -13.82
CA ILE A 81 -9.59 -26.12 -14.23
C ILE A 81 -9.34 -26.78 -15.60
N LEU A 82 -9.52 -28.10 -15.65
CA LEU A 82 -9.31 -28.92 -16.86
C LEU A 82 -10.56 -28.80 -17.74
N GLU A 83 -11.72 -28.99 -17.10
CA GLU A 83 -13.03 -28.68 -17.69
C GLU A 83 -13.45 -27.30 -17.19
N THR A 84 -13.25 -26.28 -18.05
CA THR A 84 -13.59 -24.89 -17.73
C THR A 84 -15.10 -24.67 -17.93
N PRO A 85 -15.86 -24.32 -16.84
CA PRO A 85 -17.34 -24.13 -16.92
C PRO A 85 -17.74 -22.85 -17.67
N ALA A 86 -19.04 -22.77 -18.02
CA ALA A 86 -19.64 -21.65 -18.78
C ALA A 86 -19.41 -20.28 -18.10
N ASN A 87 -19.33 -20.31 -16.75
CA ASN A 87 -19.03 -19.12 -15.94
C ASN A 87 -17.50 -18.97 -15.79
N LYS A 88 -16.80 -18.83 -16.95
CA LYS A 88 -15.32 -18.74 -17.01
C LYS A 88 -14.82 -17.55 -16.17
N GLU A 89 -15.50 -16.39 -16.28
CA GLU A 89 -15.09 -15.14 -15.61
C GLU A 89 -14.95 -15.30 -14.07
N LEU A 90 -15.77 -16.22 -13.52
CA LEU A 90 -15.70 -16.64 -12.11
C LEU A 90 -14.59 -17.70 -11.92
N ALA A 91 -14.64 -18.79 -12.71
CA ALA A 91 -13.69 -19.95 -12.65
C ALA A 91 -12.20 -19.54 -12.72
N ARG A 92 -11.90 -18.42 -13.40
CA ARG A 92 -10.53 -17.88 -13.51
C ARG A 92 -10.06 -17.31 -12.16
N ARG A 93 -11.01 -16.71 -11.42
CA ARG A 93 -10.79 -16.23 -10.03
C ARG A 93 -10.76 -17.43 -9.05
N GLY A 94 -11.22 -18.60 -9.54
CA GLY A 94 -11.32 -19.82 -8.74
C GLY A 94 -12.72 -20.06 -8.19
N ILE A 95 -13.67 -19.20 -8.56
CA ILE A 95 -15.09 -19.35 -8.19
C ILE A 95 -15.76 -20.31 -9.20
N ILE A 96 -15.80 -21.60 -8.86
CA ILE A 96 -16.14 -22.69 -9.81
C ILE A 96 -17.53 -23.28 -9.47
N ILE A 97 -18.29 -23.67 -10.52
CA ILE A 97 -19.62 -24.28 -10.37
C ILE A 97 -19.50 -25.82 -10.42
N ARG A 98 -20.44 -26.51 -9.74
CA ARG A 98 -20.51 -27.98 -9.64
C ARG A 98 -20.40 -28.68 -11.03
N GLY A 99 -19.64 -29.80 -11.07
CA GLY A 99 -19.46 -30.61 -12.28
C GLY A 99 -18.09 -30.41 -12.93
N ALA A 100 -17.47 -29.25 -12.66
CA ALA A 100 -16.24 -28.82 -13.34
C ALA A 100 -14.98 -29.42 -12.69
N LYS A 101 -14.06 -29.91 -13.53
CA LYS A 101 -12.83 -30.56 -13.09
C LYS A 101 -11.76 -29.52 -12.79
N ILE A 102 -11.11 -29.69 -11.65
CA ILE A 102 -10.11 -28.79 -11.09
C ILE A 102 -8.87 -29.61 -10.66
N ARG A 103 -7.73 -28.95 -10.56
CA ARG A 103 -6.52 -29.50 -9.95
C ARG A 103 -6.17 -28.61 -8.76
N THR A 104 -5.98 -29.23 -7.61
CA THR A 104 -5.60 -28.53 -6.38
C THR A 104 -4.13 -28.82 -6.04
N GLU A 105 -3.66 -28.34 -4.87
CA GLU A 105 -2.33 -28.71 -4.35
C GLU A 105 -2.30 -30.20 -3.94
N ALA A 106 -3.50 -30.78 -3.70
CA ALA A 106 -3.69 -32.17 -3.29
C ALA A 106 -3.66 -33.12 -4.51
N GLY A 107 -4.68 -33.00 -5.37
CA GLY A 107 -4.86 -33.90 -6.51
C GLY A 107 -5.84 -33.35 -7.53
N LEU A 108 -6.09 -34.14 -8.59
CA LEU A 108 -7.23 -33.93 -9.50
C LEU A 108 -8.52 -34.13 -8.67
N ALA A 109 -9.41 -33.14 -8.70
CA ALA A 109 -10.73 -33.22 -8.08
C ALA A 109 -11.80 -32.71 -9.04
N VAL A 110 -13.06 -33.06 -8.74
CA VAL A 110 -14.24 -32.49 -9.38
C VAL A 110 -15.04 -31.71 -8.32
N VAL A 111 -15.33 -30.42 -8.57
CA VAL A 111 -16.09 -29.60 -7.61
C VAL A 111 -17.56 -30.10 -7.53
N THR A 112 -18.00 -30.45 -6.32
CA THR A 112 -19.30 -31.07 -6.06
C THR A 112 -20.23 -30.15 -5.24
N SER A 113 -19.79 -28.89 -5.06
CA SER A 113 -20.55 -27.86 -4.33
C SER A 113 -20.42 -26.51 -5.05
N ARG A 114 -21.33 -25.59 -4.71
CA ARG A 114 -21.23 -24.17 -5.12
C ARG A 114 -20.29 -23.43 -4.14
N PRO A 115 -19.63 -22.29 -4.58
CA PRO A 115 -18.75 -21.48 -3.70
C PRO A 115 -19.47 -20.96 -2.43
N GLY A 116 -19.05 -21.48 -1.26
CA GLY A 116 -19.61 -21.11 0.04
C GLY A 116 -19.23 -19.70 0.49
N GLN A 117 -19.81 -19.27 1.63
CA GLN A 117 -19.64 -17.92 2.21
C GLN A 117 -18.16 -17.65 2.59
N ASP A 118 -17.48 -18.72 3.02
CA ASP A 118 -16.04 -18.67 3.41
C ASP A 118 -15.13 -18.32 2.20
N GLY A 119 -15.60 -18.66 0.99
CA GLY A 119 -14.83 -18.45 -0.25
C GLY A 119 -14.15 -19.74 -0.72
N VAL A 120 -14.80 -20.87 -0.39
CA VAL A 120 -14.28 -22.22 -0.66
C VAL A 120 -15.32 -23.05 -1.44
N ILE A 121 -14.85 -23.81 -2.43
CA ILE A 121 -15.69 -24.65 -3.29
C ILE A 121 -15.35 -26.12 -2.99
N ASN A 122 -16.27 -26.85 -2.34
CA ASN A 122 -16.00 -28.27 -1.95
C ASN A 122 -15.89 -29.16 -3.19
N ALA A 123 -14.84 -30.01 -3.22
CA ALA A 123 -14.51 -30.89 -4.35
C ALA A 123 -14.30 -32.34 -3.84
N VAL A 124 -14.38 -33.32 -4.76
CA VAL A 124 -14.05 -34.73 -4.48
C VAL A 124 -12.83 -35.13 -5.30
N LEU A 125 -11.78 -35.61 -4.62
CA LEU A 125 -10.61 -36.18 -5.29
C LEU A 125 -11.05 -37.45 -6.07
N LEU A 126 -10.87 -37.44 -7.39
CA LEU A 126 -11.28 -38.55 -8.28
C LEU A 126 -10.48 -39.82 -7.96
N LYS A 127 -9.19 -39.64 -7.62
CA LYS A 127 -8.23 -40.71 -7.25
C LYS A 127 -8.11 -41.76 -8.38
N ASN A 128 -9.07 -42.69 -8.43
CA ASN A 128 -9.24 -43.59 -9.57
C ASN A 128 -9.78 -42.79 -10.76
N GLU A 129 -8.87 -42.44 -11.69
CA GLU A 129 -9.25 -41.87 -12.99
C GLU A 129 -8.85 -42.90 -14.07
N SER A 130 -9.84 -43.33 -14.87
CA SER A 130 -9.66 -44.30 -15.96
C SER A 130 -8.65 -43.76 -16.99
N GLN A 131 -7.84 -44.66 -17.59
CA GLN A 131 -6.77 -44.31 -18.55
C GLN A 131 -7.36 -43.50 -19.74
N ARG A 132 -7.14 -42.18 -19.70
CA ARG A 132 -7.71 -41.20 -20.65
C ARG A 132 -6.66 -40.08 -20.92
N SER A 133 -6.66 -39.56 -22.16
CA SER A 133 -5.74 -38.49 -22.60
C SER A 133 -6.49 -37.58 -23.60
N MET A 1 52.49 112.86 -43.62
CA MET A 1 52.86 113.93 -42.68
C MET A 1 51.64 114.28 -41.82
N GLY A 2 51.65 113.81 -40.56
CA GLY A 2 50.56 114.04 -39.61
C GLY A 2 50.95 113.69 -38.18
N PHE A 3 49.96 113.76 -37.28
CA PHE A 3 50.15 113.52 -35.83
C PHE A 3 50.61 112.08 -35.56
N TYR A 4 51.78 111.92 -34.91
CA TYR A 4 52.28 110.61 -34.47
C TYR A 4 51.52 110.16 -33.20
N GLN A 5 50.24 109.81 -33.38
CA GLN A 5 49.33 109.43 -32.29
C GLN A 5 49.37 107.91 -32.12
N GLY A 6 49.94 107.45 -30.99
CA GLY A 6 49.99 106.03 -30.65
C GLY A 6 49.74 105.82 -29.16
N PRO A 7 48.47 105.98 -28.66
CA PRO A 7 48.14 105.79 -27.24
C PRO A 7 48.03 104.30 -26.88
N ASP A 8 47.94 104.02 -25.57
CA ASP A 8 47.82 102.66 -25.04
C ASP A 8 46.38 102.14 -25.22
N ASN A 9 46.13 101.47 -26.36
CA ASN A 9 44.88 100.74 -26.63
C ASN A 9 44.85 99.49 -25.75
N ARG A 10 44.46 99.70 -24.49
CA ARG A 10 44.58 98.69 -23.43
C ARG A 10 43.45 97.67 -23.51
N LYS A 11 43.74 96.42 -23.08
CA LYS A 11 42.75 95.32 -23.02
C LYS A 11 41.79 95.54 -21.82
N ILE A 12 40.65 94.82 -21.84
CA ILE A 12 39.69 94.83 -20.71
C ILE A 12 40.22 93.96 -19.55
N THR A 13 39.87 94.31 -18.30
CA THR A 13 40.30 93.54 -17.11
C THR A 13 39.09 92.85 -16.46
N GLY A 14 39.13 91.51 -16.41
CA GLY A 14 38.07 90.69 -15.83
C GLY A 14 38.63 89.43 -15.19
N GLY A 15 38.07 89.05 -14.04
CA GLY A 15 38.53 87.89 -13.30
C GLY A 15 37.60 87.54 -12.16
N LEU A 16 36.44 86.97 -12.50
CA LEU A 16 35.43 86.49 -11.53
C LEU A 16 35.19 85.01 -11.78
N LYS A 17 35.83 84.16 -10.97
CA LYS A 17 35.72 82.70 -11.07
C LYS A 17 35.85 82.09 -9.66
N GLY A 18 34.85 81.30 -9.27
CA GLY A 18 34.83 80.64 -7.96
C GLY A 18 33.59 79.77 -7.80
N LYS A 19 33.78 78.50 -7.40
CA LYS A 19 32.67 77.54 -7.17
C LYS A 19 32.65 77.08 -5.70
N HIS A 20 31.56 76.40 -5.32
CA HIS A 20 31.35 75.79 -3.99
C HIS A 20 30.69 74.41 -4.18
N ARG A 21 30.87 73.52 -3.20
CA ARG A 21 30.17 72.22 -3.14
C ARG A 21 29.03 72.31 -2.12
N ASP A 22 27.88 71.69 -2.43
CA ASP A 22 26.71 71.67 -1.52
C ASP A 22 26.86 70.53 -0.50
N LYS A 23 27.33 70.87 0.72
CA LYS A 23 27.48 69.90 1.82
C LYS A 23 26.09 69.47 2.33
N ARG A 24 25.88 68.14 2.43
CA ARG A 24 24.56 67.56 2.73
C ARG A 24 24.72 66.27 3.59
N LYS A 25 24.52 66.43 4.90
CA LYS A 25 24.64 65.35 5.89
C LYS A 25 23.25 64.72 6.15
N TYR A 26 23.02 63.54 5.55
CA TYR A 26 21.76 62.77 5.68
C TYR A 26 21.71 62.03 7.03
N GLU A 27 20.49 61.67 7.46
CA GLU A 27 20.23 60.92 8.69
C GLU A 27 19.57 59.56 8.33
N ILE A 28 19.71 58.58 9.24
CA ILE A 28 19.17 57.22 9.06
C ILE A 28 17.82 57.09 9.79
N GLY A 29 16.84 56.43 9.13
CA GLY A 29 15.53 56.17 9.74
C GLY A 29 15.56 54.97 10.69
N ASN A 30 14.49 54.80 11.47
CA ASN A 30 14.36 53.67 12.43
C ASN A 30 14.07 52.35 11.68
N PRO A 31 14.75 51.21 12.03
CA PRO A 31 14.49 49.89 11.40
C PRO A 31 13.05 49.38 11.68
N PRO A 32 12.37 48.70 10.70
CA PRO A 32 11.00 48.15 10.91
C PRO A 32 11.00 46.93 11.85
N THR A 33 9.82 46.59 12.40
CA THR A 33 9.64 45.42 13.27
C THR A 33 9.93 44.12 12.50
N PHE A 34 10.88 43.32 13.04
CA PHE A 34 11.29 42.03 12.44
C PHE A 34 10.15 41.00 12.49
N THR A 35 10.21 40.02 11.58
CA THR A 35 9.22 38.93 11.48
C THR A 35 9.88 37.59 11.84
N THR A 36 9.28 36.85 12.79
CA THR A 36 9.79 35.52 13.18
C THR A 36 9.14 34.40 12.32
N LEU A 37 9.62 33.16 12.49
CA LEU A 37 9.14 31.96 11.78
C LEU A 37 7.64 31.65 12.06
N SER A 38 7.03 30.82 11.19
CA SER A 38 5.64 30.36 11.30
C SER A 38 5.59 28.82 11.43
N ALA A 39 6.65 28.26 12.04
CA ALA A 39 6.85 26.81 12.16
C ALA A 39 5.81 26.13 13.08
N GLU A 40 5.25 26.90 14.03
CA GLU A 40 4.21 26.41 14.96
C GLU A 40 2.92 26.04 14.20
N ASP A 41 2.61 26.85 13.16
CA ASP A 41 1.44 26.63 12.29
C ASP A 41 1.65 25.39 11.39
N ILE A 42 2.92 25.16 11.01
CA ILE A 42 3.31 23.96 10.25
C ILE A 42 3.13 22.68 11.12
N ARG A 43 3.66 22.72 12.35
CA ARG A 43 3.68 21.55 13.25
C ARG A 43 2.29 21.20 13.79
N ILE A 44 1.37 22.19 13.85
CA ILE A 44 -0.01 21.95 14.28
C ILE A 44 -0.82 21.31 13.11
N LYS A 45 -0.48 21.71 11.88
CA LYS A 45 -1.02 21.05 10.66
C LYS A 45 -0.34 19.68 10.44
N ASP A 46 0.79 19.43 11.13
CA ASP A 46 1.49 18.12 11.07
C ASP A 46 0.88 17.14 12.10
N ARG A 47 0.51 17.64 13.31
CA ARG A 47 -0.15 16.79 14.34
C ARG A 47 -1.55 16.37 13.86
N THR A 48 -2.11 17.19 12.95
CA THR A 48 -3.36 16.91 12.24
C THR A 48 -3.34 15.52 11.54
N LEU A 49 -2.15 15.11 11.03
CA LEU A 49 -1.98 13.80 10.37
C LEU A 49 -2.24 12.64 11.36
N GLY A 50 -3.41 12.02 11.23
CA GLY A 50 -3.80 10.83 11.98
C GLY A 50 -4.45 9.82 11.05
N GLY A 51 -5.62 9.27 11.47
CA GLY A 51 -6.43 8.39 10.64
C GLY A 51 -5.68 7.17 10.12
N ASN A 52 -5.41 6.20 11.00
CA ASN A 52 -4.68 4.97 10.65
C ASN A 52 -5.63 3.99 9.94
N PHE A 53 -5.25 3.59 8.72
CA PHE A 53 -6.08 2.73 7.85
C PHE A 53 -6.00 1.26 8.31
N LYS A 54 -7.17 0.61 8.37
CA LYS A 54 -7.28 -0.82 8.69
C LYS A 54 -7.00 -1.66 7.43
N VAL A 55 -5.89 -2.41 7.44
CA VAL A 55 -5.50 -3.27 6.32
C VAL A 55 -6.50 -4.44 6.18
N ARG A 56 -7.38 -4.32 5.17
CA ARG A 56 -8.44 -5.31 4.90
C ARG A 56 -8.07 -6.16 3.68
N LEU A 57 -8.61 -7.39 3.62
CA LEU A 57 -8.37 -8.35 2.51
C LEU A 57 -9.70 -9.00 2.07
N LYS A 58 -9.65 -9.83 1.02
CA LYS A 58 -10.82 -10.54 0.47
C LYS A 58 -10.59 -12.06 0.54
N TYR A 59 -11.67 -12.85 0.37
CA TYR A 59 -11.64 -14.33 0.45
C TYR A 59 -10.55 -14.94 -0.46
N THR A 60 -9.72 -15.82 0.11
CA THR A 60 -8.64 -16.49 -0.65
C THR A 60 -9.21 -17.70 -1.42
N THR A 61 -8.69 -17.88 -2.65
CA THR A 61 -9.14 -18.91 -3.59
C THR A 61 -8.66 -20.32 -3.12
N THR A 62 -9.61 -21.09 -2.54
CA THR A 62 -9.34 -22.39 -1.89
C THR A 62 -10.44 -23.41 -2.26
N ALA A 63 -10.06 -24.69 -2.38
CA ALA A 63 -11.01 -25.79 -2.59
C ALA A 63 -10.98 -26.74 -1.38
N ASN A 64 -12.17 -27.18 -0.90
CA ASN A 64 -12.27 -28.07 0.26
C ASN A 64 -12.57 -29.48 -0.22
N VAL A 65 -11.53 -30.22 -0.54
CA VAL A 65 -11.65 -31.57 -1.11
C VAL A 65 -11.88 -32.43 0.13
N LEU A 66 -13.07 -33.06 0.11
CA LEU A 66 -13.31 -34.38 0.72
C LEU A 66 -12.46 -35.35 -0.13
N ASP A 67 -11.56 -36.08 0.54
CA ASP A 67 -10.76 -37.14 -0.08
C ASP A 67 -11.48 -38.47 0.16
N PRO A 68 -12.01 -39.15 -0.91
CA PRO A 68 -12.75 -40.42 -0.76
C PRO A 68 -11.85 -41.64 -0.52
N ALA A 69 -10.52 -41.44 -0.56
CA ALA A 69 -9.53 -42.51 -0.27
C ALA A 69 -9.52 -42.82 1.23
N THR A 70 -9.44 -41.75 2.07
CA THR A 70 -9.45 -41.88 3.55
C THR A 70 -10.79 -41.37 4.15
N ASN A 71 -11.66 -40.81 3.27
CA ASN A 71 -13.00 -40.26 3.64
C ASN A 71 -12.86 -39.13 4.69
N THR A 72 -11.92 -38.19 4.42
CA THR A 72 -11.65 -37.00 5.28
C THR A 72 -11.42 -35.76 4.41
N ALA A 73 -12.00 -34.61 4.82
CA ALA A 73 -11.93 -33.35 4.04
C ALA A 73 -10.65 -32.56 4.35
N LYS A 74 -10.23 -31.73 3.39
CA LYS A 74 -8.98 -30.97 3.42
C LYS A 74 -9.23 -29.60 2.76
N LYS A 75 -8.45 -28.60 3.12
CA LYS A 75 -8.51 -27.27 2.49
C LYS A 75 -7.14 -26.95 1.90
N VAL A 76 -7.11 -27.02 0.55
CA VAL A 76 -5.92 -26.84 -0.29
C VAL A 76 -6.21 -25.75 -1.32
N LYS A 77 -5.14 -25.07 -1.74
CA LYS A 77 -5.21 -23.94 -2.68
C LYS A 77 -5.62 -24.41 -4.09
N ILE A 78 -6.26 -23.52 -4.87
CA ILE A 78 -6.71 -23.81 -6.24
C ILE A 78 -5.59 -23.47 -7.22
N LEU A 79 -5.22 -24.44 -8.06
CA LEU A 79 -4.26 -24.24 -9.16
C LEU A 79 -5.10 -24.01 -10.42
N GLU A 80 -5.61 -25.07 -11.08
CA GLU A 80 -6.17 -24.93 -12.45
C GLU A 80 -7.37 -25.85 -12.72
N ILE A 81 -8.43 -25.29 -13.31
CA ILE A 81 -9.62 -26.06 -13.73
C ILE A 81 -9.41 -26.60 -15.16
N LEU A 82 -9.72 -27.90 -15.35
CA LEU A 82 -9.51 -28.60 -16.63
C LEU A 82 -10.76 -28.46 -17.49
N GLU A 83 -11.85 -29.15 -17.09
CA GLU A 83 -13.15 -29.02 -17.75
C GLU A 83 -13.74 -27.65 -17.40
N THR A 84 -13.85 -26.79 -18.42
CA THR A 84 -14.13 -25.36 -18.27
C THR A 84 -15.56 -25.10 -17.74
N PRO A 85 -15.70 -24.45 -16.54
CA PRO A 85 -17.01 -23.99 -16.01
C PRO A 85 -17.74 -23.05 -16.99
N ALA A 86 -19.09 -23.15 -17.03
CA ALA A 86 -19.96 -22.30 -17.88
C ALA A 86 -19.72 -20.81 -17.58
N ASN A 87 -19.57 -20.51 -16.28
CA ASN A 87 -19.19 -19.18 -15.77
C ASN A 87 -17.67 -19.13 -15.53
N LYS A 88 -16.87 -19.37 -16.59
CA LYS A 88 -15.38 -19.34 -16.54
C LYS A 88 -14.87 -17.94 -16.12
N GLU A 89 -15.49 -16.85 -16.58
CA GLU A 89 -15.07 -15.46 -16.20
C GLU A 89 -15.22 -15.19 -14.69
N LEU A 90 -16.03 -16.03 -14.01
CA LEU A 90 -16.12 -16.05 -12.54
C LEU A 90 -15.13 -17.05 -11.92
N ALA A 91 -15.00 -18.23 -12.58
CA ALA A 91 -14.04 -19.29 -12.21
C ALA A 91 -12.57 -18.82 -12.21
N ARG A 92 -12.28 -17.69 -12.88
CA ARG A 92 -10.94 -17.05 -12.82
C ARG A 92 -10.63 -16.58 -11.38
N ARG A 93 -11.69 -16.14 -10.67
CA ARG A 93 -11.64 -15.73 -9.26
C ARG A 93 -11.63 -16.96 -8.33
N GLY A 94 -12.16 -18.08 -8.86
CA GLY A 94 -12.31 -19.33 -8.11
C GLY A 94 -13.76 -19.76 -7.99
N ILE A 95 -14.69 -19.00 -8.61
CA ILE A 95 -16.13 -19.31 -8.57
C ILE A 95 -16.45 -20.35 -9.67
N ILE A 96 -16.22 -21.63 -9.31
CA ILE A 96 -16.29 -22.78 -10.22
C ILE A 96 -17.71 -23.39 -10.22
N ILE A 97 -18.18 -23.94 -11.35
CA ILE A 97 -19.55 -24.47 -11.44
C ILE A 97 -19.53 -25.99 -11.12
N ARG A 98 -20.59 -26.48 -10.45
CA ARG A 98 -20.67 -27.87 -9.93
C ARG A 98 -20.49 -28.92 -11.07
N GLY A 99 -19.49 -29.79 -10.91
CA GLY A 99 -19.19 -30.85 -11.89
C GLY A 99 -17.93 -30.59 -12.70
N ALA A 100 -17.35 -29.38 -12.55
CA ALA A 100 -16.15 -28.98 -13.30
C ALA A 100 -14.88 -29.47 -12.61
N LYS A 101 -13.95 -30.03 -13.40
CA LYS A 101 -12.69 -30.61 -12.88
C LYS A 101 -11.72 -29.50 -12.53
N ILE A 102 -10.93 -29.74 -11.48
CA ILE A 102 -9.99 -28.78 -10.89
C ILE A 102 -8.74 -29.55 -10.43
N ARG A 103 -7.60 -28.86 -10.35
CA ARG A 103 -6.36 -29.40 -9.81
C ARG A 103 -6.03 -28.57 -8.58
N THR A 104 -5.87 -29.24 -7.44
CA THR A 104 -5.54 -28.61 -6.17
C THR A 104 -4.06 -28.92 -5.85
N GLU A 105 -3.60 -28.51 -4.64
CA GLU A 105 -2.24 -28.86 -4.16
C GLU A 105 -2.14 -30.39 -3.92
N ALA A 106 -3.28 -31.01 -3.57
CA ALA A 106 -3.37 -32.45 -3.31
C ALA A 106 -3.30 -33.24 -4.63
N GLY A 107 -4.37 -33.13 -5.45
CA GLY A 107 -4.46 -33.84 -6.72
C GLY A 107 -5.54 -33.29 -7.63
N LEU A 108 -5.97 -34.13 -8.60
CA LEU A 108 -7.18 -33.88 -9.40
C LEU A 108 -8.41 -34.06 -8.51
N ALA A 109 -9.20 -33.00 -8.36
CA ALA A 109 -10.49 -33.01 -7.66
C ALA A 109 -11.59 -32.51 -8.63
N VAL A 110 -12.85 -32.87 -8.34
CA VAL A 110 -14.04 -32.34 -9.05
C VAL A 110 -14.93 -31.60 -8.04
N VAL A 111 -15.30 -30.34 -8.32
CA VAL A 111 -16.12 -29.52 -7.42
C VAL A 111 -17.56 -30.10 -7.31
N THR A 112 -17.92 -30.51 -6.09
CA THR A 112 -19.18 -31.23 -5.80
C THR A 112 -20.12 -30.38 -4.93
N SER A 113 -19.85 -29.06 -4.86
CA SER A 113 -20.72 -28.09 -4.18
C SER A 113 -20.50 -26.67 -4.76
N ARG A 114 -21.52 -25.81 -4.59
CA ARG A 114 -21.53 -24.41 -5.09
C ARG A 114 -20.50 -23.53 -4.30
N PRO A 115 -19.76 -22.59 -4.97
CA PRO A 115 -18.75 -21.72 -4.30
C PRO A 115 -19.33 -20.87 -3.18
N GLY A 116 -18.82 -21.05 -1.96
CA GLY A 116 -19.16 -20.20 -0.83
C GLY A 116 -18.47 -18.84 -0.92
N GLN A 117 -19.05 -17.81 -0.26
CA GLN A 117 -18.45 -16.45 -0.18
C GLN A 117 -17.12 -16.49 0.61
N ASP A 118 -16.92 -17.58 1.38
CA ASP A 118 -15.67 -17.88 2.11
C ASP A 118 -14.48 -18.14 1.15
N GLY A 119 -14.78 -18.29 -0.16
CA GLY A 119 -13.76 -18.59 -1.18
C GLY A 119 -13.35 -20.04 -1.19
N VAL A 120 -14.18 -20.88 -0.55
CA VAL A 120 -13.90 -22.30 -0.33
C VAL A 120 -14.95 -23.14 -1.08
N ILE A 121 -14.49 -23.89 -2.11
CA ILE A 121 -15.37 -24.67 -3.00
C ILE A 121 -15.11 -26.17 -2.75
N ASN A 122 -16.07 -26.87 -2.12
CA ASN A 122 -15.95 -28.30 -1.75
C ASN A 122 -15.84 -29.20 -3.00
N ALA A 123 -14.81 -30.07 -3.00
CA ALA A 123 -14.46 -30.95 -4.15
C ALA A 123 -14.27 -32.42 -3.69
N VAL A 124 -14.15 -33.38 -4.65
CA VAL A 124 -13.78 -34.80 -4.39
C VAL A 124 -12.58 -35.23 -5.26
N LEU A 125 -11.50 -35.77 -4.62
CA LEU A 125 -10.33 -36.31 -5.34
C LEU A 125 -10.72 -37.55 -6.19
N LEU A 126 -10.53 -37.47 -7.51
CA LEU A 126 -10.77 -38.60 -8.43
C LEU A 126 -9.62 -39.62 -8.31
N LYS A 127 -8.42 -39.10 -7.93
CA LYS A 127 -7.22 -39.92 -7.70
C LYS A 127 -7.42 -40.92 -6.54
N ASN A 128 -7.79 -42.14 -6.90
CA ASN A 128 -7.87 -43.29 -5.98
C ASN A 128 -6.95 -44.40 -6.51
N GLU A 129 -6.64 -45.41 -5.66
CA GLU A 129 -5.84 -46.57 -6.07
C GLU A 129 -6.59 -47.36 -7.18
N SER A 130 -6.22 -47.07 -8.45
CA SER A 130 -6.93 -47.55 -9.63
C SER A 130 -6.80 -49.08 -9.77
N GLN A 131 -7.95 -49.79 -9.68
CA GLN A 131 -8.04 -51.26 -9.78
C GLN A 131 -7.50 -51.73 -11.16
N ARG A 132 -6.44 -52.54 -11.13
CA ARG A 132 -5.75 -53.05 -12.35
C ARG A 132 -6.30 -54.44 -12.78
N SER A 133 -7.10 -55.07 -11.90
CA SER A 133 -7.71 -56.40 -12.15
C SER A 133 -9.09 -56.45 -11.45
N MET A 1 11.51 9.79 -63.39
CA MET A 1 11.17 10.57 -62.19
C MET A 1 12.11 10.21 -61.02
N GLY A 2 12.40 11.20 -60.16
CA GLY A 2 13.27 11.00 -59.00
C GLY A 2 13.74 12.32 -58.42
N PHE A 3 13.43 12.58 -57.13
CA PHE A 3 13.84 13.81 -56.43
C PHE A 3 14.90 13.46 -55.37
N TYR A 4 16.17 13.43 -55.80
CA TYR A 4 17.34 13.14 -54.95
C TYR A 4 18.38 14.27 -55.08
N GLN A 5 19.51 14.12 -54.37
CA GLN A 5 20.58 15.14 -54.36
C GLN A 5 21.96 14.46 -54.24
N GLY A 6 23.02 15.22 -54.55
CA GLY A 6 24.40 14.72 -54.41
C GLY A 6 25.39 15.84 -54.09
N PRO A 7 25.34 16.45 -52.87
CA PRO A 7 26.34 17.45 -52.42
C PRO A 7 27.61 16.77 -51.87
N ASP A 8 28.78 17.27 -52.28
CA ASP A 8 30.10 16.78 -51.81
C ASP A 8 30.77 17.87 -50.96
N ASN A 9 31.35 17.45 -49.80
CA ASN A 9 32.01 18.36 -48.85
C ASN A 9 33.36 17.77 -48.43
N ARG A 10 34.40 18.63 -48.41
CA ARG A 10 35.73 18.30 -47.88
C ARG A 10 36.12 19.36 -46.83
N LYS A 11 36.29 18.91 -45.57
CA LYS A 11 36.71 19.79 -44.47
C LYS A 11 38.20 20.12 -44.60
N ILE A 12 38.54 21.39 -44.39
CA ILE A 12 39.92 21.89 -44.47
C ILE A 12 40.69 21.46 -43.20
N THR A 13 41.07 20.17 -43.14
CA THR A 13 41.77 19.56 -42.00
C THR A 13 43.25 19.37 -42.41
N GLY A 14 43.82 20.47 -42.91
CA GLY A 14 45.14 20.49 -43.53
C GLY A 14 45.20 21.57 -44.60
N GLY A 15 46.21 21.49 -45.48
CA GLY A 15 46.42 22.51 -46.52
C GLY A 15 46.71 23.89 -45.94
N LEU A 16 47.44 23.89 -44.82
CA LEU A 16 47.86 25.11 -44.09
C LEU A 16 49.32 25.47 -44.42
N LYS A 17 49.98 24.59 -45.21
CA LYS A 17 51.35 24.81 -45.68
C LYS A 17 51.35 25.92 -46.74
N GLY A 18 51.61 27.14 -46.29
CA GLY A 18 51.63 28.32 -47.14
C GLY A 18 52.18 29.50 -46.37
N LYS A 19 53.45 29.86 -46.64
CA LYS A 19 54.18 30.90 -45.89
C LYS A 19 53.50 32.28 -46.06
N HIS A 20 53.55 33.10 -45.00
CA HIS A 20 52.99 34.46 -44.97
C HIS A 20 53.48 35.17 -43.71
N ARG A 21 53.53 36.51 -43.75
CA ARG A 21 53.80 37.32 -42.56
C ARG A 21 52.52 37.35 -41.71
N ASP A 22 52.43 36.39 -40.78
CA ASP A 22 51.26 36.23 -39.90
C ASP A 22 51.18 37.42 -38.93
N LYS A 23 50.02 38.09 -38.91
CA LYS A 23 49.83 39.36 -38.20
C LYS A 23 49.56 39.11 -36.69
N ARG A 24 49.32 40.19 -35.95
CA ARG A 24 48.96 40.13 -34.52
C ARG A 24 47.46 39.88 -34.38
N LYS A 25 47.07 38.59 -34.25
CA LYS A 25 45.66 38.17 -34.09
C LYS A 25 45.24 38.32 -32.60
N TYR A 26 45.57 37.29 -31.79
CA TYR A 26 45.27 37.23 -30.33
C TYR A 26 45.81 35.92 -29.75
N GLU A 27 46.18 35.93 -28.45
CA GLU A 27 46.57 34.72 -27.70
C GLU A 27 45.35 34.18 -26.93
N ILE A 28 45.12 32.86 -27.05
CA ILE A 28 44.06 32.17 -26.29
C ILE A 28 44.69 31.66 -24.97
N GLY A 29 44.59 32.49 -23.90
CA GLY A 29 45.25 32.19 -22.63
C GLY A 29 44.46 32.62 -21.40
N ASN A 30 43.13 32.81 -21.55
CA ASN A 30 42.23 33.09 -20.41
C ASN A 30 41.73 31.74 -19.82
N PRO A 31 42.16 31.37 -18.57
CA PRO A 31 41.71 30.13 -17.91
C PRO A 31 40.41 30.34 -17.09
N PRO A 32 39.39 29.42 -17.20
CA PRO A 32 38.20 29.43 -16.31
C PRO A 32 38.60 29.07 -14.86
N THR A 33 38.07 29.85 -13.90
CA THR A 33 38.41 29.71 -12.47
C THR A 33 37.53 28.61 -11.79
N PHE A 34 37.74 28.42 -10.47
CA PHE A 34 36.94 27.49 -9.64
C PHE A 34 35.45 27.88 -9.68
N THR A 35 34.59 26.92 -10.07
CA THR A 35 33.14 27.14 -10.22
C THR A 35 32.36 26.32 -9.17
N THR A 36 31.24 26.88 -8.69
CA THR A 36 30.33 26.22 -7.75
C THR A 36 29.44 25.19 -8.47
N LEU A 37 28.73 24.35 -7.69
CA LEU A 37 27.89 23.25 -8.22
C LEU A 37 26.46 23.27 -7.62
N SER A 38 25.61 22.34 -8.08
CA SER A 38 24.23 22.16 -7.60
C SER A 38 24.04 20.71 -7.09
N ALA A 39 25.08 20.21 -6.40
CA ALA A 39 25.11 18.82 -5.88
C ALA A 39 24.10 18.61 -4.72
N GLU A 40 23.62 19.72 -4.15
CA GLU A 40 22.64 19.70 -3.04
C GLU A 40 21.30 19.12 -3.52
N ASP A 41 21.02 19.32 -4.83
CA ASP A 41 19.84 18.76 -5.52
C ASP A 41 19.95 17.23 -5.64
N ILE A 42 21.20 16.71 -5.70
CA ILE A 42 21.49 15.25 -5.68
C ILE A 42 21.12 14.65 -4.30
N ARG A 43 21.47 15.39 -3.21
CA ARG A 43 21.12 14.99 -1.82
C ARG A 43 19.58 15.07 -1.62
N ILE A 44 18.94 15.95 -2.41
CA ILE A 44 17.48 16.14 -2.40
C ILE A 44 16.76 14.98 -3.11
N LYS A 45 17.40 14.39 -4.12
CA LYS A 45 16.90 13.17 -4.79
C LYS A 45 16.97 11.97 -3.80
N ASP A 46 17.97 12.03 -2.89
CA ASP A 46 18.14 11.05 -1.82
C ASP A 46 17.18 11.31 -0.63
N ARG A 47 16.82 12.60 -0.38
CA ARG A 47 15.95 12.97 0.77
C ARG A 47 14.51 12.45 0.54
N THR A 48 14.04 12.55 -0.72
CA THR A 48 12.69 12.12 -1.11
C THR A 48 12.61 10.59 -1.26
N LEU A 49 13.78 9.95 -1.46
CA LEU A 49 13.91 8.49 -1.46
C LEU A 49 13.88 8.02 0.02
N GLY A 50 12.67 7.75 0.52
CA GLY A 50 12.45 7.34 1.91
C GLY A 50 10.98 7.15 2.21
N GLY A 51 10.29 6.48 1.27
CA GLY A 51 8.86 6.23 1.37
C GLY A 51 8.50 4.98 0.59
N ASN A 52 8.55 3.83 1.26
CA ASN A 52 8.34 2.51 0.63
C ASN A 52 6.84 2.24 0.42
N PHE A 53 6.48 1.95 -0.85
CA PHE A 53 5.12 1.57 -1.22
C PHE A 53 4.79 0.20 -0.60
N LYS A 54 3.86 0.21 0.38
CA LYS A 54 3.49 -0.97 1.16
C LYS A 54 2.87 -2.06 0.25
N VAL A 55 3.51 -3.24 0.23
CA VAL A 55 3.13 -4.37 -0.63
C VAL A 55 1.75 -4.93 -0.25
N ARG A 56 1.14 -5.67 -1.19
CA ARG A 56 -0.23 -6.19 -1.06
C ARG A 56 -0.21 -7.71 -0.80
N LEU A 57 -1.07 -8.17 0.13
CA LEU A 57 -1.30 -9.60 0.38
C LEU A 57 -2.74 -9.90 -0.10
N LYS A 58 -2.86 -10.56 -1.27
CA LYS A 58 -4.16 -11.02 -1.78
C LYS A 58 -4.25 -12.54 -1.64
N TYR A 59 -5.06 -12.99 -0.68
CA TYR A 59 -5.34 -14.41 -0.46
C TYR A 59 -6.21 -14.93 -1.63
N THR A 60 -5.64 -15.77 -2.48
CA THR A 60 -6.32 -16.34 -3.65
C THR A 60 -7.28 -17.48 -3.23
N THR A 61 -8.27 -17.74 -4.11
CA THR A 61 -9.35 -18.70 -3.85
C THR A 61 -8.81 -20.12 -3.58
N THR A 62 -9.52 -20.85 -2.70
CA THR A 62 -9.10 -22.15 -2.17
C THR A 62 -10.22 -23.18 -2.44
N ALA A 63 -9.84 -24.46 -2.54
CA ALA A 63 -10.78 -25.58 -2.74
C ALA A 63 -10.74 -26.51 -1.53
N ASN A 64 -11.85 -27.20 -1.25
CA ASN A 64 -11.96 -28.11 -0.10
C ASN A 64 -12.29 -29.52 -0.58
N VAL A 65 -11.24 -30.32 -0.87
CA VAL A 65 -11.40 -31.70 -1.32
C VAL A 65 -11.70 -32.47 -0.04
N LEU A 66 -12.91 -33.03 -0.07
CA LEU A 66 -13.21 -34.32 0.56
C LEU A 66 -12.33 -35.34 -0.20
N ASP A 67 -11.48 -36.05 0.54
CA ASP A 67 -10.69 -37.16 0.00
C ASP A 67 -11.47 -38.44 0.27
N PRO A 68 -11.98 -39.14 -0.80
CA PRO A 68 -12.80 -40.37 -0.66
C PRO A 68 -12.05 -41.52 0.06
N ALA A 69 -10.71 -41.54 -0.09
CA ALA A 69 -9.86 -42.62 0.47
C ALA A 69 -9.91 -42.64 2.02
N THR A 70 -9.77 -41.45 2.64
CA THR A 70 -9.82 -41.29 4.11
C THR A 70 -11.21 -40.81 4.58
N ASN A 71 -12.06 -40.40 3.62
CA ASN A 71 -13.44 -39.87 3.84
C ASN A 71 -13.42 -38.61 4.75
N THR A 72 -12.38 -37.76 4.56
CA THR A 72 -12.18 -36.52 5.35
C THR A 72 -11.81 -35.36 4.42
N ALA A 73 -12.29 -34.14 4.74
CA ALA A 73 -12.10 -32.95 3.88
C ALA A 73 -10.75 -32.29 4.15
N LYS A 74 -10.26 -31.56 3.14
CA LYS A 74 -8.93 -31.00 3.08
C LYS A 74 -9.01 -29.68 2.31
N LYS A 75 -8.59 -28.57 2.90
CA LYS A 75 -8.68 -27.27 2.27
C LYS A 75 -7.29 -26.87 1.76
N VAL A 76 -7.15 -26.98 0.41
CA VAL A 76 -5.91 -26.81 -0.35
C VAL A 76 -6.14 -25.80 -1.48
N LYS A 77 -5.09 -25.05 -1.82
CA LYS A 77 -5.14 -23.90 -2.74
C LYS A 77 -5.47 -24.38 -4.19
N ILE A 78 -6.16 -23.52 -4.95
CA ILE A 78 -6.61 -23.85 -6.33
C ILE A 78 -5.46 -23.60 -7.31
N LEU A 79 -5.07 -24.64 -8.05
CA LEU A 79 -4.06 -24.52 -9.12
C LEU A 79 -4.80 -24.18 -10.42
N GLU A 80 -5.51 -25.13 -11.06
CA GLU A 80 -6.09 -24.87 -12.41
C GLU A 80 -7.27 -25.79 -12.76
N ILE A 81 -8.26 -25.23 -13.49
CA ILE A 81 -9.45 -25.98 -13.93
C ILE A 81 -9.21 -26.58 -15.32
N LEU A 82 -9.63 -27.84 -15.51
CA LEU A 82 -9.48 -28.58 -16.78
C LEU A 82 -10.75 -28.40 -17.62
N GLU A 83 -11.90 -28.72 -17.02
CA GLU A 83 -13.20 -28.47 -17.63
C GLU A 83 -13.58 -27.00 -17.39
N THR A 84 -13.54 -26.20 -18.47
CA THR A 84 -13.98 -24.81 -18.45
C THR A 84 -15.53 -24.76 -18.46
N PRO A 85 -16.17 -24.15 -17.43
CA PRO A 85 -17.64 -23.98 -17.40
C PRO A 85 -18.11 -22.87 -18.37
N ALA A 86 -19.42 -22.87 -18.64
CA ALA A 86 -20.07 -21.81 -19.45
C ALA A 86 -20.00 -20.45 -18.71
N ASN A 87 -19.90 -20.51 -17.37
CA ASN A 87 -19.62 -19.33 -16.51
C ASN A 87 -18.10 -19.24 -16.23
N LYS A 88 -17.31 -19.22 -17.33
CA LYS A 88 -15.81 -19.19 -17.30
C LYS A 88 -15.31 -18.01 -16.45
N GLU A 89 -15.95 -16.82 -16.59
CA GLU A 89 -15.47 -15.56 -15.96
C GLU A 89 -15.37 -15.66 -14.42
N LEU A 90 -16.25 -16.53 -13.85
CA LEU A 90 -16.26 -16.87 -12.42
C LEU A 90 -15.08 -17.80 -12.08
N ALA A 91 -14.95 -18.93 -12.81
CA ALA A 91 -13.88 -19.95 -12.60
C ALA A 91 -12.44 -19.38 -12.70
N ARG A 92 -12.28 -18.29 -13.48
CA ARG A 92 -10.99 -17.56 -13.60
C ARG A 92 -10.66 -16.82 -12.30
N ARG A 93 -11.72 -16.29 -11.65
CA ARG A 93 -11.65 -15.65 -10.32
C ARG A 93 -11.62 -16.71 -9.20
N GLY A 94 -11.75 -17.99 -9.59
CA GLY A 94 -11.72 -19.11 -8.65
C GLY A 94 -13.10 -19.60 -8.24
N ILE A 95 -14.15 -18.87 -8.63
CA ILE A 95 -15.56 -19.20 -8.31
C ILE A 95 -16.06 -20.27 -9.31
N ILE A 96 -15.82 -21.54 -8.97
CA ILE A 96 -16.10 -22.69 -9.87
C ILE A 96 -17.53 -23.23 -9.62
N ILE A 97 -18.20 -23.70 -10.70
CA ILE A 97 -19.56 -24.26 -10.62
C ILE A 97 -19.48 -25.80 -10.48
N ARG A 98 -20.43 -26.37 -9.73
CA ARG A 98 -20.46 -27.80 -9.38
C ARG A 98 -20.42 -28.71 -10.65
N GLY A 99 -19.37 -29.54 -10.73
CA GLY A 99 -19.18 -30.51 -11.81
C GLY A 99 -17.92 -30.25 -12.64
N ALA A 100 -17.38 -29.03 -12.54
CA ALA A 100 -16.18 -28.63 -13.29
C ALA A 100 -14.90 -29.12 -12.61
N LYS A 101 -14.00 -29.73 -13.39
CA LYS A 101 -12.79 -30.39 -12.88
C LYS A 101 -11.71 -29.37 -12.57
N ILE A 102 -10.97 -29.62 -11.49
CA ILE A 102 -9.97 -28.73 -10.91
C ILE A 102 -8.72 -29.55 -10.53
N ARG A 103 -7.58 -28.87 -10.40
CA ARG A 103 -6.34 -29.42 -9.85
C ARG A 103 -6.03 -28.64 -8.57
N THR A 104 -5.75 -29.37 -7.49
CA THR A 104 -5.40 -28.80 -6.17
C THR A 104 -4.01 -29.26 -5.76
N GLU A 105 -3.51 -28.77 -4.59
CA GLU A 105 -2.22 -29.21 -4.03
C GLU A 105 -2.22 -30.72 -3.72
N ALA A 106 -3.41 -31.27 -3.43
CA ALA A 106 -3.60 -32.70 -3.15
C ALA A 106 -3.50 -33.53 -4.44
N GLY A 107 -4.48 -33.36 -5.35
CA GLY A 107 -4.49 -34.07 -6.64
C GLY A 107 -5.47 -33.46 -7.62
N LEU A 108 -5.83 -34.24 -8.67
CA LEU A 108 -6.98 -33.93 -9.53
C LEU A 108 -8.27 -34.15 -8.70
N ALA A 109 -9.19 -33.20 -8.77
CA ALA A 109 -10.52 -33.30 -8.13
C ALA A 109 -11.61 -32.77 -9.08
N VAL A 110 -12.85 -33.12 -8.76
CA VAL A 110 -14.06 -32.54 -9.37
C VAL A 110 -14.81 -31.73 -8.29
N VAL A 111 -15.16 -30.45 -8.56
CA VAL A 111 -15.90 -29.64 -7.57
C VAL A 111 -17.33 -30.19 -7.37
N THR A 112 -17.62 -30.66 -6.16
CA THR A 112 -18.88 -31.35 -5.82
C THR A 112 -19.81 -30.47 -4.97
N SER A 113 -19.46 -29.19 -4.87
CA SER A 113 -20.30 -28.15 -4.27
C SER A 113 -20.06 -26.80 -4.99
N ARG A 114 -20.87 -25.79 -4.62
CA ARG A 114 -20.64 -24.39 -5.02
C ARG A 114 -19.72 -23.71 -3.96
N PRO A 115 -19.14 -22.49 -4.24
CA PRO A 115 -18.37 -21.73 -3.23
C PRO A 115 -19.23 -21.35 -2.00
N GLY A 116 -18.79 -21.79 -0.81
CA GLY A 116 -19.37 -21.38 0.47
C GLY A 116 -19.03 -19.94 0.84
N GLN A 117 -19.64 -19.42 1.92
CA GLN A 117 -19.43 -18.03 2.40
C GLN A 117 -17.96 -17.69 2.71
N ASP A 118 -17.15 -18.73 3.02
CA ASP A 118 -15.71 -18.58 3.29
C ASP A 118 -14.87 -18.39 2.00
N GLY A 119 -15.54 -18.45 0.84
CA GLY A 119 -14.88 -18.31 -0.48
C GLY A 119 -14.09 -19.56 -0.87
N VAL A 120 -14.62 -20.73 -0.50
CA VAL A 120 -13.98 -22.03 -0.75
C VAL A 120 -14.96 -22.98 -1.46
N ILE A 121 -14.53 -23.54 -2.61
CA ILE A 121 -15.36 -24.42 -3.46
C ILE A 121 -15.01 -25.88 -3.10
N ASN A 122 -15.94 -26.60 -2.47
CA ASN A 122 -15.71 -27.98 -2.04
C ASN A 122 -15.67 -28.92 -3.26
N ALA A 123 -14.68 -29.83 -3.26
CA ALA A 123 -14.41 -30.77 -4.34
C ALA A 123 -14.24 -32.19 -3.79
N VAL A 124 -14.22 -33.20 -4.66
CA VAL A 124 -13.86 -34.58 -4.30
C VAL A 124 -12.66 -35.01 -5.13
N LEU A 125 -11.60 -35.49 -4.46
CA LEU A 125 -10.40 -36.02 -5.13
C LEU A 125 -10.78 -37.26 -5.93
N LEU A 126 -10.21 -37.36 -7.13
CA LEU A 126 -10.36 -38.52 -8.01
C LEU A 126 -9.18 -39.49 -7.75
N LYS A 127 -8.92 -39.69 -6.44
CA LYS A 127 -7.85 -40.55 -5.93
C LYS A 127 -8.33 -42.02 -6.01
N ASN A 128 -8.12 -42.61 -7.20
CA ASN A 128 -8.40 -44.03 -7.47
C ASN A 128 -7.89 -44.36 -8.88
N GLU A 129 -7.83 -45.66 -9.19
CA GLU A 129 -7.58 -46.14 -10.55
C GLU A 129 -8.69 -47.13 -10.91
N SER A 130 -9.61 -46.70 -11.78
CA SER A 130 -10.73 -47.49 -12.27
C SER A 130 -10.61 -47.64 -13.80
N GLN A 131 -9.49 -48.24 -14.22
CA GLN A 131 -9.11 -48.41 -15.64
C GLN A 131 -10.14 -49.24 -16.43
N ARG A 132 -10.65 -48.67 -17.53
CA ARG A 132 -11.53 -49.37 -18.48
C ARG A 132 -11.51 -48.61 -19.82
N SER A 133 -11.15 -49.31 -20.91
CA SER A 133 -11.12 -48.76 -22.27
C SER A 133 -11.94 -49.70 -23.20
N MET A 1 111.77 40.58 -8.48
CA MET A 1 111.42 40.52 -7.04
C MET A 1 109.89 40.58 -6.86
N GLY A 2 109.23 41.41 -7.69
CA GLY A 2 107.79 41.62 -7.61
C GLY A 2 107.48 43.08 -7.30
N PHE A 3 106.78 43.76 -8.24
CA PHE A 3 106.32 45.15 -8.03
C PHE A 3 105.18 45.18 -7.01
N TYR A 4 105.53 45.30 -5.72
CA TYR A 4 104.57 45.33 -4.61
C TYR A 4 103.75 46.63 -4.68
N GLN A 5 102.57 46.53 -5.29
CA GLN A 5 101.63 47.66 -5.45
C GLN A 5 100.73 47.77 -4.22
N GLY A 6 100.05 48.93 -4.10
CA GLY A 6 99.06 49.17 -3.06
C GLY A 6 97.73 49.59 -3.65
N PRO A 7 96.88 48.62 -4.14
CA PRO A 7 95.59 48.93 -4.75
C PRO A 7 94.52 49.27 -3.68
N ASP A 8 94.30 50.57 -3.47
CA ASP A 8 93.33 51.06 -2.47
C ASP A 8 91.89 50.77 -2.93
N ASN A 9 91.21 49.84 -2.25
CA ASN A 9 89.80 49.53 -2.52
C ASN A 9 88.93 50.71 -2.05
N ARG A 10 87.76 50.87 -2.67
CA ARG A 10 86.85 51.98 -2.41
C ARG A 10 85.55 51.42 -1.82
N LYS A 11 85.21 51.82 -0.56
CA LYS A 11 83.96 51.43 0.11
C LYS A 11 82.75 51.78 -0.76
N ILE A 12 82.11 50.75 -1.36
CA ILE A 12 80.95 50.93 -2.23
C ILE A 12 79.74 51.36 -1.39
N THR A 13 79.30 52.61 -1.60
CA THR A 13 78.09 53.13 -0.96
C THR A 13 76.86 52.38 -1.51
N GLY A 14 76.10 51.74 -0.62
CA GLY A 14 74.94 50.94 -1.01
C GLY A 14 73.71 51.79 -1.31
N GLY A 15 72.84 51.28 -2.20
CA GLY A 15 71.58 51.94 -2.53
C GLY A 15 70.59 51.92 -1.37
N LEU A 16 69.85 53.02 -1.17
CA LEU A 16 68.88 53.17 -0.07
C LEU A 16 67.47 53.19 -0.67
N LYS A 17 66.71 52.11 -0.43
CA LYS A 17 65.38 51.90 -1.03
C LYS A 17 64.55 51.01 -0.10
N GLY A 18 63.56 51.62 0.61
CA GLY A 18 62.73 50.90 1.58
C GLY A 18 61.72 49.96 0.91
N LYS A 19 61.33 48.88 1.62
CA LYS A 19 60.34 47.90 1.15
C LYS A 19 58.91 48.42 1.41
N HIS A 20 58.13 48.66 0.33
CA HIS A 20 56.73 49.13 0.46
C HIS A 20 55.84 47.97 0.96
N ARG A 21 55.13 48.21 2.07
CA ARG A 21 54.21 47.21 2.66
C ARG A 21 52.87 47.31 1.94
N ASP A 22 52.76 46.57 0.82
CA ASP A 22 51.62 46.66 -0.12
C ASP A 22 50.34 46.06 0.50
N LYS A 23 49.18 46.55 0.05
CA LYS A 23 47.88 46.09 0.55
C LYS A 23 47.55 44.68 0.00
N ARG A 24 46.77 43.92 0.76
CA ARG A 24 46.30 42.59 0.36
C ARG A 24 45.07 42.76 -0.53
N LYS A 25 45.07 42.10 -1.70
CA LYS A 25 43.99 42.20 -2.71
C LYS A 25 42.83 41.22 -2.38
N TYR A 26 42.53 41.06 -1.09
CA TYR A 26 41.33 40.38 -0.59
C TYR A 26 40.27 41.47 -0.36
N GLU A 27 39.36 41.66 -1.33
CA GLU A 27 38.32 42.69 -1.26
C GLU A 27 37.31 42.35 -0.15
N ILE A 28 37.37 43.15 0.95
CA ILE A 28 36.53 42.96 2.15
C ILE A 28 35.02 43.01 1.78
N GLY A 29 34.27 42.02 2.27
CA GLY A 29 32.90 41.77 1.83
C GLY A 29 32.87 40.59 0.86
N ASN A 30 33.63 39.54 1.20
CA ASN A 30 33.76 38.31 0.40
C ASN A 30 32.41 37.53 0.37
N PRO A 31 31.87 37.22 -0.84
CA PRO A 31 30.59 36.51 -0.99
C PRO A 31 30.74 34.96 -1.03
N PRO A 32 29.67 34.18 -0.68
CA PRO A 32 29.63 32.72 -0.91
C PRO A 32 29.48 32.41 -2.43
N THR A 33 30.59 32.01 -3.07
CA THR A 33 30.66 31.84 -4.53
C THR A 33 30.19 30.42 -4.95
N PHE A 34 30.91 29.38 -4.49
CA PHE A 34 30.62 27.97 -4.82
C PHE A 34 30.17 27.22 -3.56
N THR A 35 29.00 26.57 -3.61
CA THR A 35 28.46 25.80 -2.47
C THR A 35 29.24 24.47 -2.32
N THR A 36 30.30 24.52 -1.49
CA THR A 36 31.20 23.39 -1.26
C THR A 36 30.58 22.42 -0.25
N LEU A 37 29.89 22.98 0.76
CA LEU A 37 29.16 22.19 1.79
C LEU A 37 28.03 21.35 1.16
N SER A 38 27.42 21.87 0.07
CA SER A 38 26.39 21.18 -0.75
C SER A 38 25.17 20.74 0.08
N ALA A 39 24.93 21.43 1.21
CA ALA A 39 23.89 21.06 2.19
C ALA A 39 22.49 20.98 1.55
N GLU A 40 22.07 22.10 0.90
CA GLU A 40 20.74 22.20 0.26
C GLU A 40 20.58 21.16 -0.88
N ASP A 41 21.69 20.87 -1.58
CA ASP A 41 21.73 19.86 -2.66
C ASP A 41 21.37 18.47 -2.10
N ILE A 42 22.12 18.06 -1.06
CA ILE A 42 22.01 16.71 -0.47
C ILE A 42 20.67 16.51 0.24
N ARG A 43 20.17 17.58 0.90
CA ARG A 43 18.89 17.55 1.66
C ARG A 43 17.70 17.49 0.67
N ILE A 44 17.92 17.97 -0.56
CA ILE A 44 16.97 17.83 -1.69
C ILE A 44 17.07 16.40 -2.27
N LYS A 45 18.29 15.84 -2.26
CA LYS A 45 18.52 14.43 -2.64
C LYS A 45 18.02 13.48 -1.53
N ASP A 46 17.65 14.06 -0.37
CA ASP A 46 16.95 13.34 0.71
C ASP A 46 15.44 13.58 0.63
N ARG A 47 15.00 14.74 0.06
CA ARG A 47 13.56 15.08 -0.05
C ARG A 47 12.85 14.09 -0.97
N THR A 48 13.58 13.67 -2.03
CA THR A 48 13.06 12.75 -3.06
C THR A 48 12.88 11.31 -2.52
N LEU A 49 13.42 11.04 -1.31
CA LEU A 49 13.14 9.80 -0.55
C LEU A 49 11.73 9.92 0.06
N GLY A 50 10.73 9.66 -0.79
CA GLY A 50 9.33 9.65 -0.38
C GLY A 50 8.94 8.31 0.21
N GLY A 51 8.47 8.32 1.46
CA GLY A 51 8.04 7.09 2.15
C GLY A 51 6.79 6.48 1.50
N ASN A 52 7.01 5.65 0.47
CA ASN A 52 5.93 5.00 -0.29
C ASN A 52 5.43 3.76 0.47
N PHE A 53 4.12 3.74 0.77
CA PHE A 53 3.47 2.62 1.49
C PHE A 53 3.43 1.36 0.61
N LYS A 54 3.61 0.19 1.23
CA LYS A 54 3.66 -1.11 0.56
C LYS A 54 2.77 -2.09 1.34
N VAL A 55 1.47 -2.05 1.02
CA VAL A 55 0.46 -2.92 1.62
C VAL A 55 0.37 -4.25 0.86
N ARG A 56 0.13 -5.33 1.60
CA ARG A 56 0.03 -6.69 1.06
C ARG A 56 -1.35 -7.26 1.44
N LEU A 57 -2.11 -7.67 0.42
CA LEU A 57 -3.47 -8.21 0.58
C LEU A 57 -3.44 -9.72 0.34
N LYS A 58 -4.08 -10.48 1.23
CA LYS A 58 -4.14 -11.95 1.15
C LYS A 58 -5.14 -12.37 0.07
N TYR A 59 -4.68 -13.19 -0.90
CA TYR A 59 -5.53 -13.79 -1.92
C TYR A 59 -5.34 -15.31 -1.88
N THR A 60 -6.25 -15.98 -1.17
CA THR A 60 -6.24 -17.43 -0.94
C THR A 60 -7.59 -18.03 -1.39
N THR A 61 -7.64 -18.53 -2.63
CA THR A 61 -8.80 -19.25 -3.15
C THR A 61 -8.54 -20.75 -2.94
N THR A 62 -9.42 -21.42 -2.20
CA THR A 62 -9.18 -22.77 -1.66
C THR A 62 -10.32 -23.72 -2.06
N ALA A 63 -10.01 -25.01 -2.16
CA ALA A 63 -10.98 -26.07 -2.44
C ALA A 63 -10.91 -27.11 -1.31
N ASN A 64 -12.07 -27.58 -0.84
CA ASN A 64 -12.15 -28.49 0.31
C ASN A 64 -12.60 -29.87 -0.18
N VAL A 65 -11.63 -30.74 -0.50
CA VAL A 65 -11.91 -32.10 -0.94
C VAL A 65 -12.20 -32.87 0.35
N LEU A 66 -13.39 -33.52 0.30
CA LEU A 66 -13.59 -34.82 0.94
C LEU A 66 -12.62 -35.74 0.15
N ASP A 67 -11.66 -36.27 0.88
CA ASP A 67 -10.59 -37.13 0.37
C ASP A 67 -11.13 -38.57 0.41
N PRO A 68 -11.54 -39.17 -0.76
CA PRO A 68 -12.16 -40.54 -0.79
C PRO A 68 -11.22 -41.71 -0.44
N ALA A 69 -9.97 -41.41 -0.02
CA ALA A 69 -9.03 -42.43 0.47
C ALA A 69 -9.23 -42.63 1.99
N THR A 70 -9.19 -41.51 2.75
CA THR A 70 -9.28 -41.53 4.23
C THR A 70 -10.70 -41.15 4.74
N ASN A 71 -11.55 -40.68 3.80
CA ASN A 71 -12.95 -40.25 4.07
C ASN A 71 -13.01 -39.05 5.06
N THR A 72 -12.08 -38.09 4.89
CA THR A 72 -12.00 -36.87 5.74
C THR A 72 -11.86 -35.62 4.85
N ALA A 73 -12.11 -34.41 5.40
CA ALA A 73 -12.05 -33.16 4.61
C ALA A 73 -10.61 -32.66 4.57
N LYS A 74 -10.23 -32.05 3.44
CA LYS A 74 -8.87 -31.70 3.12
C LYS A 74 -8.94 -30.38 2.36
N LYS A 75 -8.47 -29.32 2.96
CA LYS A 75 -8.64 -27.97 2.43
C LYS A 75 -7.29 -27.48 1.90
N VAL A 76 -7.19 -27.54 0.56
CA VAL A 76 -5.98 -27.30 -0.22
C VAL A 76 -6.26 -26.19 -1.23
N LYS A 77 -5.23 -25.37 -1.51
CA LYS A 77 -5.37 -24.18 -2.37
C LYS A 77 -5.62 -24.60 -3.83
N ILE A 78 -6.33 -23.73 -4.58
CA ILE A 78 -6.71 -24.01 -5.96
C ILE A 78 -5.56 -23.56 -6.87
N LEU A 79 -5.22 -24.42 -7.83
CA LEU A 79 -4.31 -24.08 -8.92
C LEU A 79 -5.19 -23.69 -10.11
N GLU A 80 -5.75 -24.66 -10.87
CA GLU A 80 -6.55 -24.30 -12.09
C GLU A 80 -7.56 -25.37 -12.50
N ILE A 81 -8.62 -24.92 -13.20
CA ILE A 81 -9.66 -25.79 -13.78
C ILE A 81 -9.20 -26.31 -15.16
N LEU A 82 -9.59 -27.56 -15.49
CA LEU A 82 -9.16 -28.25 -16.72
C LEU A 82 -10.34 -28.32 -17.70
N GLU A 83 -11.44 -28.93 -17.23
CA GLU A 83 -12.73 -28.88 -17.93
C GLU A 83 -13.30 -27.47 -17.77
N THR A 84 -13.38 -26.74 -18.89
CA THR A 84 -13.81 -25.35 -18.93
C THR A 84 -15.32 -25.23 -18.58
N PRO A 85 -15.70 -24.56 -17.45
CA PRO A 85 -17.11 -24.24 -17.16
C PRO A 85 -17.61 -23.10 -18.08
N ALA A 86 -18.93 -23.07 -18.35
CA ALA A 86 -19.55 -21.99 -19.17
C ALA A 86 -19.33 -20.61 -18.50
N ASN A 87 -19.34 -20.60 -17.15
CA ASN A 87 -19.02 -19.40 -16.36
C ASN A 87 -17.53 -19.39 -15.96
N LYS A 88 -16.62 -19.69 -16.93
CA LYS A 88 -15.14 -19.55 -16.71
C LYS A 88 -14.82 -18.07 -16.43
N GLU A 89 -15.60 -17.15 -17.03
CA GLU A 89 -15.55 -15.70 -16.73
C GLU A 89 -15.63 -15.40 -15.22
N LEU A 90 -16.37 -16.25 -14.48
CA LEU A 90 -16.51 -16.15 -13.01
C LEU A 90 -15.47 -17.03 -12.29
N ALA A 91 -15.14 -18.19 -12.88
CA ALA A 91 -14.08 -19.11 -12.38
C ALA A 91 -12.67 -18.46 -12.27
N ARG A 92 -12.46 -17.27 -12.87
CA ARG A 92 -11.24 -16.45 -12.65
C ARG A 92 -11.16 -15.98 -11.17
N ARG A 93 -12.34 -15.78 -10.56
CA ARG A 93 -12.50 -15.41 -9.13
C ARG A 93 -12.62 -16.68 -8.25
N GLY A 94 -12.42 -17.86 -8.88
CA GLY A 94 -12.60 -19.15 -8.23
C GLY A 94 -14.08 -19.54 -8.08
N ILE A 95 -14.98 -18.85 -8.82
CA ILE A 95 -16.41 -19.17 -8.82
C ILE A 95 -16.68 -20.26 -9.88
N ILE A 96 -16.43 -21.51 -9.46
CA ILE A 96 -16.52 -22.70 -10.32
C ILE A 96 -17.89 -23.34 -10.14
N ILE A 97 -18.45 -23.90 -11.23
CA ILE A 97 -19.82 -24.48 -11.20
C ILE A 97 -19.75 -25.99 -10.92
N ARG A 98 -20.73 -26.49 -10.15
CA ARG A 98 -20.75 -27.89 -9.66
C ARG A 98 -20.63 -28.91 -10.82
N GLY A 99 -19.52 -29.65 -10.84
CA GLY A 99 -19.26 -30.70 -11.83
C GLY A 99 -18.03 -30.41 -12.70
N ALA A 100 -17.49 -29.18 -12.62
CA ALA A 100 -16.33 -28.77 -13.43
C ALA A 100 -15.02 -29.25 -12.78
N LYS A 101 -14.09 -29.75 -13.61
CA LYS A 101 -12.83 -30.35 -13.11
C LYS A 101 -11.84 -29.28 -12.70
N ILE A 102 -11.16 -29.55 -11.59
CA ILE A 102 -10.27 -28.61 -10.91
C ILE A 102 -9.00 -29.37 -10.45
N ARG A 103 -7.87 -28.67 -10.37
CA ARG A 103 -6.63 -29.21 -9.80
C ARG A 103 -6.28 -28.43 -8.53
N THR A 104 -5.98 -29.17 -7.47
CA THR A 104 -5.59 -28.61 -6.17
C THR A 104 -4.12 -29.01 -5.86
N GLU A 105 -3.64 -28.62 -4.68
CA GLU A 105 -2.32 -29.05 -4.18
C GLU A 105 -2.33 -30.56 -3.81
N ALA A 106 -3.53 -31.12 -3.57
CA ALA A 106 -3.72 -32.54 -3.25
C ALA A 106 -3.59 -33.40 -4.52
N GLY A 107 -4.56 -33.25 -5.44
CA GLY A 107 -4.56 -33.95 -6.72
C GLY A 107 -5.54 -33.33 -7.69
N LEU A 108 -5.95 -34.11 -8.72
CA LEU A 108 -7.12 -33.77 -9.55
C LEU A 108 -8.39 -34.04 -8.72
N ALA A 109 -9.31 -33.06 -8.71
CA ALA A 109 -10.62 -33.16 -8.07
C ALA A 109 -11.72 -32.65 -9.01
N VAL A 110 -12.99 -32.97 -8.65
CA VAL A 110 -14.19 -32.36 -9.24
C VAL A 110 -14.89 -31.51 -8.17
N VAL A 111 -15.25 -30.26 -8.47
CA VAL A 111 -16.09 -29.45 -7.56
C VAL A 111 -17.50 -30.07 -7.49
N THR A 112 -17.95 -30.40 -6.28
CA THR A 112 -19.20 -31.14 -6.06
C THR A 112 -20.12 -30.37 -5.09
N SER A 113 -19.78 -29.09 -4.84
CA SER A 113 -20.63 -28.13 -4.14
C SER A 113 -20.43 -26.73 -4.74
N ARG A 114 -21.27 -25.78 -4.32
CA ARG A 114 -21.21 -24.37 -4.77
C ARG A 114 -20.12 -23.59 -3.99
N PRO A 115 -19.42 -22.60 -4.66
CA PRO A 115 -18.39 -21.74 -4.02
C PRO A 115 -18.86 -21.04 -2.72
N GLY A 116 -18.19 -21.37 -1.60
CA GLY A 116 -18.40 -20.67 -0.33
C GLY A 116 -17.86 -19.24 -0.38
N GLN A 117 -18.46 -18.32 0.41
CA GLN A 117 -18.14 -16.87 0.35
C GLN A 117 -16.71 -16.54 0.86
N ASP A 118 -16.10 -17.48 1.63
CA ASP A 118 -14.69 -17.37 2.05
C ASP A 118 -13.72 -17.68 0.90
N GLY A 119 -14.26 -18.17 -0.22
CA GLY A 119 -13.48 -18.61 -1.37
C GLY A 119 -13.15 -20.10 -1.30
N VAL A 120 -13.95 -20.85 -0.50
CA VAL A 120 -13.72 -22.30 -0.27
C VAL A 120 -14.82 -23.11 -1.00
N ILE A 121 -14.42 -23.84 -2.06
CA ILE A 121 -15.33 -24.65 -2.90
C ILE A 121 -15.13 -26.14 -2.57
N ASN A 122 -16.14 -26.79 -1.95
CA ASN A 122 -16.07 -28.24 -1.63
C ASN A 122 -16.00 -29.10 -2.92
N ALA A 123 -14.98 -29.97 -2.96
CA ALA A 123 -14.67 -30.85 -4.12
C ALA A 123 -14.48 -32.32 -3.66
N VAL A 124 -14.33 -33.27 -4.60
CA VAL A 124 -13.90 -34.67 -4.31
C VAL A 124 -12.73 -35.05 -5.23
N LEU A 125 -11.65 -35.61 -4.65
CA LEU A 125 -10.47 -36.06 -5.41
C LEU A 125 -10.83 -37.22 -6.35
N LEU A 126 -10.68 -36.97 -7.66
CA LEU A 126 -10.87 -37.97 -8.71
C LEU A 126 -9.70 -38.98 -8.69
N LYS A 127 -8.47 -38.41 -8.61
CA LYS A 127 -7.19 -39.17 -8.48
C LYS A 127 -6.80 -39.89 -9.80
N ASN A 128 -7.63 -39.76 -10.84
CA ASN A 128 -7.37 -40.35 -12.18
C ASN A 128 -6.67 -39.31 -13.09
N GLU A 129 -6.24 -39.76 -14.27
CA GLU A 129 -5.76 -38.86 -15.32
C GLU A 129 -6.92 -38.61 -16.30
N SER A 130 -7.70 -37.55 -16.05
CA SER A 130 -8.88 -37.20 -16.87
C SER A 130 -8.42 -36.55 -18.19
N GLN A 131 -8.12 -37.40 -19.19
CA GLN A 131 -7.83 -36.96 -20.56
C GLN A 131 -9.16 -36.65 -21.26
N ARG A 132 -9.62 -35.39 -21.09
CA ARG A 132 -10.87 -34.90 -21.68
C ARG A 132 -10.54 -33.86 -22.76
N SER A 133 -11.13 -34.04 -23.94
CA SER A 133 -11.00 -33.12 -25.07
C SER A 133 -12.31 -33.17 -25.88
N MET A 1 72.53 -29.42 -58.34
CA MET A 1 73.87 -28.87 -57.98
C MET A 1 73.83 -28.30 -56.54
N GLY A 2 73.01 -27.25 -56.33
CA GLY A 2 72.89 -26.63 -55.00
C GLY A 2 71.80 -27.27 -54.15
N PHE A 3 71.84 -27.02 -52.85
CA PHE A 3 70.93 -27.62 -51.86
C PHE A 3 70.20 -26.52 -51.07
N TYR A 4 68.89 -26.37 -51.33
CA TYR A 4 68.01 -25.47 -50.57
C TYR A 4 67.72 -26.09 -49.19
N GLN A 5 68.58 -25.76 -48.21
CA GLN A 5 68.49 -26.33 -46.85
C GLN A 5 69.21 -25.37 -45.87
N GLY A 6 68.56 -25.10 -44.73
CA GLY A 6 69.09 -24.21 -43.70
C GLY A 6 67.99 -23.69 -42.77
N PRO A 7 68.17 -22.48 -42.15
CA PRO A 7 67.14 -21.86 -41.27
C PRO A 7 65.90 -21.36 -42.07
N ASP A 8 66.09 -21.10 -43.38
CA ASP A 8 65.00 -20.68 -44.27
C ASP A 8 64.10 -21.89 -44.59
N ASN A 9 62.76 -21.65 -44.58
CA ASN A 9 61.68 -22.68 -44.67
C ASN A 9 61.48 -23.43 -43.32
N ARG A 10 62.47 -23.35 -42.40
CA ARG A 10 62.44 -24.07 -41.12
C ARG A 10 61.65 -23.25 -40.07
N LYS A 11 60.57 -23.85 -39.55
CA LYS A 11 59.70 -23.22 -38.54
C LYS A 11 59.75 -24.03 -37.23
N ILE A 12 59.45 -23.36 -36.10
CA ILE A 12 59.37 -24.01 -34.78
C ILE A 12 58.10 -24.90 -34.69
N THR A 13 58.27 -26.19 -34.98
CA THR A 13 57.17 -27.18 -35.07
C THR A 13 56.66 -27.62 -33.67
N GLY A 14 57.36 -27.15 -32.61
CA GLY A 14 56.97 -27.42 -31.23
C GLY A 14 55.62 -26.79 -30.87
N GLY A 15 54.66 -27.63 -30.47
CA GLY A 15 53.33 -27.17 -30.05
C GLY A 15 53.30 -26.83 -28.56
N LEU A 16 53.58 -25.56 -28.23
CA LEU A 16 53.58 -25.06 -26.85
C LEU A 16 52.13 -24.95 -26.35
N LYS A 17 51.62 -26.05 -25.79
CA LYS A 17 50.22 -26.18 -25.36
C LYS A 17 50.10 -27.36 -24.38
N GLY A 18 50.58 -27.14 -23.14
CA GLY A 18 50.54 -28.15 -22.08
C GLY A 18 49.25 -28.07 -21.28
N LYS A 19 48.15 -28.57 -21.86
CA LYS A 19 46.82 -28.53 -21.23
C LYS A 19 46.72 -29.61 -20.14
N HIS A 20 46.94 -29.16 -18.88
CA HIS A 20 46.84 -30.00 -17.69
C HIS A 20 45.38 -30.46 -17.50
N ARG A 21 45.07 -31.68 -17.96
CA ARG A 21 43.73 -32.28 -17.85
C ARG A 21 43.42 -32.76 -16.42
N ASP A 22 42.22 -33.37 -16.25
CA ASP A 22 41.66 -33.75 -14.94
C ASP A 22 42.61 -34.72 -14.17
N LYS A 23 43.32 -34.16 -13.17
CA LYS A 23 44.20 -34.92 -12.26
C LYS A 23 43.84 -34.57 -10.82
N ARG A 24 43.64 -35.61 -9.98
CA ARG A 24 43.23 -35.43 -8.58
C ARG A 24 44.40 -34.92 -7.70
N LYS A 25 45.65 -35.00 -8.22
CA LYS A 25 46.83 -34.46 -7.53
C LYS A 25 46.77 -32.92 -7.48
N TYR A 26 46.33 -32.39 -6.34
CA TYR A 26 46.34 -30.94 -6.05
C TYR A 26 47.61 -30.64 -5.23
N GLU A 27 48.58 -29.96 -5.87
CA GLU A 27 49.88 -29.64 -5.25
C GLU A 27 49.68 -28.66 -4.09
N ILE A 28 49.76 -29.19 -2.85
CA ILE A 28 49.44 -28.45 -1.63
C ILE A 28 50.61 -27.53 -1.25
N GLY A 29 50.46 -26.24 -1.60
CA GLY A 29 51.35 -25.18 -1.12
C GLY A 29 50.68 -24.37 0.00
N ASN A 30 49.80 -25.07 0.75
CA ASN A 30 49.02 -24.49 1.85
C ASN A 30 49.57 -25.01 3.20
N PRO A 31 49.86 -24.10 4.19
CA PRO A 31 50.27 -24.50 5.56
C PRO A 31 49.03 -24.92 6.41
N PRO A 32 49.15 -25.13 7.79
CA PRO A 32 47.96 -25.18 8.66
C PRO A 32 47.12 -23.88 8.49
N THR A 33 46.00 -24.01 7.75
CA THR A 33 45.23 -22.86 7.26
C THR A 33 44.75 -21.95 8.42
N PHE A 34 45.19 -20.68 8.37
CA PHE A 34 44.96 -19.67 9.42
C PHE A 34 43.62 -18.94 9.25
N THR A 35 42.71 -19.55 8.47
CA THR A 35 41.36 -19.03 8.25
C THR A 35 40.53 -19.26 9.54
N THR A 36 40.43 -18.20 10.35
CA THR A 36 39.76 -18.20 11.65
C THR A 36 38.22 -18.16 11.49
N LEU A 37 37.49 -17.93 12.61
CA LEU A 37 36.01 -17.94 12.63
C LEU A 37 35.47 -16.80 11.72
N SER A 38 35.09 -17.19 10.49
CA SER A 38 34.40 -16.32 9.53
C SER A 38 33.00 -16.89 9.24
N ALA A 39 32.55 -17.84 10.09
CA ALA A 39 31.23 -18.49 9.98
C ALA A 39 30.09 -17.48 10.16
N GLU A 40 30.29 -16.49 11.04
CA GLU A 40 29.31 -15.43 11.32
C GLU A 40 29.07 -14.52 10.08
N ASP A 41 30.09 -14.43 9.20
CA ASP A 41 29.97 -13.71 7.90
C ASP A 41 29.05 -14.49 6.95
N ILE A 42 29.18 -15.83 6.98
CA ILE A 42 28.33 -16.74 6.18
C ILE A 42 26.87 -16.72 6.70
N ARG A 43 26.72 -16.57 8.03
CA ARG A 43 25.42 -16.51 8.71
C ARG A 43 24.79 -15.11 8.59
N ILE A 44 25.60 -14.07 8.32
CA ILE A 44 25.08 -12.71 8.06
C ILE A 44 24.58 -12.64 6.60
N LYS A 45 25.27 -13.41 5.71
CA LYS A 45 24.80 -13.66 4.33
C LYS A 45 23.45 -14.38 4.39
N ASP A 46 23.30 -15.30 5.34
CA ASP A 46 22.07 -16.08 5.54
C ASP A 46 20.94 -15.20 6.12
N ARG A 47 21.29 -14.25 7.02
CA ARG A 47 20.28 -13.38 7.67
C ARG A 47 19.57 -12.50 6.63
N THR A 48 20.31 -12.11 5.56
CA THR A 48 19.76 -11.28 4.47
C THR A 48 19.25 -12.16 3.29
N LEU A 49 19.82 -13.37 3.14
CA LEU A 49 19.44 -14.31 2.04
C LEU A 49 18.01 -14.81 2.26
N GLY A 50 17.75 -15.32 3.47
CA GLY A 50 16.40 -15.68 3.91
C GLY A 50 15.64 -14.49 4.47
N GLY A 51 16.37 -13.37 4.66
CA GLY A 51 15.82 -12.13 5.20
C GLY A 51 14.94 -11.39 4.21
N ASN A 52 13.69 -11.82 4.17
CA ASN A 52 12.60 -11.12 3.47
C ASN A 52 11.45 -10.98 4.46
N PHE A 53 10.70 -9.88 4.37
CA PHE A 53 9.51 -9.67 5.20
C PHE A 53 8.45 -10.71 4.83
N LYS A 54 8.27 -11.74 5.70
CA LYS A 54 7.22 -12.75 5.54
C LYS A 54 5.88 -12.00 5.68
N VAL A 55 5.29 -11.65 4.52
CA VAL A 55 4.05 -10.89 4.45
C VAL A 55 2.88 -11.70 5.05
N ARG A 56 1.80 -10.99 5.41
CA ARG A 56 0.58 -11.61 5.91
C ARG A 56 -0.07 -12.30 4.71
N LEU A 57 -0.08 -13.64 4.73
CA LEU A 57 -0.57 -14.46 3.62
C LEU A 57 -2.03 -14.13 3.30
N LYS A 58 -2.29 -13.76 2.04
CA LYS A 58 -3.65 -13.56 1.53
C LYS A 58 -4.31 -14.93 1.44
N TYR A 59 -5.53 -15.06 2.00
CA TYR A 59 -6.35 -16.24 1.77
C TYR A 59 -6.78 -16.20 0.29
N THR A 60 -6.03 -16.88 -0.55
CA THR A 60 -6.33 -17.06 -1.97
C THR A 60 -7.47 -18.07 -2.11
N THR A 61 -8.19 -18.05 -3.25
CA THR A 61 -9.30 -18.97 -3.49
C THR A 61 -8.85 -20.44 -3.33
N THR A 62 -9.62 -21.18 -2.54
CA THR A 62 -9.24 -22.51 -2.02
C THR A 62 -10.30 -23.52 -2.46
N ALA A 63 -9.91 -24.79 -2.57
CA ALA A 63 -10.84 -25.89 -2.85
C ALA A 63 -10.79 -26.86 -1.67
N ASN A 64 -11.95 -27.14 -1.07
CA ASN A 64 -12.06 -28.05 0.06
C ASN A 64 -12.50 -29.39 -0.47
N VAL A 65 -11.57 -30.33 -0.67
CA VAL A 65 -11.93 -31.68 -1.08
C VAL A 65 -12.36 -32.33 0.23
N LEU A 66 -13.34 -33.20 0.01
CA LEU A 66 -13.52 -34.44 0.73
C LEU A 66 -12.70 -35.43 -0.10
N ASP A 67 -11.78 -36.14 0.55
CA ASP A 67 -10.99 -37.18 -0.11
C ASP A 67 -11.63 -38.53 0.23
N PRO A 68 -12.29 -39.22 -0.76
CA PRO A 68 -12.96 -40.52 -0.52
C PRO A 68 -11.98 -41.70 -0.33
N ALA A 69 -10.66 -41.44 -0.47
CA ALA A 69 -9.62 -42.44 -0.20
C ALA A 69 -9.37 -42.54 1.32
N THR A 70 -9.28 -41.38 2.00
CA THR A 70 -9.08 -41.31 3.47
C THR A 70 -10.40 -41.10 4.22
N ASN A 71 -11.46 -40.71 3.48
CA ASN A 71 -12.81 -40.37 4.00
C ASN A 71 -12.75 -39.07 4.89
N THR A 72 -11.74 -38.22 4.64
CA THR A 72 -11.51 -36.97 5.42
C THR A 72 -11.45 -35.75 4.48
N ALA A 73 -12.04 -34.63 4.92
CA ALA A 73 -12.09 -33.38 4.13
C ALA A 73 -10.82 -32.55 4.34
N LYS A 74 -10.15 -32.21 3.22
CA LYS A 74 -8.89 -31.50 3.18
C LYS A 74 -9.09 -30.15 2.45
N LYS A 75 -8.67 -29.05 3.06
CA LYS A 75 -8.82 -27.71 2.48
C LYS A 75 -7.45 -27.28 1.92
N VAL A 76 -7.35 -27.31 0.58
CA VAL A 76 -6.08 -27.15 -0.17
C VAL A 76 -6.22 -26.07 -1.23
N LYS A 77 -5.10 -25.41 -1.53
CA LYS A 77 -5.04 -24.27 -2.45
C LYS A 77 -5.40 -24.71 -3.90
N ILE A 78 -5.95 -23.78 -4.69
CA ILE A 78 -6.32 -24.05 -6.07
C ILE A 78 -5.10 -23.80 -6.96
N LEU A 79 -4.82 -24.75 -7.84
CA LEU A 79 -3.90 -24.57 -8.96
C LEU A 79 -4.73 -24.05 -10.13
N GLU A 80 -5.48 -24.93 -10.83
CA GLU A 80 -6.32 -24.48 -11.97
C GLU A 80 -7.41 -25.49 -12.35
N ILE A 81 -8.44 -25.00 -13.05
CA ILE A 81 -9.53 -25.83 -13.58
C ILE A 81 -9.13 -26.41 -14.95
N LEU A 82 -9.43 -27.71 -15.16
CA LEU A 82 -9.11 -28.43 -16.39
C LEU A 82 -10.33 -28.35 -17.33
N GLU A 83 -11.45 -28.96 -16.89
CA GLU A 83 -12.75 -28.81 -17.57
C GLU A 83 -13.31 -27.42 -17.23
N THR A 84 -13.50 -26.59 -18.27
CA THR A 84 -13.93 -25.20 -18.14
C THR A 84 -15.38 -25.10 -17.59
N PRO A 85 -15.59 -24.41 -16.41
CA PRO A 85 -16.94 -24.06 -15.91
C PRO A 85 -17.80 -23.30 -16.95
N ALA A 86 -19.13 -23.54 -16.91
CA ALA A 86 -20.11 -22.84 -17.76
C ALA A 86 -20.01 -21.32 -17.55
N ASN A 87 -19.87 -20.92 -16.28
CA ASN A 87 -19.55 -19.55 -15.89
C ASN A 87 -18.02 -19.33 -15.85
N LYS A 88 -17.35 -19.52 -17.01
CA LYS A 88 -15.87 -19.30 -17.16
C LYS A 88 -15.50 -17.85 -16.76
N GLU A 89 -16.32 -16.86 -17.14
CA GLU A 89 -16.13 -15.45 -16.72
C GLU A 89 -15.99 -15.28 -15.19
N LEU A 90 -16.60 -16.21 -14.44
CA LEU A 90 -16.49 -16.26 -12.99
C LEU A 90 -15.41 -17.25 -12.50
N ALA A 91 -15.16 -18.32 -13.28
CA ALA A 91 -14.06 -19.29 -13.02
C ALA A 91 -12.69 -18.61 -12.83
N ARG A 92 -12.46 -17.51 -13.57
CA ARG A 92 -11.23 -16.69 -13.46
C ARG A 92 -11.16 -15.97 -12.09
N ARG A 93 -12.35 -15.66 -11.54
CA ARG A 93 -12.51 -15.06 -10.19
C ARG A 93 -12.41 -16.15 -9.10
N GLY A 94 -12.39 -17.42 -9.53
CA GLY A 94 -12.35 -18.57 -8.61
C GLY A 94 -13.73 -19.15 -8.33
N ILE A 95 -14.77 -18.54 -8.91
CA ILE A 95 -16.16 -18.98 -8.77
C ILE A 95 -16.44 -20.12 -9.78
N ILE A 96 -16.32 -21.35 -9.31
CA ILE A 96 -16.42 -22.57 -10.15
C ILE A 96 -17.87 -23.13 -10.09
N ILE A 97 -18.32 -23.78 -11.18
CA ILE A 97 -19.65 -24.41 -11.24
C ILE A 97 -19.53 -25.92 -10.98
N ARG A 98 -20.54 -26.51 -10.31
CA ARG A 98 -20.53 -27.93 -9.89
C ARG A 98 -20.38 -28.90 -11.11
N GLY A 99 -19.34 -29.73 -11.08
CA GLY A 99 -19.07 -30.74 -12.11
C GLY A 99 -17.76 -30.50 -12.84
N ALA A 100 -17.21 -29.29 -12.71
CA ALA A 100 -15.99 -28.89 -13.41
C ALA A 100 -14.74 -29.39 -12.66
N LYS A 101 -13.78 -29.95 -13.41
CA LYS A 101 -12.55 -30.51 -12.84
C LYS A 101 -11.56 -29.39 -12.51
N ILE A 102 -10.77 -29.63 -11.48
CA ILE A 102 -9.84 -28.68 -10.87
C ILE A 102 -8.64 -29.46 -10.32
N ARG A 103 -7.49 -28.82 -10.18
CA ARG A 103 -6.30 -29.41 -9.57
C ARG A 103 -5.99 -28.65 -8.29
N THR A 104 -5.77 -29.38 -7.20
CA THR A 104 -5.42 -28.83 -5.90
C THR A 104 -3.98 -29.23 -5.52
N GLU A 105 -3.54 -28.84 -4.30
CA GLU A 105 -2.25 -29.27 -3.73
C GLU A 105 -2.19 -30.81 -3.55
N ALA A 106 -3.37 -31.41 -3.33
CA ALA A 106 -3.52 -32.85 -3.08
C ALA A 106 -3.47 -33.65 -4.39
N GLY A 107 -4.47 -33.44 -5.26
CA GLY A 107 -4.55 -34.14 -6.55
C GLY A 107 -5.53 -33.49 -7.50
N LEU A 108 -6.00 -34.29 -8.48
CA LEU A 108 -7.17 -33.91 -9.32
C LEU A 108 -8.44 -34.05 -8.45
N ALA A 109 -9.25 -32.99 -8.44
CA ALA A 109 -10.56 -32.96 -7.79
C ALA A 109 -11.62 -32.47 -8.78
N VAL A 110 -12.87 -32.88 -8.54
CA VAL A 110 -14.04 -32.40 -9.27
C VAL A 110 -14.98 -31.68 -8.27
N VAL A 111 -15.29 -30.40 -8.53
CA VAL A 111 -16.09 -29.58 -7.60
C VAL A 111 -17.54 -30.12 -7.51
N THR A 112 -17.98 -30.43 -6.28
CA THR A 112 -19.29 -31.02 -6.00
C THR A 112 -20.22 -30.04 -5.28
N SER A 113 -19.84 -28.75 -5.27
CA SER A 113 -20.67 -27.65 -4.75
C SER A 113 -20.23 -26.32 -5.39
N ARG A 114 -21.00 -25.27 -5.11
CA ARG A 114 -20.62 -23.88 -5.41
C ARG A 114 -19.60 -23.37 -4.37
N PRO A 115 -18.84 -22.25 -4.69
CA PRO A 115 -17.96 -21.58 -3.70
C PRO A 115 -18.73 -21.13 -2.45
N GLY A 116 -18.32 -21.65 -1.28
CA GLY A 116 -18.78 -21.14 0.01
C GLY A 116 -18.37 -19.68 0.23
N GLN A 117 -18.95 -19.05 1.26
CA GLN A 117 -18.77 -17.61 1.52
C GLN A 117 -17.32 -17.23 1.86
N ASP A 118 -16.55 -18.22 2.35
CA ASP A 118 -15.11 -18.06 2.66
C ASP A 118 -14.23 -17.99 1.39
N GLY A 119 -14.82 -18.25 0.21
CA GLY A 119 -14.07 -18.33 -1.04
C GLY A 119 -13.40 -19.67 -1.19
N VAL A 120 -14.15 -20.72 -0.81
CA VAL A 120 -13.67 -22.10 -0.83
C VAL A 120 -14.74 -23.02 -1.46
N ILE A 121 -14.37 -23.66 -2.58
CA ILE A 121 -15.28 -24.51 -3.37
C ILE A 121 -15.10 -25.97 -2.95
N ASN A 122 -16.17 -26.60 -2.43
CA ASN A 122 -16.14 -28.03 -2.08
C ASN A 122 -15.93 -28.89 -3.35
N ALA A 123 -14.91 -29.76 -3.30
CA ALA A 123 -14.55 -30.68 -4.39
C ALA A 123 -14.43 -32.12 -3.86
N VAL A 124 -14.28 -33.10 -4.77
CA VAL A 124 -13.95 -34.49 -4.42
C VAL A 124 -12.72 -34.94 -5.21
N LEU A 125 -11.67 -35.42 -4.51
CA LEU A 125 -10.49 -36.01 -5.17
C LEU A 125 -10.91 -37.30 -5.91
N LEU A 126 -10.53 -37.42 -7.19
CA LEU A 126 -10.81 -38.63 -7.99
C LEU A 126 -9.82 -39.75 -7.65
N LYS A 127 -8.97 -39.51 -6.61
CA LYS A 127 -8.18 -40.54 -5.96
C LYS A 127 -9.13 -41.49 -5.17
N ASN A 128 -9.67 -42.45 -5.92
CA ASN A 128 -10.66 -43.47 -5.49
C ASN A 128 -11.03 -44.34 -6.70
N GLU A 129 -10.95 -43.71 -7.90
CA GLU A 129 -11.20 -44.36 -9.20
C GLU A 129 -10.05 -45.34 -9.54
N SER A 130 -10.32 -46.29 -10.46
CA SER A 130 -9.34 -47.26 -10.97
C SER A 130 -8.09 -46.54 -11.56
N GLN A 131 -7.06 -46.40 -10.71
CA GLN A 131 -5.79 -45.76 -11.06
C GLN A 131 -4.65 -46.50 -10.33
N ARG A 132 -3.85 -47.25 -11.10
CA ARG A 132 -2.76 -48.08 -10.55
C ARG A 132 -1.50 -47.21 -10.43
N SER A 133 -1.51 -46.31 -9.43
CA SER A 133 -0.34 -45.52 -9.05
C SER A 133 0.50 -46.36 -8.05
N MET A 1 -26.64 123.42 38.91
CA MET A 1 -27.20 122.14 39.39
C MET A 1 -26.09 121.08 39.47
N GLY A 2 -26.46 119.85 39.87
CA GLY A 2 -25.51 118.74 40.04
C GLY A 2 -25.22 118.00 38.73
N PHE A 3 -24.60 118.71 37.78
CA PHE A 3 -24.18 118.14 36.46
C PHE A 3 -22.68 118.37 36.28
N TYR A 4 -21.98 117.35 35.76
CA TYR A 4 -20.51 117.36 35.54
C TYR A 4 -20.11 116.24 34.57
N GLN A 5 -18.97 116.43 33.86
CA GLN A 5 -18.48 115.50 32.83
C GLN A 5 -16.96 115.69 32.63
N GLY A 6 -16.29 114.62 32.19
CA GLY A 6 -14.86 114.61 31.90
C GLY A 6 -14.43 113.28 31.27
N PRO A 7 -13.10 113.00 31.15
CA PRO A 7 -12.60 111.70 30.64
C PRO A 7 -12.71 110.60 31.72
N ASP A 8 -12.95 109.35 31.28
CA ASP A 8 -12.95 108.15 32.17
C ASP A 8 -11.56 107.48 32.11
N ASN A 9 -11.39 106.38 32.84
CA ASN A 9 -10.18 105.54 32.74
C ASN A 9 -10.14 104.90 31.33
N ARG A 10 -9.28 105.45 30.45
CA ARG A 10 -9.19 104.98 29.05
C ARG A 10 -8.63 103.55 29.00
N LYS A 11 -9.40 102.66 28.35
CA LYS A 11 -9.09 101.22 28.28
C LYS A 11 -8.07 100.93 27.16
N ILE A 12 -6.83 100.69 27.57
CA ILE A 12 -5.72 100.31 26.68
C ILE A 12 -5.58 98.78 26.68
N THR A 13 -5.80 98.15 25.51
CA THR A 13 -5.66 96.69 25.34
C THR A 13 -4.28 96.37 24.73
N GLY A 14 -3.89 95.08 24.78
CA GLY A 14 -2.59 94.61 24.25
C GLY A 14 -2.43 94.88 22.76
N GLY A 15 -3.27 94.21 21.95
CA GLY A 15 -3.26 94.36 20.48
C GLY A 15 -3.21 93.03 19.75
N LEU A 16 -2.88 93.07 18.45
CA LEU A 16 -2.80 91.89 17.58
C LEU A 16 -1.37 91.32 17.52
N LYS A 17 -0.37 92.20 17.78
CA LYS A 17 1.05 91.84 17.70
C LYS A 17 1.44 90.87 18.83
N GLY A 18 1.65 89.59 18.47
CA GLY A 18 2.13 88.56 19.38
C GLY A 18 3.59 88.21 19.13
N LYS A 19 3.96 86.95 19.40
CA LYS A 19 5.31 86.42 19.17
C LYS A 19 5.19 84.96 18.74
N HIS A 20 5.16 84.73 17.40
CA HIS A 20 4.97 83.40 16.83
C HIS A 20 6.21 82.52 17.06
N ARG A 21 5.98 81.33 17.66
CA ARG A 21 7.04 80.38 18.02
C ARG A 21 7.12 79.26 16.97
N ASP A 22 8.34 78.73 16.76
CA ASP A 22 8.60 77.66 15.78
C ASP A 22 8.39 76.27 16.41
N LYS A 23 8.30 75.25 15.54
CA LYS A 23 8.27 73.82 15.93
C LYS A 23 9.30 73.06 15.09
N ARG A 24 9.43 71.75 15.31
CA ARG A 24 10.30 70.88 14.49
C ARG A 24 9.64 69.50 14.30
N LYS A 25 9.60 69.03 13.05
CA LYS A 25 9.09 67.70 12.69
C LYS A 25 10.15 66.64 13.01
N TYR A 26 9.77 65.68 13.86
CA TYR A 26 10.55 64.47 14.12
C TYR A 26 10.31 63.50 12.96
N GLU A 27 11.33 63.39 12.09
CA GLU A 27 11.23 62.69 10.80
C GLU A 27 11.12 61.17 10.93
N ILE A 28 10.92 60.52 9.77
CA ILE A 28 10.67 59.07 9.66
C ILE A 28 11.88 58.25 10.16
N GLY A 29 11.59 57.19 10.94
CA GLY A 29 12.63 56.29 11.47
C GLY A 29 13.22 55.35 10.41
N ASN A 30 14.10 54.44 10.83
CA ASN A 30 14.78 53.49 9.93
C ASN A 30 13.82 52.33 9.53
N PRO A 31 13.81 51.89 8.23
CA PRO A 31 12.95 50.77 7.77
C PRO A 31 13.39 49.41 8.40
N PRO A 32 12.42 48.55 8.87
CA PRO A 32 12.75 47.28 9.55
C PRO A 32 13.02 46.13 8.55
N THR A 33 13.53 45.01 9.10
CA THR A 33 13.79 43.77 8.33
C THR A 33 12.48 43.04 8.04
N PHE A 34 12.44 42.29 6.93
CA PHE A 34 11.25 41.52 6.50
C PHE A 34 11.16 40.19 7.27
N THR A 35 9.98 39.55 7.20
CA THR A 35 9.68 38.32 7.95
C THR A 35 10.35 37.08 7.30
N THR A 36 10.92 36.20 8.15
CA THR A 36 11.53 34.93 7.71
C THR A 36 10.48 33.80 7.77
N LEU A 37 10.69 32.75 6.95
CA LEU A 37 9.79 31.59 6.86
C LEU A 37 10.09 30.57 7.98
N SER A 38 9.12 29.69 8.25
CA SER A 38 9.27 28.56 9.18
C SER A 38 8.87 27.25 8.48
N ALA A 39 8.77 27.32 7.13
CA ALA A 39 8.22 26.25 6.28
C ALA A 39 8.98 24.92 6.43
N GLU A 40 10.30 24.97 6.21
CA GLU A 40 11.17 23.77 6.21
C GLU A 40 11.27 23.13 7.62
N ASP A 41 11.11 23.95 8.67
CA ASP A 41 11.06 23.48 10.07
C ASP A 41 9.79 22.63 10.32
N ILE A 42 8.68 23.07 9.73
CA ILE A 42 7.40 22.32 9.78
C ILE A 42 7.53 21.01 8.97
N ARG A 43 8.31 21.04 7.87
CA ARG A 43 8.48 19.88 6.97
C ARG A 43 9.37 18.79 7.59
N ILE A 44 10.29 19.17 8.52
CA ILE A 44 11.14 18.17 9.21
C ILE A 44 10.31 17.47 10.30
N LYS A 45 9.42 18.23 10.98
CA LYS A 45 8.41 17.67 11.88
C LYS A 45 7.46 16.72 11.10
N ASP A 46 7.14 17.13 9.86
CA ASP A 46 6.24 16.39 8.97
C ASP A 46 6.81 15.01 8.59
N ARG A 47 8.15 14.91 8.35
CA ARG A 47 8.78 13.63 7.96
C ARG A 47 8.76 12.63 9.13
N THR A 48 9.08 13.13 10.35
CA THR A 48 9.17 12.27 11.56
C THR A 48 7.78 11.98 12.16
N LEU A 49 6.73 12.61 11.60
CA LEU A 49 5.32 12.36 11.98
C LEU A 49 4.62 11.44 10.94
N GLY A 50 5.20 11.35 9.72
CA GLY A 50 4.59 10.63 8.60
C GLY A 50 4.57 9.11 8.77
N GLY A 51 3.49 8.46 8.28
CA GLY A 51 3.33 7.01 8.36
C GLY A 51 2.13 6.52 7.55
N ASN A 52 2.38 5.65 6.54
CA ASN A 52 1.33 5.08 5.68
C ASN A 52 0.79 3.76 6.25
N PHE A 53 -0.44 3.41 5.85
CA PHE A 53 -1.08 2.11 6.16
C PHE A 53 -1.00 1.21 4.91
N LYS A 54 -0.16 0.16 4.99
CA LYS A 54 0.05 -0.79 3.88
C LYS A 54 -1.12 -1.78 3.85
N VAL A 55 -1.85 -1.83 2.72
CA VAL A 55 -3.02 -2.74 2.56
C VAL A 55 -2.56 -4.23 2.61
N ARG A 56 -3.30 -5.06 3.33
CA ARG A 56 -3.04 -6.49 3.44
C ARG A 56 -3.53 -7.21 2.17
N LEU A 57 -2.78 -8.23 1.73
CA LEU A 57 -3.19 -9.12 0.64
C LEU A 57 -4.33 -10.02 1.12
N LYS A 58 -5.32 -10.26 0.24
CA LYS A 58 -6.49 -11.10 0.55
C LYS A 58 -6.06 -12.59 0.66
N TYR A 59 -7.03 -13.45 1.04
CA TYR A 59 -6.84 -14.91 1.01
C TYR A 59 -6.75 -15.40 -0.45
N THR A 60 -5.91 -16.40 -0.70
CA THR A 60 -5.78 -17.02 -2.03
C THR A 60 -6.99 -17.96 -2.28
N THR A 61 -7.31 -18.19 -3.56
CA THR A 61 -8.42 -19.08 -3.95
C THR A 61 -8.11 -20.53 -3.52
N THR A 62 -9.06 -21.17 -2.82
CA THR A 62 -8.85 -22.46 -2.13
C THR A 62 -10.05 -23.41 -2.40
N ALA A 63 -9.74 -24.72 -2.49
CA ALA A 63 -10.72 -25.80 -2.67
C ALA A 63 -10.65 -26.75 -1.47
N ASN A 64 -11.82 -27.24 -1.02
CA ASN A 64 -11.90 -28.11 0.17
C ASN A 64 -12.29 -29.52 -0.27
N VAL A 65 -11.28 -30.33 -0.55
CA VAL A 65 -11.44 -31.70 -1.05
C VAL A 65 -11.78 -32.51 0.21
N LEU A 66 -12.90 -33.24 0.06
CA LEU A 66 -13.15 -34.53 0.72
C LEU A 66 -12.26 -35.55 -0.02
N ASP A 67 -11.43 -36.27 0.74
CA ASP A 67 -10.58 -37.35 0.25
C ASP A 67 -11.46 -38.62 0.10
N PRO A 68 -11.77 -39.09 -1.15
CA PRO A 68 -12.72 -40.21 -1.41
C PRO A 68 -12.38 -41.56 -0.72
N ALA A 69 -11.10 -41.74 -0.32
CA ALA A 69 -10.65 -42.99 0.34
C ALA A 69 -10.88 -42.93 1.86
N THR A 70 -10.17 -42.01 2.53
CA THR A 70 -10.19 -41.87 4.00
C THR A 70 -11.48 -41.19 4.50
N ASN A 71 -12.11 -40.43 3.60
CA ASN A 71 -13.34 -39.66 3.84
C ASN A 71 -13.11 -38.60 4.94
N THR A 72 -12.18 -37.69 4.63
CA THR A 72 -11.77 -36.56 5.48
C THR A 72 -11.69 -35.26 4.64
N ALA A 73 -11.93 -34.08 5.23
CA ALA A 73 -11.87 -32.80 4.49
C ALA A 73 -10.43 -32.28 4.49
N LYS A 74 -10.06 -31.56 3.42
CA LYS A 74 -8.70 -31.15 3.12
C LYS A 74 -8.79 -29.81 2.38
N LYS A 75 -8.36 -28.73 2.99
CA LYS A 75 -8.49 -27.39 2.41
C LYS A 75 -7.11 -26.98 1.88
N VAL A 76 -6.99 -27.06 0.55
CA VAL A 76 -5.75 -26.91 -0.22
C VAL A 76 -5.95 -25.89 -1.33
N LYS A 77 -4.85 -25.23 -1.72
CA LYS A 77 -4.86 -24.12 -2.69
C LYS A 77 -5.31 -24.60 -4.09
N ILE A 78 -6.02 -23.72 -4.82
CA ILE A 78 -6.48 -24.01 -6.19
C ILE A 78 -5.34 -23.71 -7.14
N LEU A 79 -5.07 -24.64 -8.05
CA LEU A 79 -4.19 -24.39 -9.19
C LEU A 79 -5.10 -23.90 -10.34
N GLU A 80 -5.87 -24.80 -11.00
CA GLU A 80 -6.75 -24.37 -12.13
C GLU A 80 -7.80 -25.43 -12.50
N ILE A 81 -8.86 -24.99 -13.22
CA ILE A 81 -9.92 -25.87 -13.73
C ILE A 81 -9.46 -26.60 -15.01
N LEU A 82 -9.88 -27.86 -15.17
CA LEU A 82 -9.57 -28.72 -16.33
C LEU A 82 -10.78 -28.74 -17.26
N GLU A 83 -11.91 -29.25 -16.72
CA GLU A 83 -13.19 -29.19 -17.42
C GLU A 83 -13.71 -27.75 -17.28
N THR A 84 -13.65 -27.00 -18.38
CA THR A 84 -13.90 -25.56 -18.39
C THR A 84 -15.41 -25.25 -18.20
N PRO A 85 -15.79 -24.50 -17.12
CA PRO A 85 -17.18 -23.99 -16.94
C PRO A 85 -17.62 -23.10 -18.13
N ALA A 86 -18.93 -23.12 -18.43
CA ALA A 86 -19.54 -22.16 -19.37
C ALA A 86 -19.47 -20.73 -18.77
N ASN A 87 -19.39 -20.67 -17.42
CA ASN A 87 -19.08 -19.44 -16.66
C ASN A 87 -17.57 -19.41 -16.28
N LYS A 88 -16.71 -19.80 -17.26
CA LYS A 88 -15.22 -19.71 -17.16
C LYS A 88 -14.78 -18.31 -16.65
N GLU A 89 -15.46 -17.25 -17.11
CA GLU A 89 -15.20 -15.86 -16.65
C GLU A 89 -15.28 -15.68 -15.11
N LEU A 90 -16.22 -16.40 -14.49
CA LEU A 90 -16.37 -16.47 -13.03
C LEU A 90 -15.30 -17.41 -12.42
N ALA A 91 -15.05 -18.56 -13.06
CA ALA A 91 -13.99 -19.51 -12.67
C ALA A 91 -12.56 -18.88 -12.68
N ARG A 92 -12.39 -17.74 -13.39
CA ARG A 92 -11.15 -16.93 -13.33
C ARG A 92 -11.02 -16.21 -11.97
N ARG A 93 -12.18 -15.76 -11.44
CA ARG A 93 -12.31 -15.26 -10.06
C ARG A 93 -12.23 -16.43 -9.04
N GLY A 94 -12.31 -17.66 -9.56
CA GLY A 94 -12.33 -18.87 -8.74
C GLY A 94 -13.74 -19.26 -8.33
N ILE A 95 -14.75 -18.56 -8.88
CA ILE A 95 -16.16 -18.90 -8.69
C ILE A 95 -16.50 -20.03 -9.67
N ILE A 96 -16.17 -21.26 -9.24
CA ILE A 96 -16.31 -22.46 -10.05
C ILE A 96 -17.73 -23.03 -9.84
N ILE A 97 -18.31 -23.59 -10.91
CA ILE A 97 -19.68 -24.10 -10.88
C ILE A 97 -19.63 -25.60 -10.53
N ARG A 98 -20.57 -26.03 -9.67
CA ARG A 98 -20.66 -27.41 -9.17
C ARG A 98 -20.71 -28.41 -10.35
N GLY A 99 -19.69 -29.27 -10.41
CA GLY A 99 -19.57 -30.29 -11.45
C GLY A 99 -18.32 -30.13 -12.32
N ALA A 100 -17.63 -28.98 -12.22
CA ALA A 100 -16.43 -28.69 -13.04
C ALA A 100 -15.15 -29.21 -12.36
N LYS A 101 -14.21 -29.73 -13.17
CA LYS A 101 -12.98 -30.35 -12.65
C LYS A 101 -11.92 -29.30 -12.37
N ILE A 102 -11.02 -29.62 -11.45
CA ILE A 102 -10.07 -28.68 -10.84
C ILE A 102 -8.79 -29.44 -10.42
N ARG A 103 -7.68 -28.73 -10.32
CA ARG A 103 -6.42 -29.26 -9.76
C ARG A 103 -6.14 -28.52 -8.45
N THR A 104 -5.74 -29.27 -7.41
CA THR A 104 -5.40 -28.73 -6.08
C THR A 104 -3.95 -29.11 -5.72
N GLU A 105 -3.50 -28.76 -4.50
CA GLU A 105 -2.20 -29.21 -3.95
C GLU A 105 -2.13 -30.75 -3.83
N ALA A 106 -3.29 -31.37 -3.52
CA ALA A 106 -3.41 -32.83 -3.35
C ALA A 106 -3.27 -33.55 -4.70
N GLY A 107 -4.27 -33.39 -5.56
CA GLY A 107 -4.30 -34.02 -6.88
C GLY A 107 -5.33 -33.36 -7.78
N LEU A 108 -5.71 -34.08 -8.86
CA LEU A 108 -6.91 -33.76 -9.65
C LEU A 108 -8.15 -34.06 -8.78
N ALA A 109 -9.05 -33.09 -8.68
CA ALA A 109 -10.34 -33.22 -8.00
C ALA A 109 -11.46 -32.66 -8.92
N VAL A 110 -12.72 -32.94 -8.56
CA VAL A 110 -13.90 -32.31 -9.16
C VAL A 110 -14.64 -31.52 -8.09
N VAL A 111 -15.03 -30.26 -8.36
CA VAL A 111 -15.86 -29.50 -7.41
C VAL A 111 -17.28 -30.15 -7.36
N THR A 112 -17.64 -30.60 -6.16
CA THR A 112 -18.88 -31.35 -5.91
C THR A 112 -19.82 -30.56 -4.97
N SER A 113 -19.44 -29.30 -4.72
CA SER A 113 -20.28 -28.29 -4.04
C SER A 113 -19.91 -26.91 -4.58
N ARG A 114 -20.84 -25.95 -4.43
CA ARG A 114 -20.67 -24.56 -4.91
C ARG A 114 -19.66 -23.77 -4.01
N PRO A 115 -19.16 -22.56 -4.44
CA PRO A 115 -18.34 -21.68 -3.57
C PRO A 115 -19.11 -21.20 -2.32
N GLY A 116 -18.63 -21.63 -1.13
CA GLY A 116 -19.19 -21.21 0.16
C GLY A 116 -19.02 -19.71 0.42
N GLN A 117 -19.66 -19.20 1.50
CA GLN A 117 -19.55 -17.76 1.90
C GLN A 117 -18.11 -17.40 2.32
N ASP A 118 -17.38 -18.44 2.76
CA ASP A 118 -15.94 -18.38 3.11
C ASP A 118 -15.05 -18.31 1.85
N GLY A 119 -15.66 -18.54 0.66
CA GLY A 119 -14.99 -18.39 -0.64
C GLY A 119 -14.42 -19.68 -1.20
N VAL A 120 -14.33 -20.72 -0.34
CA VAL A 120 -13.74 -22.02 -0.70
C VAL A 120 -14.79 -22.91 -1.39
N ILE A 121 -14.35 -23.60 -2.47
CA ILE A 121 -15.24 -24.46 -3.29
C ILE A 121 -14.89 -25.93 -2.96
N ASN A 122 -15.84 -26.69 -2.37
CA ASN A 122 -15.57 -28.08 -1.92
C ASN A 122 -15.48 -29.06 -3.11
N ALA A 123 -14.46 -29.95 -3.06
CA ALA A 123 -14.11 -30.87 -4.16
C ALA A 123 -14.01 -32.34 -3.66
N VAL A 124 -13.89 -33.31 -4.60
CA VAL A 124 -13.52 -34.72 -4.32
C VAL A 124 -12.43 -35.17 -5.31
N LEU A 125 -11.35 -35.81 -4.81
CA LEU A 125 -10.22 -36.26 -5.65
C LEU A 125 -10.67 -37.30 -6.70
N LEU A 126 -10.49 -36.94 -7.97
CA LEU A 126 -10.62 -37.87 -9.10
C LEU A 126 -9.40 -38.80 -9.14
N LYS A 127 -8.25 -38.26 -8.69
CA LYS A 127 -7.06 -39.05 -8.39
C LYS A 127 -7.27 -39.82 -7.07
N ASN A 128 -7.70 -41.08 -7.21
CA ASN A 128 -7.95 -41.98 -6.07
C ASN A 128 -7.68 -43.43 -6.48
N GLU A 129 -7.58 -44.33 -5.48
CA GLU A 129 -7.28 -45.75 -5.69
C GLU A 129 -8.57 -46.56 -5.39
N SER A 130 -8.97 -47.42 -6.34
CA SER A 130 -10.15 -48.28 -6.23
C SER A 130 -9.75 -49.73 -6.55
N GLN A 131 -10.39 -50.69 -5.84
CA GLN A 131 -10.08 -52.12 -5.96
C GLN A 131 -10.53 -52.68 -7.34
N ARG A 132 -9.53 -52.91 -8.20
CA ARG A 132 -9.73 -53.48 -9.56
C ARG A 132 -8.52 -54.35 -9.93
N SER A 133 -8.76 -55.38 -10.76
CA SER A 133 -7.75 -56.37 -11.17
C SER A 133 -6.65 -55.70 -12.04
N MET A 1 -103.70 11.73 -25.87
CA MET A 1 -102.29 11.37 -26.17
C MET A 1 -101.34 12.08 -25.21
N GLY A 2 -100.06 11.69 -25.25
CA GLY A 2 -99.02 12.29 -24.42
C GLY A 2 -97.80 11.42 -24.29
N PHE A 3 -96.67 12.03 -23.89
CA PHE A 3 -95.39 11.33 -23.68
C PHE A 3 -95.43 10.64 -22.30
N TYR A 4 -95.73 9.33 -22.30
CA TYR A 4 -95.79 8.51 -21.08
C TYR A 4 -94.39 8.32 -20.49
N GLN A 5 -94.11 9.02 -19.37
CA GLN A 5 -92.82 9.00 -18.70
C GLN A 5 -93.00 9.02 -17.16
N GLY A 6 -92.20 8.20 -16.48
CA GLY A 6 -92.03 8.31 -15.04
C GLY A 6 -90.85 7.49 -14.47
N PRO A 7 -89.62 7.44 -15.12
CA PRO A 7 -88.44 6.79 -14.52
C PRO A 7 -87.57 7.80 -13.74
N ASP A 8 -87.48 7.63 -12.42
CA ASP A 8 -86.64 8.50 -11.55
C ASP A 8 -85.17 8.32 -11.92
N ASN A 9 -84.40 9.44 -11.95
CA ASN A 9 -82.96 9.43 -12.22
C ASN A 9 -82.24 8.57 -11.17
N ARG A 10 -81.68 7.44 -11.63
CA ARG A 10 -81.08 6.40 -10.77
C ARG A 10 -79.94 6.99 -9.93
N LYS A 11 -80.10 6.89 -8.59
CA LYS A 11 -79.22 7.54 -7.62
C LYS A 11 -77.85 6.83 -7.55
N ILE A 12 -76.78 7.62 -7.60
CA ILE A 12 -75.40 7.16 -7.49
C ILE A 12 -74.70 7.94 -6.37
N THR A 13 -73.83 7.26 -5.60
CA THR A 13 -73.13 7.84 -4.46
C THR A 13 -72.06 8.84 -4.93
N GLY A 14 -72.14 10.08 -4.41
CA GLY A 14 -71.12 11.10 -4.66
C GLY A 14 -69.80 10.79 -3.96
N GLY A 15 -68.76 11.55 -4.30
CA GLY A 15 -67.43 11.37 -3.72
C GLY A 15 -67.37 11.85 -2.28
N LEU A 16 -67.85 10.99 -1.34
CA LEU A 16 -67.91 11.28 0.10
C LEU A 16 -66.51 11.14 0.71
N LYS A 17 -65.67 12.14 0.43
CA LYS A 17 -64.24 12.15 0.77
C LYS A 17 -63.72 13.59 0.64
N GLY A 18 -63.04 14.06 1.70
CA GLY A 18 -62.39 15.38 1.68
C GLY A 18 -60.92 15.28 1.28
N LYS A 19 -60.05 16.08 1.93
CA LYS A 19 -58.60 16.07 1.70
C LYS A 19 -57.88 16.81 2.83
N HIS A 20 -56.62 16.40 3.07
CA HIS A 20 -55.75 17.02 4.10
C HIS A 20 -55.10 18.29 3.52
N ARG A 21 -55.71 19.45 3.83
CA ARG A 21 -55.22 20.76 3.36
C ARG A 21 -54.01 21.20 4.18
N ASP A 22 -52.83 21.28 3.53
CA ASP A 22 -51.57 21.66 4.19
C ASP A 22 -51.62 23.14 4.62
N LYS A 23 -50.91 23.45 5.71
CA LYS A 23 -50.95 24.78 6.36
C LYS A 23 -49.79 25.65 5.84
N ARG A 24 -49.82 26.95 6.17
CA ARG A 24 -48.74 27.89 5.85
C ARG A 24 -47.61 27.72 6.88
N LYS A 25 -46.58 26.93 6.51
CA LYS A 25 -45.40 26.69 7.37
C LYS A 25 -44.42 27.86 7.29
N TYR A 26 -43.42 27.82 8.19
CA TYR A 26 -42.41 28.87 8.33
C TYR A 26 -41.02 28.23 8.46
N GLU A 27 -39.98 28.97 8.05
CA GLU A 27 -38.58 28.57 8.26
C GLU A 27 -38.12 29.00 9.67
N ILE A 28 -37.11 28.30 10.22
CA ILE A 28 -36.55 28.62 11.54
C ILE A 28 -35.17 29.27 11.36
N GLY A 29 -35.03 30.53 11.82
CA GLY A 29 -33.76 31.26 11.75
C GLY A 29 -32.73 30.74 12.74
N ASN A 30 -31.48 31.21 12.60
CA ASN A 30 -30.36 30.81 13.47
C ASN A 30 -29.80 32.05 14.21
N PRO A 31 -29.26 31.89 15.46
CA PRO A 31 -28.55 32.98 16.18
C PRO A 31 -27.27 33.43 15.43
N PRO A 32 -26.82 34.72 15.59
CA PRO A 32 -25.62 35.25 14.90
C PRO A 32 -24.34 34.49 15.31
N THR A 33 -23.39 34.37 14.36
CA THR A 33 -22.11 33.68 14.62
C THR A 33 -21.24 34.51 15.59
N PHE A 34 -21.17 34.03 16.84
CA PHE A 34 -20.50 34.74 17.94
C PHE A 34 -18.98 34.65 17.78
N THR A 35 -18.42 33.44 17.89
CA THR A 35 -16.97 33.17 17.71
C THR A 35 -16.76 31.99 16.75
N THR A 36 -15.59 31.95 16.10
CA THR A 36 -15.19 30.86 15.21
C THR A 36 -14.76 29.64 16.04
N LEU A 37 -15.20 28.44 15.63
CA LEU A 37 -14.94 27.18 16.38
C LEU A 37 -13.47 26.72 16.27
N SER A 38 -13.01 25.96 17.27
CA SER A 38 -11.63 25.45 17.33
C SER A 38 -11.56 23.94 16.97
N ALA A 39 -12.69 23.40 16.46
CA ALA A 39 -12.78 21.98 16.04
C ALA A 39 -11.95 21.70 14.78
N GLU A 40 -11.62 22.76 14.01
CA GLU A 40 -10.70 22.67 12.85
C GLU A 40 -9.25 22.44 13.31
N ASP A 41 -8.93 22.91 14.52
CA ASP A 41 -7.61 22.67 15.15
C ASP A 41 -7.53 21.21 15.67
N ILE A 42 -8.68 20.64 16.06
CA ILE A 42 -8.79 19.21 16.41
C ILE A 42 -8.64 18.38 15.12
N ARG A 43 -9.21 18.91 14.03
CA ARG A 43 -9.13 18.30 12.69
C ARG A 43 -7.69 18.36 12.16
N ILE A 44 -6.92 19.34 12.67
CA ILE A 44 -5.50 19.52 12.35
C ILE A 44 -4.62 18.49 13.09
N LYS A 45 -5.05 18.12 14.31
CA LYS A 45 -4.41 17.01 15.05
C LYS A 45 -4.66 15.68 14.31
N ASP A 46 -5.82 15.62 13.64
CA ASP A 46 -6.26 14.46 12.85
C ASP A 46 -5.58 14.43 11.46
N ARG A 47 -5.21 15.60 10.89
CA ARG A 47 -4.55 15.67 9.57
C ARG A 47 -3.07 15.23 9.67
N THR A 48 -2.42 15.58 10.80
CA THR A 48 -0.95 15.46 10.95
C THR A 48 -0.49 14.04 11.34
N LEU A 49 -1.20 13.36 12.29
CA LEU A 49 -0.74 12.05 12.83
C LEU A 49 -0.83 10.96 11.75
N GLY A 50 0.11 9.99 11.80
CA GLY A 50 0.20 8.93 10.80
C GLY A 50 -1.00 7.98 10.82
N GLY A 51 -2.07 8.36 10.10
CA GLY A 51 -3.28 7.54 9.98
C GLY A 51 -3.25 6.70 8.72
N ASN A 52 -2.14 5.94 8.56
CA ASN A 52 -1.91 5.10 7.38
C ASN A 52 -2.71 3.79 7.52
N PHE A 53 -3.80 3.70 6.73
CA PHE A 53 -4.73 2.57 6.75
C PHE A 53 -4.05 1.32 6.18
N LYS A 54 -3.99 0.23 6.98
CA LYS A 54 -3.33 -1.03 6.59
C LYS A 54 -3.95 -1.62 5.31
N VAL A 55 -3.09 -2.20 4.46
CA VAL A 55 -3.51 -2.79 3.17
C VAL A 55 -4.35 -4.07 3.39
N ARG A 56 -4.98 -4.56 2.32
CA ARG A 56 -5.76 -5.81 2.34
C ARG A 56 -4.80 -7.00 2.38
N LEU A 57 -4.88 -7.81 3.46
CA LEU A 57 -4.11 -9.06 3.60
C LEU A 57 -4.53 -10.08 2.53
N LYS A 58 -3.59 -10.94 2.11
CA LYS A 58 -3.83 -11.89 1.01
C LYS A 58 -4.58 -13.12 1.51
N TYR A 59 -5.73 -13.37 0.89
CA TYR A 59 -6.60 -14.52 1.13
C TYR A 59 -6.57 -15.41 -0.12
N THR A 60 -6.11 -16.66 0.02
CA THR A 60 -5.91 -17.57 -1.11
C THR A 60 -7.25 -18.10 -1.63
N THR A 61 -7.36 -18.28 -2.96
CA THR A 61 -8.49 -19.00 -3.55
C THR A 61 -8.24 -20.51 -3.31
N THR A 62 -9.12 -21.15 -2.54
CA THR A 62 -8.88 -22.48 -1.96
C THR A 62 -9.99 -23.45 -2.42
N ALA A 63 -9.71 -24.75 -2.35
CA ALA A 63 -10.70 -25.81 -2.63
C ALA A 63 -10.64 -26.84 -1.51
N ASN A 64 -11.81 -27.30 -1.06
CA ASN A 64 -11.94 -28.20 0.09
C ASN A 64 -12.30 -29.60 -0.41
N VAL A 65 -11.27 -30.43 -0.67
CA VAL A 65 -11.48 -31.81 -1.12
C VAL A 65 -11.80 -32.57 0.17
N LEU A 66 -13.03 -33.10 0.15
CA LEU A 66 -13.37 -34.35 0.83
C LEU A 66 -12.59 -35.43 0.04
N ASP A 67 -11.82 -36.24 0.76
CA ASP A 67 -11.07 -37.35 0.18
C ASP A 67 -11.96 -38.60 0.28
N PRO A 68 -12.41 -39.21 -0.86
CA PRO A 68 -13.36 -40.36 -0.86
C PRO A 68 -12.82 -41.66 -0.21
N ALA A 69 -11.47 -41.78 -0.13
CA ALA A 69 -10.81 -42.99 0.40
C ALA A 69 -10.74 -42.95 1.94
N THR A 70 -10.20 -41.84 2.48
CA THR A 70 -10.01 -41.65 3.94
C THR A 70 -11.26 -41.04 4.61
N ASN A 71 -12.20 -40.55 3.75
CA ASN A 71 -13.53 -40.01 4.16
C ASN A 71 -13.40 -38.75 5.04
N THR A 72 -12.32 -37.97 4.79
CA THR A 72 -11.98 -36.76 5.58
C THR A 72 -11.59 -35.59 4.65
N ALA A 73 -12.01 -34.37 5.01
CA ALA A 73 -11.85 -33.18 4.15
C ALA A 73 -10.47 -32.53 4.34
N LYS A 74 -10.07 -31.74 3.33
CA LYS A 74 -8.73 -31.18 3.20
C LYS A 74 -8.86 -29.85 2.46
N LYS A 75 -8.40 -28.76 3.05
CA LYS A 75 -8.50 -27.43 2.44
C LYS A 75 -7.12 -27.03 1.90
N VAL A 76 -7.00 -27.12 0.56
CA VAL A 76 -5.75 -26.97 -0.20
C VAL A 76 -5.92 -25.87 -1.26
N LYS A 77 -4.83 -25.17 -1.57
CA LYS A 77 -4.82 -24.06 -2.54
C LYS A 77 -5.13 -24.59 -3.96
N ILE A 78 -5.67 -23.72 -4.82
CA ILE A 78 -6.03 -24.08 -6.20
C ILE A 78 -4.84 -23.80 -7.13
N LEU A 79 -4.60 -24.73 -8.06
CA LEU A 79 -3.72 -24.53 -9.22
C LEU A 79 -4.63 -24.00 -10.34
N GLU A 80 -5.45 -24.86 -11.00
CA GLU A 80 -6.35 -24.41 -12.09
C GLU A 80 -7.42 -25.45 -12.46
N ILE A 81 -8.48 -24.98 -13.15
CA ILE A 81 -9.53 -25.85 -13.69
C ILE A 81 -9.09 -26.45 -15.04
N LEU A 82 -9.55 -27.68 -15.32
CA LEU A 82 -9.24 -28.43 -16.56
C LEU A 82 -10.46 -28.38 -17.49
N GLU A 83 -11.60 -28.91 -17.00
CA GLU A 83 -12.88 -28.80 -17.69
C GLU A 83 -13.41 -27.38 -17.44
N THR A 84 -13.57 -26.59 -18.52
CA THR A 84 -13.98 -25.19 -18.44
C THR A 84 -15.44 -25.06 -17.93
N PRO A 85 -15.65 -24.44 -16.71
CA PRO A 85 -17.00 -24.22 -16.15
C PRO A 85 -17.83 -23.24 -17.01
N ALA A 86 -19.16 -23.44 -17.02
CA ALA A 86 -20.13 -22.65 -17.81
C ALA A 86 -20.01 -21.15 -17.51
N ASN A 87 -19.90 -20.82 -16.22
CA ASN A 87 -19.60 -19.45 -15.74
C ASN A 87 -18.08 -19.26 -15.53
N LYS A 88 -17.31 -19.44 -16.63
CA LYS A 88 -15.84 -19.18 -16.65
C LYS A 88 -15.56 -17.70 -16.29
N GLU A 89 -16.45 -16.78 -16.73
CA GLU A 89 -16.41 -15.35 -16.34
C GLU A 89 -16.30 -15.15 -14.82
N LEU A 90 -16.92 -16.05 -14.04
CA LEU A 90 -16.87 -16.01 -12.57
C LEU A 90 -15.73 -16.91 -12.01
N ALA A 91 -15.40 -18.00 -12.73
CA ALA A 91 -14.26 -18.89 -12.40
C ALA A 91 -12.88 -18.19 -12.36
N ARG A 92 -12.78 -16.96 -12.88
CA ARG A 92 -11.58 -16.10 -12.70
C ARG A 92 -11.40 -15.71 -11.21
N ARG A 93 -12.54 -15.60 -10.50
CA ARG A 93 -12.61 -15.38 -9.04
C ARG A 93 -12.59 -16.73 -8.28
N GLY A 94 -12.54 -17.84 -9.02
CA GLY A 94 -12.63 -19.19 -8.45
C GLY A 94 -14.07 -19.61 -8.18
N ILE A 95 -15.05 -18.89 -8.75
CA ILE A 95 -16.46 -19.27 -8.67
C ILE A 95 -16.75 -20.32 -9.76
N ILE A 96 -16.45 -21.59 -9.41
CA ILE A 96 -16.51 -22.73 -10.34
C ILE A 96 -17.87 -23.42 -10.19
N ILE A 97 -18.48 -23.87 -11.31
CA ILE A 97 -19.81 -24.52 -11.29
C ILE A 97 -19.63 -26.05 -11.22
N ARG A 98 -20.57 -26.72 -10.52
CA ARG A 98 -20.48 -28.15 -10.17
C ARG A 98 -20.35 -29.05 -11.42
N GLY A 99 -19.34 -29.95 -11.40
CA GLY A 99 -19.08 -30.89 -12.49
C GLY A 99 -17.80 -30.56 -13.26
N ALA A 100 -17.18 -29.42 -12.93
CA ALA A 100 -15.96 -28.95 -13.60
C ALA A 100 -14.71 -29.44 -12.83
N LYS A 101 -13.74 -29.99 -13.57
CA LYS A 101 -12.50 -30.55 -12.98
C LYS A 101 -11.55 -29.40 -12.60
N ILE A 102 -10.74 -29.65 -11.58
CA ILE A 102 -9.86 -28.66 -10.95
C ILE A 102 -8.61 -29.40 -10.43
N ARG A 103 -7.49 -28.69 -10.26
CA ARG A 103 -6.27 -29.21 -9.64
C ARG A 103 -6.02 -28.43 -8.36
N THR A 104 -5.74 -29.17 -7.29
CA THR A 104 -5.42 -28.61 -5.98
C THR A 104 -3.99 -29.05 -5.57
N GLU A 105 -3.51 -28.51 -4.44
CA GLU A 105 -2.21 -28.91 -3.84
C GLU A 105 -2.23 -30.41 -3.41
N ALA A 106 -3.45 -30.97 -3.24
CA ALA A 106 -3.66 -32.39 -2.94
C ALA A 106 -3.47 -33.24 -4.21
N GLY A 107 -4.43 -33.13 -5.14
CA GLY A 107 -4.40 -33.86 -6.42
C GLY A 107 -5.36 -33.26 -7.44
N LEU A 108 -5.74 -34.06 -8.46
CA LEU A 108 -6.88 -33.74 -9.33
C LEU A 108 -8.17 -33.94 -8.50
N ALA A 109 -9.03 -32.92 -8.48
CA ALA A 109 -10.37 -32.98 -7.87
C ALA A 109 -11.41 -32.49 -8.88
N VAL A 110 -12.69 -32.82 -8.62
CA VAL A 110 -13.85 -32.29 -9.36
C VAL A 110 -14.76 -31.56 -8.37
N VAL A 111 -15.13 -30.30 -8.67
CA VAL A 111 -15.98 -29.48 -7.78
C VAL A 111 -17.40 -30.11 -7.66
N THR A 112 -17.71 -30.63 -6.47
CA THR A 112 -18.95 -31.39 -6.20
C THR A 112 -19.95 -30.57 -5.37
N SER A 113 -19.63 -29.29 -5.18
CA SER A 113 -20.51 -28.31 -4.52
C SER A 113 -20.28 -26.92 -5.14
N ARG A 114 -21.12 -25.95 -4.73
CA ARG A 114 -20.94 -24.55 -5.09
C ARG A 114 -19.74 -23.95 -4.31
N PRO A 115 -19.08 -22.88 -4.82
CA PRO A 115 -18.10 -22.08 -4.04
C PRO A 115 -18.74 -21.44 -2.80
N GLY A 116 -18.12 -21.71 -1.63
CA GLY A 116 -18.48 -21.02 -0.39
C GLY A 116 -18.06 -19.55 -0.43
N GLN A 117 -18.68 -18.73 0.45
CA GLN A 117 -18.46 -17.26 0.49
C GLN A 117 -17.04 -16.92 0.96
N ASP A 118 -16.40 -17.86 1.66
CA ASP A 118 -14.98 -17.76 2.10
C ASP A 118 -14.00 -17.94 0.91
N GLY A 119 -14.54 -18.18 -0.30
CA GLY A 119 -13.72 -18.35 -1.52
C GLY A 119 -13.13 -19.73 -1.62
N VAL A 120 -13.84 -20.73 -1.06
CA VAL A 120 -13.39 -22.12 -0.99
C VAL A 120 -14.49 -23.07 -1.52
N ILE A 121 -14.14 -23.85 -2.56
CA ILE A 121 -15.09 -24.71 -3.30
C ILE A 121 -14.90 -26.17 -2.88
N ASN A 122 -15.94 -26.81 -2.30
CA ASN A 122 -15.89 -28.24 -1.94
C ASN A 122 -15.79 -29.13 -3.19
N ALA A 123 -14.77 -30.00 -3.22
CA ALA A 123 -14.45 -30.89 -4.36
C ALA A 123 -14.21 -32.34 -3.89
N VAL A 124 -14.13 -33.30 -4.83
CA VAL A 124 -13.73 -34.70 -4.55
C VAL A 124 -12.50 -35.07 -5.37
N LEU A 125 -11.44 -35.53 -4.69
CA LEU A 125 -10.26 -36.12 -5.34
C LEU A 125 -10.68 -37.40 -6.06
N LEU A 126 -10.55 -37.43 -7.41
CA LEU A 126 -11.03 -38.57 -8.22
C LEU A 126 -10.28 -39.84 -7.86
N LYS A 127 -8.92 -39.74 -7.86
CA LYS A 127 -7.96 -40.85 -7.56
C LYS A 127 -8.27 -42.19 -8.29
N ASN A 128 -9.00 -42.09 -9.41
CA ASN A 128 -9.23 -43.15 -10.37
C ASN A 128 -8.85 -42.57 -11.72
N GLU A 129 -7.58 -42.83 -12.12
CA GLU A 129 -6.97 -42.23 -13.32
C GLU A 129 -7.83 -42.56 -14.56
N SER A 130 -8.44 -41.52 -15.13
CA SER A 130 -9.24 -41.61 -16.36
C SER A 130 -8.43 -41.00 -17.52
N GLN A 131 -7.75 -41.86 -18.28
CA GLN A 131 -6.93 -41.45 -19.44
C GLN A 131 -7.83 -40.95 -20.59
N ARG A 132 -7.23 -40.20 -21.53
CA ARG A 132 -7.95 -39.62 -22.69
C ARG A 132 -7.98 -40.59 -23.88
N SER A 133 -7.15 -41.64 -23.83
CA SER A 133 -7.02 -42.63 -24.90
C SER A 133 -6.68 -44.00 -24.27
N MET A 1 102.14 71.53 83.65
CA MET A 1 101.74 70.24 83.05
C MET A 1 100.24 69.98 83.27
N GLY A 2 99.72 68.96 82.56
CA GLY A 2 98.31 68.58 82.62
C GLY A 2 97.87 67.92 81.34
N PHE A 3 98.47 66.76 81.03
CA PHE A 3 98.16 66.00 79.80
C PHE A 3 96.82 65.28 79.97
N TYR A 4 95.74 66.00 79.64
CA TYR A 4 94.39 65.42 79.52
C TYR A 4 94.25 64.82 78.13
N GLN A 5 94.18 63.47 78.07
CA GLN A 5 94.05 62.70 76.82
C GLN A 5 92.82 63.14 76.00
N GLY A 6 92.94 63.05 74.66
CA GLY A 6 91.85 63.41 73.77
C GLY A 6 90.71 62.39 73.82
N PRO A 7 89.50 62.77 74.36
CA PRO A 7 88.37 61.83 74.51
C PRO A 7 87.74 61.50 73.14
N ASP A 8 87.57 60.19 72.84
CA ASP A 8 86.94 59.75 71.59
C ASP A 8 85.41 59.97 71.70
N ASN A 9 84.99 61.20 71.40
CA ASN A 9 83.58 61.61 71.43
C ASN A 9 83.09 61.86 69.99
N ARG A 10 81.91 61.33 69.67
CA ARG A 10 81.27 61.48 68.36
C ARG A 10 79.75 61.34 68.51
N LYS A 11 79.00 62.24 67.85
CA LYS A 11 77.53 62.28 67.89
C LYS A 11 76.97 61.37 66.78
N ILE A 12 76.60 60.13 67.16
CA ILE A 12 76.00 59.15 66.22
C ILE A 12 74.59 59.63 65.82
N THR A 13 74.40 59.89 64.52
CA THR A 13 73.13 60.42 64.00
C THR A 13 72.04 59.33 63.94
N GLY A 14 70.75 59.75 64.03
CA GLY A 14 69.61 58.82 64.01
C GLY A 14 69.33 58.24 62.62
N GLY A 15 68.07 58.40 62.15
CA GLY A 15 67.68 57.87 60.84
C GLY A 15 66.37 58.48 60.35
N LEU A 16 66.14 58.40 59.03
CA LEU A 16 64.99 59.01 58.36
C LEU A 16 64.82 58.32 56.99
N LYS A 17 63.60 57.84 56.71
CA LYS A 17 63.29 57.04 55.52
C LYS A 17 61.86 57.34 55.02
N GLY A 18 61.69 57.33 53.68
CA GLY A 18 60.37 57.49 53.04
C GLY A 18 59.60 56.18 52.99
N LYS A 19 58.34 56.24 52.54
CA LYS A 19 57.44 55.08 52.52
C LYS A 19 56.61 55.06 51.22
N HIS A 20 56.52 53.88 50.60
CA HIS A 20 55.63 53.63 49.44
C HIS A 20 54.28 53.10 49.96
N ARG A 21 53.21 53.36 49.21
CA ARG A 21 51.85 52.90 49.57
C ARG A 21 51.59 51.48 49.03
N ASP A 22 50.36 51.00 49.24
CA ASP A 22 49.86 49.72 48.70
C ASP A 22 49.63 49.81 47.16
N LYS A 23 49.40 48.66 46.53
CA LYS A 23 49.13 48.56 45.08
C LYS A 23 47.63 48.83 44.79
N ARG A 24 47.31 49.24 43.55
CA ARG A 24 45.91 49.46 43.09
C ARG A 24 45.53 48.44 42.01
N LYS A 25 44.91 47.33 42.44
CA LYS A 25 44.39 46.29 41.54
C LYS A 25 42.92 46.57 41.22
N TYR A 26 42.61 46.61 39.91
CA TYR A 26 41.24 46.82 39.40
C TYR A 26 40.50 45.48 39.36
N GLU A 27 39.17 45.54 39.51
CA GLU A 27 38.30 44.35 39.44
C GLU A 27 38.15 43.89 37.98
N ILE A 28 38.08 42.56 37.76
CA ILE A 28 37.83 41.97 36.44
C ILE A 28 36.39 42.31 35.99
N GLY A 29 36.23 42.75 34.73
CA GLY A 29 34.93 43.14 34.20
C GLY A 29 34.03 41.95 33.83
N ASN A 30 33.37 42.04 32.66
CA ASN A 30 32.38 41.06 32.20
C ASN A 30 33.07 39.84 31.55
N PRO A 31 32.52 38.59 31.76
CA PRO A 31 33.06 37.34 31.13
C PRO A 31 32.75 37.26 29.61
N PRO A 32 33.31 36.24 28.86
CA PRO A 32 32.90 35.95 27.45
C PRO A 32 31.41 35.55 27.31
N THR A 33 30.97 35.32 26.05
CA THR A 33 29.55 35.02 25.73
C THR A 33 29.13 33.60 26.18
N PHE A 34 27.81 33.34 26.11
CA PHE A 34 27.19 32.06 26.56
C PHE A 34 27.57 30.88 25.62
N THR A 35 27.22 29.66 26.07
CA THR A 35 27.58 28.39 25.38
C THR A 35 26.73 28.14 24.11
N THR A 36 27.24 27.26 23.24
CA THR A 36 26.52 26.80 22.03
C THR A 36 25.61 25.59 22.35
N LEU A 37 24.79 25.17 21.36
CA LEU A 37 23.86 24.03 21.50
C LEU A 37 24.12 22.96 20.41
N SER A 38 23.47 21.80 20.55
CA SER A 38 23.53 20.68 19.59
C SER A 38 22.10 20.27 19.18
N ALA A 39 21.24 21.29 19.00
CA ALA A 39 19.81 21.10 18.66
C ALA A 39 19.61 20.57 17.22
N GLU A 40 20.58 20.87 16.33
CA GLU A 40 20.60 20.32 14.96
C GLU A 40 20.75 18.78 15.00
N ASP A 41 21.60 18.33 15.93
CA ASP A 41 21.89 16.89 16.17
C ASP A 41 20.68 16.17 16.75
N ILE A 42 19.88 16.90 17.57
CA ILE A 42 18.60 16.40 18.09
C ILE A 42 17.64 16.10 16.91
N ARG A 43 17.54 17.05 15.96
CA ARG A 43 16.56 16.98 14.86
C ARG A 43 16.93 15.94 13.77
N ILE A 44 18.23 15.56 13.66
CA ILE A 44 18.64 14.46 12.75
C ILE A 44 18.30 13.08 13.39
N LYS A 45 18.45 12.99 14.72
CA LYS A 45 18.03 11.78 15.48
C LYS A 45 16.49 11.75 15.63
N ASP A 46 15.84 12.88 15.30
CA ASP A 46 14.39 13.04 15.34
C ASP A 46 13.75 12.67 13.98
N ARG A 47 14.47 12.94 12.85
CA ARG A 47 14.00 12.47 11.52
C ARG A 47 14.07 10.93 11.46
N THR A 48 15.03 10.39 12.24
CA THR A 48 15.17 8.95 12.48
C THR A 48 13.89 8.32 13.10
N LEU A 49 13.24 9.05 14.04
CA LEU A 49 12.01 8.58 14.73
C LEU A 49 10.83 8.50 13.75
N GLY A 50 10.19 7.31 13.66
CA GLY A 50 9.07 7.07 12.75
C GLY A 50 8.31 5.79 13.11
N GLY A 51 8.55 4.71 12.34
CA GLY A 51 7.95 3.40 12.62
C GLY A 51 6.57 3.25 11.99
N ASN A 52 6.54 3.06 10.66
CA ASN A 52 5.30 2.90 9.88
C ASN A 52 5.31 1.54 9.16
N PHE A 53 4.49 0.59 9.63
CA PHE A 53 4.36 -0.74 8.98
C PHE A 53 3.56 -0.62 7.67
N LYS A 54 3.83 -1.54 6.73
CA LYS A 54 3.25 -1.50 5.38
C LYS A 54 1.84 -2.13 5.35
N VAL A 55 1.10 -1.86 4.26
CA VAL A 55 -0.28 -2.34 4.06
C VAL A 55 -0.34 -3.87 3.90
N ARG A 56 -1.51 -4.46 4.19
CA ARG A 56 -1.73 -5.91 4.11
C ARG A 56 -1.89 -6.35 2.64
N LEU A 57 -1.18 -7.42 2.24
CA LEU A 57 -1.23 -7.96 0.86
C LEU A 57 -2.46 -8.87 0.65
N LYS A 58 -2.63 -9.31 -0.60
CA LYS A 58 -3.73 -10.18 -1.04
C LYS A 58 -3.51 -11.65 -0.63
N TYR A 59 -4.53 -12.48 -0.90
CA TYR A 59 -4.52 -13.92 -0.61
C TYR A 59 -4.74 -14.71 -1.92
N THR A 60 -4.40 -16.02 -1.89
CA THR A 60 -4.57 -16.92 -3.05
C THR A 60 -5.88 -17.72 -2.91
N THR A 61 -6.53 -18.02 -4.05
CA THR A 61 -7.80 -18.77 -4.07
C THR A 61 -7.59 -20.23 -3.61
N THR A 62 -8.56 -20.76 -2.85
CA THR A 62 -8.43 -22.02 -2.12
C THR A 62 -9.68 -22.90 -2.33
N ALA A 63 -9.47 -24.23 -2.40
CA ALA A 63 -10.53 -25.24 -2.57
C ALA A 63 -10.60 -26.13 -1.31
N ASN A 64 -11.74 -26.83 -1.15
CA ASN A 64 -11.98 -27.71 0.01
C ASN A 64 -12.32 -29.11 -0.51
N VAL A 65 -11.32 -29.98 -0.60
CA VAL A 65 -11.52 -31.37 -1.02
C VAL A 65 -11.98 -32.06 0.28
N LEU A 66 -12.81 -33.06 -0.01
CA LEU A 66 -13.09 -34.25 0.80
C LEU A 66 -12.37 -35.40 0.04
N ASP A 67 -11.68 -36.27 0.80
CA ASP A 67 -11.00 -37.45 0.26
C ASP A 67 -12.02 -38.59 0.06
N PRO A 68 -12.15 -39.16 -1.18
CA PRO A 68 -13.00 -40.35 -1.42
C PRO A 68 -12.42 -41.62 -0.74
N ALA A 69 -11.13 -41.56 -0.37
CA ALA A 69 -10.40 -42.68 0.27
C ALA A 69 -10.45 -42.55 1.80
N THR A 70 -9.79 -41.52 2.36
CA THR A 70 -9.62 -41.37 3.82
C THR A 70 -10.83 -40.69 4.49
N ASN A 71 -11.76 -40.15 3.66
CA ASN A 71 -13.05 -39.57 4.10
C ASN A 71 -12.86 -38.32 5.00
N THR A 72 -11.72 -37.65 4.82
CA THR A 72 -11.34 -36.43 5.57
C THR A 72 -11.33 -35.22 4.62
N ALA A 73 -11.74 -34.05 5.10
CA ALA A 73 -11.88 -32.85 4.24
C ALA A 73 -10.70 -31.92 4.46
N LYS A 74 -9.91 -31.66 3.39
CA LYS A 74 -8.75 -30.76 3.44
C LYS A 74 -9.09 -29.47 2.67
N LYS A 75 -8.47 -28.37 3.07
CA LYS A 75 -8.55 -27.10 2.34
C LYS A 75 -7.15 -26.73 1.82
N VAL A 76 -6.99 -26.84 0.47
CA VAL A 76 -5.71 -26.76 -0.25
C VAL A 76 -5.79 -25.74 -1.38
N LYS A 77 -4.63 -25.21 -1.78
CA LYS A 77 -4.48 -24.11 -2.75
C LYS A 77 -4.93 -24.58 -4.17
N ILE A 78 -5.56 -23.68 -4.95
CA ILE A 78 -6.08 -24.00 -6.29
C ILE A 78 -4.98 -23.79 -7.33
N LEU A 79 -4.69 -24.83 -8.12
CA LEU A 79 -3.78 -24.72 -9.26
C LEU A 79 -4.60 -24.19 -10.45
N GLU A 80 -5.47 -25.02 -11.08
CA GLU A 80 -6.20 -24.61 -12.31
C GLU A 80 -7.42 -25.50 -12.61
N ILE A 81 -8.45 -24.91 -13.27
CA ILE A 81 -9.68 -25.65 -13.64
C ILE A 81 -9.53 -26.24 -15.06
N LEU A 82 -9.98 -27.50 -15.23
CA LEU A 82 -9.84 -28.23 -16.52
C LEU A 82 -11.16 -28.13 -17.30
N GLU A 83 -12.22 -28.69 -16.69
CA GLU A 83 -13.57 -28.64 -17.25
C GLU A 83 -14.09 -27.20 -17.09
N THR A 84 -14.13 -26.45 -18.21
CA THR A 84 -14.53 -25.03 -18.20
C THR A 84 -16.07 -24.92 -18.12
N PRO A 85 -16.62 -24.19 -17.10
CA PRO A 85 -18.06 -23.87 -17.03
C PRO A 85 -18.43 -22.67 -17.93
N ALA A 86 -19.74 -22.48 -18.14
CA ALA A 86 -20.31 -21.27 -18.78
C ALA A 86 -19.86 -20.00 -18.03
N ASN A 87 -19.77 -20.14 -16.69
CA ASN A 87 -19.25 -19.11 -15.79
C ASN A 87 -17.72 -19.27 -15.57
N LYS A 88 -16.97 -19.44 -16.69
CA LYS A 88 -15.47 -19.53 -16.66
C LYS A 88 -14.90 -18.27 -15.98
N GLU A 89 -15.53 -17.10 -16.21
CA GLU A 89 -15.14 -15.81 -15.61
C GLU A 89 -14.93 -15.91 -14.07
N LEU A 90 -15.81 -16.68 -13.42
CA LEU A 90 -15.79 -16.92 -11.98
C LEU A 90 -14.72 -17.98 -11.66
N ALA A 91 -14.70 -19.10 -12.43
CA ALA A 91 -13.72 -20.20 -12.27
C ALA A 91 -12.24 -19.73 -12.44
N ARG A 92 -12.04 -18.60 -13.14
CA ARG A 92 -10.71 -17.94 -13.25
C ARG A 92 -10.28 -17.34 -11.90
N ARG A 93 -11.26 -16.74 -11.21
CA ARG A 93 -11.09 -16.21 -9.84
C ARG A 93 -10.99 -17.37 -8.83
N GLY A 94 -11.31 -18.60 -9.29
CA GLY A 94 -11.32 -19.79 -8.45
C GLY A 94 -12.71 -20.16 -7.97
N ILE A 95 -13.72 -19.29 -8.29
CA ILE A 95 -15.14 -19.51 -7.94
C ILE A 95 -15.78 -20.48 -8.97
N ILE A 96 -15.64 -21.78 -8.70
CA ILE A 96 -16.05 -22.85 -9.63
C ILE A 96 -17.45 -23.34 -9.28
N ILE A 97 -18.22 -23.78 -10.29
CA ILE A 97 -19.59 -24.29 -10.11
C ILE A 97 -19.58 -25.84 -10.12
N ARG A 98 -20.56 -26.45 -9.41
CA ARG A 98 -20.83 -27.90 -9.43
C ARG A 98 -20.82 -28.48 -10.87
N GLY A 99 -20.07 -29.58 -11.07
CA GLY A 99 -20.03 -30.29 -12.35
C GLY A 99 -18.77 -29.99 -13.17
N ALA A 100 -17.85 -29.20 -12.60
CA ALA A 100 -16.58 -28.82 -13.25
C ALA A 100 -15.38 -29.47 -12.53
N LYS A 101 -14.18 -29.36 -13.13
CA LYS A 101 -12.95 -30.01 -12.60
C LYS A 101 -11.92 -28.96 -12.21
N ILE A 102 -11.04 -29.35 -11.28
CA ILE A 102 -10.02 -28.48 -10.68
C ILE A 102 -8.75 -29.33 -10.40
N ARG A 103 -7.61 -28.65 -10.25
CA ARG A 103 -6.37 -29.23 -9.73
C ARG A 103 -6.06 -28.54 -8.40
N THR A 104 -5.75 -29.33 -7.38
CA THR A 104 -5.38 -28.83 -6.04
C THR A 104 -3.95 -29.28 -5.70
N GLU A 105 -3.44 -28.86 -4.52
CA GLU A 105 -2.12 -29.30 -4.00
C GLU A 105 -2.12 -30.81 -3.64
N ALA A 106 -3.32 -31.39 -3.53
CA ALA A 106 -3.50 -32.82 -3.25
C ALA A 106 -3.39 -33.65 -4.55
N GLY A 107 -4.34 -33.42 -5.47
CA GLY A 107 -4.39 -34.15 -6.74
C GLY A 107 -5.30 -33.47 -7.74
N LEU A 108 -5.75 -34.23 -8.75
CA LEU A 108 -6.91 -33.86 -9.58
C LEU A 108 -8.17 -34.03 -8.70
N ALA A 109 -9.10 -33.08 -8.75
CA ALA A 109 -10.40 -33.19 -8.06
C ALA A 109 -11.53 -32.60 -8.92
N VAL A 110 -12.76 -33.06 -8.64
CA VAL A 110 -13.99 -32.55 -9.28
C VAL A 110 -14.79 -31.77 -8.23
N VAL A 111 -15.19 -30.51 -8.55
CA VAL A 111 -16.00 -29.72 -7.62
C VAL A 111 -17.45 -30.27 -7.61
N THR A 112 -17.80 -30.86 -6.46
CA THR A 112 -19.04 -31.62 -6.26
C THR A 112 -20.03 -30.81 -5.39
N SER A 113 -19.72 -29.52 -5.19
CA SER A 113 -20.62 -28.56 -4.52
C SER A 113 -20.56 -27.20 -5.23
N ARG A 114 -21.53 -26.35 -4.87
CA ARG A 114 -21.59 -24.94 -5.27
C ARG A 114 -20.52 -24.10 -4.53
N PRO A 115 -20.12 -22.90 -5.06
CA PRO A 115 -19.21 -21.97 -4.35
C PRO A 115 -19.85 -21.41 -3.06
N GLY A 116 -19.19 -21.66 -1.92
CA GLY A 116 -19.64 -21.15 -0.61
C GLY A 116 -19.39 -19.66 -0.44
N GLN A 117 -20.04 -19.04 0.57
CA GLN A 117 -19.83 -17.61 0.93
C GLN A 117 -18.40 -17.38 1.48
N ASP A 118 -17.76 -18.48 1.91
CA ASP A 118 -16.35 -18.49 2.37
C ASP A 118 -15.37 -18.25 1.20
N GLY A 119 -15.89 -18.32 -0.05
CA GLY A 119 -15.08 -18.14 -1.27
C GLY A 119 -14.36 -19.42 -1.69
N VAL A 120 -14.53 -20.48 -0.88
CA VAL A 120 -13.90 -21.78 -1.07
C VAL A 120 -14.94 -22.78 -1.58
N ILE A 121 -14.57 -23.56 -2.61
CA ILE A 121 -15.48 -24.46 -3.34
C ILE A 121 -15.11 -25.92 -3.01
N ASN A 122 -16.11 -26.74 -2.66
CA ASN A 122 -15.87 -28.12 -2.20
C ASN A 122 -15.71 -29.09 -3.39
N ALA A 123 -14.67 -29.95 -3.29
CA ALA A 123 -14.25 -30.89 -4.36
C ALA A 123 -14.06 -32.32 -3.80
N VAL A 124 -13.90 -33.32 -4.70
CA VAL A 124 -13.53 -34.71 -4.33
C VAL A 124 -12.39 -35.19 -5.24
N LEU A 125 -11.32 -35.78 -4.66
CA LEU A 125 -10.13 -36.21 -5.42
C LEU A 125 -10.45 -37.31 -6.44
N LEU A 126 -10.25 -36.97 -7.71
CA LEU A 126 -10.20 -37.93 -8.81
C LEU A 126 -8.85 -38.67 -8.75
N LYS A 127 -7.83 -37.95 -8.17
CA LYS A 127 -6.45 -38.45 -7.90
C LYS A 127 -5.67 -38.70 -9.20
N ASN A 128 -6.14 -39.72 -9.95
CA ASN A 128 -5.59 -40.12 -11.24
C ASN A 128 -5.47 -38.92 -12.20
N GLU A 129 -4.29 -38.76 -12.79
CA GLU A 129 -3.99 -37.69 -13.77
C GLU A 129 -4.87 -37.85 -15.02
N SER A 130 -5.39 -36.72 -15.52
CA SER A 130 -6.22 -36.65 -16.72
C SER A 130 -5.39 -37.04 -17.97
N GLN A 131 -5.35 -38.36 -18.26
CA GLN A 131 -4.65 -38.93 -19.42
C GLN A 131 -5.40 -38.55 -20.71
N ARG A 132 -5.03 -37.40 -21.28
CA ARG A 132 -5.74 -36.79 -22.41
C ARG A 132 -4.79 -35.85 -23.18
N SER A 133 -4.03 -35.03 -22.42
CA SER A 133 -3.06 -34.06 -22.98
C SER A 133 -1.67 -34.74 -23.17
N MET A 1 21.70 123.28 -44.78
CA MET A 1 21.68 123.65 -43.34
C MET A 1 20.58 122.87 -42.62
N GLY A 2 20.96 122.14 -41.55
CA GLY A 2 20.00 121.44 -40.69
C GLY A 2 19.44 122.39 -39.65
N PHE A 3 20.05 122.40 -38.43
CA PHE A 3 19.74 123.32 -37.31
C PHE A 3 18.46 122.91 -36.53
N TYR A 4 17.40 122.50 -37.25
CA TYR A 4 16.11 122.06 -36.64
C TYR A 4 16.26 120.69 -35.96
N GLN A 5 15.30 120.36 -35.07
CA GLN A 5 15.31 119.09 -34.29
C GLN A 5 14.86 117.89 -35.14
N GLY A 6 14.89 116.70 -34.53
CA GLY A 6 14.35 115.48 -35.14
C GLY A 6 12.95 115.16 -34.61
N PRO A 7 12.59 113.85 -34.41
CA PRO A 7 11.29 113.47 -33.79
C PRO A 7 11.32 113.63 -32.25
N ASP A 8 10.25 113.18 -31.59
CA ASP A 8 10.19 113.14 -30.12
C ASP A 8 11.19 112.11 -29.58
N ASN A 9 11.82 112.43 -28.43
CA ASN A 9 12.78 111.56 -27.73
C ASN A 9 12.11 110.20 -27.39
N ARG A 10 12.57 109.13 -28.08
CA ARG A 10 12.01 107.77 -27.92
C ARG A 10 12.16 107.26 -26.48
N LYS A 11 11.01 107.04 -25.82
CA LYS A 11 10.92 106.78 -24.37
C LYS A 11 11.16 105.29 -24.09
N ILE A 12 12.40 104.95 -23.71
CA ILE A 12 12.86 103.57 -23.54
C ILE A 12 13.26 103.32 -22.08
N THR A 13 12.83 102.16 -21.54
CA THR A 13 13.20 101.72 -20.17
C THR A 13 14.53 100.96 -20.20
N GLY A 14 15.10 100.70 -19.00
CA GLY A 14 16.39 100.00 -18.88
C GLY A 14 16.36 98.93 -17.79
N GLY A 15 15.58 99.19 -16.71
CA GLY A 15 15.57 98.32 -15.53
C GLY A 15 14.72 97.06 -15.73
N LEU A 16 15.24 95.93 -15.22
CA LEU A 16 14.56 94.61 -15.23
C LEU A 16 15.15 93.75 -14.12
N LYS A 17 14.34 92.87 -13.51
CA LYS A 17 14.76 92.07 -12.34
C LYS A 17 13.75 90.95 -12.07
N GLY A 18 14.26 89.80 -11.59
CA GLY A 18 13.45 88.63 -11.23
C GLY A 18 13.92 87.99 -9.93
N LYS A 19 12.96 87.41 -9.18
CA LYS A 19 13.23 86.79 -7.86
C LYS A 19 13.57 85.30 -8.03
N HIS A 20 14.74 84.89 -7.51
CA HIS A 20 15.19 83.49 -7.50
C HIS A 20 14.90 82.89 -6.11
N ARG A 21 14.09 81.82 -6.09
CA ARG A 21 13.64 81.17 -4.84
C ARG A 21 14.70 80.20 -4.28
N ASP A 22 14.52 79.82 -3.00
CA ASP A 22 15.47 78.97 -2.25
C ASP A 22 15.34 77.47 -2.62
N LYS A 23 16.27 76.66 -2.09
CA LYS A 23 16.43 75.25 -2.46
C LYS A 23 15.49 74.36 -1.60
N ARG A 24 14.84 73.38 -2.24
CA ARG A 24 13.87 72.48 -1.58
C ARG A 24 14.56 71.23 -1.02
N LYS A 25 14.12 70.78 0.16
CA LYS A 25 14.61 69.54 0.80
C LYS A 25 13.89 68.33 0.18
N TYR A 26 14.47 67.14 0.33
CA TYR A 26 13.93 65.89 -0.22
C TYR A 26 13.65 64.92 0.93
N GLU A 27 12.36 64.68 1.21
CA GLU A 27 11.92 63.77 2.29
C GLU A 27 12.28 62.32 1.93
N ILE A 28 13.26 61.76 2.65
CA ILE A 28 13.74 60.39 2.47
C ILE A 28 13.20 59.51 3.62
N GLY A 29 12.38 58.52 3.29
CA GLY A 29 11.77 57.64 4.27
C GLY A 29 11.14 56.39 3.66
N ASN A 30 12.00 55.48 3.14
CA ASN A 30 11.60 54.14 2.71
C ASN A 30 12.02 53.11 3.80
N PRO A 31 11.05 52.45 4.50
CA PRO A 31 11.36 51.53 5.62
C PRO A 31 11.81 50.11 5.13
N PRO A 32 12.93 49.55 5.69
CA PRO A 32 13.38 48.16 5.38
C PRO A 32 12.42 47.11 6.00
N THR A 33 11.69 46.39 5.12
CA THR A 33 10.66 45.41 5.53
C THR A 33 11.27 44.19 6.24
N PHE A 34 10.53 43.64 7.20
CA PHE A 34 10.97 42.53 8.06
C PHE A 34 10.64 41.18 7.40
N THR A 35 11.65 40.29 7.30
CA THR A 35 11.49 38.95 6.73
C THR A 35 10.81 38.01 7.75
N THR A 36 9.65 37.45 7.37
CA THR A 36 8.80 36.67 8.27
C THR A 36 9.38 35.26 8.52
N LEU A 37 9.02 34.25 7.67
CA LEU A 37 9.44 32.84 7.83
C LEU A 37 9.07 32.01 6.61
N SER A 38 9.54 30.76 6.59
CA SER A 38 9.13 29.73 5.62
C SER A 38 8.66 28.48 6.42
N ALA A 39 7.97 28.76 7.55
CA ALA A 39 7.53 27.72 8.51
C ALA A 39 6.48 26.79 7.89
N GLU A 40 5.53 27.37 7.13
CA GLU A 40 4.43 26.61 6.47
C GLU A 40 4.98 25.50 5.55
N ASP A 41 6.16 25.78 4.96
CA ASP A 41 6.89 24.85 4.07
C ASP A 41 7.34 23.58 4.82
N ILE A 42 7.74 23.78 6.09
CA ILE A 42 8.17 22.67 6.99
C ILE A 42 6.96 21.83 7.44
N ARG A 43 5.84 22.53 7.73
CA ARG A 43 4.59 21.90 8.20
C ARG A 43 3.91 21.13 7.02
N ILE A 44 4.19 21.56 5.78
CA ILE A 44 3.69 20.90 4.57
C ILE A 44 4.59 19.69 4.22
N LYS A 45 5.89 19.81 4.55
CA LYS A 45 6.85 18.70 4.47
C LYS A 45 6.46 17.60 5.49
N ASP A 46 5.84 18.04 6.60
CA ASP A 46 5.35 17.17 7.66
C ASP A 46 4.04 16.47 7.23
N ARG A 47 3.16 17.17 6.48
CA ARG A 47 1.86 16.60 6.06
C ARG A 47 2.06 15.42 5.07
N THR A 48 3.07 15.57 4.17
CA THR A 48 3.33 14.62 3.07
C THR A 48 4.11 13.38 3.52
N LEU A 49 4.50 13.33 4.82
CA LEU A 49 5.15 12.13 5.42
C LEU A 49 4.20 10.92 5.31
N GLY A 50 4.78 9.75 4.95
CA GLY A 50 4.01 8.53 4.69
C GLY A 50 3.41 7.88 5.94
N GLY A 51 2.29 8.46 6.42
CA GLY A 51 1.56 7.93 7.58
C GLY A 51 0.41 7.01 7.18
N ASN A 52 0.18 6.88 5.86
CA ASN A 52 -0.88 6.04 5.28
C ASN A 52 -0.42 4.57 5.24
N PHE A 53 -1.39 3.65 5.33
CA PHE A 53 -1.14 2.20 5.30
C PHE A 53 -1.34 1.66 3.88
N LYS A 54 -0.72 0.51 3.57
CA LYS A 54 -0.79 -0.11 2.23
C LYS A 54 -1.91 -1.16 2.17
N VAL A 55 -2.11 -1.72 0.96
CA VAL A 55 -3.17 -2.70 0.69
C VAL A 55 -2.91 -4.02 1.46
N ARG A 56 -3.99 -4.57 2.05
CA ARG A 56 -3.93 -5.84 2.81
C ARG A 56 -3.87 -7.06 1.85
N LEU A 57 -3.29 -8.18 2.35
CA LEU A 57 -3.03 -9.40 1.54
C LEU A 57 -4.32 -9.94 0.88
N LYS A 58 -4.25 -10.12 -0.45
CA LYS A 58 -5.38 -10.53 -1.29
C LYS A 58 -5.79 -11.98 -0.98
N TYR A 59 -7.10 -12.20 -0.76
CA TYR A 59 -7.66 -13.50 -0.39
C TYR A 59 -7.68 -14.44 -1.59
N THR A 60 -6.83 -15.48 -1.54
CA THR A 60 -6.80 -16.53 -2.56
C THR A 60 -7.94 -17.53 -2.31
N THR A 61 -8.66 -17.90 -3.38
CA THR A 61 -9.78 -18.85 -3.28
C THR A 61 -9.26 -20.27 -2.98
N THR A 62 -10.00 -21.02 -2.16
CA THR A 62 -9.57 -22.32 -1.64
C THR A 62 -10.63 -23.39 -1.98
N ALA A 63 -10.18 -24.64 -2.12
CA ALA A 63 -11.05 -25.80 -2.38
C ALA A 63 -10.95 -26.79 -1.22
N ASN A 64 -12.11 -27.21 -0.69
CA ASN A 64 -12.18 -28.09 0.48
C ASN A 64 -12.51 -29.51 -0.01
N VAL A 65 -11.47 -30.26 -0.35
CA VAL A 65 -11.62 -31.62 -0.91
C VAL A 65 -11.94 -32.48 0.33
N LEU A 66 -12.96 -33.33 0.09
CA LEU A 66 -13.18 -34.63 0.76
C LEU A 66 -12.35 -35.64 -0.08
N ASP A 67 -11.65 -36.53 0.64
CA ASP A 67 -10.87 -37.63 0.05
C ASP A 67 -11.80 -38.84 -0.19
N PRO A 68 -12.03 -39.28 -1.47
CA PRO A 68 -12.81 -40.53 -1.76
C PRO A 68 -12.16 -41.81 -1.15
N ALA A 69 -10.83 -41.74 -0.90
CA ALA A 69 -10.07 -42.88 -0.34
C ALA A 69 -10.25 -42.98 1.19
N THR A 70 -9.71 -41.99 1.92
CA THR A 70 -9.66 -42.01 3.40
C THR A 70 -10.95 -41.43 4.03
N ASN A 71 -11.66 -40.59 3.25
CA ASN A 71 -12.90 -39.92 3.66
C ASN A 71 -12.64 -38.93 4.82
N THR A 72 -11.72 -38.00 4.51
CA THR A 72 -11.35 -36.87 5.37
C THR A 72 -11.40 -35.57 4.55
N ALA A 73 -11.51 -34.40 5.20
CA ALA A 73 -11.46 -33.11 4.47
C ALA A 73 -10.01 -32.65 4.32
N LYS A 74 -9.79 -31.77 3.35
CA LYS A 74 -8.47 -31.34 2.90
C LYS A 74 -8.64 -29.99 2.20
N LYS A 75 -8.43 -28.92 2.93
CA LYS A 75 -8.70 -27.57 2.44
C LYS A 75 -7.38 -26.99 1.93
N VAL A 76 -7.28 -26.97 0.60
CA VAL A 76 -6.05 -26.68 -0.17
C VAL A 76 -6.36 -25.67 -1.26
N LYS A 77 -5.32 -24.92 -1.65
CA LYS A 77 -5.43 -23.78 -2.59
C LYS A 77 -5.92 -24.24 -3.99
N ILE A 78 -6.60 -23.33 -4.69
CA ILE A 78 -7.06 -23.59 -6.07
C ILE A 78 -5.94 -23.21 -7.03
N LEU A 79 -5.64 -24.12 -7.96
CA LEU A 79 -4.70 -23.90 -9.06
C LEU A 79 -5.54 -23.54 -10.31
N GLU A 80 -6.15 -24.53 -10.99
CA GLU A 80 -6.73 -24.29 -12.33
C GLU A 80 -7.85 -25.27 -12.70
N ILE A 81 -8.79 -24.81 -13.55
CA ILE A 81 -9.85 -25.66 -14.12
C ILE A 81 -9.34 -26.29 -15.43
N LEU A 82 -9.75 -27.56 -15.65
CA LEU A 82 -9.36 -28.34 -16.85
C LEU A 82 -10.56 -28.41 -17.79
N GLU A 83 -11.66 -28.98 -17.26
CA GLU A 83 -12.98 -28.92 -17.90
C GLU A 83 -13.54 -27.51 -17.70
N THR A 84 -13.83 -26.80 -18.81
CA THR A 84 -14.35 -25.43 -18.78
C THR A 84 -15.81 -25.42 -18.28
N PRO A 85 -16.10 -24.82 -17.09
CA PRO A 85 -17.48 -24.60 -16.62
C PRO A 85 -18.22 -23.52 -17.45
N ALA A 86 -19.54 -23.42 -17.26
CA ALA A 86 -20.35 -22.35 -17.87
C ALA A 86 -19.83 -20.96 -17.44
N ASN A 87 -19.47 -20.84 -16.15
CA ASN A 87 -18.83 -19.64 -15.58
C ASN A 87 -17.30 -19.87 -15.46
N LYS A 88 -16.68 -20.20 -16.61
CA LYS A 88 -15.21 -20.45 -16.77
C LYS A 88 -14.38 -19.14 -16.82
N GLU A 89 -15.03 -18.01 -17.11
CA GLU A 89 -14.39 -16.69 -16.98
C GLU A 89 -14.39 -16.28 -15.50
N LEU A 90 -15.24 -16.92 -14.68
CA LEU A 90 -15.28 -16.71 -13.22
C LEU A 90 -14.43 -17.73 -12.46
N ALA A 91 -14.36 -18.96 -13.01
CA ALA A 91 -13.54 -20.07 -12.46
C ALA A 91 -12.02 -19.77 -12.49
N ARG A 92 -11.60 -18.78 -13.29
CA ARG A 92 -10.21 -18.28 -13.29
C ARG A 92 -9.93 -17.46 -12.01
N ARG A 93 -11.00 -16.92 -11.40
CA ARG A 93 -10.96 -16.31 -10.06
C ARG A 93 -11.14 -17.37 -8.96
N GLY A 94 -11.30 -18.65 -9.37
CA GLY A 94 -11.55 -19.77 -8.47
C GLY A 94 -13.03 -19.94 -8.13
N ILE A 95 -13.92 -19.16 -8.79
CA ILE A 95 -15.38 -19.26 -8.60
C ILE A 95 -15.93 -20.34 -9.56
N ILE A 96 -15.84 -21.59 -9.11
CA ILE A 96 -16.11 -22.78 -9.95
C ILE A 96 -17.45 -23.42 -9.56
N ILE A 97 -18.23 -23.83 -10.57
CA ILE A 97 -19.61 -24.33 -10.39
C ILE A 97 -19.61 -25.87 -10.31
N ARG A 98 -20.49 -26.41 -9.43
CA ARG A 98 -20.60 -27.86 -9.11
C ARG A 98 -20.65 -28.74 -10.38
N GLY A 99 -19.60 -29.56 -10.56
CA GLY A 99 -19.50 -30.51 -11.67
C GLY A 99 -18.32 -30.24 -12.58
N ALA A 100 -17.62 -29.12 -12.37
CA ALA A 100 -16.45 -28.72 -13.20
C ALA A 100 -15.15 -29.20 -12.55
N LYS A 101 -14.19 -29.57 -13.40
CA LYS A 101 -12.92 -30.19 -12.97
C LYS A 101 -11.89 -29.12 -12.60
N ILE A 102 -11.22 -29.36 -11.48
CA ILE A 102 -10.28 -28.43 -10.84
C ILE A 102 -8.98 -29.19 -10.46
N ARG A 103 -7.88 -28.45 -10.35
CA ARG A 103 -6.61 -28.93 -9.79
C ARG A 103 -6.36 -28.16 -8.50
N THR A 104 -6.06 -28.88 -7.43
CA THR A 104 -5.76 -28.30 -6.11
C THR A 104 -4.28 -28.57 -5.78
N GLU A 105 -3.83 -28.15 -4.58
CA GLU A 105 -2.50 -28.51 -4.05
C GLU A 105 -2.40 -30.04 -3.85
N ALA A 106 -3.56 -30.65 -3.53
CA ALA A 106 -3.68 -32.09 -3.26
C ALA A 106 -3.50 -32.93 -4.54
N GLY A 107 -4.49 -32.82 -5.45
CA GLY A 107 -4.48 -33.55 -6.73
C GLY A 107 -5.47 -32.97 -7.72
N LEU A 108 -5.86 -33.78 -8.71
CA LEU A 108 -7.03 -33.50 -9.55
C LEU A 108 -8.29 -33.82 -8.72
N ALA A 109 -9.21 -32.87 -8.67
CA ALA A 109 -10.53 -33.03 -8.04
C ALA A 109 -11.63 -32.46 -8.97
N VAL A 110 -12.89 -32.80 -8.64
CA VAL A 110 -14.09 -32.15 -9.21
C VAL A 110 -14.79 -31.36 -8.10
N VAL A 111 -15.13 -30.08 -8.33
CA VAL A 111 -15.92 -29.30 -7.36
C VAL A 111 -17.35 -29.90 -7.25
N THR A 112 -17.71 -30.33 -6.04
CA THR A 112 -18.99 -31.01 -5.78
C THR A 112 -19.95 -30.13 -4.96
N SER A 113 -19.60 -28.83 -4.80
CA SER A 113 -20.46 -27.84 -4.13
C SER A 113 -20.41 -26.50 -4.89
N ARG A 114 -21.32 -25.59 -4.49
CA ARG A 114 -21.33 -24.19 -4.95
C ARG A 114 -20.34 -23.36 -4.08
N PRO A 115 -19.60 -22.35 -4.68
CA PRO A 115 -18.70 -21.43 -3.93
C PRO A 115 -19.35 -20.85 -2.65
N GLY A 116 -18.72 -21.13 -1.50
CA GLY A 116 -19.16 -20.59 -0.20
C GLY A 116 -18.82 -19.11 -0.05
N GLN A 117 -19.42 -18.46 0.96
CA GLN A 117 -19.24 -17.02 1.22
C GLN A 117 -17.84 -16.75 1.83
N ASP A 118 -17.23 -17.79 2.41
CA ASP A 118 -15.83 -17.74 2.89
C ASP A 118 -14.83 -17.79 1.71
N GLY A 119 -15.34 -18.12 0.51
CA GLY A 119 -14.51 -18.24 -0.70
C GLY A 119 -13.87 -19.61 -0.83
N VAL A 120 -14.61 -20.64 -0.34
CA VAL A 120 -14.14 -22.05 -0.35
C VAL A 120 -15.19 -22.95 -1.02
N ILE A 121 -14.74 -23.78 -1.99
CA ILE A 121 -15.61 -24.69 -2.77
C ILE A 121 -15.24 -26.15 -2.43
N ASN A 122 -16.19 -26.93 -1.90
CA ASN A 122 -15.97 -28.36 -1.61
C ASN A 122 -15.75 -29.16 -2.91
N ALA A 123 -14.72 -30.03 -2.91
CA ALA A 123 -14.34 -30.87 -4.07
C ALA A 123 -14.15 -32.36 -3.67
N VAL A 124 -14.11 -33.27 -4.65
CA VAL A 124 -13.75 -34.70 -4.44
C VAL A 124 -12.63 -35.09 -5.43
N LEU A 125 -11.53 -35.71 -4.92
CA LEU A 125 -10.36 -36.08 -5.75
C LEU A 125 -10.75 -37.13 -6.82
N LEU A 126 -10.58 -36.75 -8.10
CA LEU A 126 -10.75 -37.67 -9.25
C LEU A 126 -9.50 -38.50 -9.46
N LYS A 127 -8.36 -37.97 -9.00
CA LYS A 127 -7.07 -38.67 -9.01
C LYS A 127 -7.19 -39.88 -8.07
N ASN A 128 -7.20 -41.09 -8.65
CA ASN A 128 -7.55 -42.34 -7.93
C ASN A 128 -6.42 -43.37 -8.12
N GLU A 129 -6.11 -44.12 -7.05
CA GLU A 129 -5.04 -45.15 -7.05
C GLU A 129 -5.61 -46.54 -7.37
N SER A 130 -6.96 -46.68 -7.28
CA SER A 130 -7.70 -47.95 -7.44
C SER A 130 -7.34 -48.95 -6.31
N GLN A 131 -8.04 -50.09 -6.24
CA GLN A 131 -7.81 -51.07 -5.18
C GLN A 131 -8.33 -52.46 -5.60
N ARG A 132 -7.39 -53.34 -5.99
CA ARG A 132 -7.64 -54.76 -6.23
C ARG A 132 -7.30 -55.54 -4.95
N SER A 133 -6.07 -55.30 -4.44
CA SER A 133 -5.60 -55.84 -3.15
C SER A 133 -4.32 -55.07 -2.75
N MET A 1 31.13 127.13 -23.71
CA MET A 1 30.08 126.47 -22.92
C MET A 1 30.75 125.51 -21.92
N GLY A 2 30.78 125.90 -20.63
CA GLY A 2 31.39 125.10 -19.57
C GLY A 2 30.49 123.95 -19.14
N PHE A 3 30.59 122.81 -19.85
CA PHE A 3 29.77 121.61 -19.63
C PHE A 3 29.95 121.07 -18.18
N TYR A 4 28.85 121.13 -17.41
CA TYR A 4 28.78 120.64 -16.02
C TYR A 4 29.07 119.12 -15.99
N GLN A 5 30.16 118.71 -15.31
CA GLN A 5 30.71 117.33 -15.34
C GLN A 5 29.65 116.26 -14.97
N GLY A 6 28.97 116.47 -13.83
CA GLY A 6 27.94 115.53 -13.37
C GLY A 6 27.50 115.83 -11.94
N PRO A 7 26.18 115.69 -11.61
CA PRO A 7 25.66 115.86 -10.23
C PRO A 7 25.99 114.64 -9.34
N ASP A 8 26.34 114.92 -8.06
CA ASP A 8 26.66 113.87 -7.07
C ASP A 8 25.36 113.18 -6.60
N ASN A 9 25.46 111.86 -6.40
CA ASN A 9 24.30 111.01 -6.04
C ASN A 9 24.21 110.85 -4.51
N ARG A 10 22.98 110.82 -3.97
CA ARG A 10 22.75 110.63 -2.51
C ARG A 10 23.12 109.19 -2.10
N LYS A 11 23.67 109.05 -0.88
CA LYS A 11 24.19 107.77 -0.36
C LYS A 11 23.03 106.94 0.24
N ILE A 12 23.03 105.64 -0.07
CA ILE A 12 22.00 104.69 0.36
C ILE A 12 22.66 103.35 0.72
N THR A 13 22.06 102.60 1.66
CA THR A 13 22.63 101.32 2.17
C THR A 13 22.46 100.17 1.13
N GLY A 14 23.24 99.10 1.32
CA GLY A 14 23.22 97.93 0.44
C GLY A 14 24.00 96.77 1.05
N GLY A 15 25.07 97.10 1.80
CA GLY A 15 25.91 96.11 2.47
C GLY A 15 25.32 95.64 3.81
N LEU A 16 24.28 94.79 3.71
CA LEU A 16 23.66 94.12 4.87
C LEU A 16 23.07 92.79 4.38
N LYS A 17 23.11 91.75 5.24
CA LYS A 17 22.60 90.40 4.93
C LYS A 17 22.55 89.56 6.20
N GLY A 18 21.36 89.02 6.50
CA GLY A 18 21.17 88.10 7.63
C GLY A 18 20.93 86.68 7.16
N LYS A 19 21.56 85.72 7.84
CA LYS A 19 21.40 84.28 7.55
C LYS A 19 20.34 83.65 8.46
N HIS A 20 19.78 82.52 8.01
CA HIS A 20 18.76 81.75 8.77
C HIS A 20 19.41 80.96 9.93
N ARG A 21 18.58 80.55 10.92
CA ARG A 21 19.03 79.76 12.08
C ARG A 21 18.66 78.28 11.93
N ASP A 22 19.17 77.45 12.86
CA ASP A 22 18.93 75.99 12.87
C ASP A 22 17.61 75.65 13.57
N LYS A 23 16.89 74.63 13.03
CA LYS A 23 15.61 74.14 13.60
C LYS A 23 15.89 73.01 14.61
N ARG A 24 15.12 73.01 15.71
CA ARG A 24 15.26 72.04 16.82
C ARG A 24 14.88 70.62 16.36
N LYS A 25 15.86 69.71 16.38
CA LYS A 25 15.70 68.32 15.95
C LYS A 25 14.90 67.55 17.00
N TYR A 26 13.79 66.93 16.56
CA TYR A 26 12.87 66.19 17.44
C TYR A 26 13.49 64.82 17.81
N GLU A 27 13.07 64.27 18.95
CA GLU A 27 13.55 62.98 19.47
C GLU A 27 12.96 61.80 18.67
N ILE A 28 13.56 60.62 18.88
CA ILE A 28 13.18 59.37 18.21
C ILE A 28 11.91 58.79 18.85
N GLY A 29 10.96 58.33 18.01
CA GLY A 29 9.73 57.69 18.48
C GLY A 29 9.92 56.22 18.86
N ASN A 30 8.80 55.47 18.95
CA ASN A 30 8.83 54.04 19.31
C ASN A 30 8.76 53.17 18.04
N PRO A 31 9.66 52.15 17.88
CA PRO A 31 9.65 51.25 16.69
C PRO A 31 8.54 50.17 16.80
N PRO A 32 8.22 49.41 15.68
CA PRO A 32 7.33 48.22 15.72
C PRO A 32 7.68 47.23 16.84
N THR A 33 6.66 46.58 17.42
CA THR A 33 6.83 45.72 18.61
C THR A 33 7.45 44.34 18.26
N PHE A 34 6.62 43.36 17.81
CA PHE A 34 7.08 41.97 17.61
C PHE A 34 6.22 41.24 16.56
N THR A 35 6.69 40.05 16.15
CA THR A 35 5.98 39.13 15.24
C THR A 35 5.48 37.91 16.04
N THR A 36 4.46 37.20 15.50
CA THR A 36 3.95 35.95 16.10
C THR A 36 4.98 34.80 15.96
N LEU A 37 4.98 33.91 16.96
CA LEU A 37 5.82 32.68 16.98
C LEU A 37 5.42 31.69 15.87
N SER A 38 6.27 30.65 15.66
CA SER A 38 6.07 29.65 14.59
C SER A 38 5.46 28.33 15.14
N ALA A 39 4.69 28.42 16.24
CA ALA A 39 4.08 27.25 16.90
C ALA A 39 2.95 26.65 16.07
N GLU A 40 2.06 27.50 15.53
CA GLU A 40 0.92 27.04 14.73
C GLU A 40 1.37 26.55 13.33
N ASP A 41 2.65 26.77 13.00
CA ASP A 41 3.31 26.16 11.82
C ASP A 41 3.56 24.65 12.06
N ILE A 42 3.72 24.29 13.34
CA ILE A 42 3.81 22.88 13.78
C ILE A 42 2.39 22.26 13.81
N ARG A 43 1.36 23.09 14.12
CA ARG A 43 -0.06 22.66 14.15
C ARG A 43 -0.61 22.36 12.74
N ILE A 44 -0.23 23.17 11.73
CA ILE A 44 -0.57 22.85 10.32
C ILE A 44 0.19 21.59 9.88
N LYS A 45 1.50 21.51 10.24
CA LYS A 45 2.34 20.32 9.95
C LYS A 45 1.71 19.04 10.54
N ASP A 46 1.08 19.19 11.72
CA ASP A 46 0.37 18.10 12.39
C ASP A 46 -0.91 17.73 11.63
N ARG A 47 -1.73 18.74 11.28
CA ARG A 47 -3.10 18.52 10.75
C ARG A 47 -3.06 17.93 9.33
N THR A 48 -2.07 18.35 8.52
CA THR A 48 -1.94 17.91 7.12
C THR A 48 -1.27 16.51 7.05
N LEU A 49 -0.56 16.13 8.14
CA LEU A 49 0.02 14.78 8.28
C LEU A 49 -1.12 13.74 8.33
N GLY A 50 -1.12 12.84 7.32
CA GLY A 50 -2.24 11.94 7.06
C GLY A 50 -2.57 11.00 8.21
N GLY A 51 -1.69 10.00 8.44
CA GLY A 51 -1.95 8.95 9.42
C GLY A 51 -3.07 8.02 8.96
N ASN A 52 -2.83 7.36 7.82
CA ASN A 52 -3.84 6.51 7.15
C ASN A 52 -3.92 5.12 7.79
N PHE A 53 -5.09 4.48 7.62
CA PHE A 53 -5.33 3.10 8.06
C PHE A 53 -4.72 2.11 7.06
N LYS A 54 -4.32 0.94 7.56
CA LYS A 54 -3.62 -0.08 6.78
C LYS A 54 -4.64 -0.94 6.03
N VAL A 55 -4.51 -0.99 4.69
CA VAL A 55 -5.39 -1.76 3.81
C VAL A 55 -5.10 -3.26 3.96
N ARG A 56 -6.16 -4.07 4.06
CA ARG A 56 -6.08 -5.53 4.23
C ARG A 56 -6.70 -6.22 3.00
N LEU A 57 -5.89 -7.03 2.31
CA LEU A 57 -6.32 -7.78 1.13
C LEU A 57 -7.20 -8.97 1.56
N LYS A 58 -8.19 -9.33 0.72
CA LYS A 58 -9.10 -10.45 0.97
C LYS A 58 -8.36 -11.81 0.98
N TYR A 59 -8.96 -12.81 1.63
CA TYR A 59 -8.37 -14.16 1.77
C TYR A 59 -8.29 -14.89 0.41
N THR A 60 -7.24 -15.72 0.25
CA THR A 60 -6.99 -16.51 -0.97
C THR A 60 -8.11 -17.53 -1.19
N THR A 61 -8.57 -17.67 -2.46
CA THR A 61 -9.61 -18.64 -2.83
C THR A 61 -9.05 -20.07 -2.68
N THR A 62 -9.85 -20.95 -2.08
CA THR A 62 -9.40 -22.26 -1.66
C THR A 62 -10.46 -23.30 -2.04
N ALA A 63 -10.05 -24.56 -2.14
CA ALA A 63 -10.96 -25.70 -2.41
C ALA A 63 -10.96 -26.64 -1.21
N ASN A 64 -12.15 -27.06 -0.75
CA ASN A 64 -12.28 -27.95 0.41
C ASN A 64 -12.63 -29.35 -0.11
N VAL A 65 -11.62 -30.17 -0.31
CA VAL A 65 -11.78 -31.55 -0.78
C VAL A 65 -12.15 -32.27 0.52
N LEU A 66 -13.07 -33.22 0.29
CA LEU A 66 -13.23 -34.46 1.04
C LEU A 66 -12.43 -35.49 0.23
N ASP A 67 -11.60 -36.27 0.94
CA ASP A 67 -10.81 -37.35 0.35
C ASP A 67 -11.67 -38.62 0.24
N PRO A 68 -12.02 -39.10 -1.01
CA PRO A 68 -12.86 -40.31 -1.22
C PRO A 68 -12.20 -41.62 -0.73
N ALA A 69 -10.89 -41.57 -0.45
CA ALA A 69 -10.11 -42.74 -0.01
C ALA A 69 -10.17 -42.92 1.53
N THR A 70 -9.70 -41.91 2.27
CA THR A 70 -9.61 -41.95 3.75
C THR A 70 -10.88 -41.39 4.44
N ASN A 71 -11.72 -40.67 3.65
CA ASN A 71 -12.96 -40.00 4.13
C ASN A 71 -12.62 -38.93 5.21
N THR A 72 -11.57 -38.14 4.89
CA THR A 72 -11.12 -36.98 5.71
C THR A 72 -11.02 -35.76 4.79
N ALA A 73 -11.62 -34.62 5.16
CA ALA A 73 -11.66 -33.42 4.30
C ALA A 73 -10.41 -32.56 4.49
N LYS A 74 -9.74 -32.18 3.39
CA LYS A 74 -8.61 -31.24 3.40
C LYS A 74 -9.06 -29.92 2.76
N LYS A 75 -8.42 -28.84 3.11
CA LYS A 75 -8.60 -27.54 2.44
C LYS A 75 -7.25 -27.07 1.88
N VAL A 76 -7.16 -27.13 0.53
CA VAL A 76 -5.95 -26.81 -0.26
C VAL A 76 -6.34 -25.82 -1.35
N LYS A 77 -5.36 -25.00 -1.75
CA LYS A 77 -5.60 -23.83 -2.60
C LYS A 77 -5.91 -24.27 -4.06
N ILE A 78 -6.55 -23.37 -4.82
CA ILE A 78 -7.01 -23.65 -6.19
C ILE A 78 -5.86 -23.38 -7.17
N LEU A 79 -5.58 -24.35 -8.06
CA LEU A 79 -4.66 -24.15 -9.20
C LEU A 79 -5.51 -23.84 -10.45
N GLU A 80 -6.06 -24.87 -11.14
CA GLU A 80 -6.63 -24.66 -12.49
C GLU A 80 -7.81 -25.58 -12.78
N ILE A 81 -8.75 -25.11 -13.64
CA ILE A 81 -9.87 -25.94 -14.11
C ILE A 81 -9.49 -26.63 -15.43
N LEU A 82 -9.93 -27.89 -15.58
CA LEU A 82 -9.64 -28.73 -16.77
C LEU A 82 -10.88 -28.73 -17.67
N GLU A 83 -12.02 -29.12 -17.09
CA GLU A 83 -13.32 -29.07 -17.76
C GLU A 83 -13.86 -27.64 -17.66
N THR A 84 -13.94 -26.95 -18.82
CA THR A 84 -14.33 -25.54 -18.90
C THR A 84 -15.83 -25.36 -18.55
N PRO A 85 -16.18 -24.61 -17.46
CA PRO A 85 -17.57 -24.21 -17.20
C PRO A 85 -17.98 -23.00 -18.07
N ALA A 86 -19.29 -22.80 -18.22
CA ALA A 86 -19.85 -21.66 -18.99
C ALA A 86 -19.58 -20.34 -18.26
N ASN A 87 -19.37 -20.43 -16.93
CA ASN A 87 -18.97 -19.29 -16.08
C ASN A 87 -17.42 -19.16 -16.07
N LYS A 88 -16.84 -18.94 -17.28
CA LYS A 88 -15.37 -18.82 -17.47
C LYS A 88 -14.81 -17.72 -16.53
N GLU A 89 -15.42 -16.51 -16.56
CA GLU A 89 -14.88 -15.31 -15.89
C GLU A 89 -14.80 -15.48 -14.37
N LEU A 90 -15.70 -16.33 -13.83
CA LEU A 90 -15.77 -16.66 -12.42
C LEU A 90 -14.70 -17.72 -12.06
N ALA A 91 -14.66 -18.81 -12.83
CA ALA A 91 -13.67 -19.92 -12.67
C ALA A 91 -12.19 -19.44 -12.74
N ARG A 92 -11.94 -18.32 -13.44
CA ARG A 92 -10.60 -17.66 -13.49
C ARG A 92 -10.19 -17.17 -12.09
N ARG A 93 -11.18 -16.63 -11.37
CA ARG A 93 -11.04 -16.14 -10.00
C ARG A 93 -10.98 -17.31 -9.02
N GLY A 94 -11.50 -18.48 -9.46
CA GLY A 94 -11.63 -19.67 -8.61
C GLY A 94 -13.07 -19.98 -8.23
N ILE A 95 -14.01 -19.11 -8.66
CA ILE A 95 -15.46 -19.30 -8.44
C ILE A 95 -16.00 -20.31 -9.50
N ILE A 96 -15.88 -21.60 -9.17
CA ILE A 96 -16.17 -22.72 -10.09
C ILE A 96 -17.58 -23.28 -9.79
N ILE A 97 -18.29 -23.77 -10.84
CA ILE A 97 -19.66 -24.30 -10.68
C ILE A 97 -19.60 -25.82 -10.50
N ARG A 98 -20.54 -26.36 -9.70
CA ARG A 98 -20.60 -27.79 -9.33
C ARG A 98 -20.59 -28.70 -10.60
N GLY A 99 -19.59 -29.60 -10.67
CA GLY A 99 -19.47 -30.58 -11.75
C GLY A 99 -18.20 -30.40 -12.58
N ALA A 100 -17.60 -29.21 -12.50
CA ALA A 100 -16.40 -28.86 -13.30
C ALA A 100 -15.12 -29.32 -12.58
N LYS A 101 -14.16 -29.84 -13.37
CA LYS A 101 -12.93 -30.45 -12.83
C LYS A 101 -11.90 -29.37 -12.49
N ILE A 102 -11.22 -29.56 -11.35
CA ILE A 102 -10.25 -28.62 -10.77
C ILE A 102 -8.96 -29.40 -10.41
N ARG A 103 -7.84 -28.69 -10.32
CA ARG A 103 -6.58 -29.21 -9.75
C ARG A 103 -6.30 -28.41 -8.48
N THR A 104 -6.04 -29.13 -7.40
CA THR A 104 -5.68 -28.55 -6.11
C THR A 104 -4.20 -28.84 -5.82
N GLU A 105 -3.70 -28.37 -4.68
CA GLU A 105 -2.30 -28.61 -4.26
C GLU A 105 -2.05 -30.11 -3.94
N ALA A 106 -3.16 -30.87 -3.71
CA ALA A 106 -3.10 -32.32 -3.48
C ALA A 106 -3.04 -33.07 -4.82
N GLY A 107 -4.16 -33.07 -5.56
CA GLY A 107 -4.27 -33.79 -6.83
C GLY A 107 -5.34 -33.20 -7.74
N LEU A 108 -5.79 -34.01 -8.72
CA LEU A 108 -7.00 -33.71 -9.50
C LEU A 108 -8.22 -33.95 -8.58
N ALA A 109 -9.20 -33.04 -8.64
CA ALA A 109 -10.50 -33.19 -7.98
C ALA A 109 -11.61 -32.66 -8.92
N VAL A 110 -12.86 -32.97 -8.57
CA VAL A 110 -14.06 -32.37 -9.18
C VAL A 110 -14.81 -31.57 -8.11
N VAL A 111 -15.23 -30.34 -8.41
CA VAL A 111 -16.01 -29.54 -7.45
C VAL A 111 -17.41 -30.15 -7.27
N THR A 112 -17.69 -30.64 -6.05
CA THR A 112 -18.94 -31.33 -5.71
C THR A 112 -19.87 -30.43 -4.87
N SER A 113 -19.55 -29.13 -4.86
CA SER A 113 -20.44 -28.08 -4.35
C SER A 113 -20.11 -26.76 -5.02
N ARG A 114 -21.08 -25.83 -4.97
CA ARG A 114 -20.89 -24.45 -5.42
C ARG A 114 -20.02 -23.64 -4.38
N PRO A 115 -19.44 -22.46 -4.79
CA PRO A 115 -18.62 -21.60 -3.89
C PRO A 115 -19.36 -21.20 -2.59
N GLY A 116 -18.74 -21.54 -1.44
CA GLY A 116 -19.20 -21.09 -0.13
C GLY A 116 -18.87 -19.62 0.11
N GLN A 117 -19.49 -19.04 1.16
CA GLN A 117 -19.35 -17.60 1.50
C GLN A 117 -17.91 -17.23 1.92
N ASP A 118 -17.15 -18.25 2.37
CA ASP A 118 -15.73 -18.10 2.75
C ASP A 118 -14.81 -17.98 1.50
N GLY A 119 -15.38 -18.17 0.30
CA GLY A 119 -14.60 -18.23 -0.94
C GLY A 119 -13.94 -19.59 -1.14
N VAL A 120 -14.50 -20.61 -0.47
CA VAL A 120 -13.98 -21.99 -0.50
C VAL A 120 -15.00 -22.90 -1.21
N ILE A 121 -14.55 -23.60 -2.26
CA ILE A 121 -15.39 -24.43 -3.13
C ILE A 121 -15.11 -25.91 -2.82
N ASN A 122 -16.11 -26.66 -2.32
CA ASN A 122 -15.93 -28.08 -1.91
C ASN A 122 -15.75 -29.01 -3.13
N ALA A 123 -14.75 -29.90 -3.05
CA ALA A 123 -14.38 -30.84 -4.14
C ALA A 123 -14.23 -32.29 -3.61
N VAL A 124 -14.13 -33.27 -4.55
CA VAL A 124 -13.76 -34.68 -4.26
C VAL A 124 -12.60 -35.10 -5.19
N LEU A 125 -11.51 -35.67 -4.61
CA LEU A 125 -10.31 -36.07 -5.37
C LEU A 125 -10.65 -37.16 -6.41
N LEU A 126 -10.33 -36.87 -7.68
CA LEU A 126 -10.44 -37.82 -8.80
C LEU A 126 -9.18 -38.69 -8.94
N LYS A 127 -8.50 -38.94 -7.79
CA LYS A 127 -7.41 -39.93 -7.68
C LYS A 127 -7.89 -41.33 -8.12
N ASN A 128 -9.21 -41.57 -7.97
CA ASN A 128 -9.88 -42.72 -8.55
C ASN A 128 -9.79 -42.63 -10.10
N GLU A 129 -9.02 -43.55 -10.70
CA GLU A 129 -8.72 -43.49 -12.15
C GLU A 129 -9.96 -43.91 -12.97
N SER A 130 -10.03 -43.42 -14.21
CA SER A 130 -11.21 -43.61 -15.09
C SER A 130 -11.34 -45.07 -15.55
N GLN A 131 -10.19 -45.73 -15.77
CA GLN A 131 -10.15 -47.13 -16.25
C GLN A 131 -8.89 -47.84 -15.71
N ARG A 132 -9.02 -49.17 -15.49
CA ARG A 132 -7.92 -50.03 -15.05
C ARG A 132 -8.18 -51.49 -15.45
N SER A 133 -7.42 -51.98 -16.44
CA SER A 133 -7.47 -53.37 -16.94
C SER A 133 -6.07 -53.76 -17.46
N MET A 1 10.60 124.66 82.68
CA MET A 1 10.37 123.31 83.25
C MET A 1 11.41 122.31 82.71
N GLY A 2 11.47 121.12 83.35
CA GLY A 2 12.33 120.04 82.89
C GLY A 2 12.75 119.11 84.03
N PHE A 3 12.50 117.81 83.85
CA PHE A 3 12.96 116.75 84.78
C PHE A 3 13.86 115.77 84.01
N TYR A 4 14.45 114.79 84.72
CA TYR A 4 15.35 113.78 84.11
C TYR A 4 14.77 112.36 84.30
N GLN A 5 14.86 111.54 83.24
CA GLN A 5 14.32 110.16 83.23
C GLN A 5 15.16 109.26 82.30
N GLY A 6 14.81 107.97 82.22
CA GLY A 6 15.45 107.04 81.28
C GLY A 6 15.40 105.59 81.79
N PRO A 7 16.57 104.98 82.16
CA PRO A 7 16.65 103.56 82.61
C PRO A 7 15.82 103.28 83.89
N ASP A 8 14.89 102.33 83.79
CA ASP A 8 14.09 101.83 84.93
C ASP A 8 14.43 100.35 85.18
N ASN A 9 13.71 99.71 86.12
CA ASN A 9 13.88 98.28 86.43
C ASN A 9 12.51 97.57 86.31
N ARG A 10 12.16 97.21 85.07
CA ARG A 10 10.97 96.38 84.75
C ARG A 10 11.41 95.24 83.82
N LYS A 11 11.28 93.99 84.30
CA LYS A 11 11.69 92.79 83.56
C LYS A 11 10.48 92.12 82.90
N ILE A 12 10.46 92.13 81.56
CA ILE A 12 9.38 91.50 80.76
C ILE A 12 9.67 89.99 80.61
N THR A 13 8.63 89.18 80.85
CA THR A 13 8.64 87.73 80.60
C THR A 13 7.19 87.25 80.44
N GLY A 14 6.79 87.04 79.17
CA GLY A 14 5.42 86.65 78.83
C GLY A 14 5.17 85.16 78.93
N GLY A 15 6.23 84.35 78.67
CA GLY A 15 6.13 82.90 78.72
C GLY A 15 7.34 82.22 78.12
N LEU A 16 7.19 80.92 77.81
CA LEU A 16 8.25 80.10 77.19
C LEU A 16 8.07 80.10 75.68
N LYS A 17 6.80 79.90 75.25
CA LYS A 17 6.38 79.77 73.84
C LYS A 17 7.06 78.55 73.17
N GLY A 18 6.27 77.47 73.01
CA GLY A 18 6.72 76.24 72.38
C GLY A 18 5.75 75.77 71.31
N LYS A 19 6.30 75.28 70.19
CA LYS A 19 5.53 74.73 69.07
C LYS A 19 5.83 73.22 68.96
N HIS A 20 4.90 72.41 69.48
CA HIS A 20 5.05 70.94 69.54
C HIS A 20 4.99 70.31 68.12
N ARG A 21 6.16 69.88 67.62
CA ARG A 21 6.25 69.16 66.35
C ARG A 21 5.82 67.69 66.56
N ASP A 22 4.56 67.39 66.22
CA ASP A 22 4.02 66.02 66.25
C ASP A 22 4.29 65.32 64.90
N LYS A 23 3.68 64.15 64.69
CA LYS A 23 3.94 63.30 63.50
C LYS A 23 2.61 62.87 62.85
N ARG A 24 2.68 62.59 61.54
CA ARG A 24 1.57 62.03 60.76
C ARG A 24 1.94 60.62 60.30
N LYS A 25 0.97 59.68 60.40
CA LYS A 25 1.15 58.29 59.97
C LYS A 25 1.06 58.20 58.42
N TYR A 26 1.86 57.32 57.83
CA TYR A 26 1.89 57.10 56.37
C TYR A 26 0.72 56.20 55.91
N GLU A 27 0.48 56.19 54.59
CA GLU A 27 -0.59 55.40 53.97
C GLU A 27 -0.13 53.95 53.69
N ILE A 28 -1.08 53.01 53.77
CA ILE A 28 -0.84 51.57 53.51
C ILE A 28 -0.65 51.34 52.00
N GLY A 29 0.18 50.34 51.64
CA GLY A 29 0.46 49.98 50.24
C GLY A 29 -0.74 49.38 49.49
N ASN A 30 -0.52 49.05 48.21
CA ASN A 30 -1.58 48.60 47.28
C ASN A 30 -1.58 47.05 47.14
N PRO A 31 -2.78 46.41 46.84
CA PRO A 31 -2.88 44.94 46.65
C PRO A 31 -2.07 44.42 45.42
N PRO A 32 -1.39 43.23 45.53
CA PRO A 32 -0.60 42.64 44.41
C PRO A 32 -1.47 41.99 43.31
N THR A 33 -0.82 41.55 42.22
CA THR A 33 -1.48 40.94 41.06
C THR A 33 -1.66 39.42 41.27
N PHE A 34 -2.74 38.85 40.69
CA PHE A 34 -3.02 37.40 40.73
C PHE A 34 -2.27 36.70 39.57
N THR A 35 -2.03 35.38 39.69
CA THR A 35 -1.28 34.58 38.68
C THR A 35 -2.17 34.18 37.49
N THR A 36 -1.52 33.86 36.36
CA THR A 36 -2.18 33.32 35.15
C THR A 36 -2.04 31.77 35.13
N LEU A 37 -2.60 31.12 34.10
CA LEU A 37 -2.52 29.66 33.93
C LEU A 37 -2.22 29.28 32.47
N SER A 38 -1.56 28.12 32.29
CA SER A 38 -1.29 27.52 30.96
C SER A 38 -1.94 26.13 30.84
N ALA A 39 -2.98 25.89 31.68
CA ALA A 39 -3.77 24.64 31.65
C ALA A 39 -4.47 24.46 30.28
N GLU A 40 -4.88 25.60 29.69
CA GLU A 40 -5.53 25.64 28.35
C GLU A 40 -4.54 25.23 27.23
N ASP A 41 -3.24 25.53 27.44
CA ASP A 41 -2.15 25.12 26.50
C ASP A 41 -1.99 23.60 26.52
N ILE A 42 -2.19 23.01 27.72
CA ILE A 42 -2.22 21.54 27.89
C ILE A 42 -3.41 20.94 27.12
N ARG A 43 -4.57 21.65 27.17
CA ARG A 43 -5.84 21.17 26.55
C ARG A 43 -5.79 21.23 25.01
N ILE A 44 -5.04 22.20 24.46
CA ILE A 44 -4.88 22.31 22.99
C ILE A 44 -3.83 21.26 22.52
N LYS A 45 -2.96 20.84 23.45
CA LYS A 45 -2.03 19.72 23.24
C LYS A 45 -2.76 18.37 23.41
N ASP A 46 -3.86 18.37 24.21
CA ASP A 46 -4.73 17.19 24.41
C ASP A 46 -5.57 16.99 23.15
N ARG A 47 -5.87 18.11 22.46
CA ARG A 47 -6.45 18.12 21.11
C ARG A 47 -5.57 17.29 20.16
N THR A 48 -4.30 17.74 20.01
CA THR A 48 -3.43 17.28 18.93
C THR A 48 -2.95 15.82 19.13
N LEU A 49 -3.26 15.21 20.29
CA LEU A 49 -2.98 13.78 20.54
C LEU A 49 -3.96 12.91 19.73
N GLY A 50 -3.43 12.19 18.72
CA GLY A 50 -4.25 11.34 17.84
C GLY A 50 -4.17 9.87 18.18
N GLY A 51 -4.49 9.02 17.19
CA GLY A 51 -4.47 7.55 17.35
C GLY A 51 -3.76 6.85 16.18
N ASN A 52 -3.86 5.52 16.15
CA ASN A 52 -3.30 4.67 15.07
C ASN A 52 -4.42 4.08 14.20
N PHE A 53 -4.00 3.44 13.10
CA PHE A 53 -4.90 2.69 12.20
C PHE A 53 -5.00 1.22 12.64
N LYS A 54 -6.01 0.49 12.13
CA LYS A 54 -6.13 -0.98 12.31
C LYS A 54 -5.98 -1.66 10.94
N VAL A 55 -5.61 -2.96 10.97
CA VAL A 55 -5.35 -3.74 9.74
C VAL A 55 -6.67 -4.23 9.09
N ARG A 56 -6.76 -4.13 7.75
CA ARG A 56 -7.86 -4.68 6.95
C ARG A 56 -7.46 -6.07 6.42
N LEU A 57 -8.41 -7.01 6.43
CA LEU A 57 -8.17 -8.42 6.02
C LEU A 57 -8.67 -8.65 4.58
N LYS A 58 -7.99 -9.54 3.84
CA LYS A 58 -8.38 -9.94 2.48
C LYS A 58 -9.12 -11.29 2.50
N TYR A 59 -9.49 -11.76 1.30
CA TYR A 59 -10.21 -13.02 1.09
C TYR A 59 -9.25 -14.10 0.54
N THR A 60 -9.74 -15.34 0.38
CA THR A 60 -8.93 -16.46 -0.15
C THR A 60 -9.73 -17.29 -1.17
N THR A 61 -9.00 -17.91 -2.10
CA THR A 61 -9.54 -18.80 -3.13
C THR A 61 -8.99 -20.22 -2.89
N THR A 62 -9.81 -21.06 -2.28
CA THR A 62 -9.40 -22.39 -1.79
C THR A 62 -10.48 -23.44 -2.17
N ALA A 63 -10.07 -24.70 -2.33
CA ALA A 63 -10.99 -25.82 -2.57
C ALA A 63 -10.83 -26.83 -1.44
N ASN A 64 -11.96 -27.29 -0.89
CA ASN A 64 -11.95 -28.23 0.24
C ASN A 64 -12.33 -29.61 -0.28
N VAL A 65 -11.33 -30.45 -0.58
CA VAL A 65 -11.56 -31.81 -1.07
C VAL A 65 -11.82 -32.60 0.21
N LEU A 66 -12.94 -33.34 0.13
CA LEU A 66 -13.09 -34.64 0.77
C LEU A 66 -12.24 -35.59 -0.10
N ASP A 67 -11.32 -36.33 0.53
CA ASP A 67 -10.51 -37.35 -0.14
C ASP A 67 -11.23 -38.70 0.03
N PRO A 68 -11.75 -39.33 -1.07
CA PRO A 68 -12.47 -40.63 -1.01
C PRO A 68 -11.68 -41.78 -0.34
N ALA A 69 -10.33 -41.72 -0.41
CA ALA A 69 -9.46 -42.78 0.13
C ALA A 69 -9.54 -42.84 1.67
N THR A 70 -9.18 -41.74 2.33
CA THR A 70 -9.16 -41.64 3.82
C THR A 70 -10.53 -41.22 4.38
N ASN A 71 -11.38 -40.66 3.49
CA ASN A 71 -12.73 -40.12 3.80
C ASN A 71 -12.62 -38.98 4.83
N THR A 72 -11.66 -38.07 4.59
CA THR A 72 -11.41 -36.88 5.43
C THR A 72 -11.34 -35.62 4.56
N ALA A 73 -11.82 -34.48 5.07
CA ALA A 73 -11.84 -33.22 4.30
C ALA A 73 -10.49 -32.52 4.45
N LYS A 74 -10.11 -31.77 3.41
CA LYS A 74 -8.78 -31.24 3.22
C LYS A 74 -8.93 -29.90 2.50
N LYS A 75 -8.54 -28.81 3.12
CA LYS A 75 -8.72 -27.48 2.55
C LYS A 75 -7.37 -27.01 1.99
N VAL A 76 -7.26 -27.09 0.64
CA VAL A 76 -6.03 -26.88 -0.14
C VAL A 76 -6.28 -25.84 -1.24
N LYS A 77 -5.20 -25.17 -1.67
CA LYS A 77 -5.27 -24.04 -2.62
C LYS A 77 -5.77 -24.50 -4.01
N ILE A 78 -6.42 -23.58 -4.73
CA ILE A 78 -6.88 -23.84 -6.11
C ILE A 78 -5.74 -23.55 -7.07
N LEU A 79 -5.47 -24.49 -7.98
CA LEU A 79 -4.57 -24.29 -9.12
C LEU A 79 -5.44 -23.79 -10.28
N GLU A 80 -6.19 -24.69 -10.97
CA GLU A 80 -6.94 -24.27 -12.18
C GLU A 80 -8.05 -25.26 -12.58
N ILE A 81 -8.98 -24.78 -13.43
CA ILE A 81 -10.04 -25.60 -14.02
C ILE A 81 -9.58 -26.18 -15.37
N LEU A 82 -9.78 -27.50 -15.54
CA LEU A 82 -9.40 -28.25 -16.74
C LEU A 82 -10.62 -28.29 -17.66
N GLU A 83 -11.67 -29.00 -17.20
CA GLU A 83 -12.98 -28.96 -17.84
C GLU A 83 -13.60 -27.59 -17.52
N THR A 84 -13.63 -26.74 -18.55
CA THR A 84 -13.97 -25.33 -18.42
C THR A 84 -15.51 -25.15 -18.33
N PRO A 85 -16.05 -24.59 -17.18
CA PRO A 85 -17.49 -24.33 -17.03
C PRO A 85 -17.96 -23.13 -17.87
N ALA A 86 -19.29 -23.00 -18.04
CA ALA A 86 -19.91 -21.86 -18.77
C ALA A 86 -19.65 -20.53 -18.04
N ASN A 87 -19.36 -20.62 -16.74
CA ASN A 87 -18.95 -19.49 -15.89
C ASN A 87 -17.40 -19.48 -15.74
N LYS A 88 -16.69 -19.71 -16.87
CA LYS A 88 -15.19 -19.69 -16.94
C LYS A 88 -14.62 -18.43 -16.26
N GLU A 89 -15.16 -17.24 -16.59
CA GLU A 89 -14.58 -15.95 -16.11
C GLU A 89 -14.59 -15.85 -14.58
N LEU A 90 -15.63 -16.47 -13.98
CA LEU A 90 -15.81 -16.51 -12.53
C LEU A 90 -14.84 -17.55 -11.92
N ALA A 91 -14.82 -18.75 -12.53
CA ALA A 91 -13.91 -19.87 -12.16
C ALA A 91 -12.40 -19.50 -12.15
N ARG A 92 -12.01 -18.47 -12.93
CA ARG A 92 -10.62 -17.91 -12.89
C ARG A 92 -10.36 -17.21 -11.55
N ARG A 93 -11.40 -16.52 -11.05
CA ARG A 93 -11.42 -15.89 -9.72
C ARG A 93 -11.62 -16.97 -8.63
N GLY A 94 -12.08 -18.17 -9.07
CA GLY A 94 -12.28 -19.33 -8.20
C GLY A 94 -13.75 -19.66 -7.96
N ILE A 95 -14.65 -18.84 -8.51
CA ILE A 95 -16.11 -19.07 -8.41
C ILE A 95 -16.52 -20.14 -9.47
N ILE A 96 -16.35 -21.41 -9.09
CA ILE A 96 -16.52 -22.57 -10.00
C ILE A 96 -17.88 -23.25 -9.75
N ILE A 97 -18.56 -23.73 -10.82
CA ILE A 97 -19.88 -24.39 -10.70
C ILE A 97 -19.67 -25.91 -10.63
N ARG A 98 -20.59 -26.60 -9.91
CA ARG A 98 -20.52 -28.06 -9.68
C ARG A 98 -20.46 -28.85 -11.00
N GLY A 99 -19.50 -29.78 -11.10
CA GLY A 99 -19.29 -30.62 -12.28
C GLY A 99 -17.95 -30.38 -12.94
N ALA A 100 -17.40 -29.16 -12.77
CA ALA A 100 -16.18 -28.73 -13.45
C ALA A 100 -14.91 -29.24 -12.74
N LYS A 101 -13.98 -29.79 -13.52
CA LYS A 101 -12.75 -30.40 -12.97
C LYS A 101 -11.74 -29.31 -12.59
N ILE A 102 -11.13 -29.49 -11.42
CA ILE A 102 -10.23 -28.52 -10.79
C ILE A 102 -8.98 -29.26 -10.31
N ARG A 103 -7.85 -28.58 -10.25
CA ARG A 103 -6.60 -29.10 -9.69
C ARG A 103 -6.33 -28.38 -8.37
N THR A 104 -5.92 -29.14 -7.35
CA THR A 104 -5.56 -28.60 -6.03
C THR A 104 -4.12 -29.02 -5.67
N GLU A 105 -3.64 -28.59 -4.49
CA GLU A 105 -2.33 -28.99 -3.94
C GLU A 105 -2.25 -30.52 -3.74
N ALA A 106 -3.42 -31.16 -3.48
CA ALA A 106 -3.53 -32.60 -3.27
C ALA A 106 -3.43 -33.37 -4.59
N GLY A 107 -4.47 -33.23 -5.42
CA GLY A 107 -4.57 -33.92 -6.72
C GLY A 107 -5.60 -33.28 -7.61
N LEU A 108 -6.03 -33.98 -8.68
CA LEU A 108 -7.21 -33.60 -9.46
C LEU A 108 -8.45 -33.90 -8.61
N ALA A 109 -9.38 -32.95 -8.58
CA ALA A 109 -10.69 -33.08 -7.96
C ALA A 109 -11.79 -32.58 -8.92
N VAL A 110 -13.03 -32.93 -8.61
CA VAL A 110 -14.23 -32.34 -9.20
C VAL A 110 -14.93 -31.48 -8.14
N VAL A 111 -15.25 -30.21 -8.46
CA VAL A 111 -16.08 -29.40 -7.55
C VAL A 111 -17.49 -30.00 -7.46
N THR A 112 -17.91 -30.35 -6.24
CA THR A 112 -19.18 -31.03 -5.97
C THR A 112 -20.10 -30.15 -5.09
N SER A 113 -19.77 -28.85 -5.04
CA SER A 113 -20.64 -27.82 -4.46
C SER A 113 -20.50 -26.51 -5.27
N ARG A 114 -21.35 -25.53 -4.94
CA ARG A 114 -21.19 -24.13 -5.40
C ARG A 114 -20.28 -23.38 -4.39
N PRO A 115 -19.54 -22.32 -4.82
CA PRO A 115 -18.58 -21.57 -3.97
C PRO A 115 -19.23 -20.95 -2.72
N GLY A 116 -18.66 -21.25 -1.54
CA GLY A 116 -19.02 -20.56 -0.30
C GLY A 116 -18.53 -19.11 -0.28
N GLN A 117 -19.02 -18.32 0.69
CA GLN A 117 -18.68 -16.88 0.84
C GLN A 117 -17.19 -16.71 1.25
N ASP A 118 -16.60 -17.78 1.81
CA ASP A 118 -15.16 -17.85 2.15
C ASP A 118 -14.28 -18.01 0.88
N GLY A 119 -14.93 -18.22 -0.28
CA GLY A 119 -14.23 -18.54 -1.54
C GLY A 119 -13.69 -19.97 -1.53
N VAL A 120 -14.28 -20.82 -0.66
CA VAL A 120 -13.92 -22.22 -0.50
C VAL A 120 -15.01 -23.08 -1.14
N ILE A 121 -14.63 -23.86 -2.17
CA ILE A 121 -15.54 -24.72 -2.93
C ILE A 121 -15.24 -26.18 -2.55
N ASN A 122 -16.20 -26.88 -1.96
CA ASN A 122 -16.03 -28.30 -1.59
C ASN A 122 -15.95 -29.17 -2.86
N ALA A 123 -14.90 -30.00 -2.92
CA ALA A 123 -14.59 -30.86 -4.07
C ALA A 123 -14.37 -32.31 -3.61
N VAL A 124 -14.36 -33.27 -4.55
CA VAL A 124 -13.94 -34.66 -4.30
C VAL A 124 -12.74 -35.00 -5.19
N LEU A 125 -11.65 -35.48 -4.58
CA LEU A 125 -10.46 -35.93 -5.33
C LEU A 125 -10.83 -37.12 -6.22
N LEU A 126 -10.70 -36.94 -7.54
CA LEU A 126 -10.99 -37.98 -8.54
C LEU A 126 -9.99 -39.14 -8.42
N LYS A 127 -8.71 -38.79 -8.10
CA LYS A 127 -7.59 -39.74 -7.87
C LYS A 127 -7.15 -40.39 -9.20
N ASN A 128 -8.07 -41.13 -9.81
CA ASN A 128 -8.00 -41.54 -11.22
C ASN A 128 -9.16 -40.85 -11.97
N GLU A 129 -8.88 -40.27 -13.12
CA GLU A 129 -9.90 -39.58 -13.95
C GLU A 129 -10.18 -40.39 -15.21
N SER A 130 -11.45 -40.41 -15.64
CA SER A 130 -11.86 -41.04 -16.90
C SER A 130 -11.58 -40.06 -18.07
N GLN A 131 -10.28 -39.84 -18.33
CA GLN A 131 -9.82 -38.95 -19.41
C GLN A 131 -9.97 -39.68 -20.76
N ARG A 132 -10.92 -39.21 -21.59
CA ARG A 132 -11.20 -39.80 -22.92
C ARG A 132 -10.10 -39.33 -23.90
N SER A 133 -9.12 -40.21 -24.13
CA SER A 133 -8.04 -39.98 -25.09
C SER A 133 -8.54 -40.32 -26.52
N MET A 1 15.15 141.68 44.27
CA MET A 1 15.86 140.37 44.35
C MET A 1 15.20 139.34 43.42
N GLY A 2 16.04 138.51 42.78
CA GLY A 2 15.58 137.39 41.95
C GLY A 2 16.00 136.06 42.54
N PHE A 3 16.45 135.13 41.67
CA PHE A 3 16.87 133.75 42.06
C PHE A 3 15.72 132.94 42.68
N TYR A 4 14.46 133.33 42.36
CA TYR A 4 13.24 132.65 42.83
C TYR A 4 12.73 131.69 41.74
N GLN A 5 12.89 130.39 42.01
CA GLN A 5 12.55 129.30 41.07
C GLN A 5 11.07 128.87 41.24
N GLY A 6 10.47 128.36 40.15
CA GLY A 6 9.07 127.87 40.17
C GLY A 6 8.98 126.37 40.41
N PRO A 7 7.88 125.86 41.06
CA PRO A 7 7.74 124.42 41.39
C PRO A 7 7.39 123.55 40.14
N ASP A 8 8.12 122.43 39.97
CA ASP A 8 7.84 121.47 38.89
C ASP A 8 6.56 120.69 39.18
N ASN A 9 5.61 120.71 38.24
CA ASN A 9 4.34 119.96 38.34
C ASN A 9 4.60 118.46 38.06
N ARG A 10 4.09 117.59 38.95
CA ARG A 10 4.19 116.13 38.79
C ARG A 10 3.05 115.67 37.86
N LYS A 11 3.43 115.07 36.71
CA LYS A 11 2.47 114.49 35.76
C LYS A 11 1.85 113.22 36.36
N ILE A 12 0.51 113.10 36.23
CA ILE A 12 -0.26 111.92 36.69
C ILE A 12 0.30 110.63 36.05
N THR A 13 0.66 109.67 36.90
CA THR A 13 1.26 108.39 36.48
C THR A 13 0.40 107.21 37.00
N GLY A 14 0.64 106.01 36.46
CA GLY A 14 -0.11 104.82 36.84
C GLY A 14 0.60 103.55 36.41
N GLY A 15 0.47 102.48 37.21
CA GLY A 15 1.08 101.18 36.92
C GLY A 15 0.12 100.25 36.16
N LEU A 16 0.43 98.94 36.20
CA LEU A 16 -0.33 97.90 35.49
C LEU A 16 0.23 96.53 35.92
N LYS A 17 -0.38 95.98 36.98
CA LYS A 17 0.00 94.67 37.52
C LYS A 17 -0.72 93.56 36.73
N GLY A 18 0.04 92.90 35.84
CA GLY A 18 -0.44 91.73 35.13
C GLY A 18 -0.30 90.48 35.99
N LYS A 19 -1.43 89.83 36.32
CA LYS A 19 -1.45 88.59 37.12
C LYS A 19 -1.30 87.36 36.20
N HIS A 20 -1.19 86.18 36.81
CA HIS A 20 -1.09 84.90 36.10
C HIS A 20 -1.94 83.83 36.82
N ARG A 21 -2.27 82.75 36.10
CA ARG A 21 -3.01 81.59 36.66
C ARG A 21 -2.29 80.29 36.25
N ASP A 22 -2.37 79.28 37.12
CA ASP A 22 -1.87 77.92 36.82
C ASP A 22 -2.91 77.15 35.96
N LYS A 23 -2.50 75.99 35.43
CA LYS A 23 -3.34 75.13 34.59
C LYS A 23 -3.26 73.68 35.12
N ARG A 24 -4.29 72.87 34.79
CA ARG A 24 -4.40 71.49 35.27
C ARG A 24 -3.33 70.61 34.59
N LYS A 25 -2.39 70.10 35.41
CA LYS A 25 -1.27 69.28 34.93
C LYS A 25 -1.74 67.84 34.62
N TYR A 26 -0.89 67.10 33.89
CA TYR A 26 -1.19 65.76 33.37
C TYR A 26 -1.53 64.73 34.47
N GLU A 27 -2.31 63.70 34.08
CA GLU A 27 -2.58 62.51 34.91
C GLU A 27 -2.69 61.28 33.98
N ILE A 28 -2.55 60.08 34.57
CA ILE A 28 -2.52 58.81 33.80
C ILE A 28 -3.63 57.86 34.31
N GLY A 29 -4.20 57.04 33.39
CA GLY A 29 -5.18 56.00 33.75
C GLY A 29 -4.52 54.71 34.25
N ASN A 30 -5.14 53.56 33.93
CA ASN A 30 -4.68 52.24 34.41
C ASN A 30 -4.34 51.32 33.22
N PRO A 31 -3.23 50.51 33.31
CA PRO A 31 -2.81 49.58 32.24
C PRO A 31 -3.70 48.30 32.21
N PRO A 32 -3.69 47.50 31.07
CA PRO A 32 -4.42 46.20 30.98
C PRO A 32 -4.12 45.25 32.17
N THR A 33 -5.17 44.56 32.67
CA THR A 33 -5.10 43.77 33.91
C THR A 33 -4.59 42.32 33.66
N PHE A 34 -5.51 41.37 33.40
CA PHE A 34 -5.18 39.93 33.30
C PHE A 34 -5.80 39.32 32.02
N THR A 35 -5.25 38.17 31.60
CA THR A 35 -5.71 37.41 30.42
C THR A 35 -5.41 35.92 30.64
N THR A 36 -6.47 35.08 30.56
CA THR A 36 -6.37 33.61 30.76
C THR A 36 -5.67 32.91 29.57
N LEU A 37 -5.55 31.58 29.68
CA LEU A 37 -5.00 30.71 28.61
C LEU A 37 -5.98 29.58 28.30
N SER A 38 -5.80 28.92 27.16
CA SER A 38 -6.65 27.78 26.73
C SER A 38 -5.78 26.54 26.40
N ALA A 39 -4.53 26.53 26.93
CA ALA A 39 -3.60 25.39 26.78
C ALA A 39 -4.22 24.09 27.34
N GLU A 40 -4.86 24.24 28.51
CA GLU A 40 -5.65 23.18 29.18
C GLU A 40 -6.76 22.61 28.25
N ASP A 41 -7.43 23.51 27.50
CA ASP A 41 -8.54 23.17 26.61
C ASP A 41 -8.03 22.41 25.38
N ILE A 42 -6.83 22.81 24.89
CA ILE A 42 -6.15 22.13 23.77
C ILE A 42 -5.80 20.67 24.15
N ARG A 43 -5.44 20.46 25.44
CA ARG A 43 -5.13 19.12 25.96
C ARG A 43 -6.37 18.22 25.99
N ILE A 44 -7.55 18.83 26.21
CA ILE A 44 -8.83 18.10 26.23
C ILE A 44 -9.29 17.73 24.79
N LYS A 45 -9.00 18.63 23.82
CA LYS A 45 -9.19 18.36 22.38
C LYS A 45 -8.30 17.17 21.96
N ASP A 46 -7.10 17.13 22.56
CA ASP A 46 -6.10 16.10 22.33
C ASP A 46 -6.53 14.74 22.93
N ARG A 47 -7.17 14.77 24.13
CA ARG A 47 -7.52 13.52 24.87
C ARG A 47 -8.60 12.71 24.13
N THR A 48 -9.56 13.42 23.50
CA THR A 48 -10.72 12.80 22.83
C THR A 48 -10.39 12.32 21.40
N LEU A 49 -9.14 12.55 20.92
CA LEU A 49 -8.65 12.01 19.64
C LEU A 49 -7.56 10.96 19.91
N GLY A 50 -7.78 9.72 19.42
CA GLY A 50 -6.85 8.60 19.60
C GLY A 50 -6.07 8.27 18.32
N GLY A 51 -6.72 7.50 17.42
CA GLY A 51 -6.11 7.09 16.15
C GLY A 51 -7.10 6.43 15.20
N ASN A 52 -6.62 6.03 14.01
CA ASN A 52 -7.46 5.37 12.98
C ASN A 52 -7.45 3.85 13.18
N PHE A 53 -8.62 3.22 12.96
CA PHE A 53 -8.77 1.76 12.96
C PHE A 53 -8.96 1.28 11.50
N LYS A 54 -8.02 0.46 11.00
CA LYS A 54 -8.13 -0.13 9.64
C LYS A 54 -9.14 -1.30 9.66
N VAL A 55 -9.53 -1.79 8.47
CA VAL A 55 -10.46 -2.94 8.32
C VAL A 55 -9.71 -4.28 8.45
N ARG A 56 -10.46 -5.40 8.37
CA ARG A 56 -9.90 -6.76 8.38
C ARG A 56 -9.58 -7.25 6.96
N LEU A 57 -8.60 -8.17 6.87
CA LEU A 57 -8.11 -8.78 5.61
C LEU A 57 -9.22 -9.51 4.80
N LYS A 58 -8.89 -9.86 3.54
CA LYS A 58 -9.84 -10.48 2.60
C LYS A 58 -9.86 -12.01 2.75
N TYR A 59 -10.94 -12.64 2.26
CA TYR A 59 -11.14 -14.09 2.32
C TYR A 59 -10.27 -14.80 1.28
N THR A 60 -9.50 -15.81 1.73
CA THR A 60 -8.60 -16.58 0.86
C THR A 60 -9.39 -17.63 0.05
N THR A 61 -9.27 -17.54 -1.30
CA THR A 61 -9.92 -18.48 -2.22
C THR A 61 -9.25 -19.88 -2.13
N THR A 62 -10.06 -20.90 -1.84
CA THR A 62 -9.57 -22.25 -1.52
C THR A 62 -10.54 -23.29 -2.14
N ALA A 63 -10.10 -24.54 -2.25
CA ALA A 63 -10.95 -25.68 -2.60
C ALA A 63 -10.91 -26.70 -1.45
N ASN A 64 -12.07 -27.23 -1.05
CA ASN A 64 -12.18 -28.17 0.08
C ASN A 64 -12.40 -29.58 -0.44
N VAL A 65 -11.31 -30.33 -0.71
CA VAL A 65 -11.40 -31.72 -1.14
C VAL A 65 -11.68 -32.49 0.15
N LEU A 66 -12.88 -33.09 0.14
CA LEU A 66 -13.15 -34.37 0.76
C LEU A 66 -12.38 -35.38 -0.12
N ASP A 67 -11.53 -36.20 0.51
CA ASP A 67 -10.80 -37.27 -0.16
C ASP A 67 -11.63 -38.55 -0.02
N PRO A 68 -12.13 -39.15 -1.13
CA PRO A 68 -12.94 -40.40 -1.08
C PRO A 68 -12.17 -41.62 -0.47
N ALA A 69 -10.83 -41.58 -0.52
CA ALA A 69 -9.98 -42.69 -0.04
C ALA A 69 -10.01 -42.78 1.51
N THR A 70 -9.75 -41.66 2.21
CA THR A 70 -9.72 -41.60 3.69
C THR A 70 -11.02 -41.03 4.28
N ASN A 71 -11.85 -40.41 3.41
CA ASN A 71 -13.07 -39.64 3.80
C ASN A 71 -12.75 -38.58 4.87
N THR A 72 -11.90 -37.63 4.46
CA THR A 72 -11.48 -36.48 5.30
C THR A 72 -11.41 -35.21 4.42
N ALA A 73 -11.88 -34.06 4.95
CA ALA A 73 -11.91 -32.79 4.19
C ALA A 73 -10.56 -32.07 4.34
N LYS A 74 -10.14 -31.35 3.29
CA LYS A 74 -8.82 -30.71 3.19
C LYS A 74 -8.99 -29.40 2.43
N LYS A 75 -8.51 -28.29 2.99
CA LYS A 75 -8.52 -26.99 2.30
C LYS A 75 -7.12 -26.73 1.74
N VAL A 76 -7.05 -26.81 0.40
CA VAL A 76 -5.86 -26.60 -0.43
C VAL A 76 -6.21 -25.57 -1.51
N LYS A 77 -5.19 -24.82 -1.96
CA LYS A 77 -5.38 -23.69 -2.88
C LYS A 77 -5.85 -24.19 -4.28
N ILE A 78 -6.53 -23.29 -5.02
CA ILE A 78 -7.04 -23.58 -6.37
C ILE A 78 -5.92 -23.29 -7.38
N LEU A 79 -5.56 -24.29 -8.18
CA LEU A 79 -4.62 -24.15 -9.31
C LEU A 79 -5.46 -23.86 -10.57
N GLU A 80 -5.92 -24.92 -11.29
CA GLU A 80 -6.41 -24.76 -12.68
C GLU A 80 -7.64 -25.63 -12.99
N ILE A 81 -8.56 -25.08 -13.80
CA ILE A 81 -9.80 -25.77 -14.21
C ILE A 81 -9.57 -26.51 -15.55
N LEU A 82 -9.65 -27.84 -15.50
CA LEU A 82 -9.37 -28.75 -16.64
C LEU A 82 -10.56 -28.71 -17.60
N GLU A 83 -11.72 -29.20 -17.11
CA GLU A 83 -13.00 -29.01 -17.80
C GLU A 83 -13.47 -27.58 -17.50
N THR A 84 -13.41 -26.72 -18.53
CA THR A 84 -13.76 -25.31 -18.41
C THR A 84 -15.28 -25.14 -18.24
N PRO A 85 -15.77 -24.51 -17.10
CA PRO A 85 -17.17 -24.10 -16.97
C PRO A 85 -17.60 -23.09 -18.06
N ALA A 86 -18.90 -23.10 -18.40
CA ALA A 86 -19.50 -22.08 -19.27
C ALA A 86 -19.34 -20.68 -18.62
N ASN A 87 -19.31 -20.66 -17.28
CA ASN A 87 -18.97 -19.46 -16.48
C ASN A 87 -17.45 -19.44 -16.20
N LYS A 88 -16.64 -19.42 -17.28
CA LYS A 88 -15.15 -19.38 -17.20
C LYS A 88 -14.71 -18.16 -16.37
N GLU A 89 -15.35 -17.00 -16.61
CA GLU A 89 -14.93 -15.71 -16.03
C GLU A 89 -14.99 -15.71 -14.47
N LEU A 90 -15.89 -16.55 -13.94
CA LEU A 90 -15.99 -16.83 -12.49
C LEU A 90 -14.93 -17.87 -12.07
N ALA A 91 -14.90 -19.02 -12.77
CA ALA A 91 -13.95 -20.14 -12.53
C ALA A 91 -12.46 -19.72 -12.46
N ARG A 92 -12.09 -18.65 -13.19
CA ARG A 92 -10.72 -18.10 -13.19
C ARG A 92 -10.39 -17.43 -11.85
N ARG A 93 -11.41 -16.78 -11.27
CA ARG A 93 -11.34 -16.19 -9.91
C ARG A 93 -11.34 -17.32 -8.85
N GLY A 94 -11.77 -18.52 -9.27
CA GLY A 94 -11.89 -19.70 -8.41
C GLY A 94 -13.34 -20.04 -8.10
N ILE A 95 -14.29 -19.22 -8.58
CA ILE A 95 -15.73 -19.42 -8.37
C ILE A 95 -16.26 -20.43 -9.43
N ILE A 96 -16.13 -21.72 -9.14
CA ILE A 96 -16.37 -22.82 -10.09
C ILE A 96 -17.76 -23.44 -9.86
N ILE A 97 -18.39 -23.93 -10.95
CA ILE A 97 -19.75 -24.52 -10.91
C ILE A 97 -19.65 -26.05 -10.79
N ARG A 98 -20.59 -26.66 -10.04
CA ARG A 98 -20.64 -28.11 -9.77
C ARG A 98 -20.52 -28.96 -11.07
N GLY A 99 -19.66 -29.99 -11.03
CA GLY A 99 -19.44 -30.91 -12.16
C GLY A 99 -18.13 -30.67 -12.88
N ALA A 100 -17.50 -29.48 -12.64
CA ALA A 100 -16.30 -29.05 -13.37
C ALA A 100 -15.02 -29.50 -12.67
N LYS A 101 -14.02 -29.93 -13.48
CA LYS A 101 -12.76 -30.48 -12.97
C LYS A 101 -11.77 -29.35 -12.64
N ILE A 102 -11.11 -29.53 -11.49
CA ILE A 102 -10.17 -28.57 -10.89
C ILE A 102 -8.91 -29.33 -10.44
N ARG A 103 -7.76 -28.67 -10.40
CA ARG A 103 -6.54 -29.21 -9.81
C ARG A 103 -6.25 -28.40 -8.56
N THR A 104 -5.94 -29.10 -7.48
CA THR A 104 -5.59 -28.51 -6.19
C THR A 104 -4.14 -28.88 -5.87
N GLU A 105 -3.65 -28.41 -4.71
CA GLU A 105 -2.30 -28.76 -4.22
C GLU A 105 -2.24 -30.23 -3.76
N ALA A 106 -3.43 -30.85 -3.55
CA ALA A 106 -3.56 -32.28 -3.19
C ALA A 106 -3.45 -33.16 -4.44
N GLY A 107 -4.44 -33.04 -5.34
CA GLY A 107 -4.49 -33.81 -6.59
C GLY A 107 -5.48 -33.23 -7.57
N LEU A 108 -5.88 -34.04 -8.58
CA LEU A 108 -7.04 -33.73 -9.43
C LEU A 108 -8.31 -33.98 -8.60
N ALA A 109 -9.25 -33.02 -8.65
CA ALA A 109 -10.58 -33.13 -8.05
C ALA A 109 -11.66 -32.63 -9.02
N VAL A 110 -12.93 -32.94 -8.69
CA VAL A 110 -14.11 -32.36 -9.33
C VAL A 110 -14.92 -31.58 -8.27
N VAL A 111 -15.25 -30.31 -8.54
CA VAL A 111 -16.06 -29.49 -7.60
C VAL A 111 -17.50 -30.05 -7.51
N THR A 112 -17.94 -30.32 -6.28
CA THR A 112 -19.22 -30.98 -6.00
C THR A 112 -20.16 -30.08 -5.17
N SER A 113 -19.76 -28.80 -4.96
CA SER A 113 -20.56 -27.82 -4.21
C SER A 113 -20.34 -26.39 -4.75
N ARG A 114 -21.28 -25.49 -4.41
CA ARG A 114 -21.20 -24.05 -4.74
C ARG A 114 -20.39 -23.31 -3.65
N PRO A 115 -19.61 -22.23 -4.01
CA PRO A 115 -18.71 -21.48 -3.08
C PRO A 115 -19.35 -21.10 -1.72
N GLY A 116 -18.68 -21.50 -0.63
CA GLY A 116 -19.04 -21.07 0.73
C GLY A 116 -18.65 -19.60 0.99
N GLN A 117 -19.10 -19.05 2.15
CA GLN A 117 -18.86 -17.63 2.54
C GLN A 117 -17.34 -17.39 2.81
N ASP A 118 -16.63 -18.48 3.13
CA ASP A 118 -15.15 -18.45 3.34
C ASP A 118 -14.38 -18.26 2.00
N GLY A 119 -15.10 -18.45 0.87
CA GLY A 119 -14.48 -18.43 -0.47
C GLY A 119 -13.87 -19.77 -0.82
N VAL A 120 -14.40 -20.84 -0.22
CA VAL A 120 -13.92 -22.20 -0.41
C VAL A 120 -14.96 -23.04 -1.17
N ILE A 121 -14.52 -23.68 -2.27
CA ILE A 121 -15.37 -24.46 -3.18
C ILE A 121 -15.06 -25.95 -2.96
N ASN A 122 -16.01 -26.70 -2.38
CA ASN A 122 -15.81 -28.11 -2.01
C ASN A 122 -15.71 -29.00 -3.25
N ALA A 123 -14.75 -29.93 -3.23
CA ALA A 123 -14.46 -30.86 -4.33
C ALA A 123 -14.26 -32.30 -3.82
N VAL A 124 -14.27 -33.29 -4.75
CA VAL A 124 -13.91 -34.69 -4.47
C VAL A 124 -12.71 -35.08 -5.33
N LEU A 125 -11.62 -35.55 -4.69
CA LEU A 125 -10.40 -35.98 -5.40
C LEU A 125 -10.71 -37.19 -6.30
N LEU A 126 -10.56 -36.99 -7.62
CA LEU A 126 -10.78 -38.05 -8.62
C LEU A 126 -9.73 -39.16 -8.48
N LYS A 127 -8.47 -38.74 -8.23
CA LYS A 127 -7.29 -39.64 -8.04
C LYS A 127 -7.07 -40.53 -9.30
N ASN A 128 -7.87 -41.62 -9.40
CA ASN A 128 -7.94 -42.45 -10.60
C ASN A 128 -8.72 -41.69 -11.70
N GLU A 129 -8.03 -41.32 -12.77
CA GLU A 129 -8.64 -40.69 -13.95
C GLU A 129 -8.18 -41.50 -15.18
N SER A 130 -9.00 -41.48 -16.24
CA SER A 130 -8.72 -42.17 -17.51
C SER A 130 -7.36 -41.74 -18.08
N GLN A 131 -6.48 -42.73 -18.31
CA GLN A 131 -5.15 -42.52 -18.89
C GLN A 131 -5.29 -42.15 -20.38
N ARG A 132 -5.47 -40.84 -20.62
CA ARG A 132 -5.73 -40.26 -21.94
C ARG A 132 -4.41 -39.96 -22.67
N SER A 133 -3.81 -41.03 -23.22
CA SER A 133 -2.55 -40.97 -23.96
C SER A 133 -2.55 -42.08 -25.05
#